data_5VLC
#
_entry.id   5VLC
#
_cell.length_a   102.859
_cell.length_b   139.201
_cell.length_c   102.692
_cell.angle_alpha   90.00
_cell.angle_beta   119.18
_cell.angle_gamma   90.00
#
_symmetry.space_group_name_H-M   'P 1 21 1'
#
loop_
_entity.id
_entity.type
_entity.pdbx_description
1 polymer 'Histidinol dehydrogenase, chloroplastic'
2 non-polymer L-histidinol
3 non-polymer 'ZINC ION'
4 water water
#
_entity_poly.entity_id   1
_entity_poly.type   'polypeptide(L)'
_entity_poly.pdbx_seq_one_letter_code
;SNASISMANPIKTYHLSNLTQTELLSLKSRPRIDFSSVFDIVNPIVDDVHAHGDAAVKQYTSKFDKVDLENIVELVSDLP
DPVLDPAIKEAFDVAYSNIYAFHAAQKSPEKSVENMKGVQCKRVARSINSVGLYVPGGTAVLPSTALMLAVPAQIAGCKT
IVLANPPTRDGTTCKEVLYCAKKAGVTHLLKAGGAQAISAMAWGTETCPKVEKIFGPGNQYVTAAKMILQNSEAMVSIDM
PAGPSEVLVIADKHAIPSHVAADLLSQAEHGPDSQVVLVIAGDGVDQNAIQEEVSKQCQSLPRGEFAAKALSHSFIVHAR
DMLEAITFSNMYAPEHLIINVKDAEKWESFIENAGSVFLGSWTPESVGDYASGTNHVLPTYGYARMYSGVSLDSFLKYIT
VQSLTEEGLRKLGPYVETMAEVEGLEAHKRAVTLRLQDIEARQVSR
;
_entity_poly.pdbx_strand_id   A,B,C,D,E,F
#
# COMPACT_ATOMS: atom_id res chain seq x y z
N PRO A 10 34.75 42.88 -9.39
CA PRO A 10 34.41 41.63 -8.74
C PRO A 10 33.10 41.73 -7.93
N ILE A 11 32.53 40.58 -7.57
CA ILE A 11 31.27 40.52 -6.88
C ILE A 11 31.42 40.94 -5.43
N LYS A 12 30.47 41.77 -5.00
CA LYS A 12 30.31 42.25 -3.60
C LYS A 12 30.16 41.13 -2.55
N THR A 13 30.96 41.17 -1.48
CA THR A 13 30.99 40.14 -0.45
C THR A 13 30.52 40.63 0.91
N TYR A 14 29.70 39.83 1.59
CA TYR A 14 29.26 40.17 2.95
C TYR A 14 29.60 39.07 3.91
N HIS A 15 29.84 39.44 5.16
CA HIS A 15 30.10 38.49 6.20
C HIS A 15 28.84 38.43 7.05
N LEU A 16 28.23 37.26 7.11
CA LEU A 16 26.83 37.14 7.61
C LEU A 16 26.68 37.57 9.06
N SER A 17 27.62 37.13 9.92
CA SER A 17 27.65 37.47 11.38
C SER A 17 27.60 38.97 11.67
N ASN A 18 28.25 39.74 10.82
CA ASN A 18 28.27 41.20 10.91
C ASN A 18 26.99 41.93 10.56
N LEU A 19 26.06 41.28 9.84
CA LEU A 19 25.01 42.03 9.20
C LEU A 19 23.94 42.46 10.20
N THR A 20 23.72 43.77 10.25
CA THR A 20 22.63 44.36 11.05
C THR A 20 21.28 43.96 10.45
N GLN A 21 20.22 44.07 11.26
CA GLN A 21 18.87 43.84 10.78
C GLN A 21 18.55 44.62 9.52
N THR A 22 18.95 45.88 9.48
CA THR A 22 18.71 46.72 8.31
C THR A 22 19.43 46.21 7.05
N GLU A 23 20.69 45.81 7.20
CA GLU A 23 21.45 45.31 6.05
C GLU A 23 20.84 44.00 5.56
N LEU A 24 20.37 43.17 6.50
CA LEU A 24 19.78 41.87 6.13
C LEU A 24 18.48 42.05 5.33
N LEU A 25 17.67 43.01 5.77
CA LEU A 25 16.42 43.30 5.10
C LEU A 25 16.71 43.81 3.69
N SER A 26 17.77 44.61 3.56
CA SER A 26 18.20 45.07 2.24
C SER A 26 18.67 43.90 1.37
N LEU A 27 19.35 42.93 1.94
CA LEU A 27 19.84 41.79 1.18
C LEU A 27 18.71 40.89 0.67
N LYS A 28 17.68 40.75 1.46
CA LYS A 28 16.55 39.92 1.07
C LYS A 28 15.60 40.57 0.05
N SER A 29 15.71 41.87 -0.17
CA SER A 29 14.84 42.58 -1.08
C SER A 29 15.43 42.62 -2.46
N ARG A 30 14.70 42.14 -3.47
CA ARG A 30 15.21 42.17 -4.84
C ARG A 30 15.07 43.61 -5.32
N PRO A 31 15.69 43.96 -6.47
CA PRO A 31 15.41 45.27 -7.10
C PRO A 31 13.89 45.53 -7.24
N ARG A 32 13.46 46.72 -6.85
CA ARG A 32 12.02 47.03 -6.66
C ARG A 32 11.21 47.14 -7.97
N ILE A 33 9.90 47.34 -7.81
CA ILE A 33 8.95 47.33 -8.93
C ILE A 33 9.07 48.62 -9.76
N SER A 37 2.34 51.43 -10.71
CA SER A 37 3.13 52.01 -11.79
C SER A 37 2.68 51.50 -13.17
N VAL A 38 2.98 50.22 -13.44
CA VAL A 38 2.65 49.56 -14.73
C VAL A 38 1.14 49.62 -15.05
N PHE A 39 0.33 49.60 -13.99
CA PHE A 39 -1.14 49.51 -14.02
C PHE A 39 -1.82 50.58 -14.88
N ASP A 40 -1.22 51.79 -14.90
CA ASP A 40 -1.70 52.93 -15.72
C ASP A 40 -1.86 52.64 -17.23
N ILE A 41 -0.84 52.06 -17.86
CA ILE A 41 -0.87 51.74 -19.30
C ILE A 41 -1.73 50.48 -19.63
N VAL A 42 -1.88 49.59 -18.66
CA VAL A 42 -2.48 48.24 -18.88
C VAL A 42 -4.01 48.21 -18.88
N ASN A 43 -4.63 48.95 -17.95
CA ASN A 43 -6.10 49.00 -17.83
C ASN A 43 -6.90 49.33 -19.09
N PRO A 44 -6.46 50.36 -19.86
CA PRO A 44 -7.17 50.62 -21.14
C PRO A 44 -7.09 49.43 -22.10
N ILE A 45 -5.95 48.76 -22.11
CA ILE A 45 -5.78 47.54 -22.91
C ILE A 45 -6.79 46.47 -22.40
N VAL A 46 -6.76 46.23 -21.09
CA VAL A 46 -7.69 45.26 -20.46
C VAL A 46 -9.16 45.54 -20.88
N ASP A 47 -9.60 46.78 -20.55
CA ASP A 47 -10.97 47.24 -20.79
C ASP A 47 -11.35 47.15 -22.25
N ASP A 48 -10.40 47.48 -23.12
CA ASP A 48 -10.63 47.49 -24.56
C ASP A 48 -10.93 46.10 -25.14
N VAL A 49 -10.14 45.12 -24.69
CA VAL A 49 -10.31 43.73 -25.09
C VAL A 49 -11.63 43.21 -24.51
N HIS A 50 -11.87 43.56 -23.25
CA HIS A 50 -13.16 43.30 -22.64
C HIS A 50 -14.31 43.82 -23.55
N ALA A 51 -14.26 45.10 -23.92
CA ALA A 51 -15.35 45.72 -24.70
C ALA A 51 -15.44 45.26 -26.16
N HIS A 52 -14.30 45.16 -26.86
CA HIS A 52 -14.28 44.99 -28.33
C HIS A 52 -13.64 43.68 -28.87
N GLY A 53 -13.57 42.65 -28.02
CA GLY A 53 -13.14 41.32 -28.43
C GLY A 53 -11.87 41.24 -29.24
N ASP A 54 -11.93 40.34 -30.24
CA ASP A 54 -10.79 40.02 -31.10
C ASP A 54 -10.27 41.25 -31.83
N ALA A 55 -11.17 42.08 -32.36
CA ALA A 55 -10.75 43.26 -33.13
C ALA A 55 -9.71 44.09 -32.34
N ALA A 56 -9.95 44.33 -31.05
CA ALA A 56 -9.00 45.09 -30.24
C ALA A 56 -7.71 44.32 -30.00
N VAL A 57 -7.80 42.99 -29.89
CA VAL A 57 -6.63 42.15 -29.63
C VAL A 57 -5.69 42.32 -30.82
N LYS A 58 -6.26 42.28 -32.02
CA LYS A 58 -5.52 42.46 -33.28
C LYS A 58 -4.86 43.83 -33.43
N GLN A 59 -5.53 44.88 -32.96
CA GLN A 59 -4.96 46.26 -32.96
C GLN A 59 -3.73 46.38 -32.06
N TYR A 60 -3.82 45.80 -30.86
CA TYR A 60 -2.68 45.78 -29.95
C TYR A 60 -1.56 44.86 -30.45
N THR A 61 -1.96 43.81 -31.21
CA THR A 61 -1.02 42.84 -31.80
C THR A 61 -0.27 43.47 -33.01
N SER A 62 -0.92 44.40 -33.71
CA SER A 62 -0.23 45.14 -34.79
C SER A 62 0.74 46.16 -34.22
N LYS A 63 0.24 47.02 -33.33
CA LYS A 63 1.08 48.00 -32.61
C LYS A 63 2.32 47.40 -31.92
N PHE A 64 2.10 46.44 -31.03
CA PHE A 64 3.16 45.94 -30.15
C PHE A 64 4.04 44.87 -30.80
N ASP A 65 3.43 43.98 -31.58
CA ASP A 65 4.11 42.82 -32.19
C ASP A 65 4.44 42.98 -33.70
N LYS A 66 3.75 43.89 -34.38
CA LYS A 66 3.93 44.13 -35.81
C LYS A 66 3.56 42.92 -36.66
N VAL A 67 2.38 42.40 -36.39
CA VAL A 67 1.85 41.20 -37.03
C VAL A 67 0.37 41.41 -37.28
N ASP A 68 -0.08 41.12 -38.49
CA ASP A 68 -1.48 41.24 -38.84
C ASP A 68 -2.04 39.83 -39.00
N LEU A 69 -2.82 39.40 -38.00
CA LEU A 69 -3.48 38.11 -38.07
C LEU A 69 -4.98 38.26 -38.13
N GLU A 70 -5.60 37.47 -39.01
CA GLU A 70 -7.05 37.40 -39.17
C GLU A 70 -7.62 36.39 -38.20
N ASN A 71 -6.88 35.27 -38.02
CA ASN A 71 -7.21 34.20 -37.08
C ASN A 71 -6.26 34.17 -35.88
N ILE A 72 -6.64 34.84 -34.79
CA ILE A 72 -5.81 34.91 -33.56
C ILE A 72 -6.02 33.75 -32.57
N VAL A 73 -6.98 32.87 -32.84
CA VAL A 73 -7.14 31.66 -32.06
C VAL A 73 -7.28 30.52 -33.01
N GLU A 74 -6.50 29.47 -32.77
CA GLU A 74 -6.56 28.26 -33.54
C GLU A 74 -6.97 27.16 -32.62
N LEU A 75 -7.84 26.27 -33.06
CA LEU A 75 -8.01 25.00 -32.43
C LEU A 75 -6.78 24.24 -32.75
N VAL A 76 -6.11 23.70 -31.72
CA VAL A 76 -4.86 22.97 -31.88
C VAL A 76 -5.08 21.66 -32.69
N SER A 77 -6.28 21.10 -32.58
CA SER A 77 -6.76 20.02 -33.45
C SER A 77 -6.65 20.28 -34.96
N ASP A 78 -6.90 21.52 -35.35
CA ASP A 78 -6.81 21.96 -36.72
C ASP A 78 -5.42 22.24 -37.23
N LEU A 79 -4.41 22.29 -36.35
CA LEU A 79 -3.05 22.60 -36.77
C LEU A 79 -2.32 21.34 -37.15
N PRO A 80 -1.53 21.39 -38.24
CA PRO A 80 -0.72 20.24 -38.52
C PRO A 80 0.41 20.05 -37.49
N ASP A 81 0.78 18.80 -37.26
CA ASP A 81 1.85 18.44 -36.38
C ASP A 81 3.16 19.03 -36.94
N PRO A 82 3.92 19.82 -36.13
CA PRO A 82 5.16 20.41 -36.65
C PRO A 82 6.23 19.38 -37.02
N VAL A 83 7.17 19.81 -37.86
CA VAL A 83 8.26 18.97 -38.33
C VAL A 83 9.47 19.30 -37.48
N LEU A 84 9.93 18.33 -36.69
CA LEU A 84 11.09 18.54 -35.79
C LEU A 84 12.25 17.62 -36.15
N ASP A 85 13.46 18.14 -36.01
CA ASP A 85 14.65 17.31 -36.03
C ASP A 85 14.54 16.21 -34.97
N PRO A 86 14.95 14.99 -35.32
CA PRO A 86 14.64 13.87 -34.40
C PRO A 86 15.33 13.95 -33.00
N ALA A 87 16.53 14.46 -32.91
CA ALA A 87 17.17 14.66 -31.61
C ALA A 87 16.38 15.62 -30.66
N ILE A 88 15.80 16.66 -31.25
CA ILE A 88 15.00 17.64 -30.55
C ILE A 88 13.70 16.99 -30.05
N LYS A 89 12.96 16.37 -30.97
CA LYS A 89 11.82 15.58 -30.62
C LYS A 89 12.13 14.62 -29.49
N GLU A 90 13.16 13.81 -29.61
CA GLU A 90 13.53 12.85 -28.57
C GLU A 90 13.72 13.53 -27.17
N ALA A 91 14.43 14.64 -27.13
CA ALA A 91 14.69 15.37 -25.87
C ALA A 91 13.39 15.90 -25.25
N PHE A 92 12.55 16.54 -26.06
CA PHE A 92 11.25 16.96 -25.57
C PHE A 92 10.37 15.86 -25.12
N ASP A 93 10.43 14.69 -25.78
CA ASP A 93 9.72 13.49 -25.27
C ASP A 93 10.20 12.96 -23.93
N VAL A 94 11.52 13.02 -23.69
CA VAL A 94 12.10 12.71 -22.37
C VAL A 94 11.61 13.71 -21.30
N ALA A 95 11.61 15.01 -21.60
CA ALA A 95 11.10 16.01 -20.68
C ALA A 95 9.64 15.74 -20.37
N TYR A 96 8.77 15.60 -21.38
CA TYR A 96 7.38 15.21 -21.20
C TYR A 96 7.24 14.04 -20.31
N SER A 97 7.98 12.99 -20.60
CA SER A 97 7.89 11.74 -19.84
C SER A 97 8.15 11.96 -18.33
N ASN A 98 9.25 12.64 -18.01
CA ASN A 98 9.61 12.91 -16.63
C ASN A 98 8.67 13.85 -15.93
N ILE A 99 8.29 14.95 -16.57
CA ILE A 99 7.35 15.92 -15.99
C ILE A 99 6.02 15.22 -15.76
N TYR A 100 5.57 14.47 -16.76
CA TYR A 100 4.30 13.69 -16.60
C TYR A 100 4.33 12.78 -15.36
N ALA A 101 5.39 11.98 -15.24
CA ALA A 101 5.52 11.04 -14.10
C ALA A 101 5.58 11.76 -12.78
N PHE A 102 6.35 12.85 -12.74
CA PHE A 102 6.46 13.54 -11.47
C PHE A 102 5.09 14.14 -11.04
N HIS A 103 4.39 14.77 -12.00
CA HIS A 103 3.10 15.37 -11.70
C HIS A 103 1.99 14.34 -11.46
N ALA A 104 2.02 13.23 -12.19
CA ALA A 104 1.02 12.19 -12.01
C ALA A 104 1.09 11.56 -10.61
N ALA A 105 2.29 11.49 -10.05
CA ALA A 105 2.48 11.01 -8.71
C ALA A 105 1.89 11.87 -7.59
N GLN A 106 1.48 13.10 -7.89
CA GLN A 106 0.85 13.97 -6.92
C GLN A 106 -0.65 13.74 -6.73
N LYS A 107 -1.28 12.83 -7.48
CA LYS A 107 -2.70 12.53 -7.24
C LYS A 107 -2.92 12.06 -5.79
N SER A 108 -3.92 12.62 -5.11
CA SER A 108 -4.21 12.26 -3.71
C SER A 108 -5.22 11.13 -3.68
N PRO A 109 -4.96 10.07 -2.92
CA PRO A 109 -6.11 9.19 -2.63
C PRO A 109 -7.15 9.94 -1.78
N GLU A 110 -8.41 9.65 -1.99
CA GLU A 110 -9.50 10.39 -1.35
C GLU A 110 -10.23 9.55 -0.31
N LYS A 111 -9.85 9.62 0.98
CA LYS A 111 -10.39 8.68 1.98
C LYS A 111 -11.33 9.37 2.98
N SER A 112 -12.38 8.67 3.35
CA SER A 112 -13.30 9.12 4.40
C SER A 112 -12.65 9.20 5.75
N VAL A 113 -12.93 10.27 6.47
CA VAL A 113 -12.54 10.43 7.85
C VAL A 113 -13.87 10.22 8.61
N GLU A 114 -13.88 9.25 9.49
CA GLU A 114 -15.05 8.97 10.29
C GLU A 114 -14.70 8.80 11.75
N ASN A 115 -14.38 9.93 12.33
CA ASN A 115 -14.04 10.10 13.73
C ASN A 115 -15.19 9.75 14.66
N MET A 116 -16.36 10.25 14.36
CA MET A 116 -17.56 10.00 15.10
C MET A 116 -18.34 9.14 14.19
N LYS A 117 -18.84 8.03 14.71
CA LYS A 117 -19.58 7.10 13.89
C LYS A 117 -20.88 7.75 13.39
N GLY A 118 -21.18 7.58 12.09
CA GLY A 118 -22.28 8.23 11.41
C GLY A 118 -22.02 9.66 10.94
N VAL A 119 -20.78 10.17 11.11
CA VAL A 119 -20.32 11.48 10.66
C VAL A 119 -19.17 11.24 9.68
N GLN A 120 -19.47 11.25 8.39
CA GLN A 120 -18.52 10.85 7.37
C GLN A 120 -18.09 12.08 6.56
N CYS A 121 -16.80 12.36 6.50
CA CYS A 121 -16.32 13.52 5.75
C CYS A 121 -15.17 13.13 4.88
N LYS A 122 -15.03 13.83 3.75
CA LYS A 122 -14.06 13.53 2.72
C LYS A 122 -13.66 14.81 1.93
N ARG A 123 -12.49 14.81 1.32
CA ARG A 123 -12.08 15.89 0.46
C ARG A 123 -11.83 15.29 -0.91
N VAL A 124 -12.51 15.77 -1.95
CA VAL A 124 -12.35 15.26 -3.30
C VAL A 124 -11.80 16.33 -4.22
N ALA A 125 -11.06 15.89 -5.25
CA ALA A 125 -10.45 16.80 -6.22
C ALA A 125 -11.34 16.98 -7.49
N ARG A 126 -11.48 18.20 -7.99
CA ARG A 126 -12.11 18.47 -9.28
C ARG A 126 -11.26 19.38 -10.09
N SER A 127 -11.18 19.17 -11.40
CA SER A 127 -10.33 20.04 -12.20
C SER A 127 -10.93 21.46 -12.35
N ILE A 128 -10.08 22.43 -12.48
CA ILE A 128 -10.53 23.75 -12.90
C ILE A 128 -10.92 23.54 -14.39
N ASN A 129 -12.14 23.93 -14.76
CA ASN A 129 -12.72 23.56 -16.04
C ASN A 129 -11.92 24.13 -17.24
N SER A 130 -11.46 25.37 -17.12
CA SER A 130 -10.80 26.10 -18.19
C SER A 130 -9.60 26.90 -17.63
N VAL A 131 -8.45 26.78 -18.28
CA VAL A 131 -7.19 27.41 -17.85
C VAL A 131 -6.46 28.04 -19.02
N GLY A 132 -5.72 29.12 -18.75
CA GLY A 132 -4.94 29.79 -19.76
C GLY A 132 -3.47 29.73 -19.33
N LEU A 133 -2.57 29.44 -20.27
CA LEU A 133 -1.16 29.28 -19.98
C LEU A 133 -0.41 30.26 -20.88
N TYR A 134 0.39 31.11 -20.29
CA TYR A 134 1.09 32.13 -21.06
C TYR A 134 2.53 31.71 -21.22
N VAL A 135 3.00 31.68 -22.47
CA VAL A 135 4.37 31.32 -22.78
C VAL A 135 4.88 32.42 -23.72
N PRO A 136 5.95 33.12 -23.32
CA PRO A 136 6.48 34.19 -24.21
C PRO A 136 6.79 33.68 -25.62
N GLY A 137 6.64 34.57 -26.62
CA GLY A 137 6.75 34.18 -28.06
C GLY A 137 7.52 35.20 -28.88
N GLY A 138 7.10 35.40 -30.13
CA GLY A 138 7.87 36.21 -31.04
C GLY A 138 9.18 35.51 -31.37
N THR A 139 10.27 36.00 -30.81
CA THR A 139 11.56 35.37 -31.05
C THR A 139 11.88 34.34 -29.96
N ALA A 140 11.22 34.44 -28.80
CA ALA A 140 11.49 33.50 -27.67
C ALA A 140 11.11 32.10 -28.09
N VAL A 141 11.91 31.11 -27.69
CA VAL A 141 11.57 29.73 -27.89
C VAL A 141 11.55 29.14 -26.47
N LEU A 142 10.36 28.86 -25.94
CA LEU A 142 10.22 28.32 -24.56
C LEU A 142 9.35 27.10 -24.50
N PRO A 143 9.71 26.07 -25.27
CA PRO A 143 8.93 24.84 -25.19
C PRO A 143 8.97 24.25 -23.77
N SER A 144 10.05 24.48 -23.03
CA SER A 144 10.12 23.95 -21.64
C SER A 144 8.96 24.40 -20.78
N THR A 145 8.68 25.71 -20.84
CA THR A 145 7.58 26.29 -20.11
C THR A 145 6.25 25.75 -20.59
N ALA A 146 6.10 25.53 -21.89
CA ALA A 146 4.85 24.99 -22.43
C ALA A 146 4.57 23.67 -21.76
N LEU A 147 5.60 22.83 -21.61
CA LEU A 147 5.42 21.55 -20.93
C LEU A 147 5.11 21.66 -19.42
N MET A 148 5.80 22.56 -18.75
CA MET A 148 5.66 22.74 -17.31
C MET A 148 4.22 23.13 -16.98
N LEU A 149 3.61 23.87 -17.89
CA LEU A 149 2.26 24.33 -17.66
C LEU A 149 1.18 23.38 -18.19
N ALA A 150 1.36 22.86 -19.38
CA ALA A 150 0.28 22.06 -20.02
C ALA A 150 0.24 20.63 -19.48
N VAL A 151 1.39 20.06 -19.08
CA VAL A 151 1.35 18.68 -18.57
C VAL A 151 0.46 18.51 -17.34
N PRO A 152 0.63 19.33 -16.28
CA PRO A 152 -0.32 19.20 -15.20
C PRO A 152 -1.76 19.50 -15.52
N ALA A 153 -2.02 20.45 -16.40
CA ALA A 153 -3.37 20.66 -16.89
C ALA A 153 -3.95 19.41 -17.52
N GLN A 154 -3.15 18.75 -18.32
CA GLN A 154 -3.56 17.47 -18.99
C GLN A 154 -3.92 16.42 -17.97
N ILE A 155 -3.05 16.25 -16.98
CA ILE A 155 -3.24 15.27 -15.91
C ILE A 155 -4.48 15.55 -15.07
N ALA A 156 -4.70 16.84 -14.76
CA ALA A 156 -5.83 17.24 -13.94
C ALA A 156 -7.17 17.04 -14.67
N GLY A 157 -7.14 17.10 -16.00
CA GLY A 157 -8.35 16.88 -16.83
C GLY A 157 -9.07 18.15 -17.18
N CYS A 158 -8.38 19.30 -17.16
CA CYS A 158 -8.97 20.58 -17.56
C CYS A 158 -9.60 20.47 -18.95
N LYS A 159 -10.87 20.88 -19.09
CA LYS A 159 -11.57 20.70 -20.40
C LYS A 159 -11.08 21.61 -21.47
N THR A 160 -10.83 22.85 -21.11
CA THR A 160 -10.30 23.85 -22.04
C THR A 160 -8.95 24.32 -21.52
N ILE A 161 -7.94 24.30 -22.39
CA ILE A 161 -6.57 24.70 -22.06
C ILE A 161 -6.12 25.62 -23.17
N VAL A 162 -6.06 26.89 -22.86
CA VAL A 162 -5.71 27.88 -23.81
C VAL A 162 -4.24 28.23 -23.55
N LEU A 163 -3.44 28.22 -24.59
CA LEU A 163 -2.05 28.54 -24.50
C LEU A 163 -1.85 29.82 -25.33
N ALA A 164 -1.38 30.85 -24.64
CA ALA A 164 -1.08 32.12 -25.24
C ALA A 164 0.39 32.12 -25.55
N ASN A 165 0.72 32.29 -26.82
CA ASN A 165 2.12 32.30 -27.29
C ASN A 165 2.15 33.25 -28.49
N PRO A 166 2.74 34.44 -28.32
CA PRO A 166 2.69 35.38 -29.49
C PRO A 166 3.51 34.89 -30.69
N PRO A 167 3.02 35.07 -31.92
CA PRO A 167 3.69 34.44 -33.08
C PRO A 167 5.00 35.15 -33.48
N THR A 168 5.78 34.50 -34.34
CA THR A 168 6.88 35.20 -35.05
C THR A 168 6.29 36.23 -36.03
N ARG A 169 7.13 37.18 -36.48
CA ARG A 169 6.71 38.29 -37.40
C ARG A 169 6.04 37.88 -38.70
N ASP A 170 6.22 36.63 -39.10
CA ASP A 170 5.51 36.04 -40.25
C ASP A 170 4.25 35.19 -39.89
N GLY A 171 3.62 35.46 -38.74
CA GLY A 171 2.31 34.86 -38.39
C GLY A 171 2.30 33.43 -37.84
N THR A 172 3.46 32.88 -37.60
CA THR A 172 3.59 31.46 -37.32
C THR A 172 4.22 31.27 -35.95
N THR A 173 3.67 30.36 -35.16
CA THR A 173 4.18 30.18 -33.80
C THR A 173 5.31 29.14 -33.80
N CYS A 174 6.27 29.39 -32.91
CA CYS A 174 7.41 28.53 -32.65
C CYS A 174 7.02 27.05 -32.73
N LYS A 175 7.71 26.27 -33.55
CA LYS A 175 7.30 24.89 -33.79
C LYS A 175 7.53 23.91 -32.64
N GLU A 176 8.53 24.21 -31.83
CA GLU A 176 8.81 23.42 -30.63
C GLU A 176 7.72 23.59 -29.57
N VAL A 177 7.20 24.81 -29.42
CA VAL A 177 6.10 25.07 -28.53
C VAL A 177 4.87 24.34 -29.02
N LEU A 178 4.61 24.36 -30.33
CA LEU A 178 3.45 23.67 -30.86
C LEU A 178 3.54 22.20 -30.60
N TYR A 179 4.73 21.61 -30.78
CA TYR A 179 4.95 20.22 -30.54
C TYR A 179 4.57 19.82 -29.11
N CYS A 180 5.08 20.62 -28.18
CA CYS A 180 4.82 20.41 -26.76
C CYS A 180 3.34 20.60 -26.45
N ALA A 181 2.75 21.65 -26.99
CA ALA A 181 1.34 21.89 -26.83
C ALA A 181 0.44 20.72 -27.29
N LYS A 182 0.74 20.16 -28.47
CA LYS A 182 0.02 19.00 -28.95
C LYS A 182 0.25 17.77 -28.04
N LYS A 183 1.49 17.51 -27.63
CA LYS A 183 1.75 16.38 -26.76
C LYS A 183 0.95 16.47 -25.43
N ALA A 184 0.81 17.68 -24.89
CA ALA A 184 0.21 17.87 -23.56
C ALA A 184 -1.26 18.27 -23.56
N GLY A 185 -1.90 18.28 -24.73
CA GLY A 185 -3.35 18.35 -24.79
C GLY A 185 -3.90 19.77 -24.77
N VAL A 186 -3.08 20.73 -25.14
CA VAL A 186 -3.56 22.08 -25.25
C VAL A 186 -4.75 22.11 -26.27
N THR A 187 -5.84 22.74 -25.93
CA THR A 187 -7.02 22.73 -26.86
C THR A 187 -7.02 23.88 -27.87
N HIS A 188 -6.60 25.05 -27.42
CA HIS A 188 -6.66 26.28 -28.17
C HIS A 188 -5.34 27.03 -28.07
N LEU A 189 -4.88 27.56 -29.21
CA LEU A 189 -3.70 28.37 -29.25
C LEU A 189 -4.11 29.78 -29.54
N LEU A 190 -3.68 30.69 -28.68
CA LEU A 190 -4.02 32.07 -28.79
C LEU A 190 -2.76 32.68 -29.26
N LYS A 191 -2.75 33.04 -30.54
CA LYS A 191 -1.52 33.53 -31.20
C LYS A 191 -1.38 35.01 -30.85
N ALA A 192 -1.04 35.29 -29.59
CA ALA A 192 -0.99 36.63 -29.08
C ALA A 192 -0.36 36.65 -27.71
N GLY A 193 0.13 37.83 -27.35
CA GLY A 193 0.94 38.03 -26.17
C GLY A 193 0.48 39.27 -25.43
N GLY A 194 1.23 39.66 -24.40
CA GLY A 194 0.98 40.86 -23.65
C GLY A 194 -0.37 40.91 -22.94
N ALA A 195 -0.72 42.11 -22.49
CA ALA A 195 -1.92 42.29 -21.71
C ALA A 195 -3.14 41.98 -22.54
N GLN A 196 -3.09 42.24 -23.83
CA GLN A 196 -4.21 41.88 -24.72
C GLN A 196 -4.53 40.37 -24.67
N ALA A 197 -3.50 39.53 -24.58
CA ALA A 197 -3.67 38.07 -24.53
C ALA A 197 -4.32 37.65 -23.20
N ILE A 198 -3.78 38.14 -22.10
CA ILE A 198 -4.34 37.89 -20.77
C ILE A 198 -5.81 38.28 -20.72
N SER A 199 -6.13 39.51 -21.18
CA SER A 199 -7.49 39.96 -21.08
C SER A 199 -8.38 39.11 -21.92
N ALA A 200 -7.86 38.69 -23.07
CA ALA A 200 -8.65 37.84 -23.95
C ALA A 200 -8.99 36.56 -23.22
N MET A 201 -8.04 36.03 -22.44
CA MET A 201 -8.31 34.75 -21.74
C MET A 201 -9.23 34.95 -20.54
N ALA A 202 -8.94 35.96 -19.74
CA ALA A 202 -9.79 36.28 -18.59
C ALA A 202 -11.25 36.62 -18.95
N TRP A 203 -11.48 37.38 -20.02
CA TRP A 203 -12.83 37.81 -20.34
C TRP A 203 -13.47 36.85 -21.37
N GLY A 204 -12.66 36.20 -22.19
CA GLY A 204 -13.17 35.42 -23.35
C GLY A 204 -13.42 36.40 -24.50
N THR A 205 -13.41 35.91 -25.73
CA THR A 205 -13.77 36.73 -26.90
C THR A 205 -14.68 35.88 -27.80
N GLU A 206 -15.03 36.43 -28.97
CA GLU A 206 -15.73 35.69 -30.02
C GLU A 206 -15.15 34.31 -30.26
N THR A 207 -13.83 34.24 -30.34
CA THR A 207 -13.11 33.00 -30.63
C THR A 207 -12.17 32.48 -29.51
N CYS A 208 -11.78 33.33 -28.54
CA CYS A 208 -11.01 32.85 -27.34
C CYS A 208 -11.97 32.36 -26.21
N PRO A 209 -11.80 31.10 -25.72
CA PRO A 209 -12.55 30.71 -24.53
C PRO A 209 -12.16 31.54 -23.33
N LYS A 210 -13.14 31.82 -22.48
CA LYS A 210 -12.91 32.43 -21.18
C LYS A 210 -12.29 31.34 -20.26
N VAL A 211 -11.26 31.70 -19.48
CA VAL A 211 -10.62 30.76 -18.56
C VAL A 211 -10.84 31.24 -17.12
N GLU A 212 -10.78 30.28 -16.22
CA GLU A 212 -10.90 30.57 -14.79
C GLU A 212 -9.62 30.84 -14.04
N LYS A 213 -8.48 30.47 -14.61
CA LYS A 213 -7.18 30.62 -13.95
C LYS A 213 -6.12 30.77 -15.04
N ILE A 214 -5.17 31.70 -14.78
CA ILE A 214 -4.15 32.04 -15.77
C ILE A 214 -2.79 31.80 -15.10
N PHE A 215 -1.91 31.14 -15.85
CA PHE A 215 -0.62 30.66 -15.34
C PHE A 215 0.47 31.21 -16.23
N GLY A 216 1.65 31.36 -15.71
CA GLY A 216 2.77 31.56 -16.61
C GLY A 216 3.33 32.96 -16.53
N PRO A 217 4.66 33.04 -16.34
CA PRO A 217 5.29 34.37 -16.32
C PRO A 217 5.41 34.99 -17.69
N GLY A 218 5.38 36.31 -17.72
CA GLY A 218 5.69 37.06 -18.93
C GLY A 218 6.34 38.37 -18.53
N ASN A 219 6.20 39.38 -19.37
CA ASN A 219 6.77 40.70 -19.08
C ASN A 219 5.89 41.51 -18.11
N GLN A 220 6.41 42.68 -17.71
CA GLN A 220 5.69 43.65 -16.88
C GLN A 220 4.23 43.81 -17.29
N TYR A 221 3.95 43.89 -18.60
CA TYR A 221 2.60 44.09 -19.13
C TYR A 221 1.67 42.86 -18.89
N VAL A 222 2.27 41.68 -18.88
CA VAL A 222 1.61 40.38 -18.61
C VAL A 222 1.28 40.23 -17.14
N THR A 223 2.31 40.25 -16.29
CA THR A 223 2.16 40.27 -14.86
C THR A 223 1.12 41.35 -14.37
N ALA A 224 1.20 42.55 -14.93
CA ALA A 224 0.29 43.62 -14.56
C ALA A 224 -1.13 43.25 -14.94
N ALA A 225 -1.31 42.76 -16.18
CA ALA A 225 -2.63 42.35 -16.64
C ALA A 225 -3.23 41.23 -15.74
N LYS A 226 -2.37 40.29 -15.37
CA LYS A 226 -2.75 39.17 -14.50
C LYS A 226 -3.21 39.70 -13.15
N MET A 227 -2.37 40.54 -12.53
CA MET A 227 -2.73 41.14 -11.22
C MET A 227 -4.01 41.98 -11.26
N ILE A 228 -4.22 42.72 -12.33
CA ILE A 228 -5.46 43.52 -12.42
C ILE A 228 -6.64 42.58 -12.58
N LEU A 229 -6.50 41.63 -13.51
CA LEU A 229 -7.62 40.79 -13.87
C LEU A 229 -8.06 39.87 -12.72
N GLN A 230 -7.15 39.50 -11.82
CA GLN A 230 -7.53 38.62 -10.69
C GLN A 230 -8.48 39.30 -9.73
N ASN A 231 -8.37 40.62 -9.65
CA ASN A 231 -9.22 41.42 -8.79
C ASN A 231 -10.43 42.00 -9.48
N SER A 232 -10.73 41.57 -10.70
CA SER A 232 -11.71 42.19 -11.55
C SER A 232 -12.94 41.34 -11.58
N GLU A 233 -13.94 41.89 -12.24
CA GLU A 233 -15.20 41.18 -12.51
C GLU A 233 -15.07 40.04 -13.52
N ALA A 234 -13.90 39.87 -14.13
CA ALA A 234 -13.61 38.71 -14.98
C ALA A 234 -13.80 37.36 -14.30
N MET A 235 -13.57 37.31 -12.99
CA MET A 235 -13.67 36.08 -12.15
C MET A 235 -12.59 35.14 -12.65
N VAL A 236 -11.37 35.43 -12.24
CA VAL A 236 -10.23 34.65 -12.71
C VAL A 236 -9.26 34.70 -11.55
N SER A 237 -8.49 33.62 -11.33
CA SER A 237 -7.35 33.64 -10.43
C SER A 237 -6.09 33.45 -11.25
N ILE A 238 -4.94 33.51 -10.60
CA ILE A 238 -3.65 33.31 -11.24
C ILE A 238 -2.81 32.45 -10.35
N ASP A 239 -1.75 31.94 -10.91
CA ASP A 239 -0.83 31.11 -10.18
C ASP A 239 0.04 31.72 -9.08
N MET A 240 0.66 32.85 -9.35
CA MET A 240 1.61 33.44 -8.40
C MET A 240 2.23 34.68 -9.08
N PRO A 241 2.96 35.49 -8.32
CA PRO A 241 4.09 36.27 -8.97
C PRO A 241 5.35 35.45 -9.30
N ALA A 242 5.73 35.38 -10.56
CA ALA A 242 6.92 34.64 -10.96
C ALA A 242 7.73 35.52 -11.86
N GLY A 243 8.47 36.47 -11.28
CA GLY A 243 9.26 37.50 -11.94
C GLY A 243 10.63 37.10 -12.42
N PRO A 244 11.62 38.01 -12.37
CA PRO A 244 12.94 37.64 -12.89
C PRO A 244 13.50 36.44 -12.16
N SER A 245 14.12 35.56 -12.90
CA SER A 245 14.65 34.33 -12.35
C SER A 245 15.79 34.61 -11.33
N GLU A 246 15.97 33.65 -10.42
CA GLU A 246 16.88 33.75 -9.29
C GLU A 246 17.53 32.43 -9.02
N VAL A 247 18.76 32.47 -8.57
CA VAL A 247 19.32 31.26 -8.01
C VAL A 247 20.22 31.66 -6.86
N LEU A 248 20.16 30.87 -5.80
CA LEU A 248 21.03 30.93 -4.68
C LEU A 248 21.77 29.63 -4.60
N VAL A 249 23.11 29.71 -4.59
CA VAL A 249 23.95 28.54 -4.48
C VAL A 249 24.63 28.57 -3.13
N ILE A 250 24.52 27.47 -2.37
CA ILE A 250 25.34 27.24 -1.19
C ILE A 250 26.49 26.36 -1.60
N ALA A 251 27.72 26.81 -1.32
CA ALA A 251 28.86 26.02 -1.64
C ALA A 251 29.85 25.96 -0.48
N ASP A 252 30.39 24.78 -0.22
CA ASP A 252 31.49 24.55 0.69
C ASP A 252 32.80 24.23 -0.06
N LYS A 253 33.85 23.89 0.70
CA LYS A 253 35.18 23.66 0.17
C LYS A 253 35.29 22.46 -0.71
N HIS A 254 34.27 21.59 -0.73
CA HIS A 254 34.25 20.48 -1.68
C HIS A 254 33.68 20.76 -3.05
N ALA A 255 33.04 21.91 -3.24
CA ALA A 255 32.46 22.27 -4.52
C ALA A 255 33.57 22.66 -5.52
N ILE A 256 33.41 22.28 -6.79
CA ILE A 256 34.36 22.65 -7.83
C ILE A 256 34.08 24.08 -8.30
N PRO A 257 35.07 24.99 -8.14
CA PRO A 257 34.78 26.40 -8.45
C PRO A 257 34.20 26.68 -9.82
N SER A 258 34.65 25.97 -10.86
CA SER A 258 34.15 26.22 -12.22
C SER A 258 32.67 25.81 -12.37
N HIS A 259 32.25 24.75 -11.65
CA HIS A 259 30.85 24.29 -11.58
C HIS A 259 29.96 25.23 -10.82
N VAL A 260 30.48 25.79 -9.74
CA VAL A 260 29.76 26.81 -8.99
C VAL A 260 29.57 28.02 -9.86
N ALA A 261 30.63 28.48 -10.50
CA ALA A 261 30.53 29.57 -11.44
C ALA A 261 29.51 29.34 -12.57
N ALA A 262 29.52 28.14 -13.11
CA ALA A 262 28.63 27.77 -14.22
C ALA A 262 27.19 27.77 -13.76
N ASP A 263 26.93 27.34 -12.53
CA ASP A 263 25.53 27.37 -12.02
C ASP A 263 25.04 28.79 -11.81
N LEU A 264 25.91 29.65 -11.29
CA LEU A 264 25.52 31.06 -11.10
C LEU A 264 25.18 31.69 -12.46
N LEU A 265 26.01 31.46 -13.46
CA LEU A 265 25.83 31.98 -14.79
C LEU A 265 24.66 31.37 -15.48
N SER A 266 24.33 30.08 -15.22
CA SER A 266 23.17 29.45 -15.88
C SER A 266 21.88 30.31 -15.77
N GLN A 267 21.57 30.81 -14.59
CA GLN A 267 20.40 31.73 -14.44
C GLN A 267 20.63 33.23 -14.64
N ALA A 268 21.86 33.68 -14.44
CA ALA A 268 22.18 35.10 -14.67
C ALA A 268 21.94 35.44 -16.14
N GLU A 269 22.18 34.47 -17.03
CA GLU A 269 21.92 34.70 -18.48
C GLU A 269 20.46 34.92 -18.83
N HIS A 270 19.52 34.68 -17.92
CA HIS A 270 18.12 34.87 -18.27
C HIS A 270 17.84 36.33 -18.66
N GLY A 271 18.53 37.27 -18.04
CA GLY A 271 18.22 38.68 -18.23
C GLY A 271 19.00 39.56 -17.27
N PRO A 272 19.10 40.89 -17.57
CA PRO A 272 19.84 41.80 -16.66
C PRO A 272 19.22 42.02 -15.27
N ASP A 273 17.94 41.71 -15.07
CA ASP A 273 17.32 41.79 -13.74
C ASP A 273 17.41 40.48 -12.93
N SER A 274 17.99 39.40 -13.49
CA SER A 274 18.09 38.17 -12.71
C SER A 274 18.92 38.38 -11.49
N GLN A 275 18.64 37.64 -10.45
CA GLN A 275 19.44 37.75 -9.27
C GLN A 275 20.09 36.46 -8.87
N VAL A 276 21.36 36.54 -8.55
CA VAL A 276 22.16 35.39 -8.29
C VAL A 276 22.86 35.70 -6.94
N VAL A 277 22.92 34.72 -6.08
CA VAL A 277 23.47 34.86 -4.77
C VAL A 277 24.32 33.64 -4.53
N LEU A 278 25.55 33.83 -4.05
CA LEU A 278 26.40 32.71 -3.59
C LEU A 278 26.59 32.81 -2.09
N VAL A 279 26.27 31.74 -1.38
CA VAL A 279 26.49 31.64 0.07
C VAL A 279 27.63 30.64 0.21
N ILE A 280 28.78 31.11 0.72
CA ILE A 280 29.92 30.27 0.99
C ILE A 280 29.75 29.80 2.41
N ALA A 281 29.70 28.49 2.60
CA ALA A 281 29.55 27.88 3.92
C ALA A 281 30.88 27.33 4.45
N GLY A 282 31.38 27.89 5.54
CA GLY A 282 32.60 27.38 6.16
C GLY A 282 33.90 27.85 5.54
N ASP A 283 34.98 27.17 5.96
CA ASP A 283 36.36 27.51 5.64
C ASP A 283 36.84 26.80 4.42
N GLY A 284 37.97 27.27 3.93
CA GLY A 284 38.70 26.61 2.90
C GLY A 284 38.15 26.82 1.52
N VAL A 285 37.18 27.74 1.35
CA VAL A 285 36.65 27.95 -0.01
C VAL A 285 37.49 29.00 -0.77
N ASP A 286 37.88 28.65 -1.99
CA ASP A 286 38.65 29.52 -2.87
C ASP A 286 37.73 30.54 -3.60
N GLN A 287 37.34 31.61 -2.91
CA GLN A 287 36.47 32.63 -3.51
C GLN A 287 37.12 33.32 -4.70
N ASN A 288 38.44 33.59 -4.63
CA ASN A 288 39.19 34.07 -5.79
C ASN A 288 39.00 33.17 -7.03
N ALA A 289 39.13 31.87 -6.90
CA ALA A 289 38.95 30.94 -8.04
C ALA A 289 37.52 30.96 -8.61
N ILE A 290 36.55 31.02 -7.72
CA ILE A 290 35.16 31.18 -8.14
C ILE A 290 34.96 32.44 -8.93
N GLN A 291 35.42 33.57 -8.38
CA GLN A 291 35.28 34.89 -9.04
C GLN A 291 35.93 34.86 -10.41
N GLU A 292 37.13 34.29 -10.43
CA GLU A 292 37.93 34.10 -11.64
C GLU A 292 37.18 33.25 -12.71
N GLU A 293 36.61 32.14 -12.26
CA GLU A 293 35.78 31.35 -13.15
C GLU A 293 34.54 32.09 -13.66
N VAL A 294 33.87 32.86 -12.81
CA VAL A 294 32.69 33.61 -13.25
C VAL A 294 33.05 34.57 -14.40
N SER A 295 34.11 35.37 -14.22
CA SER A 295 34.51 36.36 -15.22
C SER A 295 34.90 35.69 -16.55
N LYS A 296 35.70 34.65 -16.49
CA LYS A 296 36.15 33.96 -17.70
C LYS A 296 34.97 33.33 -18.40
N GLN A 297 34.18 32.56 -17.67
CA GLN A 297 33.00 31.92 -18.29
C GLN A 297 31.97 32.93 -18.84
N CYS A 298 31.81 34.07 -18.19
CA CYS A 298 30.88 35.10 -18.66
C CYS A 298 31.33 35.74 -20.00
N GLN A 299 32.63 35.98 -20.11
CA GLN A 299 33.21 36.53 -21.32
C GLN A 299 32.93 35.68 -22.56
N SER A 300 33.00 34.35 -22.45
CA SER A 300 32.70 33.50 -23.63
C SER A 300 31.20 33.14 -23.88
N LEU A 301 30.26 33.78 -23.17
CA LEU A 301 28.84 33.47 -23.31
C LEU A 301 28.16 34.38 -24.32
N PRO A 302 27.40 33.79 -25.27
CA PRO A 302 26.56 34.62 -26.13
C PRO A 302 25.72 35.66 -25.40
N ARG A 303 25.12 35.30 -24.24
CA ARG A 303 24.34 36.25 -23.46
C ARG A 303 25.13 36.90 -22.28
N GLY A 304 26.44 37.03 -22.45
CA GLY A 304 27.34 37.46 -21.38
C GLY A 304 27.06 38.88 -20.93
N GLU A 305 26.53 39.71 -21.82
CA GLU A 305 26.14 41.08 -21.45
C GLU A 305 24.95 41.11 -20.48
N PHE A 306 23.93 40.27 -20.70
CA PHE A 306 22.83 40.11 -19.71
C PHE A 306 23.35 39.61 -18.37
N ALA A 307 24.16 38.57 -18.44
CA ALA A 307 24.74 37.94 -17.29
C ALA A 307 25.63 38.90 -16.54
N ALA A 308 26.50 39.63 -17.25
CA ALA A 308 27.34 40.62 -16.55
C ALA A 308 26.48 41.64 -15.84
N LYS A 309 25.41 42.13 -16.50
CA LYS A 309 24.46 43.06 -15.86
C LYS A 309 23.76 42.49 -14.61
N ALA A 310 23.30 41.23 -14.70
CA ALA A 310 22.70 40.55 -13.58
C ALA A 310 23.72 40.41 -12.46
N LEU A 311 24.97 40.04 -12.77
CA LEU A 311 26.00 39.87 -11.76
C LEU A 311 26.38 41.20 -11.09
N SER A 312 26.19 42.33 -11.78
CA SER A 312 26.47 43.63 -11.19
C SER A 312 25.63 43.92 -9.97
N HIS A 313 24.49 43.25 -9.77
CA HIS A 313 23.76 43.36 -8.51
C HIS A 313 23.57 42.00 -7.81
N SER A 314 24.53 41.12 -8.02
CA SER A 314 24.53 39.85 -7.33
C SER A 314 25.51 40.00 -6.14
N PHE A 315 25.60 39.00 -5.28
CA PHE A 315 26.46 39.13 -4.10
C PHE A 315 26.82 37.78 -3.52
N ILE A 316 27.86 37.82 -2.70
CA ILE A 316 28.38 36.67 -2.00
C ILE A 316 28.17 36.95 -0.52
N VAL A 317 27.73 35.95 0.20
CA VAL A 317 27.61 36.01 1.64
C VAL A 317 28.46 34.85 2.20
N HIS A 318 29.35 35.16 3.13
CA HIS A 318 30.06 34.13 3.92
C HIS A 318 29.39 33.78 5.21
N ALA A 319 29.14 32.49 5.42
CA ALA A 319 28.44 32.01 6.60
C ALA A 319 29.43 31.11 7.26
N ARG A 320 29.42 31.10 8.59
CA ARG A 320 30.36 30.36 9.41
C ARG A 320 30.23 28.88 9.20
N ASP A 321 28.99 28.43 8.97
CA ASP A 321 28.71 27.03 8.81
C ASP A 321 27.45 26.81 7.97
N MET A 322 27.15 25.54 7.72
CA MET A 322 26.00 25.21 6.90
C MET A 322 24.66 25.67 7.51
N LEU A 323 24.53 25.59 8.84
CA LEU A 323 23.32 25.94 9.51
C LEU A 323 23.04 27.45 9.31
N GLU A 324 24.06 28.28 9.44
CA GLU A 324 23.92 29.72 9.22
CA GLU A 324 23.85 29.72 9.23
C GLU A 324 23.62 29.99 7.72
N ALA A 325 24.23 29.22 6.84
CA ALA A 325 24.08 29.46 5.42
C ALA A 325 22.62 29.16 5.03
N ILE A 326 22.08 28.06 5.53
CA ILE A 326 20.65 27.70 5.23
C ILE A 326 19.68 28.69 5.89
N THR A 327 20.03 29.17 7.08
CA THR A 327 19.29 30.21 7.73
C THR A 327 19.21 31.48 6.89
N PHE A 328 20.33 31.91 6.30
CA PHE A 328 20.30 33.03 5.36
C PHE A 328 19.38 32.74 4.12
N SER A 329 19.51 31.57 3.55
CA SER A 329 18.75 31.17 2.36
C SER A 329 17.27 31.18 2.66
N ASN A 330 16.90 30.68 3.83
CA ASN A 330 15.50 30.73 4.29
C ASN A 330 14.95 32.15 4.43
N MET A 331 15.76 33.07 4.90
CA MET A 331 15.39 34.47 4.90
C MET A 331 15.23 35.01 3.47
N TYR A 332 16.21 34.77 2.62
CA TYR A 332 16.14 35.20 1.26
C TYR A 332 14.95 34.61 0.45
N ALA A 333 14.65 33.33 0.71
CA ALA A 333 13.55 32.51 0.04
C ALA A 333 13.75 32.53 -1.47
N PRO A 334 14.80 31.87 -1.98
CA PRO A 334 15.14 31.93 -3.40
C PRO A 334 14.21 31.12 -4.26
N GLU A 335 13.99 31.60 -5.47
CA GLU A 335 13.27 30.78 -6.42
C GLU A 335 13.88 29.35 -6.56
N HIS A 336 15.20 29.29 -6.71
CA HIS A 336 15.92 28.05 -6.88
C HIS A 336 17.07 28.07 -5.90
N LEU A 337 17.27 26.93 -5.28
CA LEU A 337 18.40 26.71 -4.32
C LEU A 337 19.23 25.54 -4.71
N ILE A 338 20.52 25.77 -4.95
CA ILE A 338 21.44 24.69 -5.24
C ILE A 338 22.35 24.51 -4.04
N ILE A 339 22.40 23.28 -3.51
CA ILE A 339 23.18 23.05 -2.31
C ILE A 339 24.33 22.13 -2.72
N ASN A 340 25.45 22.76 -3.00
CA ASN A 340 26.65 22.05 -3.42
C ASN A 340 27.60 21.95 -2.25
N VAL A 341 27.20 21.07 -1.31
CA VAL A 341 27.95 20.83 -0.10
C VAL A 341 27.99 19.35 0.15
N LYS A 342 28.97 18.94 0.92
CA LYS A 342 29.11 17.55 1.38
C LYS A 342 27.89 17.10 2.13
N ASP A 343 27.42 15.90 1.83
CA ASP A 343 26.16 15.39 2.35
C ASP A 343 24.95 16.38 2.30
N ALA A 344 24.78 17.00 1.15
CA ALA A 344 23.72 17.99 0.90
C ALA A 344 22.37 17.49 1.29
N GLU A 345 22.11 16.22 1.02
CA GLU A 345 20.76 15.62 1.27
C GLU A 345 20.36 15.68 2.72
N LYS A 346 21.34 15.60 3.62
CA LYS A 346 21.07 15.59 5.05
C LYS A 346 20.47 16.90 5.50
N TRP A 347 20.70 17.97 4.73
CA TRP A 347 20.21 19.34 5.10
C TRP A 347 18.77 19.64 4.75
N GLU A 348 18.12 18.69 4.07
CA GLU A 348 16.76 18.86 3.56
C GLU A 348 15.79 19.32 4.64
N SER A 349 15.89 18.77 5.84
CA SER A 349 14.98 19.12 6.93
C SER A 349 15.13 20.56 7.39
N PHE A 350 16.25 21.21 7.10
CA PHE A 350 16.46 22.63 7.46
C PHE A 350 15.99 23.68 6.47
N ILE A 351 15.60 23.22 5.29
CA ILE A 351 15.09 24.10 4.23
C ILE A 351 13.68 24.45 4.53
N GLU A 352 13.41 25.75 4.56
CA GLU A 352 12.07 26.25 4.82
C GLU A 352 11.41 27.00 3.65
N ASN A 353 12.18 27.83 2.93
CA ASN A 353 11.68 28.71 1.90
C ASN A 353 12.61 28.59 0.68
N ALA A 354 12.10 28.00 -0.39
CA ALA A 354 12.84 27.77 -1.63
C ALA A 354 11.83 27.20 -2.61
N GLY A 355 11.78 27.68 -3.85
CA GLY A 355 10.81 27.15 -4.79
C GLY A 355 11.17 25.71 -5.13
N SER A 356 12.41 25.52 -5.55
CA SER A 356 12.88 24.22 -5.96
C SER A 356 14.35 24.08 -5.53
N VAL A 357 14.73 22.87 -5.12
CA VAL A 357 16.00 22.59 -4.53
C VAL A 357 16.77 21.50 -5.28
N PHE A 358 18.10 21.73 -5.44
CA PHE A 358 18.98 20.90 -6.21
C PHE A 358 20.09 20.48 -5.29
N LEU A 359 20.24 19.17 -5.04
CA LEU A 359 21.11 18.66 -4.00
C LEU A 359 22.34 17.99 -4.58
N GLY A 360 23.51 18.45 -4.16
CA GLY A 360 24.75 17.70 -4.45
C GLY A 360 25.48 18.37 -5.62
N SER A 361 26.45 17.66 -6.14
CA SER A 361 27.41 18.14 -7.12
C SER A 361 27.05 17.87 -8.57
N TRP A 362 26.16 16.91 -8.82
CA TRP A 362 25.77 16.51 -10.17
C TRP A 362 24.37 17.02 -10.57
N THR A 363 23.88 18.07 -9.90
CA THR A 363 22.50 18.52 -10.05
C THR A 363 22.50 20.01 -10.35
N PRO A 364 22.89 20.42 -11.58
CA PRO A 364 22.74 21.83 -11.91
C PRO A 364 21.27 22.14 -12.00
N GLU A 365 20.91 23.39 -11.75
CA GLU A 365 19.56 23.82 -11.90
C GLU A 365 19.00 23.51 -13.30
N SER A 366 19.86 23.54 -14.33
CA SER A 366 19.46 23.27 -15.72
C SER A 366 18.65 22.04 -15.82
N VAL A 367 18.98 21.00 -15.07
CA VAL A 367 18.12 19.79 -15.12
C VAL A 367 16.66 19.96 -14.72
N GLY A 368 16.40 20.78 -13.70
CA GLY A 368 15.03 21.12 -13.29
C GLY A 368 14.34 22.08 -14.24
N ASP A 369 15.11 23.05 -14.77
CA ASP A 369 14.62 23.94 -15.80
C ASP A 369 14.01 23.17 -16.99
N TYR A 370 14.64 22.06 -17.33
CA TYR A 370 14.29 21.30 -18.49
C TYR A 370 13.63 19.93 -18.42
N ALA A 371 14.20 18.99 -17.70
CA ALA A 371 13.67 17.67 -17.76
C ALA A 371 13.70 16.72 -16.61
N SER A 372 14.07 17.16 -15.43
CA SER A 372 14.10 16.28 -14.28
C SER A 372 12.71 15.76 -13.94
N GLY A 373 11.73 16.58 -14.17
CA GLY A 373 10.32 16.27 -13.85
C GLY A 373 9.66 17.29 -12.97
N THR A 374 10.47 18.03 -12.20
CA THR A 374 9.94 19.07 -11.31
C THR A 374 9.53 20.24 -12.18
N ASN A 375 8.76 21.16 -11.60
CA ASN A 375 8.22 22.27 -12.33
C ASN A 375 9.04 23.54 -12.18
N HIS A 376 9.40 24.19 -13.29
CA HIS A 376 10.24 25.36 -13.21
C HIS A 376 9.47 26.67 -13.06
N VAL A 377 8.13 26.63 -13.09
CA VAL A 377 7.30 27.80 -12.89
C VAL A 377 7.15 28.01 -11.37
N LEU A 378 7.96 28.92 -10.84
CA LEU A 378 8.24 28.97 -9.43
C LEU A 378 8.15 30.39 -8.87
N PRO A 379 7.91 30.53 -7.55
CA PRO A 379 7.78 31.86 -7.03
C PRO A 379 9.15 32.57 -6.85
N THR A 380 9.23 33.81 -7.32
CA THR A 380 10.40 34.66 -7.25
C THR A 380 10.14 35.79 -6.29
N TYR A 381 11.16 36.61 -6.01
CA TYR A 381 10.97 37.90 -5.33
C TYR A 381 10.87 37.75 -3.80
N GLY A 382 10.92 36.53 -3.26
CA GLY A 382 10.59 36.31 -1.88
C GLY A 382 9.26 35.59 -1.68
N TYR A 383 8.47 35.47 -2.76
CA TYR A 383 7.18 34.83 -2.67
C TYR A 383 7.24 33.34 -2.33
N ALA A 384 8.43 32.75 -2.40
CA ALA A 384 8.54 31.37 -1.93
C ALA A 384 8.35 31.22 -0.42
N ARG A 385 8.23 32.34 0.29
CA ARG A 385 7.82 32.30 1.69
C ARG A 385 6.36 31.86 1.85
N MET A 386 5.52 32.07 0.84
CA MET A 386 4.12 31.64 0.94
C MET A 386 3.48 30.94 -0.27
N TYR A 387 4.12 30.88 -1.42
CA TYR A 387 3.57 30.26 -2.59
C TYR A 387 4.39 29.04 -2.89
N SER A 388 3.75 28.04 -3.51
CA SER A 388 4.46 26.93 -4.07
C SER A 388 4.66 27.15 -5.58
N GLY A 389 5.54 26.39 -6.18
CA GLY A 389 5.63 26.34 -7.60
C GLY A 389 4.38 25.66 -8.17
N VAL A 390 4.18 25.79 -9.46
CA VAL A 390 3.09 25.11 -10.14
C VAL A 390 3.17 23.62 -9.92
N SER A 391 2.03 23.00 -9.61
CA SER A 391 1.95 21.56 -9.47
C SER A 391 0.60 21.10 -9.95
N LEU A 392 0.38 19.79 -9.86
CA LEU A 392 -0.95 19.26 -10.18
C LEU A 392 -2.03 19.99 -9.38
N ASP A 393 -1.79 20.27 -8.10
CA ASP A 393 -2.83 20.93 -7.26
C ASP A 393 -3.24 22.31 -7.73
N SER A 394 -2.38 22.98 -8.49
CA SER A 394 -2.64 24.32 -9.03
C SER A 394 -3.81 24.27 -10.03
N PHE A 395 -4.10 23.10 -10.56
CA PHE A 395 -5.15 22.88 -11.57
C PHE A 395 -6.39 22.24 -11.06
N LEU A 396 -6.43 22.06 -9.74
CA LEU A 396 -7.52 21.40 -9.04
C LEU A 396 -8.17 22.29 -8.00
N LYS A 397 -9.45 22.04 -7.73
CA LYS A 397 -10.14 22.43 -6.51
C LYS A 397 -10.41 21.23 -5.67
N TYR A 398 -10.35 21.37 -4.35
CA TYR A 398 -10.61 20.26 -3.40
C TYR A 398 -11.87 20.61 -2.70
N ILE A 399 -12.93 19.84 -2.95
CA ILE A 399 -14.25 20.11 -2.40
C ILE A 399 -14.44 19.24 -1.19
N THR A 400 -14.94 19.75 -0.06
CA THR A 400 -15.21 18.85 1.07
C THR A 400 -16.64 18.35 0.99
N VAL A 401 -16.81 17.08 1.34
CA VAL A 401 -18.07 16.39 1.25
C VAL A 401 -18.36 15.75 2.63
N GLN A 402 -19.57 15.95 3.15
CA GLN A 402 -19.96 15.30 4.37
C GLN A 402 -21.36 14.74 4.31
N SER A 403 -21.58 13.65 5.05
CA SER A 403 -22.88 13.02 5.10
C SER A 403 -23.04 12.37 6.49
N LEU A 404 -24.18 12.64 7.13
CA LEU A 404 -24.52 12.10 8.41
C LEU A 404 -25.70 11.13 8.30
N THR A 405 -25.65 10.04 9.07
CA THR A 405 -26.80 9.21 9.31
C THR A 405 -27.60 9.90 10.41
N GLU A 406 -28.84 9.42 10.61
CA GLU A 406 -29.66 9.80 11.77
C GLU A 406 -28.92 9.72 13.09
N GLU A 407 -28.24 8.61 13.30
CA GLU A 407 -27.44 8.38 14.51
C GLU A 407 -26.33 9.40 14.63
N GLY A 408 -25.67 9.67 13.50
CA GLY A 408 -24.62 10.65 13.43
C GLY A 408 -25.15 12.00 13.87
N LEU A 409 -26.34 12.37 13.39
CA LEU A 409 -26.95 13.62 13.78
C LEU A 409 -27.34 13.68 15.28
N ARG A 410 -27.79 12.56 15.83
CA ARG A 410 -28.07 12.44 17.24
C ARG A 410 -26.83 12.67 18.09
N LYS A 411 -25.69 12.10 17.70
CA LYS A 411 -24.42 12.30 18.41
C LYS A 411 -23.84 13.69 18.30
N LEU A 412 -23.79 14.23 17.08
CA LEU A 412 -23.15 15.53 16.81
C LEU A 412 -24.06 16.74 16.95
N GLY A 413 -25.34 16.59 16.59
CA GLY A 413 -26.26 17.71 16.55
C GLY A 413 -26.40 18.57 17.80
N PRO A 414 -26.50 17.96 18.99
CA PRO A 414 -26.60 18.77 20.23
C PRO A 414 -25.42 19.72 20.46
N TYR A 415 -24.23 19.24 20.15
CA TYR A 415 -23.01 20.12 20.17
C TYR A 415 -23.18 21.36 19.28
N VAL A 416 -23.71 21.10 18.10
CA VAL A 416 -23.95 22.14 17.12
C VAL A 416 -24.96 23.17 17.60
N GLU A 417 -26.09 22.69 18.16
CA GLU A 417 -27.07 23.57 18.79
C GLU A 417 -26.41 24.44 19.84
N THR A 418 -25.63 23.81 20.72
CA THR A 418 -24.93 24.57 21.78
C THR A 418 -24.09 25.72 21.21
N MET A 419 -23.26 25.39 20.22
CA MET A 419 -22.37 26.36 19.60
C MET A 419 -23.13 27.46 18.89
N ALA A 420 -24.17 27.08 18.13
CA ALA A 420 -25.03 28.08 17.51
C ALA A 420 -25.68 29.06 18.50
N GLU A 421 -26.15 28.54 19.62
CA GLU A 421 -26.76 29.40 20.68
C GLU A 421 -25.72 30.37 21.16
N VAL A 422 -24.52 29.88 21.41
CA VAL A 422 -23.41 30.79 21.76
C VAL A 422 -23.18 31.92 20.77
N GLU A 423 -23.22 31.63 19.46
CA GLU A 423 -22.96 32.64 18.45
C GLU A 423 -24.17 33.54 18.23
N GLY A 424 -25.32 33.21 18.81
CA GLY A 424 -26.55 33.94 18.57
C GLY A 424 -27.11 33.65 17.19
N LEU A 425 -27.04 32.40 16.75
CA LEU A 425 -27.46 32.10 15.37
C LEU A 425 -28.47 30.99 15.49
N GLU A 426 -29.70 31.42 15.77
CA GLU A 426 -30.79 30.51 16.04
C GLU A 426 -31.27 29.68 14.83
N ALA A 427 -31.22 30.26 13.64
CA ALA A 427 -31.56 29.48 12.46
C ALA A 427 -30.62 28.30 12.20
N HIS A 428 -29.31 28.47 12.52
CA HIS A 428 -28.34 27.37 12.44
C HIS A 428 -28.70 26.26 13.42
N LYS A 429 -29.05 26.67 14.65
CA LYS A 429 -29.59 25.74 15.63
C LYS A 429 -30.84 24.98 15.16
N ARG A 430 -31.81 25.71 14.64
CA ARG A 430 -33.10 25.07 14.24
C ARG A 430 -33.00 24.12 13.07
N ALA A 431 -32.01 24.28 12.16
CA ALA A 431 -31.84 23.30 11.07
C ALA A 431 -31.50 21.94 11.65
N VAL A 432 -30.85 21.93 12.82
CA VAL A 432 -30.58 20.69 13.54
C VAL A 432 -31.77 20.24 14.39
N THR A 433 -32.35 21.16 15.17
CA THR A 433 -33.45 20.85 16.09
C THR A 433 -34.65 20.24 15.36
N LEU A 434 -35.07 20.85 14.24
CA LEU A 434 -36.21 20.34 13.48
C LEU A 434 -35.98 18.94 13.02
N ARG A 435 -34.75 18.60 12.65
CA ARG A 435 -34.45 17.25 12.17
C ARG A 435 -34.42 16.27 13.31
N LEU A 436 -33.90 16.68 14.47
CA LEU A 436 -33.84 15.79 15.62
C LEU A 436 -35.26 15.50 16.10
N GLN A 437 -36.11 16.50 16.14
CA GLN A 437 -37.55 16.25 16.42
C GLN A 437 -38.16 15.22 15.50
N ASP A 438 -38.12 15.46 14.20
CA ASP A 438 -38.56 14.48 13.17
C ASP A 438 -38.05 13.03 13.41
N ILE A 439 -36.78 12.88 13.81
CA ILE A 439 -36.16 11.57 14.06
C ILE A 439 -36.77 10.91 15.28
N GLU A 440 -36.89 11.68 16.37
CA GLU A 440 -37.60 11.24 17.59
C GLU A 440 -39.06 10.86 17.29
N ALA A 441 -39.79 11.72 16.58
CA ALA A 441 -41.22 11.46 16.31
C ALA A 441 -41.54 10.21 15.48
N ARG A 442 -40.53 9.58 14.87
CA ARG A 442 -40.67 8.27 14.23
C ARG A 442 -40.02 7.12 15.03
N GLN A 443 -39.34 7.43 16.13
CA GLN A 443 -38.43 6.50 16.84
C GLN A 443 -39.06 5.97 18.13
N PRO B 10 -43.07 36.39 -1.04
CA PRO B 10 -42.72 35.13 -1.67
C PRO B 10 -41.36 35.22 -2.35
N ILE B 11 -40.63 34.12 -2.39
CA ILE B 11 -39.32 34.10 -3.02
C ILE B 11 -39.52 34.02 -4.51
N LYS B 12 -38.76 34.83 -5.27
CA LYS B 12 -38.79 34.81 -6.74
C LYS B 12 -38.52 33.42 -7.34
N THR B 13 -39.28 33.04 -8.37
CA THR B 13 -39.18 31.70 -8.99
C THR B 13 -38.80 31.77 -10.47
N TYR B 14 -37.92 30.87 -10.93
CA TYR B 14 -37.58 30.73 -12.33
C TYR B 14 -37.67 29.28 -12.75
N HIS B 15 -37.96 29.05 -14.03
CA HIS B 15 -37.96 27.72 -14.63
C HIS B 15 -36.81 27.69 -15.62
N LEU B 16 -35.88 26.76 -15.47
CA LEU B 16 -34.66 26.81 -16.28
C LEU B 16 -34.99 26.77 -17.76
N SER B 17 -35.87 25.85 -18.13
CA SER B 17 -36.33 25.71 -19.54
C SER B 17 -36.94 26.94 -20.22
N ASN B 18 -37.37 27.95 -19.48
CA ASN B 18 -37.85 29.22 -20.05
C ASN B 18 -36.79 30.25 -20.36
N LEU B 19 -35.63 30.17 -19.72
CA LEU B 19 -34.73 31.30 -19.64
C LEU B 19 -33.87 31.38 -20.90
N THR B 20 -33.58 32.60 -21.35
CA THR B 20 -32.52 32.79 -22.32
C THR B 20 -31.14 32.66 -21.65
N GLN B 21 -30.10 32.60 -22.47
CA GLN B 21 -28.72 32.55 -22.02
C GLN B 21 -28.25 33.72 -21.16
N THR B 22 -28.73 34.92 -21.49
CA THR B 22 -28.45 36.11 -20.73
C THR B 22 -29.16 35.99 -19.41
N GLU B 23 -30.41 35.58 -19.43
CA GLU B 23 -31.14 35.44 -18.20
C GLU B 23 -30.47 34.43 -17.27
N LEU B 24 -30.12 33.28 -17.83
CA LEU B 24 -29.51 32.17 -17.07
C LEU B 24 -28.21 32.64 -16.44
N LEU B 25 -27.34 33.25 -17.25
CA LEU B 25 -26.07 33.78 -16.78
C LEU B 25 -26.17 34.87 -15.71
N SER B 26 -27.23 35.67 -15.76
CA SER B 26 -27.46 36.70 -14.75
C SER B 26 -27.79 36.12 -13.37
N LEU B 27 -28.28 34.89 -13.28
CA LEU B 27 -28.54 34.24 -11.98
C LEU B 27 -27.25 33.87 -11.26
N LYS B 28 -26.10 33.94 -11.94
CA LYS B 28 -24.80 33.82 -11.27
C LYS B 28 -24.48 34.96 -10.33
N SER B 29 -25.14 36.14 -10.50
CA SER B 29 -24.74 37.35 -9.76
C SER B 29 -25.13 37.30 -8.34
N ARG B 30 -24.20 37.67 -7.48
CA ARG B 30 -24.50 37.82 -6.09
C ARG B 30 -24.93 39.27 -5.81
N PRO B 31 -25.56 39.54 -4.65
CA PRO B 31 -25.89 40.91 -4.21
C PRO B 31 -24.66 41.48 -3.51
N ARG B 32 -23.69 41.86 -4.31
CA ARG B 32 -22.46 42.47 -3.78
C ARG B 32 -22.08 43.56 -4.73
N ILE B 33 -21.35 44.52 -4.18
CA ILE B 33 -20.85 45.67 -4.92
C ILE B 33 -19.74 45.16 -5.85
N ASP B 34 -19.61 45.76 -7.05
CA ASP B 34 -18.44 45.59 -7.92
C ASP B 34 -17.16 45.94 -7.15
N PHE B 35 -16.10 45.18 -7.41
CA PHE B 35 -14.88 45.32 -6.60
C PHE B 35 -14.28 46.76 -6.56
N SER B 36 -14.23 47.45 -7.70
CA SER B 36 -13.64 48.83 -7.73
C SER B 36 -14.33 49.81 -6.78
N SER B 37 -15.66 49.76 -6.66
CA SER B 37 -16.34 50.63 -5.69
C SER B 37 -15.83 50.34 -4.27
N VAL B 38 -15.63 49.07 -3.94
CA VAL B 38 -15.14 48.72 -2.60
C VAL B 38 -13.67 49.13 -2.42
N PHE B 39 -12.87 49.01 -3.48
CA PHE B 39 -11.45 49.37 -3.41
C PHE B 39 -11.29 50.85 -3.06
N ASP B 40 -12.19 51.70 -3.57
CA ASP B 40 -12.16 53.15 -3.27
C ASP B 40 -12.46 53.44 -1.81
N ILE B 41 -13.48 52.77 -1.27
CA ILE B 41 -13.80 52.83 0.16
C ILE B 41 -12.63 52.33 1.01
N VAL B 42 -12.01 51.21 0.59
CA VAL B 42 -11.01 50.48 1.40
C VAL B 42 -9.55 50.94 1.26
N ASN B 43 -9.12 51.28 0.04
CA ASN B 43 -7.74 51.77 -0.21
C ASN B 43 -7.18 52.81 0.76
N PRO B 44 -7.94 53.91 1.00
CA PRO B 44 -7.34 54.92 1.87
C PRO B 44 -7.16 54.41 3.29
N ILE B 45 -8.03 53.49 3.73
CA ILE B 45 -7.89 52.87 5.07
C ILE B 45 -6.57 52.10 5.15
N VAL B 46 -6.29 51.35 4.09
CA VAL B 46 -5.11 50.47 4.01
C VAL B 46 -3.81 51.28 4.06
N ASP B 47 -3.79 52.31 3.21
CA ASP B 47 -2.64 53.18 3.14
C ASP B 47 -2.48 53.99 4.42
N ASP B 48 -3.58 54.43 5.01
CA ASP B 48 -3.57 55.06 6.34
C ASP B 48 -2.84 54.23 7.42
N VAL B 49 -3.17 52.93 7.48
CA VAL B 49 -2.51 52.00 8.42
C VAL B 49 -1.08 51.73 8.02
N HIS B 50 -0.83 51.70 6.72
CA HIS B 50 0.50 51.50 6.25
C HIS B 50 1.41 52.68 6.70
N ALA B 51 0.93 53.90 6.48
CA ALA B 51 1.72 55.11 6.81
C ALA B 51 1.85 55.30 8.33
N HIS B 52 0.74 55.18 9.06
CA HIS B 52 0.65 55.67 10.43
C HIS B 52 0.55 54.61 11.55
N GLY B 53 0.57 53.31 11.21
CA GLY B 53 0.75 52.27 12.22
C GLY B 53 -0.38 52.14 13.22
N ASP B 54 -0.03 51.87 14.47
CA ASP B 54 -1.02 51.66 15.55
C ASP B 54 -1.99 52.83 15.78
N ALA B 55 -1.51 54.06 15.57
CA ALA B 55 -2.35 55.26 15.80
C ALA B 55 -3.57 55.19 14.88
N ALA B 56 -3.33 54.97 13.58
CA ALA B 56 -4.37 54.81 12.58
C ALA B 56 -5.33 53.70 12.95
N VAL B 57 -4.81 52.53 13.32
CA VAL B 57 -5.71 51.42 13.68
C VAL B 57 -6.61 51.82 14.85
N LYS B 58 -6.00 52.37 15.89
CA LYS B 58 -6.72 52.87 17.08
C LYS B 58 -7.84 53.83 16.73
N GLN B 59 -7.50 54.79 15.86
CA GLN B 59 -8.49 55.77 15.37
C GLN B 59 -9.67 55.10 14.72
N TYR B 60 -9.42 54.10 13.86
CA TYR B 60 -10.51 53.37 13.20
C TYR B 60 -11.31 52.55 14.19
N THR B 61 -10.61 51.89 15.12
CA THR B 61 -11.28 51.08 16.16
C THR B 61 -12.17 51.97 17.09
N SER B 62 -11.64 53.13 17.52
CA SER B 62 -12.45 54.13 18.26
C SER B 62 -13.67 54.56 17.46
N LYS B 63 -13.45 54.98 16.21
CA LYS B 63 -14.55 55.53 15.40
C LYS B 63 -15.63 54.49 15.14
N PHE B 64 -15.21 53.29 14.70
CA PHE B 64 -16.15 52.30 14.20
C PHE B 64 -16.56 51.23 15.18
N ASP B 65 -15.66 50.80 16.06
CA ASP B 65 -16.00 49.80 17.07
C ASP B 65 -16.42 50.43 18.39
N LYS B 66 -16.25 51.74 18.54
CA LYS B 66 -16.70 52.52 19.73
C LYS B 66 -15.92 52.14 20.99
N VAL B 67 -14.60 51.95 20.84
CA VAL B 67 -13.73 51.50 21.92
C VAL B 67 -12.36 52.14 21.77
N ASP B 68 -11.85 52.65 22.90
CA ASP B 68 -10.53 53.27 23.00
C ASP B 68 -9.54 52.29 23.67
N LEU B 69 -8.66 51.69 22.87
CA LEU B 69 -7.71 50.68 23.35
C LEU B 69 -6.33 51.27 23.44
N GLU B 70 -5.66 51.06 24.57
CA GLU B 70 -4.24 51.40 24.67
C GLU B 70 -3.41 50.36 23.91
N ASN B 71 -3.63 49.08 24.18
CA ASN B 71 -2.98 48.00 23.44
C ASN B 71 -3.93 47.40 22.40
N ILE B 72 -3.65 47.61 21.12
CA ILE B 72 -4.44 46.97 20.05
C ILE B 72 -3.95 45.55 19.73
N VAL B 73 -2.73 45.21 20.12
CA VAL B 73 -2.24 43.86 20.02
C VAL B 73 -1.80 43.39 21.37
N GLU B 74 -2.21 42.19 21.72
CA GLU B 74 -1.77 41.53 22.92
C GLU B 74 -1.15 40.20 22.56
N LEU B 75 -0.19 39.79 23.37
CA LEU B 75 0.38 38.46 23.27
C LEU B 75 -0.59 37.50 23.93
N VAL B 76 -0.99 36.45 23.22
CA VAL B 76 -1.99 35.52 23.76
C VAL B 76 -1.55 34.83 25.06
N SER B 77 -0.30 34.42 25.15
CA SER B 77 0.31 33.92 26.39
C SER B 77 0.12 34.81 27.64
N ASP B 78 -0.06 36.12 27.44
CA ASP B 78 -0.32 37.11 28.52
C ASP B 78 -1.76 37.32 28.91
N LEU B 79 -2.68 36.68 28.20
CA LEU B 79 -4.09 36.87 28.45
C LEU B 79 -4.56 35.74 29.37
N PRO B 80 -5.49 36.06 30.31
CA PRO B 80 -6.07 35.01 31.17
C PRO B 80 -6.87 33.95 30.42
N ASP B 81 -6.88 32.75 30.98
CA ASP B 81 -7.66 31.65 30.48
C ASP B 81 -9.10 31.86 30.95
N PRO B 82 -10.02 32.12 30.00
CA PRO B 82 -11.40 32.39 30.38
C PRO B 82 -12.05 31.11 30.90
N VAL B 83 -13.14 31.25 31.62
CA VAL B 83 -13.84 30.09 32.16
C VAL B 83 -15.15 30.00 31.42
N LEU B 84 -15.45 28.81 30.92
CA LEU B 84 -16.56 28.58 30.03
C LEU B 84 -17.53 27.65 30.71
N ASP B 85 -18.82 27.90 30.50
CA ASP B 85 -19.82 26.98 30.96
C ASP B 85 -19.43 25.57 30.46
N PRO B 86 -19.57 24.54 31.33
CA PRO B 86 -19.13 23.19 30.96
C PRO B 86 -19.69 22.70 29.64
N ALA B 87 -21.00 22.84 29.40
CA ALA B 87 -21.58 22.36 28.13
C ALA B 87 -20.99 23.07 26.89
N ILE B 88 -20.68 24.36 27.05
CA ILE B 88 -20.14 25.17 25.98
C ILE B 88 -18.75 24.68 25.69
N LYS B 89 -17.95 24.52 26.73
CA LYS B 89 -16.62 23.97 26.65
C LYS B 89 -16.56 22.60 25.98
N GLU B 90 -17.42 21.70 26.37
CA GLU B 90 -17.49 20.37 25.84
C GLU B 90 -17.82 20.42 24.31
N ALA B 91 -18.65 21.36 23.91
CA ALA B 91 -19.09 21.46 22.52
C ALA B 91 -17.90 21.97 21.65
N PHE B 92 -17.26 23.06 22.06
CA PHE B 92 -16.04 23.56 21.37
C PHE B 92 -14.90 22.58 21.36
N ASP B 93 -14.69 21.85 22.45
CA ASP B 93 -13.68 20.80 22.45
C ASP B 93 -14.01 19.68 21.46
N VAL B 94 -15.28 19.37 21.26
CA VAL B 94 -15.65 18.39 20.25
C VAL B 94 -15.38 18.94 18.84
N ALA B 95 -15.68 20.20 18.61
CA ALA B 95 -15.45 20.81 17.32
C ALA B 95 -13.93 20.83 17.02
N TYR B 96 -13.16 21.28 18.01
CA TYR B 96 -11.73 21.27 17.92
C TYR B 96 -11.28 19.91 17.50
N SER B 97 -11.72 18.90 18.20
CA SER B 97 -11.27 17.55 17.91
C SER B 97 -11.62 17.02 16.55
N ASN B 98 -12.86 17.26 16.08
CA ASN B 98 -13.25 16.87 14.72
C ASN B 98 -12.51 17.68 13.64
N ILE B 99 -12.34 18.99 13.84
CA ILE B 99 -11.62 19.81 12.84
C ILE B 99 -10.15 19.39 12.78
N TYR B 100 -9.54 19.15 13.96
CA TYR B 100 -8.20 18.64 14.06
C TYR B 100 -8.02 17.33 13.28
N ALA B 101 -8.85 16.33 13.57
CA ALA B 101 -8.78 15.01 12.91
C ALA B 101 -8.95 15.13 11.41
N PHE B 102 -9.94 15.89 10.94
CA PHE B 102 -10.14 15.95 9.50
C PHE B 102 -8.94 16.59 8.78
N HIS B 103 -8.39 17.65 9.37
CA HIS B 103 -7.28 18.40 8.76
C HIS B 103 -5.97 17.70 8.86
N ALA B 104 -5.71 17.08 10.01
CA ALA B 104 -4.52 16.22 10.18
C ALA B 104 -4.43 15.06 9.17
N ALA B 105 -5.57 14.53 8.76
CA ALA B 105 -5.61 13.42 7.78
C ALA B 105 -5.24 13.88 6.35
N GLN B 106 -5.11 15.19 6.11
CA GLN B 106 -4.73 15.70 4.79
C GLN B 106 -3.20 15.73 4.59
N LYS B 107 -2.41 15.33 5.59
CA LYS B 107 -0.94 15.27 5.45
C LYS B 107 -0.52 14.34 4.29
N SER B 108 0.37 14.81 3.41
CA SER B 108 0.74 14.04 2.21
C SER B 108 1.94 13.18 2.48
N PRO B 109 1.96 11.94 1.98
CA PRO B 109 3.26 11.21 2.05
C PRO B 109 4.20 11.89 1.05
N GLU B 110 5.49 11.80 1.24
CA GLU B 110 6.45 12.54 0.41
C GLU B 110 7.32 11.50 -0.24
N LYS B 111 6.75 10.79 -1.19
CA LYS B 111 7.42 9.67 -1.86
C LYS B 111 8.31 10.22 -2.97
N SER B 112 9.46 9.63 -3.11
CA SER B 112 10.39 9.93 -4.16
C SER B 112 9.95 9.34 -5.52
N VAL B 113 10.13 10.07 -6.59
CA VAL B 113 9.83 9.58 -7.93
C VAL B 113 11.18 9.43 -8.62
N GLU B 114 11.41 8.26 -9.20
CA GLU B 114 12.62 7.97 -9.91
C GLU B 114 12.31 7.24 -11.21
N ASN B 115 11.72 7.97 -12.13
CA ASN B 115 11.41 7.54 -13.50
C ASN B 115 12.71 6.96 -14.09
N MET B 116 13.68 7.83 -14.32
CA MET B 116 14.98 7.44 -14.79
C MET B 116 15.94 7.19 -13.66
N LYS B 117 16.71 6.11 -13.77
CA LYS B 117 17.59 5.70 -12.69
C LYS B 117 18.61 6.79 -12.43
N GLY B 118 18.81 7.11 -11.16
CA GLY B 118 19.74 8.19 -10.76
C GLY B 118 19.19 9.61 -10.88
N VAL B 119 17.92 9.76 -11.25
CA VAL B 119 17.22 11.05 -11.29
C VAL B 119 16.09 11.00 -10.26
N GLN B 120 16.34 11.47 -9.04
CA GLN B 120 15.35 11.38 -7.94
C GLN B 120 14.76 12.68 -7.59
N CYS B 121 13.44 12.75 -7.62
CA CYS B 121 12.71 13.96 -7.31
C CYS B 121 11.60 13.71 -6.31
N LYS B 122 11.27 14.72 -5.54
CA LYS B 122 10.28 14.64 -4.46
C LYS B 122 9.67 16.00 -4.23
N ARG B 123 8.51 16.01 -3.59
CA ARG B 123 7.85 17.21 -3.16
C ARG B 123 7.65 17.17 -1.64
N VAL B 124 8.14 18.18 -0.90
CA VAL B 124 8.08 18.19 0.56
C VAL B 124 7.28 19.40 1.02
N ALA B 125 6.55 19.26 2.12
CA ALA B 125 5.74 20.31 2.72
C ALA B 125 6.50 21.08 3.77
N ARG B 126 6.39 22.40 3.76
CA ARG B 126 6.90 23.24 4.81
C ARG B 126 5.88 24.29 5.16
N SER B 127 5.76 24.66 6.45
CA SER B 127 4.77 25.62 6.88
C SER B 127 5.10 27.02 6.49
N ILE B 128 4.05 27.79 6.26
CA ILE B 128 4.15 29.24 6.19
C ILE B 128 4.49 29.79 7.61
N ASN B 129 5.53 30.60 7.69
CA ASN B 129 6.08 30.94 9.01
C ASN B 129 5.14 31.81 9.83
N SER B 130 4.51 32.78 9.18
CA SER B 130 3.72 33.74 9.86
C SER B 130 2.38 33.91 9.12
N VAL B 131 1.29 33.80 9.86
CA VAL B 131 -0.05 33.90 9.28
C VAL B 131 -0.97 34.79 10.11
N GLY B 132 -1.89 35.46 9.43
CA GLY B 132 -2.90 36.31 10.04
C GLY B 132 -4.26 35.72 9.75
N LEU B 133 -5.10 35.64 10.77
CA LEU B 133 -6.41 35.00 10.70
C LEU B 133 -7.49 36.02 11.06
N TYR B 134 -8.42 36.29 10.14
CA TYR B 134 -9.44 37.27 10.41
C TYR B 134 -10.68 36.58 10.90
N VAL B 135 -11.10 36.94 12.12
CA VAL B 135 -12.35 36.41 12.69
C VAL B 135 -13.36 37.55 12.81
N PRO B 136 -14.46 37.49 12.04
CA PRO B 136 -15.40 38.62 12.13
C PRO B 136 -16.02 38.76 13.51
N GLY B 137 -16.52 39.96 13.77
CA GLY B 137 -16.89 40.38 15.11
C GLY B 137 -17.92 41.50 15.12
N GLY B 138 -17.74 42.48 16.01
CA GLY B 138 -18.80 43.44 16.32
C GLY B 138 -19.95 42.70 17.02
N THR B 139 -21.08 42.57 16.32
CA THR B 139 -22.26 41.84 16.84
C THR B 139 -22.32 40.37 16.39
N ALA B 140 -21.30 39.95 15.64
CA ALA B 140 -21.07 38.55 15.31
C ALA B 140 -20.11 38.00 16.34
N VAL B 141 -20.45 36.86 16.94
CA VAL B 141 -19.53 36.13 17.80
C VAL B 141 -19.21 34.90 16.99
N LEU B 142 -17.93 34.70 16.62
CA LEU B 142 -17.59 33.64 15.68
C LEU B 142 -16.41 32.78 16.13
N PRO B 143 -16.52 32.19 17.35
CA PRO B 143 -15.50 31.28 17.81
C PRO B 143 -15.29 30.08 16.86
N SER B 144 -16.33 29.71 16.12
CA SER B 144 -16.21 28.61 15.16
C SER B 144 -15.16 28.92 14.12
N THR B 145 -15.21 30.11 13.57
CA THR B 145 -14.24 30.54 12.57
C THR B 145 -12.84 30.57 13.15
N ALA B 146 -12.72 30.91 14.43
CA ALA B 146 -11.38 30.91 15.12
C ALA B 146 -10.77 29.52 15.03
N LEU B 147 -11.56 28.48 15.30
CA LEU B 147 -11.09 27.10 15.13
C LEU B 147 -10.81 26.71 13.66
N MET B 148 -11.68 27.11 12.77
CA MET B 148 -11.54 26.73 11.34
C MET B 148 -10.16 27.17 10.79
N LEU B 149 -9.73 28.34 11.24
CA LEU B 149 -8.47 28.94 10.87
C LEU B 149 -7.29 28.53 11.71
N ALA B 150 -7.42 28.51 13.05
CA ALA B 150 -6.27 28.33 13.94
C ALA B 150 -5.89 26.89 13.99
N VAL B 151 -6.85 25.97 13.91
CA VAL B 151 -6.47 24.55 14.01
C VAL B 151 -5.52 24.13 12.89
N PRO B 152 -5.84 24.34 11.59
CA PRO B 152 -4.85 23.99 10.57
C PRO B 152 -3.50 24.68 10.65
N ALA B 153 -3.46 25.95 11.04
CA ALA B 153 -2.19 26.63 11.33
C ALA B 153 -1.42 25.92 12.39
N GLN B 154 -2.15 25.42 13.36
CA GLN B 154 -1.53 24.72 14.48
C GLN B 154 -0.94 23.40 13.99
N ILE B 155 -1.70 22.65 13.24
CA ILE B 155 -1.21 21.37 12.69
C ILE B 155 0.00 21.63 11.70
N ALA B 156 -0.06 22.67 10.87
CA ALA B 156 1.04 22.93 9.93
C ALA B 156 2.35 23.35 10.64
N GLY B 157 2.28 24.01 11.79
CA GLY B 157 3.48 24.41 12.50
C GLY B 157 3.77 25.89 12.37
N CYS B 158 2.85 26.70 11.87
CA CYS B 158 3.15 28.14 11.71
C CYS B 158 3.72 28.77 13.03
N LYS B 159 4.83 29.50 12.97
CA LYS B 159 5.44 30.04 14.19
C LYS B 159 4.75 31.25 14.78
N THR B 160 4.31 32.17 13.94
CA THR B 160 3.57 33.35 14.37
C THR B 160 2.16 33.23 13.80
N ILE B 161 1.17 33.30 14.68
CA ILE B 161 -0.25 33.23 14.33
C ILE B 161 -0.99 34.42 14.92
N VAL B 162 -1.33 35.39 14.09
CA VAL B 162 -2.01 36.60 14.54
C VAL B 162 -3.50 36.43 14.26
N LEU B 163 -4.34 36.54 15.29
CA LEU B 163 -5.77 36.49 15.13
C LEU B 163 -6.34 37.86 15.35
N ALA B 164 -7.08 38.34 14.36
CA ALA B 164 -7.68 39.65 14.40
C ALA B 164 -9.16 39.44 14.63
N ASN B 165 -9.71 40.25 15.52
CA ASN B 165 -11.12 40.12 15.89
C ASN B 165 -11.57 41.45 16.51
N PRO B 166 -12.50 42.16 15.84
CA PRO B 166 -12.88 43.47 16.35
C PRO B 166 -13.61 43.32 17.69
N PRO B 167 -13.37 44.25 18.64
CA PRO B 167 -14.05 44.17 19.93
C PRO B 167 -15.56 44.35 19.75
N THR B 168 -16.33 43.60 20.55
CA THR B 168 -17.81 43.61 20.50
C THR B 168 -18.35 44.91 21.09
N ARG B 169 -19.66 45.15 20.92
CA ARG B 169 -20.35 46.39 21.37
C ARG B 169 -19.73 47.04 22.63
N ASP B 170 -19.60 46.26 23.70
CA ASP B 170 -19.02 46.73 24.97
C ASP B 170 -17.53 47.05 24.88
N GLY B 171 -16.81 46.38 23.99
CA GLY B 171 -15.42 46.72 23.64
C GLY B 171 -14.35 45.71 23.99
N THR B 172 -14.75 44.44 23.96
CA THR B 172 -14.04 43.36 24.57
C THR B 172 -13.97 42.28 23.46
N THR B 173 -12.84 41.57 23.34
CA THR B 173 -12.85 40.32 22.54
C THR B 173 -13.66 39.25 23.32
N CYS B 174 -14.70 38.66 22.71
CA CYS B 174 -15.51 37.62 23.41
C CYS B 174 -14.67 36.40 23.89
N LYS B 175 -15.09 35.82 25.00
CA LYS B 175 -14.26 34.82 25.67
C LYS B 175 -14.16 33.50 24.93
N GLU B 176 -15.14 33.18 24.10
CA GLU B 176 -15.16 31.89 23.40
C GLU B 176 -14.12 31.86 22.27
N VAL B 177 -14.02 32.98 21.56
CA VAL B 177 -12.94 33.25 20.59
C VAL B 177 -11.58 33.11 21.25
N LEU B 178 -11.42 33.71 22.43
CA LEU B 178 -10.18 33.57 23.19
C LEU B 178 -9.91 32.11 23.64
N TYR B 179 -10.94 31.38 24.04
CA TYR B 179 -10.75 29.98 24.45
C TYR B 179 -10.21 29.22 23.25
N CYS B 180 -10.84 29.41 22.10
CA CYS B 180 -10.49 28.64 20.91
C CYS B 180 -9.06 29.00 20.44
N ALA B 181 -8.78 30.31 20.45
CA ALA B 181 -7.40 30.80 20.13
C ALA B 181 -6.34 30.16 20.98
N LYS B 182 -6.60 30.07 22.29
CA LYS B 182 -5.64 29.43 23.23
C LYS B 182 -5.49 27.93 22.94
N LYS B 183 -6.58 27.23 22.74
CA LYS B 183 -6.46 25.81 22.46
C LYS B 183 -5.74 25.49 21.10
N ALA B 184 -5.77 26.44 20.15
CA ALA B 184 -5.17 26.22 18.84
C ALA B 184 -3.79 26.91 18.63
N GLY B 185 -3.17 27.38 19.69
CA GLY B 185 -1.86 27.98 19.61
C GLY B 185 -1.73 29.34 18.95
N VAL B 186 -2.81 30.10 18.80
CA VAL B 186 -2.67 31.49 18.39
C VAL B 186 -1.62 32.21 19.31
N THR B 187 -0.75 33.01 18.70
CA THR B 187 0.37 33.70 19.39
C THR B 187 0.01 35.13 19.75
N HIS B 188 -0.66 35.86 18.86
CA HIS B 188 -1.03 37.25 19.08
C HIS B 188 -2.52 37.46 18.77
N LEU B 189 -3.16 38.30 19.58
CA LEU B 189 -4.50 38.77 19.29
C LEU B 189 -4.48 40.23 18.90
N LEU B 190 -4.97 40.52 17.70
CA LEU B 190 -5.11 41.87 17.21
C LEU B 190 -6.56 42.30 17.38
N LYS B 191 -6.77 43.27 18.28
CA LYS B 191 -8.12 43.60 18.69
C LYS B 191 -8.60 44.71 17.80
N ALA B 192 -8.71 44.38 16.51
CA ALA B 192 -9.29 45.22 15.46
C ALA B 192 -9.93 44.33 14.41
N GLY B 193 -10.71 44.95 13.54
CA GLY B 193 -11.37 44.32 12.44
C GLY B 193 -11.28 45.23 11.25
N GLY B 194 -12.04 44.92 10.20
CA GLY B 194 -12.09 45.73 9.01
C GLY B 194 -10.80 45.68 8.21
N ALA B 195 -10.80 46.43 7.13
CA ALA B 195 -9.64 46.62 6.29
C ALA B 195 -8.40 47.13 7.05
N GLN B 196 -8.60 47.92 8.10
CA GLN B 196 -7.48 48.32 8.96
C GLN B 196 -6.82 47.13 9.68
N ALA B 197 -7.60 46.14 10.08
CA ALA B 197 -6.99 44.93 10.62
C ALA B 197 -6.11 44.17 9.57
N ILE B 198 -6.65 44.08 8.35
CA ILE B 198 -5.98 43.36 7.25
C ILE B 198 -4.69 44.10 6.92
N SER B 199 -4.76 45.44 6.88
CA SER B 199 -3.56 46.25 6.54
C SER B 199 -2.48 46.11 7.61
N ALA B 200 -2.89 46.08 8.86
CA ALA B 200 -1.97 45.98 9.98
C ALA B 200 -1.20 44.68 9.93
N MET B 201 -1.90 43.58 9.67
CA MET B 201 -1.24 42.28 9.45
C MET B 201 -0.35 42.21 8.20
N ALA B 202 -0.78 42.81 7.09
CA ALA B 202 -0.05 42.75 5.83
C ALA B 202 1.24 43.56 5.87
N TRP B 203 1.12 44.77 6.43
CA TRP B 203 2.28 45.69 6.55
C TRP B 203 3.08 45.52 7.80
N GLY B 204 2.47 44.99 8.85
CA GLY B 204 3.03 45.03 10.18
C GLY B 204 2.79 46.42 10.74
N THR B 205 2.75 46.54 12.06
CA THR B 205 2.73 47.84 12.73
C THR B 205 3.83 47.85 13.80
N GLU B 206 3.89 48.91 14.61
CA GLU B 206 4.82 48.95 15.75
C GLU B 206 4.67 47.73 16.69
N THR B 207 3.45 47.25 16.88
CA THR B 207 3.20 46.06 17.69
C THR B 207 2.53 44.86 16.94
N CYS B 208 2.06 45.05 15.70
CA CYS B 208 1.44 43.94 14.96
C CYS B 208 2.52 43.25 14.15
N PRO B 209 2.76 41.94 14.37
CA PRO B 209 3.63 41.18 13.43
C PRO B 209 3.18 41.32 11.97
N LYS B 210 4.15 41.46 11.06
CA LYS B 210 3.91 41.36 9.63
C LYS B 210 3.74 39.84 9.34
N VAL B 211 2.67 39.46 8.63
CA VAL B 211 2.42 38.05 8.30
C VAL B 211 2.65 37.81 6.83
N GLU B 212 2.86 36.56 6.46
CA GLU B 212 3.06 36.19 5.04
C GLU B 212 1.77 35.88 4.29
N LYS B 213 0.75 35.47 5.03
CA LYS B 213 -0.54 35.05 4.42
C LYS B 213 -1.66 35.38 5.38
N ILE B 214 -2.76 35.95 4.83
CA ILE B 214 -3.92 36.32 5.57
C ILE B 214 -5.12 35.56 5.09
N PHE B 215 -5.88 35.09 6.07
CA PHE B 215 -6.97 34.12 5.88
C PHE B 215 -8.22 34.71 6.44
N GLY B 216 -9.35 34.34 5.86
CA GLY B 216 -10.61 34.36 6.60
C GLY B 216 -11.80 35.08 6.01
N PRO B 217 -12.98 34.75 6.54
CA PRO B 217 -14.18 35.32 5.99
C PRO B 217 -14.39 36.72 6.59
N GLY B 218 -15.09 37.56 5.88
CA GLY B 218 -15.39 38.90 6.33
C GLY B 218 -16.41 39.49 5.39
N ASN B 219 -16.77 40.74 5.66
CA ASN B 219 -17.69 41.49 4.84
C ASN B 219 -17.03 41.94 3.57
N GLN B 220 -17.78 42.61 2.70
CA GLN B 220 -17.26 43.02 1.40
C GLN B 220 -15.97 43.85 1.47
N TYR B 221 -15.81 44.63 2.56
CA TYR B 221 -14.68 45.53 2.74
C TYR B 221 -13.42 44.79 3.16
N VAL B 222 -13.58 43.84 4.06
CA VAL B 222 -12.45 43.00 4.50
C VAL B 222 -11.95 42.23 3.28
N THR B 223 -12.87 41.63 2.57
CA THR B 223 -12.54 40.84 1.40
C THR B 223 -11.79 41.68 0.39
N ALA B 224 -12.27 42.89 0.13
CA ALA B 224 -11.56 43.79 -0.80
C ALA B 224 -10.16 44.20 -0.36
N ALA B 225 -10.01 44.37 0.96
CA ALA B 225 -8.68 44.69 1.56
C ALA B 225 -7.69 43.56 1.26
N LYS B 226 -8.13 42.33 1.54
CA LYS B 226 -7.33 41.15 1.20
C LYS B 226 -6.86 41.16 -0.25
N MET B 227 -7.82 41.36 -1.16
CA MET B 227 -7.59 41.31 -2.57
C MET B 227 -6.63 42.41 -3.06
N ILE B 228 -6.79 43.61 -2.51
CA ILE B 228 -5.91 44.74 -2.78
C ILE B 228 -4.49 44.43 -2.29
N LEU B 229 -4.36 44.01 -1.04
CA LEU B 229 -3.05 43.79 -0.48
C LEU B 229 -2.26 42.61 -1.08
N GLN B 230 -2.95 41.66 -1.72
CA GLN B 230 -2.22 40.58 -2.38
C GLN B 230 -1.47 41.08 -3.61
N ASN B 231 -1.89 42.19 -4.22
CA ASN B 231 -1.16 42.80 -5.31
C ASN B 231 -0.14 43.86 -4.81
N SER B 232 -0.01 44.05 -3.50
CA SER B 232 0.75 45.22 -3.02
C SER B 232 2.20 44.83 -2.85
N GLU B 233 3.03 45.82 -2.46
CA GLU B 233 4.43 45.62 -2.10
C GLU B 233 4.56 45.10 -0.69
N ALA B 234 3.43 44.84 -0.04
CA ALA B 234 3.44 44.32 1.32
C ALA B 234 4.01 42.88 1.41
N MET B 235 4.06 42.17 0.28
CA MET B 235 4.54 40.73 0.20
C MET B 235 3.62 39.88 1.04
N VAL B 236 2.39 39.72 0.59
CA VAL B 236 1.45 38.92 1.38
C VAL B 236 0.58 38.16 0.38
N SER B 237 0.14 36.95 0.74
CA SER B 237 -0.87 36.25 -0.05
C SER B 237 -2.14 36.12 0.78
N ILE B 238 -3.19 35.62 0.16
CA ILE B 238 -4.41 35.36 0.88
C ILE B 238 -4.97 34.01 0.54
N ASP B 239 -5.91 33.54 1.36
CA ASP B 239 -6.56 32.27 1.09
C ASP B 239 -7.46 32.36 -0.12
N MET B 240 -8.39 33.30 -0.10
CA MET B 240 -9.45 33.41 -1.11
C MET B 240 -10.38 34.56 -0.78
N PRO B 241 -11.22 34.97 -1.75
CA PRO B 241 -12.39 35.79 -1.42
C PRO B 241 -13.50 34.99 -0.76
N ALA B 242 -13.62 35.20 0.54
CA ALA B 242 -14.59 34.52 1.41
C ALA B 242 -15.48 35.59 2.01
N GLY B 243 -16.61 35.84 1.35
CA GLY B 243 -17.51 36.92 1.72
C GLY B 243 -18.74 36.42 2.44
N PRO B 244 -19.86 37.15 2.32
CA PRO B 244 -21.10 36.70 3.00
C PRO B 244 -21.54 35.30 2.54
N SER B 245 -22.08 34.52 3.48
CA SER B 245 -22.40 33.12 3.25
C SER B 245 -23.49 32.93 2.21
N GLU B 246 -23.35 31.83 1.46
CA GLU B 246 -24.29 31.43 0.45
C GLU B 246 -24.61 29.98 0.64
N VAL B 247 -25.83 29.58 0.34
CA VAL B 247 -26.12 28.13 0.33
C VAL B 247 -27.00 27.92 -0.88
N LEU B 248 -26.75 26.85 -1.64
CA LEU B 248 -27.69 26.38 -2.61
C LEU B 248 -28.17 25.03 -2.18
N VAL B 249 -29.48 24.84 -2.14
CA VAL B 249 -30.09 23.59 -1.77
C VAL B 249 -30.76 22.98 -2.99
N ILE B 250 -30.46 21.73 -3.27
CA ILE B 250 -31.18 20.97 -4.28
C ILE B 250 -32.13 20.07 -3.50
N ALA B 251 -33.44 20.20 -3.78
CA ALA B 251 -34.44 19.37 -3.12
C ALA B 251 -35.32 18.60 -4.13
N ASP B 252 -35.63 17.36 -3.81
CA ASP B 252 -36.63 16.58 -4.60
C ASP B 252 -37.88 16.37 -3.79
N LYS B 253 -38.82 15.62 -4.39
CA LYS B 253 -40.08 15.28 -3.71
C LYS B 253 -39.95 14.60 -2.37
N HIS B 254 -38.84 13.94 -2.06
CA HIS B 254 -38.67 13.31 -0.75
C HIS B 254 -38.18 14.21 0.36
N ALA B 255 -37.80 15.46 0.05
CA ALA B 255 -37.28 16.38 1.04
C ALA B 255 -38.46 16.85 1.86
N ILE B 256 -38.25 17.02 3.17
CA ILE B 256 -39.27 17.55 4.05
C ILE B 256 -39.22 19.07 3.98
N PRO B 257 -40.32 19.68 3.53
CA PRO B 257 -40.32 21.11 3.33
C PRO B 257 -39.90 21.99 4.46
N SER B 258 -40.23 21.62 5.71
CA SER B 258 -39.75 22.40 6.85
C SER B 258 -38.23 22.33 7.05
N HIS B 259 -37.64 21.22 6.69
CA HIS B 259 -36.17 21.04 6.75
C HIS B 259 -35.50 21.83 5.65
N VAL B 260 -36.08 21.86 4.45
CA VAL B 260 -35.56 22.64 3.35
C VAL B 260 -35.61 24.13 3.73
N ALA B 261 -36.78 24.59 4.20
CA ALA B 261 -36.87 25.98 4.68
C ALA B 261 -35.87 26.33 5.79
N ALA B 262 -35.68 25.46 6.76
CA ALA B 262 -34.72 25.68 7.85
C ALA B 262 -33.28 25.77 7.32
N ASP B 263 -32.94 24.94 6.33
CA ASP B 263 -31.62 25.04 5.68
C ASP B 263 -31.41 26.37 5.00
N LEU B 264 -32.36 26.82 4.23
CA LEU B 264 -32.25 28.11 3.57
C LEU B 264 -32.08 29.22 4.57
N LEU B 265 -32.92 29.21 5.60
CA LEU B 265 -32.87 30.22 6.63
C LEU B 265 -31.58 30.14 7.45
N SER B 266 -30.97 28.96 7.58
CA SER B 266 -29.77 28.83 8.45
C SER B 266 -28.72 29.83 7.99
N GLN B 267 -28.52 29.91 6.70
CA GLN B 267 -27.56 30.86 6.19
C GLN B 267 -28.09 32.21 5.83
N ALA B 268 -29.38 32.34 5.50
CA ALA B 268 -29.94 33.68 5.28
C ALA B 268 -29.68 34.59 6.49
N GLU B 269 -29.74 34.03 7.70
CA GLU B 269 -29.63 34.82 8.93
C GLU B 269 -28.27 35.45 9.17
N HIS B 270 -27.24 35.07 8.38
CA HIS B 270 -25.90 35.63 8.56
C HIS B 270 -25.88 37.16 8.31
N GLY B 271 -26.71 37.63 7.38
CA GLY B 271 -26.72 39.01 7.08
C GLY B 271 -27.53 39.32 5.87
N PRO B 272 -27.83 40.61 5.70
CA PRO B 272 -28.67 41.06 4.59
C PRO B 272 -28.04 40.81 3.20
N ASP B 273 -26.72 40.73 3.12
CA ASP B 273 -26.05 40.48 1.86
C ASP B 273 -25.79 38.97 1.53
N SER B 274 -26.28 38.08 2.37
CA SER B 274 -26.26 36.67 2.07
C SER B 274 -27.25 36.31 0.96
N GLN B 275 -27.02 35.17 0.31
CA GLN B 275 -27.84 34.75 -0.82
C GLN B 275 -28.05 33.26 -0.69
N VAL B 276 -29.24 32.83 -1.00
CA VAL B 276 -29.66 31.45 -0.76
C VAL B 276 -30.38 31.12 -2.08
N VAL B 277 -30.20 29.90 -2.58
CA VAL B 277 -30.81 29.47 -3.79
C VAL B 277 -31.43 28.11 -3.57
N LEU B 278 -32.67 27.92 -3.99
CA LEU B 278 -33.30 26.62 -3.94
C LEU B 278 -33.48 26.14 -5.35
N VAL B 279 -33.04 24.90 -5.63
CA VAL B 279 -33.23 24.33 -6.91
C VAL B 279 -34.16 23.14 -6.66
N ILE B 280 -35.34 23.18 -7.28
CA ILE B 280 -36.28 22.09 -7.16
C ILE B 280 -35.91 21.14 -8.32
N ALA B 281 -35.59 19.88 -8.01
CA ALA B 281 -35.25 18.87 -9.00
C ALA B 281 -36.41 17.90 -9.20
N GLY B 282 -36.95 17.92 -10.40
CA GLY B 282 -38.03 17.03 -10.81
C GLY B 282 -39.40 17.42 -10.28
N ASP B 283 -40.31 16.46 -10.38
CA ASP B 283 -41.71 16.69 -10.01
C ASP B 283 -42.03 16.36 -8.56
N GLY B 284 -43.26 16.66 -8.18
CA GLY B 284 -43.79 16.25 -6.92
C GLY B 284 -43.43 17.11 -5.73
N VAL B 285 -42.68 18.19 -5.94
CA VAL B 285 -42.27 19.04 -4.83
C VAL B 285 -43.32 20.11 -4.57
N ASP B 286 -43.76 20.22 -3.32
CA ASP B 286 -44.70 21.28 -2.92
C ASP B 286 -43.99 22.61 -2.57
N GLN B 287 -43.78 23.44 -3.58
CA GLN B 287 -43.13 24.72 -3.40
C GLN B 287 -43.87 25.67 -2.47
N ASN B 288 -45.21 25.62 -2.47
CA ASN B 288 -45.98 26.47 -1.60
C ASN B 288 -45.77 26.13 -0.14
N ALA B 289 -45.67 24.85 0.18
CA ALA B 289 -45.36 24.40 1.55
C ALA B 289 -43.95 24.89 2.00
N ILE B 290 -42.97 24.89 1.07
CA ILE B 290 -41.60 25.35 1.41
C ILE B 290 -41.67 26.85 1.66
N GLN B 291 -42.40 27.57 0.82
CA GLN B 291 -42.56 29.03 0.94
C GLN B 291 -43.22 29.44 2.26
N GLU B 292 -44.33 28.75 2.62
CA GLU B 292 -45.05 29.03 3.90
C GLU B 292 -44.17 28.74 5.10
N GLU B 293 -43.48 27.63 4.99
CA GLU B 293 -42.54 27.22 6.01
C GLU B 293 -41.39 28.25 6.17
N VAL B 294 -40.84 28.73 5.07
CA VAL B 294 -39.86 29.80 5.13
C VAL B 294 -40.46 31.01 5.85
N SER B 295 -41.65 31.45 5.42
CA SER B 295 -42.26 32.68 5.99
C SER B 295 -42.52 32.60 7.49
N LYS B 296 -43.13 31.49 7.91
CA LYS B 296 -43.44 31.19 9.30
C LYS B 296 -42.19 31.10 10.17
N GLN B 297 -41.21 30.34 9.69
CA GLN B 297 -39.93 30.17 10.41
C GLN B 297 -39.16 31.49 10.55
N CYS B 298 -39.10 32.25 9.47
CA CYS B 298 -38.40 33.52 9.46
C CYS B 298 -39.03 34.49 10.47
N GLN B 299 -40.36 34.53 10.51
CA GLN B 299 -41.06 35.44 11.45
C GLN B 299 -40.74 35.14 12.92
N SER B 300 -40.47 33.87 13.27
CA SER B 300 -40.03 33.53 14.66
C SER B 300 -38.53 33.66 14.96
N LEU B 301 -37.73 34.16 14.02
CA LEU B 301 -36.26 34.22 14.24
C LEU B 301 -35.80 35.53 14.82
N PRO B 302 -34.95 35.50 15.86
CA PRO B 302 -34.28 36.71 16.35
C PRO B 302 -33.72 37.60 15.24
N ARG B 303 -33.01 37.01 14.26
CA ARG B 303 -32.43 37.76 13.14
C ARG B 303 -33.27 37.68 11.88
N GLY B 304 -34.59 37.53 12.05
CA GLY B 304 -35.52 37.39 10.95
C GLY B 304 -35.44 38.51 9.96
N GLU B 305 -35.01 39.68 10.47
CA GLU B 305 -34.83 40.88 9.66
C GLU B 305 -33.71 40.77 8.62
N PHE B 306 -32.52 40.41 9.09
CA PHE B 306 -31.42 39.99 8.26
C PHE B 306 -31.86 38.95 7.26
N ALA B 307 -32.50 37.89 7.75
CA ALA B 307 -32.94 36.76 6.90
C ALA B 307 -33.92 37.22 5.85
N ALA B 308 -34.87 38.12 6.19
CA ALA B 308 -35.83 38.55 5.18
C ALA B 308 -35.11 39.35 4.10
N LYS B 309 -34.09 40.11 4.48
CA LYS B 309 -33.36 40.91 3.49
C LYS B 309 -32.49 40.07 2.54
N ALA B 310 -31.84 39.03 3.08
CA ALA B 310 -31.12 38.02 2.29
C ALA B 310 -32.10 37.35 1.34
N LEU B 311 -33.24 36.94 1.87
CA LEU B 311 -34.27 36.27 1.03
C LEU B 311 -34.79 37.12 -0.16
N SER B 312 -34.71 38.45 -0.05
CA SER B 312 -35.15 39.35 -1.09
C SER B 312 -34.29 39.31 -2.35
N HIS B 313 -33.02 38.90 -2.25
CA HIS B 313 -32.22 38.58 -3.44
C HIS B 313 -31.96 37.06 -3.66
N SER B 314 -32.73 36.23 -2.98
CA SER B 314 -32.65 34.78 -3.12
C SER B 314 -33.71 34.37 -4.13
N PHE B 315 -33.62 33.16 -4.64
CA PHE B 315 -34.55 32.72 -5.65
C PHE B 315 -34.63 31.23 -5.72
N ILE B 316 -35.70 30.77 -6.37
CA ILE B 316 -36.02 29.37 -6.55
C ILE B 316 -35.89 29.09 -8.03
N VAL B 317 -35.27 27.98 -8.37
CA VAL B 317 -35.09 27.54 -9.76
C VAL B 317 -35.70 26.17 -9.89
N HIS B 318 -36.54 25.95 -10.90
CA HIS B 318 -37.04 24.62 -11.22
C HIS B 318 -36.24 23.93 -12.28
N ALA B 319 -35.83 22.72 -12.00
CA ALA B 319 -35.05 21.94 -12.94
C ALA B 319 -35.84 20.67 -13.22
N ARG B 320 -35.79 20.21 -14.47
CA ARG B 320 -36.61 19.07 -14.88
C ARG B 320 -36.17 17.80 -14.28
N ASP B 321 -34.86 17.68 -14.00
CA ASP B 321 -34.31 16.50 -13.33
C ASP B 321 -33.01 16.87 -12.55
N MET B 322 -32.38 15.87 -11.94
CA MET B 322 -31.16 16.09 -11.15
C MET B 322 -29.98 16.49 -11.94
N LEU B 323 -29.80 15.92 -13.12
CA LEU B 323 -28.76 16.36 -14.01
C LEU B 323 -28.78 17.88 -14.29
N GLU B 324 -29.97 18.41 -14.64
CA GLU B 324 -30.13 19.82 -14.95
C GLU B 324 -29.94 20.64 -13.64
N ALA B 325 -30.42 20.15 -12.51
CA ALA B 325 -30.21 20.81 -11.20
C ALA B 325 -28.74 20.98 -10.85
N ILE B 326 -27.98 19.91 -11.00
CA ILE B 326 -26.60 19.94 -10.66
C ILE B 326 -25.77 20.75 -11.69
N THR B 327 -26.17 20.68 -12.97
CA THR B 327 -25.59 21.55 -14.01
C THR B 327 -25.78 23.01 -13.65
N PHE B 328 -26.98 23.40 -13.27
CA PHE B 328 -27.21 24.77 -12.80
C PHE B 328 -26.34 25.14 -11.56
N SER B 329 -26.29 24.25 -10.57
CA SER B 329 -25.48 24.51 -9.39
C SER B 329 -24.02 24.75 -9.74
N ASN B 330 -23.48 23.94 -10.64
CA ASN B 330 -22.09 24.08 -11.08
C ASN B 330 -21.83 25.43 -11.74
N MET B 331 -22.82 25.98 -12.46
CA MET B 331 -22.71 27.33 -13.01
C MET B 331 -22.71 28.36 -11.90
N TYR B 332 -23.68 28.26 -10.99
CA TYR B 332 -23.75 29.19 -9.89
C TYR B 332 -22.47 29.13 -9.03
N ALA B 333 -21.97 27.92 -8.82
CA ALA B 333 -20.77 27.67 -8.04
C ALA B 333 -20.89 28.11 -6.57
N PRO B 334 -21.78 27.44 -5.82
CA PRO B 334 -22.07 27.91 -4.46
C PRO B 334 -20.96 27.66 -3.43
N GLU B 335 -20.85 28.57 -2.45
CA GLU B 335 -20.03 28.33 -1.27
C GLU B 335 -20.36 26.99 -0.65
N HIS B 336 -21.67 26.74 -0.46
CA HIS B 336 -22.20 25.53 0.18
C HIS B 336 -23.31 24.95 -0.65
N LEU B 337 -23.27 23.63 -0.79
CA LEU B 337 -24.27 22.90 -1.54
C LEU B 337 -24.89 21.80 -0.70
N ILE B 338 -26.20 21.81 -0.52
CA ILE B 338 -26.86 20.78 0.19
C ILE B 338 -27.69 20.03 -0.82
N ILE B 339 -27.44 18.73 -0.95
CA ILE B 339 -28.17 17.90 -1.86
C ILE B 339 -29.15 17.01 -1.05
N ASN B 340 -30.38 17.48 -0.92
CA ASN B 340 -31.40 16.79 -0.19
C ASN B 340 -32.30 16.12 -1.24
N VAL B 341 -31.76 15.03 -1.78
CA VAL B 341 -32.47 14.23 -2.73
C VAL B 341 -32.21 12.78 -2.45
N LYS B 342 -33.06 11.93 -2.98
CA LYS B 342 -32.89 10.49 -2.86
C LYS B 342 -31.61 10.01 -3.52
N ASP B 343 -30.88 9.12 -2.86
CA ASP B 343 -29.59 8.61 -3.35
C ASP B 343 -28.59 9.79 -3.59
N ALA B 344 -28.60 10.78 -2.72
CA ALA B 344 -27.80 11.99 -2.90
C ALA B 344 -26.33 11.64 -3.21
N GLU B 345 -25.77 10.69 -2.47
CA GLU B 345 -24.35 10.29 -2.55
C GLU B 345 -23.96 9.86 -4.01
N LYS B 346 -24.92 9.33 -4.75
CA LYS B 346 -24.69 8.86 -6.12
C LYS B 346 -24.46 9.97 -7.10
N TRP B 347 -24.88 11.20 -6.73
CA TRP B 347 -24.70 12.36 -7.57
C TRP B 347 -23.34 13.07 -7.37
N GLU B 348 -22.52 12.60 -6.45
CA GLU B 348 -21.30 13.24 -6.09
C GLU B 348 -20.37 13.47 -7.28
N SER B 349 -20.25 12.49 -8.15
CA SER B 349 -19.42 12.61 -9.35
C SER B 349 -19.81 13.75 -10.27
N PHE B 350 -21.06 14.23 -10.22
CA PHE B 350 -21.47 15.36 -11.07
C PHE B 350 -21.15 16.74 -10.53
N ILE B 351 -20.68 16.80 -9.28
CA ILE B 351 -20.45 18.04 -8.63
C ILE B 351 -19.11 18.53 -9.11
N GLU B 352 -19.07 19.75 -9.64
CA GLU B 352 -17.85 20.34 -10.19
C GLU B 352 -17.38 21.61 -9.45
N ASN B 353 -18.28 22.52 -9.12
CA ASN B 353 -17.95 23.77 -8.47
C ASN B 353 -18.84 23.93 -7.25
N ALA B 354 -18.25 23.80 -6.08
CA ALA B 354 -18.93 23.95 -4.80
C ALA B 354 -17.86 24.02 -3.71
N GLY B 355 -17.90 24.89 -2.75
CA GLY B 355 -16.92 24.82 -1.66
C GLY B 355 -17.01 23.58 -0.77
N SER B 356 -18.22 23.29 -0.30
CA SER B 356 -18.44 22.21 0.64
C SER B 356 -19.84 21.67 0.36
N VAL B 357 -19.95 20.38 0.36
CA VAL B 357 -21.20 19.67 0.02
C VAL B 357 -21.73 18.80 1.17
N PHE B 358 -23.05 18.83 1.38
CA PHE B 358 -23.76 18.16 2.46
C PHE B 358 -24.77 17.22 1.78
N LEU B 359 -24.63 15.93 2.00
CA LEU B 359 -25.41 14.97 1.24
C LEU B 359 -26.50 14.37 2.08
N GLY B 360 -27.73 14.40 1.57
CA GLY B 360 -28.83 13.65 2.21
C GLY B 360 -29.66 14.51 3.12
N SER B 361 -30.50 13.85 3.90
CA SER B 361 -31.61 14.53 4.58
C SER B 361 -31.24 14.92 6.01
N TRP B 362 -30.18 14.31 6.57
CA TRP B 362 -29.79 14.50 7.97
C TRP B 362 -28.50 15.32 8.08
N THR B 363 -28.18 16.10 7.04
CA THR B 363 -26.91 16.81 6.91
C THR B 363 -27.18 18.27 6.62
N PRO B 364 -27.63 19.00 7.63
CA PRO B 364 -27.74 20.42 7.44
C PRO B 364 -26.32 21.07 7.36
N GLU B 365 -26.20 22.15 6.61
CA GLU B 365 -24.96 22.91 6.53
C GLU B 365 -24.46 23.26 7.94
N SER B 366 -25.38 23.50 8.90
CA SER B 366 -25.01 23.80 10.28
C SER B 366 -23.92 22.87 10.79
N VAL B 367 -23.96 21.58 10.48
CA VAL B 367 -22.97 20.69 11.05
C VAL B 367 -21.57 20.94 10.54
N GLY B 368 -21.44 21.35 9.28
CA GLY B 368 -20.11 21.72 8.74
C GLY B 368 -19.72 23.12 9.14
N ASP B 369 -20.68 24.01 9.32
CA ASP B 369 -20.38 25.32 9.90
C ASP B 369 -19.70 25.20 11.28
N TYR B 370 -20.12 24.23 12.06
CA TYR B 370 -19.67 24.06 13.42
C TYR B 370 -18.76 22.95 13.87
N ALA B 371 -19.04 21.71 13.52
CA ALA B 371 -18.28 20.65 14.11
C ALA B 371 -18.04 19.35 13.40
N SER B 372 -18.48 19.20 12.17
CA SER B 372 -18.27 17.96 11.44
C SER B 372 -16.78 17.69 11.23
N GLY B 373 -16.03 18.76 11.06
CA GLY B 373 -14.59 18.73 10.91
C GLY B 373 -14.12 19.37 9.61
N THR B 374 -15.01 19.58 8.64
CA THR B 374 -14.67 20.22 7.39
C THR B 374 -14.50 21.68 7.67
N ASN B 375 -13.96 22.44 6.71
CA ASN B 375 -13.66 23.81 6.97
C ASN B 375 -14.74 24.69 6.43
N HIS B 376 -15.21 25.65 7.21
CA HIS B 376 -16.24 26.55 6.78
C HIS B 376 -15.75 27.81 6.06
N VAL B 377 -14.43 28.01 6.01
CA VAL B 377 -13.90 29.18 5.34
C VAL B 377 -13.76 28.80 3.89
N LEU B 378 -14.69 29.29 3.09
CA LEU B 378 -14.96 28.80 1.78
C LEU B 378 -15.15 29.91 0.77
N PRO B 379 -14.84 29.68 -0.51
CA PRO B 379 -15.00 30.76 -1.50
C PRO B 379 -16.44 31.11 -1.88
N THR B 380 -16.72 32.40 -1.96
CA THR B 380 -18.05 32.88 -2.28
C THR B 380 -17.99 33.55 -3.65
N TYR B 381 -19.14 34.01 -4.14
CA TYR B 381 -19.23 34.87 -5.33
C TYR B 381 -19.10 34.14 -6.65
N GLY B 382 -18.91 32.80 -6.63
CA GLY B 382 -18.50 32.07 -7.81
C GLY B 382 -17.01 31.65 -7.83
N TYR B 383 -16.23 32.13 -6.87
CA TYR B 383 -14.83 31.75 -6.72
C TYR B 383 -14.59 30.24 -6.41
N ALA B 384 -15.68 29.52 -6.08
CA ALA B 384 -15.59 28.06 -6.06
C ALA B 384 -15.27 27.43 -7.38
N ARG B 385 -15.28 28.23 -8.44
CA ARG B 385 -14.87 27.80 -9.75
C ARG B 385 -13.38 27.46 -9.76
N MET B 386 -12.59 28.19 -9.00
CA MET B 386 -11.16 27.95 -9.02
C MET B 386 -10.40 27.98 -7.72
N TYR B 387 -11.05 28.30 -6.63
CA TYR B 387 -10.45 28.20 -5.29
C TYR B 387 -11.03 27.05 -4.45
N SER B 388 -10.23 26.52 -3.56
CA SER B 388 -10.69 25.54 -2.56
C SER B 388 -10.98 26.24 -1.24
N GLY B 389 -11.81 25.67 -0.36
CA GLY B 389 -11.87 26.12 0.99
C GLY B 389 -10.53 26.02 1.72
N VAL B 390 -10.40 26.66 2.87
CA VAL B 390 -9.17 26.53 3.68
C VAL B 390 -8.96 25.06 4.03
N SER B 391 -7.70 24.57 3.91
CA SER B 391 -7.31 23.24 4.33
C SER B 391 -5.93 23.33 4.94
N LEU B 392 -5.37 22.19 5.31
CA LEU B 392 -4.02 22.13 5.79
C LEU B 392 -3.03 22.73 4.76
N ASP B 393 -3.24 22.42 3.49
CA ASP B 393 -2.39 22.84 2.39
C ASP B 393 -2.34 24.35 2.28
N SER B 394 -3.39 25.04 2.72
CA SER B 394 -3.45 26.49 2.71
C SER B 394 -2.33 27.06 3.58
N PHE B 395 -1.84 26.28 4.53
CA PHE B 395 -0.84 26.78 5.51
C PHE B 395 0.59 26.26 5.21
N LEU B 396 0.75 25.65 4.04
CA LEU B 396 1.98 24.94 3.63
C LEU B 396 2.45 25.48 2.28
N LYS B 397 3.77 25.35 2.05
CA LYS B 397 4.41 25.44 0.70
C LYS B 397 4.90 24.09 0.42
N TYR B 398 4.82 23.66 -0.84
CA TYR B 398 5.39 22.41 -1.28
C TYR B 398 6.62 22.70 -2.12
N ILE B 399 7.80 22.33 -1.63
CA ILE B 399 9.09 22.59 -2.24
C ILE B 399 9.43 21.33 -3.03
N THR B 400 9.83 21.45 -4.30
CA THR B 400 10.35 20.33 -5.05
C THR B 400 11.80 20.19 -4.82
N VAL B 401 12.26 18.97 -4.75
CA VAL B 401 13.63 18.68 -4.40
C VAL B 401 14.09 17.64 -5.41
N GLN B 402 15.29 17.78 -5.94
CA GLN B 402 15.85 16.78 -6.83
C GLN B 402 17.33 16.56 -6.60
N SER B 403 17.78 15.37 -6.87
CA SER B 403 19.16 15.00 -6.75
C SER B 403 19.51 13.94 -7.80
N LEU B 404 20.61 14.17 -8.48
CA LEU B 404 21.06 13.27 -9.49
C LEU B 404 22.37 12.65 -9.03
N THR B 405 22.57 11.37 -9.35
CA THR B 405 23.89 10.77 -9.32
C THR B 405 24.61 11.13 -10.62
N GLU B 406 25.90 10.91 -10.65
CA GLU B 406 26.67 10.92 -11.91
C GLU B 406 26.04 10.15 -13.06
N GLU B 407 25.62 8.93 -12.79
CA GLU B 407 24.90 8.14 -13.75
C GLU B 407 23.63 8.88 -14.23
N GLY B 408 22.85 9.43 -13.30
CA GLY B 408 21.68 10.20 -13.65
C GLY B 408 21.98 11.36 -14.58
N LEU B 409 23.04 12.09 -14.28
CA LEU B 409 23.40 13.24 -15.11
C LEU B 409 23.92 12.81 -16.47
N ARG B 410 24.68 11.71 -16.54
CA ARG B 410 25.14 11.17 -17.84
C ARG B 410 24.01 10.76 -18.78
N LYS B 411 22.95 10.24 -18.18
CA LYS B 411 21.77 9.82 -18.92
C LYS B 411 20.89 11.04 -19.32
N LEU B 412 20.52 11.88 -18.33
CA LEU B 412 19.61 12.99 -18.57
C LEU B 412 20.27 14.20 -19.19
N GLY B 413 21.52 14.45 -18.84
CA GLY B 413 22.18 15.68 -19.23
C GLY B 413 22.25 15.98 -20.73
N PRO B 414 22.54 14.98 -21.58
CA PRO B 414 22.45 15.20 -23.05
C PRO B 414 21.12 15.75 -23.59
N TYR B 415 20.00 15.30 -23.03
CA TYR B 415 18.70 15.83 -23.41
C TYR B 415 18.57 17.27 -22.97
N VAL B 416 19.07 17.57 -21.77
CA VAL B 416 19.02 18.91 -21.29
C VAL B 416 19.83 19.86 -22.17
N GLU B 417 21.04 19.46 -22.56
CA GLU B 417 21.87 20.27 -23.48
C GLU B 417 21.12 20.57 -24.77
N THR B 418 20.47 19.57 -25.31
CA THR B 418 19.70 19.74 -26.56
C THR B 418 18.63 20.77 -26.43
N MET B 419 17.87 20.69 -25.32
CA MET B 419 16.78 21.60 -25.11
C MET B 419 17.27 23.00 -24.87
N ALA B 420 18.36 23.15 -24.10
CA ALA B 420 18.90 24.45 -23.82
C ALA B 420 19.43 25.08 -25.10
N GLU B 421 20.03 24.27 -25.97
CA GLU B 421 20.46 24.76 -27.30
C GLU B 421 19.29 25.30 -28.10
N VAL B 422 18.21 24.55 -28.16
CA VAL B 422 16.98 25.00 -28.85
C VAL B 422 16.46 26.35 -28.33
N GLU B 423 16.54 26.56 -27.01
CA GLU B 423 16.01 27.80 -26.42
C GLU B 423 17.01 28.95 -26.50
N GLY B 424 18.24 28.69 -26.90
CA GLY B 424 19.22 29.76 -27.06
C GLY B 424 19.87 30.12 -25.73
N LEU B 425 20.08 29.12 -24.86
CA LEU B 425 20.49 29.34 -23.46
C LEU B 425 21.73 28.53 -23.16
N GLU B 426 22.83 29.00 -23.72
CA GLU B 426 24.12 28.34 -23.63
C GLU B 426 24.64 28.21 -22.20
N ALA B 427 24.41 29.16 -21.34
CA ALA B 427 24.90 29.00 -19.95
C ALA B 427 24.19 27.81 -19.23
N HIS B 428 22.89 27.63 -19.51
CA HIS B 428 22.15 26.44 -19.03
C HIS B 428 22.74 25.16 -19.56
N LYS B 429 23.10 25.13 -20.84
CA LYS B 429 23.73 23.99 -21.42
C LYS B 429 25.10 23.73 -20.77
N ARG B 430 25.90 24.76 -20.61
CA ARG B 430 27.26 24.57 -20.09
C ARG B 430 27.36 24.14 -18.64
N ALA B 431 26.33 24.39 -17.82
CA ALA B 431 26.36 23.92 -16.44
C ALA B 431 26.24 22.41 -16.44
N VAL B 432 25.64 21.82 -17.48
CA VAL B 432 25.68 20.35 -17.70
C VAL B 432 27.01 19.90 -18.38
N THR B 433 27.39 20.53 -19.49
CA THR B 433 28.56 20.13 -20.30
C THR B 433 29.83 20.12 -19.48
N LEU B 434 30.04 21.16 -18.67
CA LEU B 434 31.22 21.28 -17.85
C LEU B 434 31.32 20.12 -16.85
N ARG B 435 30.22 19.75 -16.20
CA ARG B 435 30.19 18.57 -15.33
C ARG B 435 30.50 17.27 -16.09
N LEU B 436 29.94 17.11 -17.28
CA LEU B 436 30.10 15.86 -18.06
C LEU B 436 31.51 15.70 -18.63
N GLN B 437 32.08 16.79 -19.10
CA GLN B 437 33.48 16.84 -19.48
C GLN B 437 34.41 16.44 -18.35
N ASP B 438 34.20 16.98 -17.17
CA ASP B 438 35.09 16.67 -16.03
C ASP B 438 34.96 15.19 -15.63
N ILE B 439 33.77 14.61 -15.82
CA ILE B 439 33.52 13.17 -15.63
C ILE B 439 34.37 12.37 -16.64
N GLU B 440 34.28 12.77 -17.91
CA GLU B 440 34.97 12.09 -19.03
C GLU B 440 36.50 12.26 -19.00
N ALA B 441 37.01 13.31 -18.36
CA ALA B 441 38.45 13.56 -18.27
C ALA B 441 39.19 12.61 -17.30
N PRO C 10 -36.71 -1.70 -40.27
CA PRO C 10 -37.11 -0.66 -39.32
C PRO C 10 -37.28 -1.22 -37.88
N ILE C 11 -36.35 -0.87 -37.00
CA ILE C 11 -36.34 -1.41 -35.64
C ILE C 11 -37.54 -0.91 -34.79
N LYS C 12 -38.26 -1.84 -34.18
CA LYS C 12 -39.43 -1.49 -33.36
C LYS C 12 -39.08 -0.40 -32.32
N THR C 13 -39.98 0.56 -32.11
CA THR C 13 -39.81 1.59 -31.07
C THR C 13 -40.85 1.45 -29.99
N TYR C 14 -40.44 1.67 -28.75
CA TYR C 14 -41.33 1.75 -27.65
C TYR C 14 -41.12 3.03 -26.86
N HIS C 15 -42.17 3.41 -26.16
CA HIS C 15 -42.15 4.54 -25.26
C HIS C 15 -42.49 4.00 -23.88
N LEU C 16 -41.62 4.23 -22.92
CA LEU C 16 -41.75 3.65 -21.58
C LEU C 16 -43.11 3.96 -20.92
N SER C 17 -43.55 5.22 -20.98
CA SER C 17 -44.81 5.65 -20.33
C SER C 17 -46.09 5.11 -21.01
N ASN C 18 -45.96 4.67 -22.25
CA ASN C 18 -47.07 4.07 -22.99
C ASN C 18 -47.34 2.58 -22.63
N LEU C 19 -46.51 1.98 -21.76
CA LEU C 19 -46.60 0.54 -21.45
C LEU C 19 -47.27 0.26 -20.12
N THR C 20 -48.10 -0.78 -20.07
CA THR C 20 -48.47 -1.41 -18.81
C THR C 20 -47.19 -1.96 -18.14
N GLN C 21 -47.30 -2.24 -16.83
CA GLN C 21 -46.21 -2.87 -16.07
C GLN C 21 -45.83 -4.20 -16.70
N THR C 22 -46.85 -4.97 -17.08
CA THR C 22 -46.69 -6.26 -17.76
C THR C 22 -45.91 -6.11 -19.04
N GLU C 23 -46.24 -5.09 -19.81
CA GLU C 23 -45.58 -4.82 -21.08
C GLU C 23 -44.12 -4.41 -20.88
N LEU C 24 -43.85 -3.57 -19.88
CA LEU C 24 -42.48 -3.15 -19.52
C LEU C 24 -41.62 -4.33 -19.12
N LEU C 25 -42.16 -5.12 -18.20
CA LEU C 25 -41.53 -6.37 -17.79
C LEU C 25 -41.25 -7.32 -18.93
N SER C 26 -42.14 -7.40 -19.92
CA SER C 26 -41.95 -8.29 -21.08
C SER C 26 -40.73 -7.94 -21.93
N LEU C 27 -40.28 -6.69 -21.86
CA LEU C 27 -39.06 -6.24 -22.55
C LEU C 27 -37.77 -6.82 -21.98
N LYS C 28 -37.80 -7.40 -20.79
CA LYS C 28 -36.68 -8.20 -20.29
C LYS C 28 -36.46 -9.47 -21.09
N SER C 29 -37.46 -9.92 -21.87
CA SER C 29 -37.35 -11.26 -22.43
C SER C 29 -36.45 -11.27 -23.67
N ARG C 30 -35.60 -12.27 -23.75
CA ARG C 30 -34.70 -12.45 -24.89
C ARG C 30 -35.40 -13.37 -25.88
N PRO C 31 -34.98 -13.39 -27.15
CA PRO C 31 -35.48 -14.35 -28.17
C PRO C 31 -34.83 -15.73 -27.99
N ARG C 32 -35.01 -16.36 -26.83
CA ARG C 32 -34.43 -17.65 -26.56
C ARG C 32 -35.58 -18.57 -26.25
N ILE C 33 -35.33 -19.86 -26.31
CA ILE C 33 -36.35 -20.84 -26.06
C ILE C 33 -36.40 -20.98 -24.54
N ASP C 34 -37.56 -21.25 -23.96
CA ASP C 34 -37.61 -21.53 -22.52
C ASP C 34 -36.73 -22.70 -22.18
N PHE C 35 -36.12 -22.64 -21.00
CA PHE C 35 -35.02 -23.58 -20.71
C PHE C 35 -35.40 -25.06 -20.75
N SER C 36 -36.53 -25.39 -20.15
CA SER C 36 -36.95 -26.82 -20.02
C SER C 36 -37.24 -27.44 -21.40
N SER C 37 -37.74 -26.64 -22.34
CA SER C 37 -37.86 -27.07 -23.72
C SER C 37 -36.50 -27.29 -24.33
N VAL C 38 -35.54 -26.39 -24.14
CA VAL C 38 -34.18 -26.65 -24.73
C VAL C 38 -33.53 -27.85 -24.04
N PHE C 39 -33.74 -28.01 -22.74
CA PHE C 39 -33.24 -29.18 -22.08
C PHE C 39 -33.75 -30.45 -22.74
N ASP C 40 -35.05 -30.51 -23.03
CA ASP C 40 -35.66 -31.68 -23.73
C ASP C 40 -34.94 -31.99 -25.05
N ILE C 41 -34.56 -30.96 -25.79
CA ILE C 41 -33.90 -31.12 -27.07
C ILE C 41 -32.46 -31.64 -26.93
N VAL C 42 -31.75 -31.10 -25.94
CA VAL C 42 -30.33 -31.42 -25.74
C VAL C 42 -30.05 -32.65 -24.85
N ASN C 43 -30.96 -33.02 -23.96
CA ASN C 43 -30.74 -34.18 -23.05
C ASN C 43 -30.34 -35.47 -23.72
N PRO C 44 -31.02 -35.85 -24.82
CA PRO C 44 -30.64 -37.09 -25.51
C PRO C 44 -29.16 -37.08 -25.91
N ILE C 45 -28.67 -35.91 -26.35
CA ILE C 45 -27.28 -35.79 -26.79
C ILE C 45 -26.33 -35.97 -25.59
N VAL C 46 -26.70 -35.37 -24.46
CA VAL C 46 -25.89 -35.44 -23.22
C VAL C 46 -25.85 -36.88 -22.71
N ASP C 47 -27.02 -37.53 -22.67
CA ASP C 47 -27.13 -38.94 -22.29
C ASP C 47 -26.33 -39.88 -23.22
N ASP C 48 -26.30 -39.57 -24.51
CA ASP C 48 -25.60 -40.43 -25.47
C ASP C 48 -24.11 -40.43 -25.21
N VAL C 49 -23.56 -39.22 -25.01
CA VAL C 49 -22.13 -39.04 -24.77
C VAL C 49 -21.76 -39.69 -23.46
N HIS C 50 -22.61 -39.54 -22.45
CA HIS C 50 -22.44 -40.18 -21.17
C HIS C 50 -22.32 -41.71 -21.32
N ALA C 51 -23.28 -42.33 -21.99
CA ALA C 51 -23.31 -43.80 -22.14
C ALA C 51 -22.25 -44.35 -23.14
N HIS C 52 -21.90 -43.61 -24.19
CA HIS C 52 -21.09 -44.17 -25.31
C HIS C 52 -19.81 -43.43 -25.67
N GLY C 53 -19.43 -42.45 -24.89
CA GLY C 53 -18.09 -41.89 -25.01
C GLY C 53 -17.72 -41.32 -26.36
N ASP C 54 -16.47 -41.52 -26.74
CA ASP C 54 -15.86 -40.94 -27.93
C ASP C 54 -16.54 -41.34 -29.24
N ALA C 55 -17.08 -42.56 -29.32
CA ALA C 55 -17.83 -42.99 -30.53
C ALA C 55 -19.02 -42.07 -30.79
N ALA C 56 -19.77 -41.80 -29.73
CA ALA C 56 -20.90 -40.88 -29.83
C ALA C 56 -20.42 -39.49 -30.22
N VAL C 57 -19.34 -38.99 -29.58
CA VAL C 57 -18.84 -37.64 -29.87
C VAL C 57 -18.46 -37.60 -31.36
N LYS C 58 -17.79 -38.64 -31.81
CA LYS C 58 -17.45 -38.80 -33.26
C LYS C 58 -18.64 -38.72 -34.22
N GLN C 59 -19.77 -39.35 -33.89
CA GLN C 59 -20.95 -39.27 -34.77
C GLN C 59 -21.49 -37.87 -34.86
N TYR C 60 -21.62 -37.18 -33.72
CA TYR C 60 -22.19 -35.83 -33.75
C TYR C 60 -21.28 -34.88 -34.55
N THR C 61 -19.97 -34.97 -34.35
CA THR C 61 -19.03 -34.14 -35.11
C THR C 61 -19.16 -34.44 -36.64
N SER C 62 -19.15 -35.73 -36.99
CA SER C 62 -19.40 -36.16 -38.39
C SER C 62 -20.68 -35.53 -38.89
N LYS C 63 -21.75 -35.75 -38.14
CA LYS C 63 -23.04 -35.30 -38.57
C LYS C 63 -23.07 -33.77 -38.70
N PHE C 64 -22.68 -33.04 -37.66
CA PHE C 64 -22.95 -31.60 -37.60
C PHE C 64 -21.78 -30.72 -38.07
N ASP C 65 -20.54 -31.11 -37.77
CA ASP C 65 -19.40 -30.35 -38.28
C ASP C 65 -18.92 -30.88 -39.64
N LYS C 66 -19.48 -31.99 -40.10
CA LYS C 66 -19.14 -32.60 -41.40
C LYS C 66 -17.67 -32.98 -41.48
N VAL C 67 -17.16 -33.56 -40.39
CA VAL C 67 -15.78 -33.98 -40.31
C VAL C 67 -15.72 -35.30 -39.55
N ASP C 68 -15.00 -36.27 -40.12
CA ASP C 68 -14.78 -37.56 -39.49
C ASP C 68 -13.38 -37.48 -38.88
N LEU C 69 -13.25 -37.83 -37.61
CA LEU C 69 -12.00 -37.66 -36.85
C LEU C 69 -11.59 -38.93 -36.14
N GLU C 70 -10.29 -39.22 -36.18
CA GLU C 70 -9.79 -40.40 -35.51
C GLU C 70 -9.44 -40.09 -34.06
N ASN C 71 -8.62 -39.05 -33.86
CA ASN C 71 -8.28 -38.56 -32.53
C ASN C 71 -9.10 -37.29 -32.25
N ILE C 72 -10.03 -37.39 -31.31
CA ILE C 72 -10.85 -36.22 -30.99
C ILE C 72 -10.29 -35.43 -29.82
N VAL C 73 -9.36 -36.03 -29.06
CA VAL C 73 -8.58 -35.32 -28.07
C VAL C 73 -7.08 -35.33 -28.44
N GLU C 74 -6.46 -34.14 -28.42
CA GLU C 74 -5.03 -33.97 -28.67
C GLU C 74 -4.39 -33.37 -27.43
N LEU C 75 -3.20 -33.88 -27.07
CA LEU C 75 -2.36 -33.28 -26.08
C LEU C 75 -1.77 -32.03 -26.77
N VAL C 76 -1.98 -30.87 -26.17
CA VAL C 76 -1.50 -29.62 -26.75
C VAL C 76 0.05 -29.62 -26.91
N SER C 77 0.77 -30.21 -25.97
CA SER C 77 2.25 -30.32 -26.07
C SER C 77 2.73 -31.31 -27.16
N ASP C 78 1.86 -32.21 -27.66
CA ASP C 78 2.19 -32.99 -28.85
C ASP C 78 2.00 -32.24 -30.15
N LEU C 79 1.35 -31.10 -30.13
CA LEU C 79 1.07 -30.39 -31.36
C LEU C 79 2.22 -29.45 -31.63
N PRO C 80 2.55 -29.25 -32.91
CA PRO C 80 3.63 -28.31 -33.26
C PRO C 80 3.12 -26.88 -33.11
N ASP C 81 4.02 -25.91 -33.00
CA ASP C 81 3.61 -24.51 -32.94
C ASP C 81 3.13 -23.99 -34.28
N PRO C 82 2.09 -23.13 -34.30
CA PRO C 82 1.64 -22.55 -35.56
C PRO C 82 2.42 -21.29 -35.95
N VAL C 83 2.46 -21.01 -37.27
CA VAL C 83 3.06 -19.80 -37.82
C VAL C 83 1.97 -18.89 -38.39
N LEU C 84 2.13 -17.60 -38.10
CA LEU C 84 1.08 -16.60 -38.19
C LEU C 84 1.66 -15.35 -38.83
N ASP C 85 0.86 -14.57 -39.55
CA ASP C 85 1.25 -13.18 -39.86
C ASP C 85 1.75 -12.58 -38.53
N PRO C 86 2.90 -11.88 -38.54
CA PRO C 86 3.34 -11.35 -37.24
C PRO C 86 2.55 -10.13 -36.74
N ALA C 87 1.79 -9.48 -37.63
CA ALA C 87 0.83 -8.46 -37.21
C ALA C 87 -0.36 -9.11 -36.51
N ILE C 88 -0.75 -10.30 -36.94
CA ILE C 88 -1.74 -11.11 -36.22
C ILE C 88 -1.21 -11.59 -34.90
N LYS C 89 0.00 -12.16 -34.95
CA LYS C 89 0.67 -12.61 -33.78
C LYS C 89 0.73 -11.48 -32.76
N GLU C 90 1.14 -10.28 -33.20
CA GLU C 90 1.30 -9.12 -32.31
C GLU C 90 -0.04 -8.59 -31.75
N ALA C 91 -1.09 -8.62 -32.54
CA ALA C 91 -2.43 -8.31 -32.02
C ALA C 91 -2.79 -9.25 -30.85
N PHE C 92 -2.65 -10.56 -31.06
CA PHE C 92 -3.03 -11.53 -30.02
C PHE C 92 -2.12 -11.45 -28.81
N ASP C 93 -0.86 -11.08 -29.01
CA ASP C 93 0.04 -10.84 -27.90
C ASP C 93 -0.35 -9.64 -27.08
N VAL C 94 -0.86 -8.58 -27.70
CA VAL C 94 -1.37 -7.40 -26.97
C VAL C 94 -2.59 -7.79 -26.15
N ALA C 95 -3.49 -8.54 -26.77
CA ALA C 95 -4.68 -9.04 -26.09
C ALA C 95 -4.34 -9.88 -24.88
N TYR C 96 -3.47 -10.86 -25.10
CA TYR C 96 -2.96 -11.69 -24.02
C TYR C 96 -2.37 -10.84 -22.88
N SER C 97 -1.55 -9.86 -23.25
CA SER C 97 -0.88 -9.04 -22.30
C SER C 97 -1.87 -8.21 -21.46
N ASN C 98 -2.86 -7.58 -22.13
CA ASN C 98 -3.89 -6.81 -21.42
C ASN C 98 -4.78 -7.67 -20.54
N ILE C 99 -5.23 -8.79 -21.11
CA ILE C 99 -6.06 -9.77 -20.38
C ILE C 99 -5.32 -10.29 -19.15
N TYR C 100 -4.07 -10.71 -19.38
CA TYR C 100 -3.22 -11.16 -18.29
C TYR C 100 -3.15 -10.11 -17.16
N ALA C 101 -2.83 -8.86 -17.51
CA ALA C 101 -2.65 -7.83 -16.45
C ALA C 101 -3.91 -7.49 -15.70
N PHE C 102 -5.04 -7.45 -16.42
CA PHE C 102 -6.29 -7.12 -15.80
C PHE C 102 -6.67 -8.21 -14.83
N HIS C 103 -6.46 -9.45 -15.23
CA HIS C 103 -6.78 -10.59 -14.37
C HIS C 103 -5.76 -10.86 -13.27
N ALA C 104 -4.45 -10.69 -13.51
CA ALA C 104 -3.48 -10.87 -12.43
C ALA C 104 -3.71 -9.88 -11.32
N ALA C 105 -4.20 -8.69 -11.66
CA ALA C 105 -4.50 -7.69 -10.65
C ALA C 105 -5.61 -8.07 -9.68
N GLN C 106 -6.37 -9.13 -9.96
CA GLN C 106 -7.41 -9.61 -9.08
C GLN C 106 -6.92 -10.53 -7.97
N LYS C 107 -5.66 -10.92 -7.96
CA LYS C 107 -5.10 -11.75 -6.87
C LYS C 107 -5.34 -11.09 -5.50
N SER C 108 -5.78 -11.89 -4.54
CA SER C 108 -6.15 -11.40 -3.22
C SER C 108 -4.94 -11.61 -2.32
N PRO C 109 -4.57 -10.62 -1.50
CA PRO C 109 -3.70 -10.95 -0.37
C PRO C 109 -4.43 -11.90 0.57
N GLU C 110 -3.69 -12.77 1.25
CA GLU C 110 -4.33 -13.77 2.12
C GLU C 110 -4.05 -13.39 3.57
N LYS C 111 -4.57 -12.23 3.96
CA LYS C 111 -4.31 -11.65 5.26
C LYS C 111 -5.08 -12.38 6.34
N SER C 112 -4.39 -12.71 7.42
CA SER C 112 -5.01 -13.27 8.60
C SER C 112 -5.84 -12.24 9.33
N VAL C 113 -6.97 -12.66 9.88
CA VAL C 113 -7.85 -11.81 10.66
C VAL C 113 -7.82 -12.36 12.06
N GLU C 114 -7.50 -11.51 13.04
CA GLU C 114 -7.43 -11.92 14.43
C GLU C 114 -8.01 -10.81 15.31
N ASN C 115 -9.33 -10.78 15.25
CA ASN C 115 -10.26 -9.93 15.98
C ASN C 115 -10.05 -10.16 17.49
N MET C 116 -10.20 -11.42 17.88
CA MET C 116 -9.99 -11.91 19.21
C MET C 116 -8.64 -12.54 19.32
N LYS C 117 -7.89 -12.17 20.36
CA LYS C 117 -6.59 -12.76 20.57
C LYS C 117 -6.64 -14.27 20.61
N GLY C 118 -5.74 -14.88 19.84
CA GLY C 118 -5.60 -16.34 19.78
C GLY C 118 -6.64 -17.01 18.88
N VAL C 119 -7.44 -16.25 18.16
CA VAL C 119 -8.43 -16.80 17.21
C VAL C 119 -8.03 -16.32 15.82
N GLN C 120 -7.24 -17.14 15.10
CA GLN C 120 -6.75 -16.75 13.76
C GLN C 120 -7.56 -17.41 12.63
N CYS C 121 -8.14 -16.57 11.75
CA CYS C 121 -8.92 -17.00 10.59
C CYS C 121 -8.41 -16.35 9.33
N LYS C 122 -8.53 -17.07 8.24
CA LYS C 122 -7.93 -16.70 6.99
C LYS C 122 -8.72 -17.32 5.84
N ARG C 123 -8.64 -16.72 4.66
CA ARG C 123 -9.32 -17.24 3.47
C ARG C 123 -8.19 -17.44 2.48
N VAL C 124 -7.98 -18.68 2.00
CA VAL C 124 -6.92 -18.98 1.03
C VAL C 124 -7.44 -19.48 -0.34
N ALA C 125 -6.74 -19.13 -1.42
CA ALA C 125 -7.12 -19.50 -2.79
C ALA C 125 -6.52 -20.84 -3.19
N ARG C 126 -7.34 -21.71 -3.77
CA ARG C 126 -6.85 -22.95 -4.38
C ARG C 126 -7.46 -23.11 -5.78
N SER C 127 -6.66 -23.40 -6.80
CA SER C 127 -7.22 -23.52 -8.13
C SER C 127 -8.12 -24.74 -8.29
N ILE C 128 -9.13 -24.58 -9.16
CA ILE C 128 -9.92 -25.75 -9.53
C ILE C 128 -8.99 -26.65 -10.34
N ASN C 129 -8.91 -27.93 -10.00
CA ASN C 129 -7.90 -28.82 -10.62
C ASN C 129 -8.08 -29.13 -12.10
N SER C 130 -9.33 -29.23 -12.53
CA SER C 130 -9.64 -29.57 -13.91
C SER C 130 -10.76 -28.70 -14.41
N VAL C 131 -10.55 -27.99 -15.51
CA VAL C 131 -11.53 -27.09 -16.10
C VAL C 131 -11.67 -27.34 -17.56
N GLY C 132 -12.91 -27.16 -18.06
CA GLY C 132 -13.19 -27.26 -19.45
C GLY C 132 -13.65 -25.95 -20.02
N LEU C 133 -13.09 -25.57 -21.17
CA LEU C 133 -13.35 -24.30 -21.76
C LEU C 133 -13.99 -24.47 -23.12
N TYR C 134 -15.19 -23.90 -23.32
CA TYR C 134 -15.88 -23.99 -24.59
C TYR C 134 -15.59 -22.76 -25.46
N VAL C 135 -15.05 -23.00 -26.64
CA VAL C 135 -14.74 -21.94 -27.58
C VAL C 135 -15.55 -22.21 -28.86
N PRO C 136 -16.58 -21.39 -29.11
CA PRO C 136 -17.37 -21.67 -30.32
C PRO C 136 -16.56 -21.61 -31.63
N GLY C 137 -17.08 -22.33 -32.63
CA GLY C 137 -16.52 -22.36 -33.96
C GLY C 137 -17.63 -22.50 -34.99
N GLY C 138 -17.24 -22.77 -36.23
CA GLY C 138 -18.14 -22.68 -37.41
C GLY C 138 -17.65 -21.57 -38.33
N THR C 139 -18.57 -20.85 -38.95
CA THR C 139 -18.18 -19.82 -39.92
C THR C 139 -17.66 -18.53 -39.28
N ALA C 140 -17.57 -18.50 -37.95
CA ALA C 140 -16.61 -17.63 -37.28
C ALA C 140 -15.69 -18.50 -36.43
N VAL C 141 -14.61 -17.87 -36.01
CA VAL C 141 -13.51 -18.52 -35.34
C VAL C 141 -13.28 -17.60 -34.15
N LEU C 142 -13.17 -18.16 -32.93
CA LEU C 142 -13.13 -17.35 -31.71
C LEU C 142 -11.88 -17.46 -30.87
N PRO C 143 -10.70 -17.14 -31.46
CA PRO C 143 -9.51 -17.18 -30.66
C PRO C 143 -9.51 -16.19 -29.48
N SER C 144 -10.25 -15.09 -29.60
CA SER C 144 -10.45 -14.14 -28.47
C SER C 144 -10.99 -14.89 -27.27
N THR C 145 -12.00 -15.72 -27.48
CA THR C 145 -12.58 -16.51 -26.41
C THR C 145 -11.58 -17.51 -25.76
N ALA C 146 -10.69 -18.09 -26.56
CA ALA C 146 -9.63 -18.90 -25.99
C ALA C 146 -8.81 -18.13 -24.97
N LEU C 147 -8.45 -16.88 -25.26
CA LEU C 147 -7.62 -16.09 -24.34
C LEU C 147 -8.45 -15.71 -23.10
N MET C 148 -9.70 -15.38 -23.32
CA MET C 148 -10.57 -14.94 -22.23
C MET C 148 -10.72 -16.00 -21.16
N LEU C 149 -10.72 -17.26 -21.57
CA LEU C 149 -10.90 -18.38 -20.67
C LEU C 149 -9.61 -18.96 -20.17
N ALA C 150 -8.66 -19.18 -21.08
CA ALA C 150 -7.40 -19.84 -20.71
C ALA C 150 -6.41 -18.98 -19.90
N VAL C 151 -6.39 -17.68 -20.19
CA VAL C 151 -5.47 -16.80 -19.43
C VAL C 151 -5.76 -16.84 -17.93
N PRO C 152 -7.01 -16.57 -17.49
CA PRO C 152 -7.25 -16.72 -16.06
C PRO C 152 -7.05 -18.15 -15.54
N ALA C 153 -7.32 -19.17 -16.35
CA ALA C 153 -7.05 -20.53 -15.88
C ALA C 153 -5.54 -20.71 -15.64
N GLN C 154 -4.75 -20.13 -16.52
CA GLN C 154 -3.27 -20.12 -16.37
C GLN C 154 -2.80 -19.41 -15.12
N ILE C 155 -3.30 -18.21 -14.89
CA ILE C 155 -2.96 -17.43 -13.68
C ILE C 155 -3.37 -18.22 -12.47
N ALA C 156 -4.54 -18.82 -12.49
CA ALA C 156 -5.04 -19.57 -11.32
C ALA C 156 -4.18 -20.76 -11.05
N GLY C 157 -3.66 -21.37 -12.10
CA GLY C 157 -2.79 -22.55 -11.98
C GLY C 157 -3.50 -23.89 -12.14
N CYS C 158 -4.74 -23.92 -12.64
CA CYS C 158 -5.42 -25.18 -12.95
C CYS C 158 -4.47 -26.20 -13.62
N LYS C 159 -4.42 -27.42 -13.08
CA LYS C 159 -3.54 -28.52 -13.57
C LYS C 159 -3.96 -29.05 -14.94
N THR C 160 -5.26 -29.31 -15.11
CA THR C 160 -5.79 -29.81 -16.38
C THR C 160 -6.74 -28.76 -16.93
N ILE C 161 -6.49 -28.35 -18.18
CA ILE C 161 -7.25 -27.33 -18.87
C ILE C 161 -7.63 -27.90 -20.22
N VAL C 162 -8.90 -28.28 -20.37
CA VAL C 162 -9.40 -28.83 -21.62
C VAL C 162 -10.09 -27.72 -22.41
N LEU C 163 -9.72 -27.57 -23.66
CA LEU C 163 -10.36 -26.60 -24.54
C LEU C 163 -11.15 -27.30 -25.63
N ALA C 164 -12.46 -27.12 -25.63
CA ALA C 164 -13.33 -27.67 -26.69
C ALA C 164 -13.54 -26.61 -27.76
N ASN C 165 -13.28 -26.98 -29.00
CA ASN C 165 -13.39 -26.11 -30.14
C ASN C 165 -13.69 -26.98 -31.34
N PRO C 166 -14.84 -26.76 -32.00
CA PRO C 166 -15.17 -27.63 -33.13
C PRO C 166 -14.19 -27.40 -34.31
N PRO C 167 -13.77 -28.48 -34.98
CA PRO C 167 -12.81 -28.35 -36.09
C PRO C 167 -13.38 -27.67 -37.33
N THR C 168 -12.46 -27.14 -38.13
CA THR C 168 -12.78 -26.72 -39.50
C THR C 168 -13.12 -27.96 -40.35
N ARG C 169 -13.77 -27.74 -41.50
CA ARG C 169 -14.20 -28.84 -42.40
C ARG C 169 -13.08 -29.81 -42.85
N ASP C 170 -11.84 -29.36 -42.90
CA ASP C 170 -10.72 -30.27 -43.19
C ASP C 170 -10.10 -30.93 -41.95
N GLY C 171 -10.77 -30.84 -40.81
CA GLY C 171 -10.40 -31.59 -39.60
C GLY C 171 -9.34 -30.98 -38.69
N THR C 172 -8.94 -29.75 -38.97
CA THR C 172 -7.93 -29.09 -38.16
C THR C 172 -8.54 -27.97 -37.32
N THR C 173 -7.76 -27.57 -36.32
CA THR C 173 -8.13 -26.48 -35.41
C THR C 173 -7.56 -25.17 -35.95
N CYS C 174 -8.40 -24.15 -36.05
CA CYS C 174 -7.96 -22.78 -36.38
C CYS C 174 -6.59 -22.46 -35.77
N LYS C 175 -5.64 -21.94 -36.55
CA LYS C 175 -4.26 -21.78 -36.04
C LYS C 175 -4.13 -20.69 -35.00
N GLU C 176 -4.97 -19.67 -35.11
CA GLU C 176 -5.03 -18.61 -34.08
C GLU C 176 -5.50 -19.13 -32.72
N VAL C 177 -6.47 -20.04 -32.78
CA VAL C 177 -7.00 -20.69 -31.58
C VAL C 177 -5.89 -21.51 -30.99
N LEU C 178 -5.19 -22.25 -31.84
CA LEU C 178 -4.09 -23.06 -31.35
C LEU C 178 -2.97 -22.20 -30.73
N TYR C 179 -2.60 -21.11 -31.39
CA TYR C 179 -1.61 -20.18 -30.82
C TYR C 179 -2.00 -19.67 -29.43
N CYS C 180 -3.28 -19.28 -29.30
CA CYS C 180 -3.75 -18.70 -28.04
C CYS C 180 -3.73 -19.79 -27.00
N ALA C 181 -4.11 -21.00 -27.38
CA ALA C 181 -4.13 -22.09 -26.42
C ALA C 181 -2.74 -22.42 -25.90
N LYS C 182 -1.71 -22.36 -26.76
CA LYS C 182 -0.34 -22.68 -26.32
C LYS C 182 0.25 -21.57 -25.45
N LYS C 183 -0.03 -20.34 -25.82
CA LYS C 183 0.43 -19.20 -25.03
C LYS C 183 -0.18 -19.26 -23.63
N ALA C 184 -1.43 -19.71 -23.51
CA ALA C 184 -2.13 -19.75 -22.24
C ALA C 184 -2.11 -21.07 -21.48
N GLY C 185 -1.29 -22.03 -21.92
CA GLY C 185 -1.06 -23.28 -21.20
C GLY C 185 -2.22 -24.28 -21.18
N VAL C 186 -3.08 -24.23 -22.17
CA VAL C 186 -4.08 -25.29 -22.34
C VAL C 186 -3.34 -26.64 -22.46
N THR C 187 -3.85 -27.68 -21.83
CA THR C 187 -3.23 -29.01 -21.80
C THR C 187 -3.81 -30.00 -22.78
N HIS C 188 -5.14 -30.00 -22.94
CA HIS C 188 -5.84 -30.87 -23.89
C HIS C 188 -6.76 -30.06 -24.81
N LEU C 189 -6.88 -30.51 -26.04
CA LEU C 189 -7.74 -29.90 -27.01
C LEU C 189 -8.75 -30.96 -27.46
N LEU C 190 -10.05 -30.71 -27.21
CA LEU C 190 -11.16 -31.59 -27.61
C LEU C 190 -11.78 -31.02 -28.87
N LYS C 191 -11.73 -31.78 -29.97
CA LYS C 191 -12.11 -31.25 -31.27
C LYS C 191 -13.54 -31.62 -31.55
N ALA C 192 -14.41 -31.01 -30.76
CA ALA C 192 -15.85 -31.15 -30.91
C ALA C 192 -16.53 -29.93 -30.37
N GLY C 193 -17.79 -29.82 -30.74
CA GLY C 193 -18.60 -28.69 -30.37
C GLY C 193 -19.90 -29.15 -29.78
N GLY C 194 -20.78 -28.18 -29.57
CA GLY C 194 -22.12 -28.46 -29.16
C GLY C 194 -22.24 -29.13 -27.80
N ALA C 195 -23.44 -29.64 -27.56
CA ALA C 195 -23.79 -30.30 -26.34
C ALA C 195 -22.99 -31.57 -26.18
N GLN C 196 -22.61 -32.20 -27.30
CA GLN C 196 -21.71 -33.33 -27.22
C GLN C 196 -20.35 -33.03 -26.57
N ALA C 197 -19.71 -31.91 -26.89
CA ALA C 197 -18.42 -31.58 -26.23
C ALA C 197 -18.57 -31.22 -24.75
N ILE C 198 -19.67 -30.56 -24.40
CA ILE C 198 -19.94 -30.17 -23.01
C ILE C 198 -20.13 -31.44 -22.21
N SER C 199 -20.90 -32.37 -22.75
CA SER C 199 -21.05 -33.66 -22.10
C SER C 199 -19.75 -34.46 -21.96
N ALA C 200 -18.92 -34.44 -23.00
CA ALA C 200 -17.66 -35.15 -22.98
C ALA C 200 -16.76 -34.66 -21.83
N MET C 201 -16.71 -33.33 -21.65
CA MET C 201 -15.90 -32.73 -20.57
C MET C 201 -16.52 -33.01 -19.20
N ALA C 202 -17.85 -32.95 -19.06
CA ALA C 202 -18.53 -33.14 -17.75
C ALA C 202 -18.41 -34.54 -17.23
N TRP C 203 -18.52 -35.51 -18.11
CA TRP C 203 -18.47 -36.93 -17.75
C TRP C 203 -17.10 -37.52 -17.92
N GLY C 204 -16.26 -36.91 -18.76
CA GLY C 204 -15.07 -37.57 -19.28
C GLY C 204 -15.44 -38.60 -20.32
N THR C 205 -14.51 -38.95 -21.20
CA THR C 205 -14.67 -40.10 -22.14
C THR C 205 -13.40 -40.99 -22.08
N GLU C 206 -13.18 -41.83 -23.09
CA GLU C 206 -11.97 -42.65 -23.13
C GLU C 206 -10.75 -41.78 -23.17
N THR C 207 -10.79 -40.72 -23.97
CA THR C 207 -9.63 -39.86 -24.14
C THR C 207 -9.78 -38.41 -23.62
N CYS C 208 -11.01 -37.98 -23.31
CA CYS C 208 -11.24 -36.64 -22.76
C CYS C 208 -11.22 -36.70 -21.25
N PRO C 209 -10.32 -35.90 -20.61
CA PRO C 209 -10.39 -35.77 -19.14
C PRO C 209 -11.76 -35.24 -18.68
N LYS C 210 -12.19 -35.73 -17.53
CA LYS C 210 -13.37 -35.28 -16.85
C LYS C 210 -12.96 -33.97 -16.15
N VAL C 211 -13.75 -32.92 -16.30
CA VAL C 211 -13.41 -31.67 -15.63
C VAL C 211 -14.40 -31.37 -14.50
N GLU C 212 -14.00 -30.47 -13.61
CA GLU C 212 -14.80 -30.07 -12.46
C GLU C 212 -15.68 -28.83 -12.71
N LYS C 213 -15.29 -27.99 -13.64
CA LYS C 213 -16.04 -26.84 -14.01
C LYS C 213 -15.94 -26.55 -15.48
N ILE C 214 -17.06 -26.23 -16.10
CA ILE C 214 -17.14 -25.88 -17.50
C ILE C 214 -17.52 -24.41 -17.68
N PHE C 215 -16.82 -23.82 -18.64
CA PHE C 215 -16.86 -22.40 -18.90
C PHE C 215 -17.16 -22.16 -20.35
N GLY C 216 -17.73 -20.99 -20.61
CA GLY C 216 -17.68 -20.37 -21.92
C GLY C 216 -18.97 -20.01 -22.61
N PRO C 217 -18.86 -19.11 -23.61
CA PRO C 217 -20.02 -18.66 -24.33
C PRO C 217 -20.40 -19.68 -25.39
N GLY C 218 -21.67 -19.72 -25.79
CA GLY C 218 -22.06 -20.58 -26.87
C GLY C 218 -23.50 -20.29 -27.21
N ASN C 219 -23.99 -20.97 -28.23
CA ASN C 219 -25.38 -20.83 -28.65
C ASN C 219 -26.31 -21.33 -27.54
N GLN C 220 -27.61 -21.27 -27.76
CA GLN C 220 -28.51 -21.64 -26.71
C GLN C 220 -28.47 -23.13 -26.33
N TYR C 221 -28.03 -23.99 -27.26
CA TYR C 221 -27.94 -25.44 -27.01
C TYR C 221 -26.74 -25.80 -26.09
N VAL C 222 -25.61 -25.19 -26.40
CA VAL C 222 -24.39 -25.32 -25.60
C VAL C 222 -24.73 -24.86 -24.18
N THR C 223 -25.34 -23.69 -24.10
CA THR C 223 -25.66 -23.07 -22.84
C THR C 223 -26.63 -23.96 -22.05
N ALA C 224 -27.65 -24.53 -22.73
CA ALA C 224 -28.56 -25.48 -22.04
C ALA C 224 -27.88 -26.76 -21.55
N ALA C 225 -26.97 -27.30 -22.33
CA ALA C 225 -26.23 -28.49 -21.87
C ALA C 225 -25.38 -28.21 -20.59
N LYS C 226 -24.76 -27.04 -20.54
CA LYS C 226 -24.06 -26.59 -19.34
C LYS C 226 -25.01 -26.58 -18.11
N MET C 227 -26.19 -25.97 -18.29
CA MET C 227 -27.20 -25.87 -17.22
C MET C 227 -27.70 -27.21 -16.79
N ILE C 228 -27.97 -28.08 -17.75
CA ILE C 228 -28.32 -29.48 -17.43
C ILE C 228 -27.24 -30.15 -16.60
N LEU C 229 -26.00 -30.04 -17.04
CA LEU C 229 -24.96 -30.79 -16.38
C LEU C 229 -24.66 -30.33 -14.97
N GLN C 230 -24.85 -29.04 -14.65
CA GLN C 230 -24.58 -28.57 -13.27
C GLN C 230 -25.45 -29.25 -12.26
N ASN C 231 -26.65 -29.67 -12.69
CA ASN C 231 -27.59 -30.46 -11.84
C ASN C 231 -27.48 -31.97 -11.93
N SER C 232 -26.48 -32.46 -12.64
CA SER C 232 -26.34 -33.86 -12.90
C SER C 232 -25.39 -34.55 -11.93
N GLU C 233 -25.43 -35.88 -12.00
CA GLU C 233 -24.51 -36.74 -11.26
C GLU C 233 -23.06 -36.68 -11.78
N ALA C 234 -22.82 -35.94 -12.85
CA ALA C 234 -21.46 -35.71 -13.31
C ALA C 234 -20.58 -34.93 -12.30
N MET C 235 -21.19 -34.20 -11.38
CA MET C 235 -20.51 -33.37 -10.40
C MET C 235 -19.63 -32.36 -11.13
N VAL C 236 -20.26 -31.32 -11.61
CA VAL C 236 -19.60 -30.27 -12.38
C VAL C 236 -20.35 -28.98 -12.01
N SER C 237 -19.64 -27.87 -11.92
CA SER C 237 -20.32 -26.59 -11.96
C SER C 237 -20.00 -25.90 -13.25
N ILE C 238 -20.60 -24.71 -13.44
CA ILE C 238 -20.37 -23.94 -14.61
C ILE C 238 -20.11 -22.49 -14.23
N ASP C 239 -19.57 -21.71 -15.15
CA ASP C 239 -19.39 -20.29 -14.91
C ASP C 239 -20.68 -19.45 -14.87
N MET C 240 -21.54 -19.58 -15.88
CA MET C 240 -22.82 -18.90 -15.99
C MET C 240 -23.48 -19.34 -17.27
N PRO C 241 -24.77 -19.01 -17.41
CA PRO C 241 -25.38 -18.91 -18.75
C PRO C 241 -24.86 -17.74 -19.64
N ALA C 242 -24.03 -18.11 -20.60
CA ALA C 242 -23.39 -17.15 -21.50
C ALA C 242 -23.76 -17.52 -22.94
N GLY C 243 -24.98 -17.14 -23.30
CA GLY C 243 -25.60 -17.49 -24.56
C GLY C 243 -25.35 -16.45 -25.63
N PRO C 244 -26.25 -16.36 -26.61
CA PRO C 244 -26.14 -15.41 -27.68
C PRO C 244 -25.91 -13.96 -27.19
N SER C 245 -25.00 -13.29 -27.87
CA SER C 245 -24.50 -11.97 -27.45
C SER C 245 -25.60 -10.93 -27.44
N GLU C 246 -25.51 -10.00 -26.48
CA GLU C 246 -26.38 -8.85 -26.37
C GLU C 246 -25.61 -7.55 -26.12
N VAL C 247 -26.19 -6.45 -26.57
CA VAL C 247 -25.68 -5.12 -26.23
C VAL C 247 -26.85 -4.17 -26.09
N LEU C 248 -26.77 -3.33 -25.07
CA LEU C 248 -27.67 -2.20 -24.87
C LEU C 248 -26.80 -0.94 -24.96
N VAL C 249 -27.26 -0.03 -25.81
CA VAL C 249 -26.59 1.24 -26.05
C VAL C 249 -27.47 2.33 -25.52
N ILE C 250 -26.91 3.16 -24.64
CA ILE C 250 -27.57 4.42 -24.27
C ILE C 250 -26.91 5.53 -25.06
N ALA C 251 -27.71 6.29 -25.79
CA ALA C 251 -27.16 7.40 -26.53
C ALA C 251 -27.96 8.69 -26.28
N ASP C 252 -27.22 9.80 -26.16
CA ASP C 252 -27.76 11.14 -26.09
C ASP C 252 -27.47 11.89 -27.41
N LYS C 253 -27.89 13.15 -27.48
CA LYS C 253 -27.76 13.96 -28.71
C LYS C 253 -26.31 14.18 -29.19
N HIS C 254 -25.34 14.04 -28.29
CA HIS C 254 -23.94 14.25 -28.62
C HIS C 254 -23.31 13.02 -29.25
N ALA C 255 -24.04 11.90 -29.27
CA ALA C 255 -23.56 10.66 -29.94
C ALA C 255 -23.64 10.80 -31.45
N ILE C 256 -22.60 10.37 -32.15
CA ILE C 256 -22.59 10.43 -33.62
C ILE C 256 -23.44 9.30 -34.13
N PRO C 257 -24.49 9.58 -34.90
CA PRO C 257 -25.43 8.50 -35.28
C PRO C 257 -24.83 7.23 -35.93
N SER C 258 -23.78 7.41 -36.73
CA SER C 258 -23.15 6.31 -37.43
C SER C 258 -22.40 5.38 -36.49
N HIS C 259 -21.84 5.96 -35.43
CA HIS C 259 -21.13 5.19 -34.42
C HIS C 259 -22.10 4.30 -33.61
N VAL C 260 -23.29 4.85 -33.29
CA VAL C 260 -24.33 4.17 -32.54
C VAL C 260 -24.79 2.94 -33.29
N ALA C 261 -25.14 3.17 -34.55
CA ALA C 261 -25.48 2.13 -35.52
C ALA C 261 -24.44 1.04 -35.59
N ALA C 262 -23.19 1.41 -35.73
CA ALA C 262 -22.10 0.42 -35.83
C ALA C 262 -21.94 -0.42 -34.56
N ASP C 263 -22.13 0.22 -33.40
CA ASP C 263 -22.11 -0.51 -32.10
C ASP C 263 -23.23 -1.55 -32.02
N LEU C 264 -24.43 -1.17 -32.43
CA LEU C 264 -25.56 -2.12 -32.48
C LEU C 264 -25.27 -3.29 -33.42
N LEU C 265 -24.78 -2.98 -34.60
CA LEU C 265 -24.45 -4.02 -35.56
C LEU C 265 -23.28 -4.91 -35.17
N SER C 266 -22.26 -4.36 -34.47
CA SER C 266 -21.15 -5.21 -33.96
C SER C 266 -21.61 -6.51 -33.29
N GLN C 267 -22.59 -6.45 -32.39
CA GLN C 267 -23.04 -7.68 -31.71
C GLN C 267 -24.22 -8.39 -32.40
N ALA C 268 -25.05 -7.64 -33.11
CA ALA C 268 -26.11 -8.21 -33.97
C ALA C 268 -25.52 -9.28 -34.91
N GLU C 269 -24.36 -9.01 -35.49
CA GLU C 269 -23.73 -9.98 -36.41
C GLU C 269 -23.33 -11.34 -35.81
N HIS C 270 -23.34 -11.47 -34.48
CA HIS C 270 -22.99 -12.76 -33.85
C HIS C 270 -23.89 -13.95 -34.32
N GLY C 271 -25.17 -13.71 -34.53
CA GLY C 271 -26.10 -14.79 -34.91
C GLY C 271 -27.52 -14.32 -34.83
N PRO C 272 -28.46 -15.17 -35.32
CA PRO C 272 -29.88 -14.75 -35.43
C PRO C 272 -30.56 -14.48 -34.10
N ASP C 273 -30.04 -15.14 -33.03
CA ASP C 273 -30.61 -15.11 -31.68
C ASP C 273 -29.98 -14.04 -30.77
N SER C 274 -29.03 -13.26 -31.29
CA SER C 274 -28.57 -12.09 -30.55
C SER C 274 -29.71 -11.10 -30.43
N GLN C 275 -29.55 -10.16 -29.51
CA GLN C 275 -30.52 -9.12 -29.28
C GLN C 275 -29.77 -7.86 -28.91
N VAL C 276 -30.29 -6.74 -29.37
CA VAL C 276 -29.66 -5.46 -29.32
C VAL C 276 -30.77 -4.49 -28.83
N VAL C 277 -30.41 -3.49 -28.05
CA VAL C 277 -31.37 -2.54 -27.56
C VAL C 277 -30.75 -1.15 -27.62
N LEU C 278 -31.48 -0.20 -28.20
CA LEU C 278 -31.05 1.20 -28.16
C LEU C 278 -31.92 1.99 -27.21
N VAL C 279 -31.31 2.64 -26.21
CA VAL C 279 -32.08 3.54 -25.36
C VAL C 279 -31.65 4.96 -25.75
N ILE C 280 -32.61 5.74 -26.20
CA ILE C 280 -32.37 7.15 -26.53
C ILE C 280 -32.66 7.96 -25.29
N ALA C 281 -31.65 8.64 -24.75
CA ALA C 281 -31.78 9.39 -23.51
C ALA C 281 -31.91 10.88 -23.86
N GLY C 282 -33.05 11.45 -23.46
CA GLY C 282 -33.24 12.88 -23.53
C GLY C 282 -33.59 13.34 -24.93
N ASP C 283 -33.63 14.65 -25.09
CA ASP C 283 -34.09 15.27 -26.35
C ASP C 283 -32.97 15.46 -27.38
N GLY C 284 -33.39 15.84 -28.56
CA GLY C 284 -32.50 16.24 -29.63
C GLY C 284 -31.74 15.14 -30.33
N VAL C 285 -32.17 13.91 -30.18
CA VAL C 285 -31.47 12.77 -30.79
C VAL C 285 -32.12 12.41 -32.11
N ASP C 286 -31.32 12.29 -33.16
CA ASP C 286 -31.87 12.04 -34.48
C ASP C 286 -32.14 10.55 -34.77
N GLN C 287 -33.29 10.06 -34.30
CA GLN C 287 -33.58 8.64 -34.45
C GLN C 287 -33.55 8.14 -35.88
N ASN C 288 -34.11 8.91 -36.81
CA ASN C 288 -34.15 8.49 -38.22
C ASN C 288 -32.79 8.31 -38.88
N ALA C 289 -31.88 9.24 -38.57
CA ALA C 289 -30.47 9.14 -38.95
C ALA C 289 -29.87 7.84 -38.39
N ILE C 290 -30.16 7.52 -37.12
CA ILE C 290 -29.66 6.25 -36.55
C ILE C 290 -30.18 5.06 -37.35
N GLN C 291 -31.50 4.99 -37.59
CA GLN C 291 -32.13 3.87 -38.35
C GLN C 291 -31.64 3.75 -39.79
N GLU C 292 -31.57 4.87 -40.48
CA GLU C 292 -30.96 4.92 -41.84
C GLU C 292 -29.56 4.30 -41.79
N GLU C 293 -28.80 4.72 -40.78
CA GLU C 293 -27.42 4.29 -40.64
C GLU C 293 -27.36 2.78 -40.35
N VAL C 294 -28.25 2.28 -39.49
CA VAL C 294 -28.34 0.82 -39.29
C VAL C 294 -28.66 0.04 -40.57
N SER C 295 -29.63 0.53 -41.36
CA SER C 295 -30.05 -0.15 -42.60
C SER C 295 -28.94 -0.26 -43.63
N LYS C 296 -28.30 0.87 -43.93
CA LYS C 296 -27.16 0.87 -44.87
C LYS C 296 -26.01 0.02 -44.37
N GLN C 297 -25.51 0.32 -43.16
CA GLN C 297 -24.41 -0.42 -42.62
C GLN C 297 -24.74 -1.91 -42.69
N CYS C 298 -25.97 -2.32 -42.42
CA CYS C 298 -26.28 -3.75 -42.39
C CYS C 298 -26.16 -4.48 -43.74
N GLN C 299 -26.55 -3.84 -44.84
CA GLN C 299 -26.57 -4.56 -46.14
C GLN C 299 -25.19 -4.73 -46.81
N SER C 300 -24.21 -3.90 -46.41
CA SER C 300 -22.81 -4.10 -46.81
C SER C 300 -22.00 -4.95 -45.85
N LEU C 301 -22.66 -5.70 -44.94
CA LEU C 301 -21.96 -6.67 -44.06
C LEU C 301 -22.08 -8.07 -44.63
N PRO C 302 -20.96 -8.83 -44.68
CA PRO C 302 -21.05 -10.27 -45.00
C PRO C 302 -22.12 -10.99 -44.17
N ARG C 303 -22.17 -10.71 -42.85
CA ARG C 303 -23.12 -11.39 -41.94
C ARG C 303 -24.43 -10.60 -41.72
N GLY C 304 -24.79 -9.76 -42.71
CA GLY C 304 -26.01 -8.94 -42.70
C GLY C 304 -27.32 -9.69 -42.50
N GLU C 305 -27.35 -10.92 -42.98
CA GLU C 305 -28.50 -11.78 -42.79
C GLU C 305 -28.70 -12.16 -41.32
N PHE C 306 -27.62 -12.56 -40.65
CA PHE C 306 -27.67 -12.80 -39.19
C PHE C 306 -28.05 -11.53 -38.45
N ALA C 307 -27.42 -10.42 -38.82
CA ALA C 307 -27.70 -9.14 -38.20
C ALA C 307 -29.17 -8.71 -38.36
N ALA C 308 -29.73 -8.88 -39.55
CA ALA C 308 -31.13 -8.51 -39.77
C ALA C 308 -32.06 -9.37 -38.92
N LYS C 309 -31.82 -10.68 -38.83
CA LYS C 309 -32.65 -11.52 -37.94
C LYS C 309 -32.56 -11.05 -36.45
N ALA C 310 -31.33 -10.87 -35.96
CA ALA C 310 -31.10 -10.32 -34.60
C ALA C 310 -31.87 -9.03 -34.40
N LEU C 311 -31.75 -8.13 -35.37
CA LEU C 311 -32.43 -6.85 -35.34
C LEU C 311 -33.97 -6.94 -35.33
N SER C 312 -34.51 -8.02 -35.92
CA SER C 312 -35.97 -8.29 -35.84
C SER C 312 -36.42 -8.59 -34.42
N HIS C 313 -35.53 -9.02 -33.54
CA HIS C 313 -35.79 -9.21 -32.09
C HIS C 313 -35.41 -7.99 -31.22
N SER C 314 -34.87 -6.94 -31.83
CA SER C 314 -34.22 -5.84 -31.14
C SER C 314 -35.20 -4.70 -31.11
N PHE C 315 -34.89 -3.62 -30.35
CA PHE C 315 -35.81 -2.52 -30.16
C PHE C 315 -35.17 -1.26 -29.63
N ILE C 316 -35.91 -0.18 -29.79
CA ILE C 316 -35.52 1.12 -29.34
C ILE C 316 -36.48 1.52 -28.26
N VAL C 317 -35.94 2.18 -27.23
CA VAL C 317 -36.74 2.76 -26.17
C VAL C 317 -36.38 4.22 -25.98
N HIS C 318 -37.38 5.11 -25.89
CA HIS C 318 -37.09 6.50 -25.52
C HIS C 318 -37.19 6.70 -24.03
N ALA C 319 -36.19 7.40 -23.48
CA ALA C 319 -36.22 7.76 -22.09
C ALA C 319 -36.08 9.28 -22.00
N ARG C 320 -36.81 9.90 -21.10
CA ARG C 320 -36.84 11.36 -21.04
C ARG C 320 -35.52 11.93 -20.53
N ASP C 321 -34.78 11.13 -19.77
CA ASP C 321 -33.49 11.57 -19.27
C ASP C 321 -32.61 10.35 -18.90
N MET C 322 -31.41 10.62 -18.36
CA MET C 322 -30.44 9.56 -18.13
C MET C 322 -30.81 8.68 -16.98
N LEU C 323 -31.33 9.24 -15.91
CA LEU C 323 -31.67 8.39 -14.80
C LEU C 323 -32.75 7.35 -15.24
N GLU C 324 -33.77 7.79 -15.97
CA GLU C 324 -34.77 6.87 -16.55
C GLU C 324 -34.10 5.85 -17.50
N ALA C 325 -33.16 6.28 -18.30
CA ALA C 325 -32.49 5.37 -19.23
C ALA C 325 -31.68 4.28 -18.51
N ILE C 326 -30.95 4.68 -17.46
CA ILE C 326 -30.17 3.73 -16.66
C ILE C 326 -31.08 2.82 -15.84
N THR C 327 -32.17 3.36 -15.32
CA THR C 327 -33.17 2.55 -14.68
C THR C 327 -33.67 1.42 -15.60
N PHE C 328 -34.09 1.76 -16.84
CA PHE C 328 -34.50 0.76 -17.81
C PHE C 328 -33.40 -0.28 -18.05
N SER C 329 -32.18 0.18 -18.28
CA SER C 329 -31.05 -0.72 -18.52
C SER C 329 -30.81 -1.69 -17.36
N ASN C 330 -30.93 -1.21 -16.11
CA ASN C 330 -30.75 -2.05 -14.97
C ASN C 330 -31.83 -3.10 -14.90
N MET C 331 -33.06 -2.75 -15.27
CA MET C 331 -34.12 -3.77 -15.42
C MET C 331 -33.82 -4.81 -16.48
N TYR C 332 -33.39 -4.37 -17.65
CA TYR C 332 -33.05 -5.33 -18.72
C TYR C 332 -31.86 -6.19 -18.37
N ALA C 333 -30.86 -5.56 -17.73
CA ALA C 333 -29.67 -6.29 -17.26
C ALA C 333 -28.84 -6.88 -18.42
N PRO C 334 -28.27 -5.97 -19.22
CA PRO C 334 -27.65 -6.40 -20.44
C PRO C 334 -26.31 -7.05 -20.22
N GLU C 335 -25.98 -8.04 -21.06
CA GLU C 335 -24.64 -8.60 -21.01
C GLU C 335 -23.54 -7.48 -21.19
N HIS C 336 -23.77 -6.56 -22.15
CA HIS C 336 -22.87 -5.42 -22.41
C HIS C 336 -23.67 -4.16 -22.42
N LEU C 337 -23.10 -3.10 -21.86
CA LEU C 337 -23.72 -1.77 -21.78
C LEU C 337 -22.77 -0.75 -22.35
N ILE C 338 -23.17 -0.04 -23.41
CA ILE C 338 -22.39 1.09 -23.94
C ILE C 338 -23.06 2.43 -23.60
N ILE C 339 -22.35 3.30 -22.90
CA ILE C 339 -22.95 4.55 -22.51
C ILE C 339 -22.28 5.64 -23.31
N ASN C 340 -22.93 6.04 -24.41
CA ASN C 340 -22.41 7.06 -25.28
C ASN C 340 -23.18 8.33 -25.03
N VAL C 341 -22.87 8.92 -23.88
CA VAL C 341 -23.47 10.19 -23.47
C VAL C 341 -22.33 11.09 -23.00
N LYS C 342 -22.58 12.39 -23.03
CA LYS C 342 -21.69 13.37 -22.46
C LYS C 342 -21.39 13.03 -21.02
N ASP C 343 -20.12 13.05 -20.65
CA ASP C 343 -19.68 12.74 -19.29
C ASP C 343 -20.11 11.36 -18.82
N ALA C 344 -19.97 10.37 -19.68
CA ALA C 344 -20.49 8.99 -19.43
C ALA C 344 -20.03 8.46 -18.11
N GLU C 345 -18.76 8.72 -17.80
CA GLU C 345 -18.10 8.16 -16.65
C GLU C 345 -18.79 8.57 -15.32
N LYS C 346 -19.43 9.74 -15.27
CA LYS C 346 -20.11 10.20 -14.06
C LYS C 346 -21.34 9.34 -13.69
N TRP C 347 -21.91 8.65 -14.67
CA TRP C 347 -23.10 7.78 -14.49
C TRP C 347 -22.86 6.40 -13.83
N GLU C 348 -21.60 6.08 -13.60
CA GLU C 348 -21.18 4.75 -13.16
C GLU C 348 -21.83 4.33 -11.87
N SER C 349 -21.98 5.26 -10.94
CA SER C 349 -22.63 4.95 -9.69
C SER C 349 -24.11 4.53 -9.83
N PHE C 350 -24.78 4.83 -10.94
CA PHE C 350 -26.16 4.39 -11.15
C PHE C 350 -26.27 3.05 -11.84
N ILE C 351 -25.16 2.52 -12.32
CA ILE C 351 -25.17 1.21 -12.95
C ILE C 351 -25.26 0.11 -11.89
N GLU C 352 -26.29 -0.76 -12.00
CA GLU C 352 -26.48 -1.85 -11.08
C GLU C 352 -26.38 -3.25 -11.70
N ASN C 353 -26.85 -3.46 -12.93
CA ASN C 353 -26.91 -4.80 -13.58
C ASN C 353 -26.42 -4.68 -14.99
N ALA C 354 -25.22 -5.18 -15.26
CA ALA C 354 -24.64 -5.14 -16.59
C ALA C 354 -23.41 -5.95 -16.45
N GLY C 355 -23.11 -6.79 -17.42
CA GLY C 355 -21.95 -7.64 -17.32
C GLY C 355 -20.67 -6.85 -17.51
N SER C 356 -20.65 -6.01 -18.55
CA SER C 356 -19.49 -5.16 -18.84
C SER C 356 -19.95 -3.85 -19.41
N VAL C 357 -19.23 -2.79 -19.06
CA VAL C 357 -19.66 -1.42 -19.34
C VAL C 357 -18.62 -0.67 -20.10
N PHE C 358 -19.08 0.07 -21.11
CA PHE C 358 -18.19 0.75 -22.06
C PHE C 358 -18.59 2.20 -21.99
N LEU C 359 -17.64 3.04 -21.56
CA LEU C 359 -17.97 4.43 -21.23
C LEU C 359 -17.41 5.45 -22.21
N GLY C 360 -18.30 6.21 -22.82
CA GLY C 360 -17.91 7.34 -23.66
C GLY C 360 -17.88 7.02 -25.13
N SER C 361 -17.43 8.01 -25.88
CA SER C 361 -17.53 8.00 -27.34
C SER C 361 -16.46 7.20 -28.06
N TRP C 362 -15.34 6.96 -27.41
CA TRP C 362 -14.20 6.23 -28.04
C TRP C 362 -14.06 4.77 -27.53
N THR C 363 -15.12 4.27 -26.90
CA THR C 363 -15.09 2.95 -26.27
C THR C 363 -16.18 2.03 -26.87
N PRO C 364 -15.95 1.55 -28.09
CA PRO C 364 -16.90 0.60 -28.63
C PRO C 364 -16.83 -0.72 -27.83
N GLU C 365 -17.90 -1.51 -27.81
CA GLU C 365 -17.80 -2.86 -27.20
C GLU C 365 -16.70 -3.75 -27.79
N SER C 366 -16.41 -3.60 -29.10
CA SER C 366 -15.28 -4.31 -29.75
C SER C 366 -13.97 -4.26 -28.95
N VAL C 367 -13.63 -3.12 -28.32
CA VAL C 367 -12.35 -3.13 -27.58
C VAL C 367 -12.38 -4.13 -26.43
N GLY C 368 -13.53 -4.31 -25.77
CA GLY C 368 -13.69 -5.30 -24.70
C GLY C 368 -13.77 -6.73 -25.19
N ASP C 369 -14.48 -6.94 -26.30
CA ASP C 369 -14.56 -8.25 -26.93
C ASP C 369 -13.15 -8.78 -27.22
N TYR C 370 -12.25 -7.90 -27.60
CA TYR C 370 -10.91 -8.29 -28.01
C TYR C 370 -9.66 -8.07 -27.16
N ALA C 371 -9.41 -6.85 -26.68
CA ALA C 371 -8.16 -6.58 -26.01
C ALA C 371 -8.02 -5.55 -24.91
N SER C 372 -9.09 -4.99 -24.40
CA SER C 372 -8.96 -4.00 -23.35
C SER C 372 -8.35 -4.65 -22.16
N GLY C 373 -8.72 -5.89 -21.97
CA GLY C 373 -8.21 -6.76 -20.93
C GLY C 373 -9.36 -7.29 -20.05
N THR C 374 -10.53 -6.66 -20.13
CA THR C 374 -11.68 -7.19 -19.42
C THR C 374 -12.12 -8.53 -20.10
N ASN C 375 -12.98 -9.24 -19.39
CA ASN C 375 -13.42 -10.52 -19.87
C ASN C 375 -14.77 -10.49 -20.61
N HIS C 376 -14.77 -10.99 -21.82
CA HIS C 376 -15.98 -11.01 -22.62
C HIS C 376 -16.95 -12.16 -22.34
N VAL C 377 -16.58 -13.11 -21.47
CA VAL C 377 -17.49 -14.23 -21.19
C VAL C 377 -18.37 -13.77 -20.07
N LEU C 378 -19.62 -13.44 -20.46
CA LEU C 378 -20.48 -12.61 -19.67
C LEU C 378 -21.88 -13.19 -19.67
N PRO C 379 -22.64 -12.96 -18.60
CA PRO C 379 -23.97 -13.51 -18.48
C PRO C 379 -25.00 -12.83 -19.34
N THR C 380 -25.81 -13.65 -20.03
CA THR C 380 -26.85 -13.16 -20.92
C THR C 380 -28.21 -13.47 -20.33
N TYR C 381 -29.25 -13.07 -21.02
CA TYR C 381 -30.67 -13.47 -20.67
C TYR C 381 -31.22 -12.71 -19.51
N GLY C 382 -30.40 -11.83 -18.89
CA GLY C 382 -30.77 -11.23 -17.65
C GLY C 382 -30.03 -11.73 -16.43
N TYR C 383 -29.16 -12.70 -16.64
CA TYR C 383 -28.37 -13.23 -15.56
C TYR C 383 -27.32 -12.24 -15.00
N ALA C 384 -27.06 -11.14 -15.70
CA ALA C 384 -26.28 -10.04 -15.13
C ALA C 384 -26.86 -9.46 -13.85
N ARG C 385 -28.08 -9.82 -13.50
CA ARG C 385 -28.69 -9.42 -12.22
C ARG C 385 -27.96 -10.08 -11.07
N MET C 386 -27.50 -11.32 -11.26
CA MET C 386 -26.82 -12.04 -10.18
C MET C 386 -25.47 -12.69 -10.43
N TYR C 387 -25.10 -12.83 -11.67
CA TYR C 387 -23.84 -13.37 -12.08
C TYR C 387 -22.85 -12.29 -12.53
N SER C 388 -21.57 -12.57 -12.27
CA SER C 388 -20.46 -11.80 -12.84
C SER C 388 -19.90 -12.45 -14.09
N GLY C 389 -19.24 -11.66 -14.92
CA GLY C 389 -18.39 -12.24 -15.96
C GLY C 389 -17.30 -13.12 -15.42
N VAL C 390 -16.67 -13.88 -16.29
CA VAL C 390 -15.53 -14.71 -15.92
C VAL C 390 -14.41 -13.81 -15.35
N SER C 391 -13.79 -14.27 -14.28
CA SER C 391 -12.68 -13.53 -13.65
C SER C 391 -11.74 -14.54 -13.14
N LEU C 392 -10.64 -14.07 -12.54
CA LEU C 392 -9.71 -14.99 -11.93
C LEU C 392 -10.39 -15.88 -10.89
N ASP C 393 -11.27 -15.30 -10.07
CA ASP C 393 -11.94 -16.04 -8.99
C ASP C 393 -12.88 -17.17 -9.50
N SER C 394 -13.28 -17.10 -10.78
CA SER C 394 -14.07 -18.20 -11.39
C SER C 394 -13.30 -19.54 -11.44
N PHE C 395 -11.96 -19.46 -11.40
CA PHE C 395 -11.09 -20.62 -11.48
C PHE C 395 -10.55 -21.08 -10.14
N LEU C 396 -11.00 -20.44 -9.07
CA LEU C 396 -10.55 -20.72 -7.70
C LEU C 396 -11.67 -21.10 -6.79
N LYS C 397 -11.29 -21.78 -5.72
CA LYS C 397 -12.08 -21.92 -4.51
C LYS C 397 -11.36 -21.19 -3.44
N TYR C 398 -12.12 -20.51 -2.59
CA TYR C 398 -11.56 -19.89 -1.41
C TYR C 398 -11.89 -20.71 -0.16
N ILE C 399 -10.89 -21.33 0.41
CA ILE C 399 -11.05 -22.19 1.56
C ILE C 399 -10.78 -21.33 2.79
N THR C 400 -11.69 -21.37 3.76
CA THR C 400 -11.43 -20.70 5.05
C THR C 400 -10.63 -21.61 5.96
N VAL C 401 -9.71 -21.00 6.67
CA VAL C 401 -8.81 -21.72 7.53
C VAL C 401 -8.83 -21.03 8.90
N GLN C 402 -8.88 -21.81 9.97
CA GLN C 402 -8.77 -21.25 11.30
C GLN C 402 -7.94 -22.09 12.24
N SER C 403 -7.40 -21.43 13.24
CA SER C 403 -6.55 -22.08 14.20
C SER C 403 -6.68 -21.32 15.51
N LEU C 404 -6.91 -22.05 16.59
CA LEU C 404 -7.01 -21.43 17.90
C LEU C 404 -5.83 -21.85 18.73
N THR C 405 -5.26 -20.90 19.48
CA THR C 405 -4.39 -21.29 20.61
C THR C 405 -5.27 -21.74 21.75
N GLU C 406 -4.63 -22.27 22.78
CA GLU C 406 -5.32 -22.60 24.02
C GLU C 406 -6.05 -21.41 24.64
N GLU C 407 -5.43 -20.23 24.59
CA GLU C 407 -6.00 -18.98 25.09
C GLU C 407 -7.20 -18.50 24.28
N GLY C 408 -7.11 -18.67 22.95
CA GLY C 408 -8.23 -18.38 22.06
C GLY C 408 -9.45 -19.20 22.39
N LEU C 409 -9.26 -20.49 22.58
CA LEU C 409 -10.33 -21.35 22.97
C LEU C 409 -10.90 -21.00 24.36
N ARG C 410 -10.04 -20.64 25.32
CA ARG C 410 -10.54 -20.21 26.64
C ARG C 410 -11.42 -18.99 26.49
N LYS C 411 -11.03 -18.04 25.65
CA LYS C 411 -11.85 -16.85 25.44
C LYS C 411 -13.13 -17.16 24.64
N LEU C 412 -12.96 -17.78 23.46
CA LEU C 412 -14.10 -18.00 22.56
C LEU C 412 -15.02 -19.18 22.96
N GLY C 413 -14.42 -20.26 23.42
CA GLY C 413 -15.14 -21.48 23.70
C GLY C 413 -16.39 -21.41 24.55
N PRO C 414 -16.33 -20.70 25.67
CA PRO C 414 -17.55 -20.50 26.47
C PRO C 414 -18.75 -19.97 25.71
N TYR C 415 -18.54 -18.99 24.86
CA TYR C 415 -19.61 -18.44 24.01
C TYR C 415 -20.16 -19.50 23.08
N VAL C 416 -19.26 -20.27 22.48
CA VAL C 416 -19.67 -21.37 21.59
C VAL C 416 -20.58 -22.34 22.34
N GLU C 417 -20.18 -22.73 23.56
CA GLU C 417 -20.98 -23.63 24.41
C GLU C 417 -22.40 -23.14 24.57
N THR C 418 -22.55 -21.86 24.95
CA THR C 418 -23.85 -21.18 25.07
C THR C 418 -24.70 -21.24 23.80
N MET C 419 -24.07 -21.00 22.64
CA MET C 419 -24.82 -21.03 21.38
C MET C 419 -25.24 -22.42 21.03
N ALA C 420 -24.35 -23.37 21.20
CA ALA C 420 -24.73 -24.74 20.98
C ALA C 420 -25.89 -25.17 21.92
N GLU C 421 -25.85 -24.81 23.21
CA GLU C 421 -26.96 -25.10 24.13
C GLU C 421 -28.26 -24.58 23.58
N VAL C 422 -28.27 -23.34 23.19
CA VAL C 422 -29.42 -22.72 22.58
C VAL C 422 -29.92 -23.48 21.35
N GLU C 423 -29.05 -24.03 20.51
CA GLU C 423 -29.52 -24.70 19.31
C GLU C 423 -29.94 -26.16 19.61
N GLY C 424 -29.57 -26.67 20.77
CA GLY C 424 -29.89 -28.04 21.16
C GLY C 424 -28.87 -29.01 20.61
N LEU C 425 -27.60 -28.62 20.58
CA LEU C 425 -26.58 -29.41 19.90
C LEU C 425 -25.44 -29.69 20.85
N GLU C 426 -25.68 -30.72 21.66
CA GLU C 426 -24.84 -31.08 22.77
C GLU C 426 -23.46 -31.60 22.34
N ALA C 427 -23.38 -32.40 21.28
CA ALA C 427 -22.04 -32.83 20.79
C ALA C 427 -21.20 -31.63 20.29
N HIS C 428 -21.86 -30.70 19.61
CA HIS C 428 -21.17 -29.43 19.24
C HIS C 428 -20.60 -28.79 20.49
N LYS C 429 -21.41 -28.75 21.55
CA LYS C 429 -20.96 -28.20 22.83
C LYS C 429 -19.78 -28.98 23.43
N ARG C 430 -19.89 -30.31 23.46
CA ARG C 430 -18.89 -31.13 24.15
C ARG C 430 -17.53 -31.10 23.49
N ALA C 431 -17.47 -30.93 22.15
CA ALA C 431 -16.18 -30.84 21.45
C ALA C 431 -15.34 -29.66 21.98
N VAL C 432 -16.02 -28.64 22.52
CA VAL C 432 -15.37 -27.55 23.22
C VAL C 432 -15.13 -27.86 24.74
N THR C 433 -16.17 -28.30 25.44
CA THR C 433 -16.06 -28.57 26.89
C THR C 433 -14.89 -29.51 27.24
N LEU C 434 -14.79 -30.66 26.59
CA LEU C 434 -13.66 -31.60 26.83
C LEU C 434 -12.31 -30.94 26.66
N ARG C 435 -12.17 -30.09 25.65
CA ARG C 435 -10.89 -29.40 25.45
C ARG C 435 -10.64 -28.41 26.55
N LEU C 436 -11.69 -27.69 26.95
CA LEU C 436 -11.56 -26.73 28.04
C LEU C 436 -11.22 -27.43 29.36
N GLN C 437 -11.85 -28.57 29.63
CA GLN C 437 -11.53 -29.36 30.81
C GLN C 437 -10.05 -29.69 30.82
N ASP C 438 -9.54 -30.22 29.71
CA ASP C 438 -8.11 -30.59 29.58
C ASP C 438 -7.17 -29.39 29.79
N ILE C 439 -7.60 -28.19 29.40
CA ILE C 439 -6.82 -26.97 29.65
C ILE C 439 -6.92 -26.51 31.11
N GLU C 440 -8.15 -26.48 31.63
CA GLU C 440 -8.40 -26.04 33.01
C GLU C 440 -7.87 -27.07 34.02
N ALA C 441 -7.83 -28.35 33.65
CA ALA C 441 -7.17 -29.39 34.45
C ALA C 441 -5.66 -29.24 34.52
N ARG C 442 -5.04 -28.71 33.47
CA ARG C 442 -3.60 -28.44 33.50
C ARG C 442 -3.22 -27.07 34.12
N GLN C 443 -4.11 -26.44 34.88
CA GLN C 443 -3.75 -25.29 35.73
C GLN C 443 -3.14 -25.82 37.02
N PRO D 10 -19.14 -50.95 15.70
CA PRO D 10 -17.84 -50.69 15.10
C PRO D 10 -17.93 -49.92 13.77
N ILE D 11 -17.13 -48.87 13.64
CA ILE D 11 -17.09 -48.10 12.41
C ILE D 11 -16.27 -48.84 11.35
N LYS D 12 -16.89 -49.07 10.20
CA LYS D 12 -16.22 -49.64 9.03
C LYS D 12 -14.82 -49.02 8.87
N THR D 13 -13.79 -49.84 8.69
CA THR D 13 -12.40 -49.38 8.51
C THR D 13 -11.80 -49.86 7.17
N TYR D 14 -10.88 -49.08 6.60
CA TYR D 14 -10.19 -49.39 5.34
C TYR D 14 -8.73 -49.02 5.37
N HIS D 15 -7.97 -49.61 4.44
CA HIS D 15 -6.54 -49.29 4.27
C HIS D 15 -6.37 -48.94 2.82
N LEU D 16 -5.83 -47.76 2.53
CA LEU D 16 -5.86 -47.25 1.17
C LEU D 16 -5.18 -48.15 0.15
N SER D 17 -3.99 -48.68 0.46
CA SER D 17 -3.26 -49.56 -0.49
C SER D 17 -3.98 -50.88 -0.69
N ASN D 18 -4.89 -51.18 0.21
CA ASN D 18 -5.69 -52.38 0.16
C ASN D 18 -6.94 -52.37 -0.74
N LEU D 19 -7.08 -51.35 -1.57
CA LEU D 19 -8.32 -51.10 -2.33
C LEU D 19 -8.01 -51.00 -3.79
N THR D 20 -8.93 -51.50 -4.62
CA THR D 20 -8.89 -51.24 -6.06
C THR D 20 -9.27 -49.78 -6.32
N GLN D 21 -8.87 -49.25 -7.47
CA GLN D 21 -9.33 -47.94 -7.94
C GLN D 21 -10.84 -47.73 -7.77
N THR D 22 -11.62 -48.70 -8.22
CA THR D 22 -13.07 -48.67 -8.10
C THR D 22 -13.54 -48.55 -6.67
N GLU D 23 -12.88 -49.23 -5.73
CA GLU D 23 -13.30 -49.16 -4.30
C GLU D 23 -12.92 -47.84 -3.68
N LEU D 24 -11.73 -47.36 -4.04
CA LEU D 24 -11.25 -46.07 -3.59
C LEU D 24 -12.22 -44.97 -4.03
N LEU D 25 -12.47 -44.92 -5.33
CA LEU D 25 -13.34 -43.91 -5.91
C LEU D 25 -14.74 -44.01 -5.33
N SER D 26 -15.22 -45.21 -5.04
CA SER D 26 -16.52 -45.32 -4.34
C SER D 26 -16.54 -44.70 -2.92
N LEU D 27 -15.39 -44.45 -2.28
CA LEU D 27 -15.39 -43.85 -0.95
C LEU D 27 -15.80 -42.36 -1.02
N LYS D 28 -15.82 -41.75 -2.22
CA LYS D 28 -16.35 -40.41 -2.32
C LYS D 28 -17.87 -40.29 -2.26
N SER D 29 -18.59 -41.40 -2.36
CA SER D 29 -20.03 -41.39 -2.31
C SER D 29 -20.57 -40.96 -0.97
N ARG D 30 -21.53 -40.06 -0.97
CA ARG D 30 -22.26 -39.69 0.24
C ARG D 30 -23.58 -40.47 0.25
N PRO D 31 -24.23 -40.57 1.41
CA PRO D 31 -25.52 -41.29 1.52
C PRO D 31 -26.73 -40.51 0.99
N ARG D 32 -26.54 -39.40 0.29
CA ARG D 32 -27.64 -38.68 -0.33
C ARG D 32 -28.21 -39.48 -1.48
N ILE D 33 -29.51 -39.33 -1.67
CA ILE D 33 -30.24 -39.86 -2.81
C ILE D 33 -29.77 -39.20 -4.11
N ASP D 34 -29.88 -39.95 -5.20
CA ASP D 34 -29.61 -39.39 -6.53
C ASP D 34 -30.57 -38.21 -6.85
N PHE D 35 -30.09 -37.25 -7.62
CA PHE D 35 -30.82 -36.02 -7.89
C PHE D 35 -32.17 -36.26 -8.58
N SER D 36 -32.24 -37.17 -9.56
CA SER D 36 -33.54 -37.50 -10.20
C SER D 36 -34.67 -37.77 -9.21
N SER D 37 -34.42 -38.66 -8.26
CA SER D 37 -35.46 -39.05 -7.29
C SER D 37 -35.85 -37.86 -6.43
N VAL D 38 -34.88 -37.06 -6.01
CA VAL D 38 -35.26 -35.94 -5.14
C VAL D 38 -36.07 -34.91 -5.99
N PHE D 39 -35.62 -34.64 -7.22
CA PHE D 39 -36.31 -33.70 -8.10
C PHE D 39 -37.77 -34.15 -8.30
N ASP D 40 -37.97 -35.45 -8.44
CA ASP D 40 -39.31 -36.02 -8.56
C ASP D 40 -40.20 -35.67 -7.39
N ILE D 41 -39.65 -35.73 -6.19
CA ILE D 41 -40.41 -35.40 -4.98
C ILE D 41 -40.68 -33.89 -4.90
N VAL D 42 -39.70 -33.09 -5.29
CA VAL D 42 -39.73 -31.62 -5.05
C VAL D 42 -40.39 -30.76 -6.15
N ASN D 43 -40.23 -31.16 -7.40
CA ASN D 43 -40.83 -30.41 -8.50
C ASN D 43 -42.30 -30.04 -8.37
N PRO D 44 -43.17 -31.02 -7.97
CA PRO D 44 -44.58 -30.71 -7.86
C PRO D 44 -44.84 -29.62 -6.82
N ILE D 45 -44.03 -29.61 -5.76
CA ILE D 45 -44.16 -28.60 -4.68
C ILE D 45 -43.79 -27.23 -5.21
N VAL D 46 -42.67 -27.18 -5.93
CA VAL D 46 -42.18 -25.97 -6.54
C VAL D 46 -43.20 -25.43 -7.51
N ASP D 47 -43.70 -26.30 -8.39
CA ASP D 47 -44.74 -25.93 -9.37
C ASP D 47 -46.01 -25.40 -8.72
N ASP D 48 -46.44 -26.06 -7.66
CA ASP D 48 -47.62 -25.63 -6.91
C ASP D 48 -47.48 -24.22 -6.30
N VAL D 49 -46.31 -23.91 -5.76
CA VAL D 49 -46.08 -22.59 -5.18
C VAL D 49 -46.00 -21.56 -6.32
N HIS D 50 -45.36 -21.89 -7.44
CA HIS D 50 -45.35 -20.95 -8.58
C HIS D 50 -46.78 -20.55 -9.02
N ALA D 51 -47.63 -21.55 -9.14
CA ALA D 51 -49.03 -21.39 -9.65
C ALA D 51 -49.97 -20.77 -8.63
N HIS D 52 -49.83 -21.14 -7.35
CA HIS D 52 -50.85 -20.80 -6.36
C HIS D 52 -50.41 -19.95 -5.20
N GLY D 53 -49.11 -19.64 -5.11
CA GLY D 53 -48.61 -18.59 -4.22
C GLY D 53 -48.82 -18.90 -2.77
N ASP D 54 -49.26 -17.88 -2.01
CA ASP D 54 -49.36 -17.97 -0.55
C ASP D 54 -50.25 -19.08 -0.06
N ALA D 55 -51.36 -19.30 -0.73
CA ALA D 55 -52.27 -20.39 -0.41
C ALA D 55 -51.58 -21.77 -0.39
N ALA D 56 -50.72 -22.02 -1.37
CA ALA D 56 -49.99 -23.30 -1.47
C ALA D 56 -48.97 -23.40 -0.35
N VAL D 57 -48.24 -22.30 -0.14
CA VAL D 57 -47.21 -22.30 0.90
C VAL D 57 -47.83 -22.59 2.28
N LYS D 58 -49.00 -21.99 2.53
CA LYS D 58 -49.76 -22.26 3.79
C LYS D 58 -50.19 -23.74 3.93
N GLN D 59 -50.66 -24.31 2.83
CA GLN D 59 -50.99 -25.74 2.78
C GLN D 59 -49.81 -26.63 3.17
N TYR D 60 -48.63 -26.42 2.55
CA TYR D 60 -47.45 -27.27 2.88
C TYR D 60 -47.02 -27.07 4.32
N THR D 61 -47.10 -25.83 4.79
CA THR D 61 -46.78 -25.50 6.19
C THR D 61 -47.78 -26.16 7.16
N SER D 62 -49.09 -26.10 6.85
CA SER D 62 -50.10 -26.89 7.61
C SER D 62 -49.70 -28.36 7.67
N LYS D 63 -49.60 -28.96 6.50
CA LYS D 63 -49.31 -30.36 6.37
C LYS D 63 -48.00 -30.72 7.08
N PHE D 64 -46.86 -30.20 6.60
CA PHE D 64 -45.55 -30.69 7.05
C PHE D 64 -45.07 -30.08 8.36
N ASP D 65 -45.21 -28.78 8.57
CA ASP D 65 -44.81 -28.20 9.87
C ASP D 65 -45.91 -28.30 10.97
N LYS D 66 -47.10 -28.80 10.63
CA LYS D 66 -48.25 -28.87 11.56
C LYS D 66 -48.59 -27.52 12.17
N VAL D 67 -48.61 -26.48 11.33
CA VAL D 67 -48.91 -25.10 11.77
C VAL D 67 -49.83 -24.41 10.76
N ASP D 68 -50.86 -23.71 11.27
CA ASP D 68 -51.75 -22.91 10.45
C ASP D 68 -51.48 -21.45 10.73
N LEU D 69 -51.20 -20.70 9.66
CA LEU D 69 -50.70 -19.34 9.82
C LEU D 69 -51.38 -18.36 8.87
N GLU D 70 -51.77 -17.22 9.42
CA GLU D 70 -52.47 -16.19 8.66
C GLU D 70 -51.44 -15.41 7.82
N ASN D 71 -50.43 -14.80 8.49
CA ASN D 71 -49.35 -14.02 7.84
C ASN D 71 -48.11 -14.83 7.72
N ILE D 72 -47.75 -15.24 6.51
CA ILE D 72 -46.54 -16.07 6.33
C ILE D 72 -45.27 -15.25 6.08
N VAL D 73 -45.43 -14.00 5.67
CA VAL D 73 -44.35 -13.06 5.51
C VAL D 73 -44.61 -11.87 6.44
N GLU D 74 -43.60 -11.53 7.24
CA GLU D 74 -43.61 -10.37 8.14
C GLU D 74 -42.48 -9.42 7.74
N LEU D 75 -42.80 -8.13 7.67
CA LEU D 75 -41.80 -7.07 7.55
C LEU D 75 -41.09 -7.00 8.88
N VAL D 76 -39.78 -7.11 8.84
CA VAL D 76 -38.99 -7.18 10.06
C VAL D 76 -39.11 -5.92 10.90
N SER D 77 -39.27 -4.78 10.23
CA SER D 77 -39.63 -3.48 10.84
C SER D 77 -40.80 -3.53 11.82
N ASP D 78 -41.83 -4.28 11.47
CA ASP D 78 -43.04 -4.37 12.28
C ASP D 78 -42.85 -5.22 13.52
N LEU D 79 -41.74 -5.93 13.66
CA LEU D 79 -41.58 -6.84 14.76
C LEU D 79 -40.73 -6.21 15.84
N PRO D 80 -41.08 -6.46 17.11
CA PRO D 80 -40.22 -5.97 18.17
C PRO D 80 -38.91 -6.74 18.27
N ASP D 81 -37.85 -6.07 18.70
CA ASP D 81 -36.58 -6.65 19.06
C ASP D 81 -36.72 -7.60 20.22
N PRO D 82 -36.54 -8.90 20.00
CA PRO D 82 -36.70 -9.70 21.20
C PRO D 82 -35.54 -9.42 22.14
N VAL D 83 -35.75 -9.76 23.41
CA VAL D 83 -34.75 -9.57 24.43
C VAL D 83 -34.37 -10.99 24.83
N LEU D 84 -33.11 -11.15 25.13
CA LEU D 84 -32.52 -12.45 25.32
C LEU D 84 -31.98 -12.49 26.73
N ASP D 85 -31.89 -13.66 27.32
CA ASP D 85 -31.09 -13.85 28.51
C ASP D 85 -29.70 -13.25 28.27
N PRO D 86 -29.12 -12.57 29.28
CA PRO D 86 -27.83 -11.89 29.08
C PRO D 86 -26.72 -12.74 28.50
N ALA D 87 -26.56 -13.99 28.97
CA ALA D 87 -25.51 -14.87 28.49
C ALA D 87 -25.72 -15.17 27.01
N ILE D 88 -26.97 -15.37 26.62
CA ILE D 88 -27.29 -15.73 25.24
C ILE D 88 -26.98 -14.55 24.31
N LYS D 89 -27.44 -13.37 24.70
CA LYS D 89 -27.15 -12.14 23.97
C LYS D 89 -25.65 -11.91 23.75
N GLU D 90 -24.84 -12.07 24.79
CA GLU D 90 -23.40 -11.82 24.69
C GLU D 90 -22.75 -12.80 23.69
N ALA D 91 -23.14 -14.07 23.77
CA ALA D 91 -22.62 -15.09 22.85
C ALA D 91 -22.91 -14.72 21.37
N PHE D 92 -24.17 -14.43 21.04
CA PHE D 92 -24.53 -14.03 19.67
C PHE D 92 -23.87 -12.73 19.22
N ASP D 93 -23.79 -11.76 20.13
CA ASP D 93 -23.10 -10.51 19.83
C ASP D 93 -21.63 -10.73 19.49
N VAL D 94 -20.98 -11.68 20.18
CA VAL D 94 -19.58 -12.06 19.91
C VAL D 94 -19.46 -12.75 18.52
N ALA D 95 -20.33 -13.71 18.27
CA ALA D 95 -20.41 -14.31 16.93
C ALA D 95 -20.65 -13.27 15.86
N TYR D 96 -21.61 -12.36 16.07
CA TYR D 96 -21.85 -11.31 15.09
C TYR D 96 -20.59 -10.53 14.80
N SER D 97 -19.90 -10.11 15.86
CA SER D 97 -18.77 -9.23 15.70
C SER D 97 -17.65 -10.00 14.97
N ASN D 98 -17.46 -11.27 15.31
CA ASN D 98 -16.44 -12.07 14.65
C ASN D 98 -16.78 -12.33 13.17
N ILE D 99 -18.01 -12.71 12.89
CA ILE D 99 -18.46 -12.96 11.50
C ILE D 99 -18.34 -11.67 10.70
N TYR D 100 -18.82 -10.58 11.28
CA TYR D 100 -18.77 -9.28 10.64
C TYR D 100 -17.33 -8.92 10.28
N ALA D 101 -16.44 -9.00 11.26
CA ALA D 101 -15.04 -8.69 11.05
C ALA D 101 -14.41 -9.51 9.94
N PHE D 102 -14.65 -10.83 9.98
CA PHE D 102 -14.04 -11.71 9.00
C PHE D 102 -14.52 -11.40 7.56
N HIS D 103 -15.82 -11.15 7.39
CA HIS D 103 -16.40 -10.84 6.09
C HIS D 103 -16.10 -9.44 5.58
N ALA D 104 -16.06 -8.48 6.50
CA ALA D 104 -15.78 -7.10 6.10
C ALA D 104 -14.35 -6.99 5.56
N ALA D 105 -13.42 -7.73 6.13
CA ALA D 105 -12.04 -7.80 5.63
C ALA D 105 -11.92 -8.28 4.20
N GLN D 106 -13.00 -8.84 3.64
CA GLN D 106 -13.00 -9.33 2.27
C GLN D 106 -13.20 -8.29 1.18
N LYS D 107 -13.58 -7.07 1.53
CA LYS D 107 -13.88 -6.07 0.51
C LYS D 107 -12.67 -5.80 -0.39
N SER D 108 -12.91 -5.68 -1.70
CA SER D 108 -11.85 -5.39 -2.70
C SER D 108 -11.70 -3.89 -2.91
N PRO D 109 -10.47 -3.34 -2.76
CA PRO D 109 -10.31 -1.93 -3.21
C PRO D 109 -10.40 -1.96 -4.73
N GLU D 110 -11.05 -0.97 -5.34
CA GLU D 110 -11.40 -1.06 -6.77
C GLU D 110 -10.44 -0.23 -7.61
N LYS D 111 -9.19 -0.66 -7.69
CA LYS D 111 -8.17 0.14 -8.38
C LYS D 111 -8.27 -0.02 -9.91
N SER D 112 -8.11 1.10 -10.61
CA SER D 112 -8.00 1.12 -12.09
C SER D 112 -6.76 0.35 -12.55
N VAL D 113 -6.86 -0.33 -13.68
CA VAL D 113 -5.72 -0.97 -14.34
C VAL D 113 -5.56 -0.16 -15.61
N GLU D 114 -4.36 0.40 -15.82
CA GLU D 114 -4.08 1.14 -17.04
C GLU D 114 -2.67 0.80 -17.51
N ASN D 115 -2.63 -0.31 -18.22
CA ASN D 115 -1.44 -0.94 -18.80
C ASN D 115 -0.94 -0.06 -19.94
N MET D 116 -1.83 0.17 -20.91
CA MET D 116 -1.61 1.10 -22.02
C MET D 116 -2.28 2.41 -21.67
N LYS D 117 -1.57 3.51 -21.98
CA LYS D 117 -2.06 4.83 -21.70
C LYS D 117 -3.33 5.04 -22.50
N GLY D 118 -4.34 5.58 -21.82
CA GLY D 118 -5.63 5.81 -22.43
C GLY D 118 -6.62 4.64 -22.39
N VAL D 119 -6.21 3.47 -21.86
CA VAL D 119 -7.08 2.28 -21.82
C VAL D 119 -7.26 1.98 -20.36
N GLN D 120 -8.32 2.49 -19.78
CA GLN D 120 -8.56 2.46 -18.36
C GLN D 120 -9.62 1.38 -18.05
N CYS D 121 -9.29 0.39 -17.22
CA CYS D 121 -10.21 -0.71 -16.90
C CYS D 121 -10.28 -0.90 -15.39
N LYS D 122 -11.43 -1.37 -14.93
CA LYS D 122 -11.70 -1.51 -13.53
C LYS D 122 -12.81 -2.58 -13.30
N ARG D 123 -12.86 -3.13 -12.12
CA ARG D 123 -13.85 -4.09 -11.74
C ARG D 123 -14.50 -3.47 -10.55
N VAL D 124 -15.79 -3.14 -10.69
CA VAL D 124 -16.58 -2.56 -9.60
C VAL D 124 -17.65 -3.49 -9.00
N ALA D 125 -17.81 -3.42 -7.70
CA ALA D 125 -18.71 -4.28 -6.99
C ALA D 125 -20.12 -3.67 -6.92
N ARG D 126 -21.14 -4.49 -7.16
CA ARG D 126 -22.50 -4.06 -6.96
C ARG D 126 -23.23 -5.14 -6.19
N SER D 127 -23.99 -4.77 -5.18
CA SER D 127 -24.70 -5.78 -4.46
C SER D 127 -25.81 -6.40 -5.30
N ILE D 128 -26.03 -7.71 -5.09
CA ILE D 128 -27.26 -8.32 -5.62
C ILE D 128 -28.46 -7.65 -4.90
N ASN D 129 -29.45 -7.20 -5.66
CA ASN D 129 -30.47 -6.31 -5.09
C ASN D 129 -31.37 -7.02 -4.08
N SER D 130 -31.67 -8.30 -4.35
CA SER D 130 -32.63 -9.03 -3.59
C SER D 130 -32.12 -10.47 -3.35
N VAL D 131 -32.05 -10.90 -2.08
CA VAL D 131 -31.49 -12.18 -1.70
C VAL D 131 -32.42 -12.89 -0.78
N GLY D 132 -32.46 -14.22 -0.91
CA GLY D 132 -33.22 -15.10 -0.03
C GLY D 132 -32.30 -16.02 0.75
N LEU D 133 -32.50 -16.10 2.05
CA LEU D 133 -31.63 -16.79 2.97
C LEU D 133 -32.41 -17.88 3.67
N TYR D 134 -32.09 -19.16 3.41
CA TYR D 134 -32.76 -20.27 4.03
C TYR D 134 -32.07 -20.66 5.35
N VAL D 135 -32.83 -20.67 6.45
CA VAL D 135 -32.34 -21.06 7.77
C VAL D 135 -33.25 -22.21 8.22
N PRO D 136 -32.74 -23.43 8.32
CA PRO D 136 -33.55 -24.57 8.71
C PRO D 136 -34.08 -24.40 10.10
N GLY D 137 -35.26 -24.90 10.34
CA GLY D 137 -35.85 -24.76 11.64
C GLY D 137 -36.64 -25.87 12.27
N GLY D 138 -37.89 -25.52 12.58
CA GLY D 138 -38.80 -26.40 13.26
C GLY D 138 -38.23 -26.64 14.63
N THR D 139 -38.04 -27.91 14.96
CA THR D 139 -37.55 -28.27 16.25
C THR D 139 -36.21 -27.75 16.65
N ALA D 140 -35.22 -27.88 15.80
CA ALA D 140 -33.88 -27.43 16.17
C ALA D 140 -33.72 -26.10 15.53
N VAL D 141 -33.18 -25.16 16.28
CA VAL D 141 -33.06 -23.81 15.84
C VAL D 141 -31.66 -23.43 15.47
N LEU D 142 -31.55 -22.67 14.40
CA LEU D 142 -30.28 -22.34 13.79
C LEU D 142 -30.02 -20.83 13.62
N PRO D 143 -30.01 -20.11 14.73
CA PRO D 143 -29.67 -18.69 14.62
C PRO D 143 -28.23 -18.46 14.18
N SER D 144 -27.34 -19.43 14.35
CA SER D 144 -25.92 -19.27 13.81
C SER D 144 -25.95 -19.12 12.26
N THR D 145 -26.79 -19.91 11.60
CA THR D 145 -26.98 -19.84 10.13
C THR D 145 -27.52 -18.49 9.72
N ALA D 146 -28.44 -17.96 10.51
CA ALA D 146 -29.00 -16.65 10.26
C ALA D 146 -27.91 -15.59 10.21
N LEU D 147 -26.96 -15.67 11.13
CA LEU D 147 -25.81 -14.77 11.08
C LEU D 147 -24.89 -15.04 9.91
N MET D 148 -24.65 -16.29 9.62
CA MET D 148 -23.76 -16.65 8.52
C MET D 148 -24.21 -16.12 7.17
N LEU D 149 -25.53 -16.09 6.96
CA LEU D 149 -26.09 -15.57 5.71
C LEU D 149 -26.39 -14.07 5.73
N ALA D 150 -26.91 -13.56 6.85
CA ALA D 150 -27.40 -12.17 6.85
C ALA D 150 -26.27 -11.15 7.01
N VAL D 151 -25.21 -11.54 7.73
CA VAL D 151 -24.11 -10.59 7.94
C VAL D 151 -23.43 -10.22 6.64
N PRO D 152 -22.99 -11.20 5.85
CA PRO D 152 -22.43 -10.76 4.56
C PRO D 152 -23.42 -10.03 3.66
N ALA D 153 -24.72 -10.39 3.69
CA ALA D 153 -25.69 -9.63 2.94
C ALA D 153 -25.75 -8.13 3.39
N GLN D 154 -25.74 -7.95 4.71
CA GLN D 154 -25.70 -6.62 5.32
C GLN D 154 -24.51 -5.85 4.85
N ILE D 155 -23.34 -6.46 4.87
CA ILE D 155 -22.11 -5.76 4.48
C ILE D 155 -22.14 -5.44 3.00
N ALA D 156 -22.71 -6.35 2.19
CA ALA D 156 -22.77 -6.14 0.76
C ALA D 156 -23.73 -5.03 0.43
N GLY D 157 -24.75 -4.83 1.27
CA GLY D 157 -25.68 -3.73 1.01
C GLY D 157 -26.87 -4.18 0.22
N CYS D 158 -27.18 -5.48 0.18
CA CYS D 158 -28.39 -5.93 -0.50
C CYS D 158 -29.60 -5.16 0.03
N LYS D 159 -30.41 -4.63 -0.86
CA LYS D 159 -31.63 -3.89 -0.53
C LYS D 159 -32.76 -4.70 0.07
N THR D 160 -33.06 -5.86 -0.52
CA THR D 160 -34.08 -6.71 0.04
C THR D 160 -33.43 -7.98 0.49
N ILE D 161 -33.66 -8.36 1.76
CA ILE D 161 -33.14 -9.57 2.33
C ILE D 161 -34.27 -10.35 2.99
N VAL D 162 -34.64 -11.48 2.39
CA VAL D 162 -35.74 -12.32 2.87
C VAL D 162 -35.07 -13.47 3.53
N LEU D 163 -35.50 -13.74 4.75
CA LEU D 163 -34.99 -14.83 5.51
C LEU D 163 -36.12 -15.80 5.68
N ALA D 164 -35.90 -17.05 5.24
CA ALA D 164 -36.90 -18.12 5.36
C ALA D 164 -36.53 -19.03 6.51
N ASN D 165 -37.50 -19.26 7.37
CA ASN D 165 -37.30 -20.03 8.60
C ASN D 165 -38.64 -20.63 8.97
N PRO D 166 -38.74 -21.97 9.00
CA PRO D 166 -40.05 -22.49 9.28
C PRO D 166 -40.37 -22.23 10.78
N PRO D 167 -41.64 -22.00 11.09
CA PRO D 167 -42.02 -21.66 12.46
C PRO D 167 -41.98 -22.90 13.41
N THR D 168 -41.97 -22.65 14.73
CA THR D 168 -42.22 -23.70 15.75
C THR D 168 -43.71 -24.01 15.84
N ARG D 169 -44.05 -25.09 16.55
CA ARG D 169 -45.43 -25.64 16.68
C ARG D 169 -46.53 -24.61 16.95
N ASP D 170 -46.20 -23.59 17.74
CA ASP D 170 -47.13 -22.50 18.06
C ASP D 170 -47.18 -21.36 17.01
N GLY D 171 -46.47 -21.50 15.89
CA GLY D 171 -46.49 -20.50 14.83
C GLY D 171 -45.62 -19.27 15.06
N THR D 172 -44.69 -19.35 16.01
CA THR D 172 -43.73 -18.27 16.24
C THR D 172 -42.35 -18.71 15.80
N THR D 173 -41.54 -17.68 15.53
CA THR D 173 -40.17 -17.81 15.09
C THR D 173 -39.29 -17.82 16.31
N CYS D 174 -38.33 -18.72 16.33
CA CYS D 174 -37.26 -18.68 17.35
C CYS D 174 -36.77 -17.25 17.58
N LYS D 175 -36.88 -16.81 18.84
CA LYS D 175 -36.48 -15.46 19.26
C LYS D 175 -34.99 -15.16 18.99
N GLU D 176 -34.14 -16.16 19.08
CA GLU D 176 -32.72 -16.00 18.80
C GLU D 176 -32.50 -15.80 17.29
N VAL D 177 -33.24 -16.50 16.45
CA VAL D 177 -33.21 -16.27 15.02
C VAL D 177 -33.65 -14.86 14.72
N LEU D 178 -34.76 -14.41 15.32
CA LEU D 178 -35.23 -13.02 15.11
C LEU D 178 -34.22 -11.98 15.53
N TYR D 179 -33.57 -12.20 16.67
CA TYR D 179 -32.55 -11.26 17.18
C TYR D 179 -31.43 -11.13 16.14
N CYS D 180 -30.94 -12.27 15.70
CA CYS D 180 -29.86 -12.29 14.69
C CYS D 180 -30.28 -11.61 13.38
N ALA D 181 -31.48 -11.93 12.89
CA ALA D 181 -32.05 -11.27 11.71
C ALA D 181 -32.08 -9.75 11.80
N LYS D 182 -32.52 -9.23 12.95
CA LYS D 182 -32.59 -7.78 13.15
C LYS D 182 -31.22 -7.20 13.27
N LYS D 183 -30.34 -7.88 13.97
CA LYS D 183 -29.00 -7.38 14.11
C LYS D 183 -28.32 -7.24 12.74
N ALA D 184 -28.58 -8.18 11.82
CA ALA D 184 -28.00 -8.15 10.46
C ALA D 184 -28.88 -7.52 9.36
N GLY D 185 -29.93 -6.78 9.71
CA GLY D 185 -30.70 -6.05 8.73
C GLY D 185 -31.54 -6.86 7.76
N VAL D 186 -31.94 -8.05 8.15
CA VAL D 186 -32.94 -8.77 7.35
C VAL D 186 -34.18 -7.87 7.18
N THR D 187 -34.70 -7.79 5.95
CA THR D 187 -35.88 -6.96 5.71
C THR D 187 -37.19 -7.69 5.83
N HIS D 188 -37.24 -8.98 5.49
CA HIS D 188 -38.47 -9.72 5.49
C HIS D 188 -38.24 -11.09 6.06
N LEU D 189 -39.28 -11.62 6.73
CA LEU D 189 -39.25 -12.91 7.33
C LEU D 189 -40.33 -13.77 6.72
N LEU D 190 -39.94 -14.86 6.09
CA LEU D 190 -40.89 -15.80 5.50
C LEU D 190 -40.94 -17.00 6.41
N LYS D 191 -42.11 -17.27 6.97
CA LYS D 191 -42.27 -18.32 7.98
C LYS D 191 -42.73 -19.57 7.32
N ALA D 192 -41.80 -20.17 6.60
CA ALA D 192 -42.00 -21.41 5.89
C ALA D 192 -40.64 -22.07 5.71
N GLY D 193 -40.66 -23.36 5.46
CA GLY D 193 -39.47 -24.13 5.19
C GLY D 193 -39.63 -24.92 3.94
N GLY D 194 -38.63 -25.75 3.71
CA GLY D 194 -38.65 -26.76 2.66
C GLY D 194 -38.65 -26.16 1.28
N ALA D 195 -38.93 -27.03 0.31
CA ALA D 195 -39.04 -26.65 -1.11
C ALA D 195 -40.06 -25.56 -1.35
N GLN D 196 -41.13 -25.52 -0.55
CA GLN D 196 -42.17 -24.50 -0.74
C GLN D 196 -41.64 -23.09 -0.42
N ALA D 197 -40.71 -23.00 0.52
CA ALA D 197 -40.09 -21.71 0.91
C ALA D 197 -39.13 -21.24 -0.17
N ILE D 198 -38.33 -22.17 -0.68
CA ILE D 198 -37.38 -21.89 -1.74
C ILE D 198 -38.18 -21.40 -2.94
N SER D 199 -39.25 -22.13 -3.25
CA SER D 199 -40.05 -21.76 -4.41
C SER D 199 -40.66 -20.34 -4.20
N ALA D 200 -41.18 -20.05 -3.01
CA ALA D 200 -41.79 -18.75 -2.73
C ALA D 200 -40.84 -17.59 -2.98
N MET D 201 -39.60 -17.76 -2.54
CA MET D 201 -38.57 -16.74 -2.77
C MET D 201 -38.18 -16.59 -4.26
N ALA D 202 -38.06 -17.70 -4.98
CA ALA D 202 -37.59 -17.69 -6.37
C ALA D 202 -38.55 -17.06 -7.33
N TRP D 203 -39.84 -17.33 -7.13
CA TRP D 203 -40.93 -16.81 -7.94
C TRP D 203 -41.47 -15.52 -7.39
N GLY D 204 -41.38 -15.32 -6.07
CA GLY D 204 -42.17 -14.34 -5.37
C GLY D 204 -43.56 -14.89 -5.15
N THR D 205 -44.28 -14.36 -4.16
CA THR D 205 -45.71 -14.60 -4.00
C THR D 205 -46.45 -13.28 -3.78
N GLU D 206 -47.72 -13.36 -3.38
CA GLU D 206 -48.52 -12.18 -3.07
C GLU D 206 -47.85 -11.33 -1.98
N THR D 207 -47.27 -11.96 -0.95
CA THR D 207 -46.53 -11.22 0.09
C THR D 207 -45.00 -11.43 0.12
N CYS D 208 -44.47 -12.50 -0.51
CA CYS D 208 -43.04 -12.74 -0.47
C CYS D 208 -42.35 -12.05 -1.63
N PRO D 209 -41.36 -11.18 -1.35
CA PRO D 209 -40.59 -10.59 -2.45
C PRO D 209 -39.87 -11.69 -3.26
N LYS D 210 -39.74 -11.48 -4.57
CA LYS D 210 -38.96 -12.35 -5.44
C LYS D 210 -37.49 -11.96 -5.26
N VAL D 211 -36.63 -12.95 -5.09
CA VAL D 211 -35.18 -12.69 -4.86
C VAL D 211 -34.42 -13.10 -6.12
N GLU D 212 -33.21 -12.59 -6.27
CA GLU D 212 -32.33 -12.94 -7.37
C GLU D 212 -31.41 -14.11 -7.08
N LYS D 213 -31.13 -14.33 -5.80
CA LYS D 213 -30.19 -15.37 -5.42
C LYS D 213 -30.64 -15.95 -4.12
N ILE D 214 -30.56 -17.27 -4.00
CA ILE D 214 -31.05 -17.98 -2.83
C ILE D 214 -29.87 -18.75 -2.22
N PHE D 215 -29.77 -18.65 -0.89
CA PHE D 215 -28.63 -19.07 -0.12
C PHE D 215 -29.10 -20.05 0.95
N GLY D 216 -28.19 -20.94 1.36
CA GLY D 216 -28.33 -21.58 2.65
C GLY D 216 -28.31 -23.10 2.68
N PRO D 217 -28.02 -23.63 3.85
CA PRO D 217 -27.98 -25.07 4.05
C PRO D 217 -29.36 -25.64 4.26
N GLY D 218 -29.53 -26.91 3.96
CA GLY D 218 -30.83 -27.54 4.16
C GLY D 218 -30.73 -29.03 3.96
N ASN D 219 -31.84 -29.70 4.12
CA ASN D 219 -31.89 -31.13 3.92
C ASN D 219 -31.81 -31.37 2.42
N GLN D 220 -31.92 -32.63 1.99
CA GLN D 220 -31.67 -32.87 0.58
C GLN D 220 -32.78 -32.35 -0.35
N TYR D 221 -33.97 -32.15 0.19
CA TYR D 221 -35.13 -31.61 -0.53
C TYR D 221 -34.99 -30.09 -0.76
N VAL D 222 -34.53 -29.39 0.24
CA VAL D 222 -34.25 -27.94 0.08
C VAL D 222 -33.17 -27.77 -0.98
N THR D 223 -32.12 -28.57 -0.91
CA THR D 223 -31.02 -28.46 -1.82
C THR D 223 -31.49 -28.74 -3.22
N ALA D 224 -32.33 -29.78 -3.34
CA ALA D 224 -32.87 -30.14 -4.61
C ALA D 224 -33.72 -29.01 -5.20
N ALA D 225 -34.53 -28.39 -4.37
CA ALA D 225 -35.32 -27.22 -4.74
C ALA D 225 -34.46 -26.10 -5.31
N LYS D 226 -33.38 -25.79 -4.61
CA LYS D 226 -32.45 -24.76 -5.05
C LYS D 226 -31.86 -25.08 -6.45
N MET D 227 -31.47 -26.33 -6.64
CA MET D 227 -30.91 -26.78 -7.92
C MET D 227 -31.91 -26.74 -9.08
N ILE D 228 -33.11 -27.24 -8.87
CA ILE D 228 -34.18 -27.08 -9.87
C ILE D 228 -34.38 -25.61 -10.23
N LEU D 229 -34.55 -24.76 -9.22
CA LEU D 229 -34.88 -23.37 -9.50
C LEU D 229 -33.81 -22.61 -10.24
N GLN D 230 -32.52 -22.91 -10.03
CA GLN D 230 -31.44 -22.18 -10.71
C GLN D 230 -31.52 -22.39 -12.22
N ASN D 231 -32.05 -23.53 -12.65
CA ASN D 231 -32.32 -23.82 -14.07
C ASN D 231 -33.72 -23.43 -14.61
N SER D 232 -34.52 -22.72 -13.82
CA SER D 232 -35.88 -22.41 -14.20
C SER D 232 -36.04 -20.98 -14.73
N GLU D 233 -37.22 -20.73 -15.26
CA GLU D 233 -37.64 -19.39 -15.72
C GLU D 233 -37.77 -18.37 -14.59
N ALA D 234 -37.66 -18.79 -13.33
CA ALA D 234 -37.70 -17.89 -12.21
C ALA D 234 -36.54 -16.83 -12.26
N MET D 235 -35.46 -17.16 -12.94
CA MET D 235 -34.27 -16.33 -13.09
C MET D 235 -33.71 -16.09 -11.69
N VAL D 236 -33.05 -17.08 -11.16
CA VAL D 236 -32.49 -17.08 -9.80
C VAL D 236 -31.19 -17.88 -9.90
N SER D 237 -30.15 -17.47 -9.15
CA SER D 237 -28.98 -18.28 -8.93
C SER D 237 -28.98 -18.77 -7.47
N ILE D 238 -28.04 -19.66 -7.15
CA ILE D 238 -27.90 -20.14 -5.81
C ILE D 238 -26.41 -20.10 -5.42
N ASP D 239 -26.19 -20.22 -4.12
CA ASP D 239 -24.86 -20.23 -3.57
C ASP D 239 -24.09 -21.53 -3.95
N MET D 240 -24.70 -22.68 -3.65
CA MET D 240 -24.08 -24.00 -3.74
C MET D 240 -25.04 -25.06 -3.22
N PRO D 241 -24.78 -26.36 -3.54
CA PRO D 241 -25.38 -27.48 -2.81
C PRO D 241 -24.79 -27.59 -1.41
N ALA D 242 -25.58 -27.15 -0.43
CA ALA D 242 -25.15 -27.08 0.97
C ALA D 242 -26.08 -28.01 1.71
N GLY D 243 -25.76 -29.29 1.68
CA GLY D 243 -26.64 -30.31 2.21
C GLY D 243 -26.25 -30.74 3.59
N PRO D 244 -26.64 -31.97 3.98
CA PRO D 244 -26.27 -32.58 5.26
C PRO D 244 -24.81 -32.45 5.56
N SER D 245 -24.52 -32.15 6.81
CA SER D 245 -23.18 -31.84 7.25
C SER D 245 -22.17 -32.99 7.20
N GLU D 246 -20.92 -32.64 6.95
CA GLU D 246 -19.83 -33.59 6.90
C GLU D 246 -18.62 -33.06 7.60
N VAL D 247 -17.86 -33.98 8.21
CA VAL D 247 -16.55 -33.65 8.72
C VAL D 247 -15.59 -34.80 8.39
N LEU D 248 -14.40 -34.45 7.91
CA LEU D 248 -13.29 -35.37 7.82
C LEU D 248 -12.22 -34.91 8.81
N VAL D 249 -11.83 -35.84 9.70
CA VAL D 249 -10.77 -35.61 10.66
C VAL D 249 -9.54 -36.38 10.27
N ILE D 250 -8.42 -35.69 10.19
CA ILE D 250 -7.13 -36.35 10.10
C ILE D 250 -6.52 -36.30 11.51
N ALA D 251 -6.03 -37.43 11.98
CA ALA D 251 -5.48 -37.54 13.35
C ALA D 251 -4.23 -38.42 13.35
N ASP D 252 -3.25 -38.03 14.15
CA ASP D 252 -2.02 -38.77 14.30
C ASP D 252 -1.82 -39.24 15.74
N LYS D 253 -0.70 -39.89 16.03
CA LYS D 253 -0.42 -40.41 17.39
C LYS D 253 -0.40 -39.35 18.51
N HIS D 254 -0.25 -38.10 18.14
CA HIS D 254 -0.29 -37.04 19.11
C HIS D 254 -1.71 -36.59 19.44
N ALA D 255 -2.74 -37.16 18.81
CA ALA D 255 -4.12 -36.62 18.96
C ALA D 255 -4.81 -37.25 20.13
N ILE D 256 -5.33 -36.44 21.05
CA ILE D 256 -6.08 -36.99 22.23
C ILE D 256 -7.36 -37.69 21.76
N PRO D 257 -7.50 -39.00 22.04
CA PRO D 257 -8.61 -39.78 21.45
C PRO D 257 -10.04 -39.43 21.82
N SER D 258 -10.27 -38.86 23.00
CA SER D 258 -11.63 -38.44 23.38
C SER D 258 -12.01 -37.18 22.58
N HIS D 259 -11.02 -36.36 22.24
CA HIS D 259 -11.21 -35.11 21.50
C HIS D 259 -11.50 -35.38 20.02
N VAL D 260 -10.81 -36.38 19.47
CA VAL D 260 -11.07 -36.87 18.13
C VAL D 260 -12.48 -37.43 18.03
N ALA D 261 -12.82 -38.35 18.92
CA ALA D 261 -14.20 -38.88 18.98
C ALA D 261 -15.24 -37.75 19.09
N ALA D 262 -14.94 -36.75 19.89
CA ALA D 262 -15.87 -35.62 20.12
C ALA D 262 -16.14 -34.83 18.84
N ASP D 263 -15.06 -34.53 18.12
CA ASP D 263 -15.19 -33.89 16.79
C ASP D 263 -16.06 -34.70 15.80
N LEU D 264 -15.79 -35.98 15.68
CA LEU D 264 -16.57 -36.82 14.79
C LEU D 264 -18.08 -36.73 15.10
N LEU D 265 -18.41 -36.82 16.38
CA LEU D 265 -19.79 -36.79 16.86
C LEU D 265 -20.43 -35.42 16.74
N SER D 266 -19.63 -34.36 16.91
CA SER D 266 -20.16 -32.99 16.75
C SER D 266 -21.04 -32.79 15.53
N GLN D 267 -20.60 -33.25 14.38
CA GLN D 267 -21.41 -33.12 13.16
C GLN D 267 -22.30 -34.31 12.88
N ALA D 268 -21.99 -35.48 13.40
CA ALA D 268 -22.85 -36.67 13.24
C ALA D 268 -24.23 -36.39 13.81
N GLU D 269 -24.31 -35.62 14.89
CA GLU D 269 -25.59 -35.30 15.52
C GLU D 269 -26.50 -34.43 14.68
N HIS D 270 -26.00 -33.81 13.61
CA HIS D 270 -26.88 -33.02 12.72
C HIS D 270 -28.05 -33.79 12.11
N GLY D 271 -27.89 -35.09 11.85
CA GLY D 271 -28.91 -35.80 11.12
C GLY D 271 -28.41 -37.14 10.59
N PRO D 272 -29.35 -38.01 10.19
CA PRO D 272 -28.97 -39.39 9.83
C PRO D 272 -28.24 -39.44 8.48
N ASP D 273 -28.53 -38.46 7.61
CA ASP D 273 -27.87 -38.23 6.32
C ASP D 273 -26.44 -37.64 6.42
N SER D 274 -25.97 -37.30 7.62
CA SER D 274 -24.65 -36.73 7.76
C SER D 274 -23.62 -37.82 7.57
N GLN D 275 -22.39 -37.40 7.31
CA GLN D 275 -21.33 -38.36 7.08
C GLN D 275 -20.05 -37.84 7.67
N VAL D 276 -19.32 -38.73 8.33
CA VAL D 276 -18.17 -38.42 9.10
C VAL D 276 -17.07 -39.37 8.63
N VAL D 277 -15.85 -38.88 8.53
CA VAL D 277 -14.74 -39.69 8.08
C VAL D 277 -13.56 -39.46 9.00
N LEU D 278 -12.91 -40.54 9.43
CA LEU D 278 -11.64 -40.39 10.18
C LEU D 278 -10.48 -40.92 9.34
N VAL D 279 -9.43 -40.14 9.19
CA VAL D 279 -8.24 -40.60 8.50
C VAL D 279 -7.10 -40.62 9.51
N ILE D 280 -6.58 -41.83 9.74
CA ILE D 280 -5.50 -42.07 10.69
C ILE D 280 -4.23 -41.99 9.89
N ALA D 281 -3.40 -41.01 10.24
CA ALA D 281 -2.18 -40.64 9.51
C ALA D 281 -0.90 -41.30 10.07
N GLY D 282 -0.48 -42.42 9.52
CA GLY D 282 0.73 -43.11 9.99
C GLY D 282 0.61 -43.94 11.27
N ASP D 283 1.74 -44.14 11.94
CA ASP D 283 1.85 -45.15 13.01
C ASP D 283 1.46 -44.55 14.34
N GLY D 284 1.25 -45.43 15.31
CA GLY D 284 1.18 -45.04 16.72
C GLY D 284 -0.17 -44.63 17.25
N VAL D 285 -1.22 -44.85 16.46
CA VAL D 285 -2.53 -44.31 16.79
C VAL D 285 -3.41 -45.37 17.42
N ASP D 286 -3.92 -45.10 18.62
CA ASP D 286 -4.76 -46.01 19.36
C ASP D 286 -6.19 -45.94 18.85
N GLN D 287 -6.45 -46.59 17.71
CA GLN D 287 -7.80 -46.65 17.11
C GLN D 287 -8.89 -47.22 18.02
N ASN D 288 -8.52 -48.15 18.91
CA ASN D 288 -9.50 -48.75 19.82
C ASN D 288 -9.97 -47.79 20.86
N ALA D 289 -9.04 -46.99 21.38
CA ALA D 289 -9.37 -45.89 22.28
C ALA D 289 -10.37 -44.92 21.62
N ILE D 290 -10.15 -44.60 20.35
CA ILE D 290 -11.01 -43.62 19.68
C ILE D 290 -12.35 -44.29 19.43
N GLN D 291 -12.31 -45.54 18.98
CA GLN D 291 -13.51 -46.36 18.76
C GLN D 291 -14.41 -46.51 19.99
N GLU D 292 -13.76 -46.72 21.12
CA GLU D 292 -14.42 -46.81 22.41
C GLU D 292 -14.93 -45.45 22.87
N GLU D 293 -14.10 -44.41 22.73
CA GLU D 293 -14.58 -43.05 22.99
C GLU D 293 -15.84 -42.72 22.16
N VAL D 294 -15.86 -43.05 20.86
CA VAL D 294 -17.03 -42.77 20.01
C VAL D 294 -18.31 -43.47 20.46
N SER D 295 -18.19 -44.74 20.86
CA SER D 295 -19.35 -45.49 21.39
C SER D 295 -19.82 -44.91 22.71
N LYS D 296 -18.88 -44.73 23.61
CA LYS D 296 -19.12 -44.13 24.91
C LYS D 296 -19.93 -42.84 24.77
N GLN D 297 -19.34 -41.88 24.06
CA GLN D 297 -19.91 -40.55 23.93
C GLN D 297 -21.25 -40.58 23.20
N CYS D 298 -21.44 -41.49 22.22
CA CYS D 298 -22.65 -41.47 21.38
C CYS D 298 -23.93 -41.88 22.08
N GLN D 299 -23.84 -42.70 23.12
CA GLN D 299 -25.05 -43.15 23.80
C GLN D 299 -25.59 -42.09 24.81
N SER D 300 -24.71 -41.27 25.40
CA SER D 300 -25.15 -40.22 26.32
C SER D 300 -25.47 -38.86 25.69
N LEU D 301 -26.07 -38.84 24.48
CA LEU D 301 -26.44 -37.59 23.79
C LEU D 301 -27.92 -37.59 23.40
N PRO D 302 -28.66 -36.52 23.71
CA PRO D 302 -30.03 -36.38 23.22
C PRO D 302 -30.26 -36.81 21.78
N ARG D 303 -29.36 -36.44 20.87
CA ARG D 303 -29.51 -36.76 19.44
C ARG D 303 -28.71 -38.01 19.03
N GLY D 304 -28.32 -38.84 20.01
CA GLY D 304 -27.56 -40.08 19.81
C GLY D 304 -28.09 -41.03 18.75
N GLU D 305 -29.39 -40.94 18.50
CA GLU D 305 -30.08 -41.75 17.50
C GLU D 305 -29.74 -41.31 16.08
N PHE D 306 -29.74 -39.99 15.84
CA PHE D 306 -29.27 -39.44 14.56
C PHE D 306 -27.77 -39.71 14.32
N ALA D 307 -26.95 -39.59 15.35
CA ALA D 307 -25.50 -39.79 15.24
C ALA D 307 -25.15 -41.24 14.94
N ALA D 308 -25.86 -42.18 15.55
CA ALA D 308 -25.73 -43.61 15.18
C ALA D 308 -26.08 -43.78 13.71
N LYS D 309 -27.23 -43.26 13.29
CA LYS D 309 -27.59 -43.36 11.88
C LYS D 309 -26.51 -42.79 10.96
N ALA D 310 -25.89 -41.66 11.36
CA ALA D 310 -24.84 -41.03 10.57
C ALA D 310 -23.56 -41.89 10.56
N LEU D 311 -23.19 -42.35 11.75
CA LEU D 311 -22.03 -43.20 11.96
C LEU D 311 -22.14 -44.50 11.17
N SER D 312 -23.37 -44.99 10.96
CA SER D 312 -23.58 -46.19 10.14
C SER D 312 -23.14 -46.02 8.68
N HIS D 313 -23.11 -44.80 8.12
CA HIS D 313 -22.44 -44.62 6.79
C HIS D 313 -21.09 -43.88 6.81
N SER D 314 -20.40 -43.94 7.94
CA SER D 314 -19.12 -43.28 8.18
C SER D 314 -18.00 -44.31 8.20
N PHE D 315 -16.75 -43.85 8.14
CA PHE D 315 -15.66 -44.78 8.04
C PHE D 315 -14.31 -44.25 8.43
N ILE D 316 -13.39 -45.19 8.58
CA ILE D 316 -12.02 -44.89 8.90
C ILE D 316 -11.14 -45.35 7.76
N VAL D 317 -10.15 -44.56 7.48
CA VAL D 317 -9.18 -44.88 6.51
C VAL D 317 -7.87 -44.76 7.25
N HIS D 318 -7.00 -45.77 7.09
CA HIS D 318 -5.58 -45.62 7.47
C HIS D 318 -4.74 -45.20 6.27
N ALA D 319 -3.89 -44.21 6.47
CA ALA D 319 -2.93 -43.79 5.47
C ALA D 319 -1.51 -43.98 6.01
N ARG D 320 -0.54 -44.22 5.12
CA ARG D 320 0.90 -44.38 5.50
C ARG D 320 1.43 -43.19 6.28
N ASP D 321 1.03 -41.99 5.81
CA ASP D 321 1.55 -40.74 6.31
C ASP D 321 0.57 -39.56 6.02
N MET D 322 0.94 -38.38 6.49
CA MET D 322 0.14 -37.19 6.26
C MET D 322 -0.09 -36.87 4.81
N LEU D 323 0.92 -37.05 3.97
CA LEU D 323 0.75 -36.77 2.55
C LEU D 323 -0.37 -37.62 1.92
N GLU D 324 -0.38 -38.91 2.24
CA GLU D 324 -1.40 -39.83 1.72
C GLU D 324 -2.74 -39.50 2.38
N ALA D 325 -2.71 -39.12 3.66
CA ALA D 325 -3.94 -38.75 4.34
C ALA D 325 -4.64 -37.49 3.69
N ILE D 326 -3.85 -36.48 3.37
CA ILE D 326 -4.39 -35.28 2.73
C ILE D 326 -4.76 -35.54 1.27
N THR D 327 -4.02 -36.44 0.63
CA THR D 327 -4.31 -36.81 -0.74
C THR D 327 -5.70 -37.45 -0.77
N PHE D 328 -5.96 -38.31 0.21
CA PHE D 328 -7.26 -38.92 0.33
C PHE D 328 -8.36 -37.88 0.57
N SER D 329 -8.11 -37.02 1.55
CA SER D 329 -9.02 -35.92 1.88
C SER D 329 -9.38 -35.07 0.65
N ASN D 330 -8.39 -34.77 -0.18
CA ASN D 330 -8.61 -33.99 -1.38
C ASN D 330 -9.57 -34.68 -2.34
N MET D 331 -9.45 -36.00 -2.46
CA MET D 331 -10.35 -36.80 -3.26
C MET D 331 -11.78 -36.82 -2.74
N TYR D 332 -11.97 -37.04 -1.45
CA TYR D 332 -13.29 -36.99 -0.84
C TYR D 332 -13.92 -35.57 -0.91
N ALA D 333 -13.08 -34.55 -0.69
CA ALA D 333 -13.48 -33.12 -0.80
C ALA D 333 -14.53 -32.80 0.24
N PRO D 334 -14.13 -32.85 1.52
CA PRO D 334 -15.04 -32.70 2.61
C PRO D 334 -15.53 -31.27 2.80
N GLU D 335 -16.75 -31.18 3.31
CA GLU D 335 -17.29 -29.91 3.74
C GLU D 335 -16.41 -29.21 4.78
N HIS D 336 -16.00 -29.97 5.79
CA HIS D 336 -15.12 -29.55 6.88
C HIS D 336 -13.95 -30.53 7.04
N LEU D 337 -12.77 -29.98 7.29
CA LEU D 337 -11.55 -30.76 7.45
C LEU D 337 -10.96 -30.28 8.76
N ILE D 338 -10.77 -31.21 9.69
CA ILE D 338 -10.01 -30.98 10.93
C ILE D 338 -8.66 -31.69 10.85
N ILE D 339 -7.57 -30.94 10.99
CA ILE D 339 -6.24 -31.53 10.94
C ILE D 339 -5.67 -31.51 12.33
N ASN D 340 -5.81 -32.65 13.00
CA ASN D 340 -5.28 -32.82 14.35
C ASN D 340 -4.01 -33.62 14.24
N VAL D 341 -2.98 -32.94 13.75
CA VAL D 341 -1.69 -33.57 13.62
C VAL D 341 -0.66 -32.56 14.07
N LYS D 342 0.53 -33.06 14.38
CA LYS D 342 1.63 -32.19 14.80
C LYS D 342 2.06 -31.37 13.60
N ASP D 343 2.39 -30.10 13.82
CA ASP D 343 2.78 -29.15 12.75
C ASP D 343 1.64 -28.98 11.72
N ALA D 344 0.39 -28.99 12.20
CA ALA D 344 -0.80 -29.00 11.30
C ALA D 344 -0.67 -27.93 10.26
N GLU D 345 -0.29 -26.74 10.72
CA GLU D 345 -0.19 -25.52 9.89
C GLU D 345 0.72 -25.65 8.63
N LYS D 346 1.77 -26.46 8.75
CA LYS D 346 2.73 -26.66 7.67
C LYS D 346 2.15 -27.41 6.47
N TRP D 347 1.11 -28.20 6.72
CA TRP D 347 0.39 -28.98 5.69
C TRP D 347 -0.65 -28.22 4.86
N GLU D 348 -0.95 -26.98 5.27
CA GLU D 348 -1.94 -26.16 4.61
C GLU D 348 -1.76 -26.13 3.07
N SER D 349 -0.52 -26.00 2.59
CA SER D 349 -0.27 -25.95 1.13
C SER D 349 -0.69 -27.18 0.30
N PHE D 350 -0.85 -28.32 0.95
CA PHE D 350 -1.28 -29.55 0.34
C PHE D 350 -2.79 -29.71 0.32
N ILE D 351 -3.50 -28.82 1.01
CA ILE D 351 -4.95 -28.88 1.02
C ILE D 351 -5.44 -28.27 -0.25
N GLU D 352 -6.27 -29.00 -0.99
CA GLU D 352 -6.80 -28.56 -2.27
C GLU D 352 -8.32 -28.45 -2.32
N ASN D 353 -9.03 -29.38 -1.72
CA ASN D 353 -10.48 -29.39 -1.76
C ASN D 353 -11.00 -29.62 -0.36
N ALA D 354 -11.53 -28.58 0.26
CA ALA D 354 -12.09 -28.63 1.60
C ALA D 354 -12.88 -27.36 1.74
N GLY D 355 -14.10 -27.39 2.29
CA GLY D 355 -14.80 -26.12 2.48
C GLY D 355 -14.20 -25.16 3.52
N SER D 356 -13.92 -25.71 4.69
CA SER D 356 -13.36 -24.95 5.82
C SER D 356 -12.52 -25.90 6.61
N VAL D 357 -11.40 -25.35 7.10
CA VAL D 357 -10.32 -26.14 7.66
C VAL D 357 -9.98 -25.65 9.07
N PHE D 358 -9.79 -26.61 9.96
CA PHE D 358 -9.53 -26.40 11.38
C PHE D 358 -8.19 -27.05 11.72
N LEU D 359 -7.21 -26.25 12.13
CA LEU D 359 -5.82 -26.72 12.30
C LEU D 359 -5.46 -26.84 13.78
N GLY D 360 -4.87 -27.97 14.15
CA GLY D 360 -4.32 -28.19 15.50
C GLY D 360 -5.27 -28.88 16.44
N SER D 361 -4.93 -28.86 17.72
CA SER D 361 -5.68 -29.55 18.80
C SER D 361 -6.80 -28.75 19.48
N TRP D 362 -6.76 -27.44 19.37
CA TRP D 362 -7.65 -26.56 20.13
C TRP D 362 -8.71 -25.90 19.25
N THR D 363 -8.86 -26.42 18.03
CA THR D 363 -9.77 -25.89 17.03
C THR D 363 -10.75 -27.00 16.61
N PRO D 364 -11.77 -27.24 17.45
CA PRO D 364 -12.87 -28.11 16.99
C PRO D 364 -13.69 -27.36 15.96
N GLU D 365 -14.43 -28.07 15.15
CA GLU D 365 -15.24 -27.46 14.13
C GLU D 365 -16.36 -26.60 14.74
N SER D 366 -16.82 -26.98 15.92
CA SER D 366 -17.78 -26.17 16.65
C SER D 366 -17.44 -24.67 16.67
N VAL D 367 -16.18 -24.31 16.72
CA VAL D 367 -15.86 -22.88 16.79
C VAL D 367 -16.21 -22.21 15.47
N GLY D 368 -15.96 -22.92 14.35
CA GLY D 368 -16.31 -22.41 13.03
C GLY D 368 -17.83 -22.47 12.81
N ASP D 369 -18.45 -23.52 13.30
CA ASP D 369 -19.92 -23.57 13.21
C ASP D 369 -20.57 -22.33 13.86
N TYR D 370 -20.00 -21.86 14.94
CA TYR D 370 -20.61 -20.79 15.68
C TYR D 370 -20.04 -19.40 15.71
N ALA D 371 -18.78 -19.22 16.02
CA ALA D 371 -18.28 -17.88 16.18
C ALA D 371 -16.87 -17.51 15.83
N SER D 372 -16.10 -18.33 15.19
CA SER D 372 -14.75 -17.94 14.87
C SER D 372 -14.73 -16.78 13.90
N GLY D 373 -15.75 -16.71 13.09
CA GLY D 373 -15.89 -15.69 12.06
C GLY D 373 -16.02 -16.24 10.66
N THR D 374 -15.58 -17.49 10.41
CA THR D 374 -15.63 -18.05 9.08
C THR D 374 -17.10 -18.45 8.78
N ASN D 375 -17.39 -18.79 7.53
CA ASN D 375 -18.77 -19.07 7.19
C ASN D 375 -19.03 -20.57 7.24
N HIS D 376 -20.06 -21.01 7.97
CA HIS D 376 -20.37 -22.42 8.03
C HIS D 376 -21.27 -22.90 6.88
N VAL D 377 -21.65 -22.02 5.96
CA VAL D 377 -22.44 -22.41 4.79
C VAL D 377 -21.52 -22.84 3.66
N LEU D 378 -21.36 -24.16 3.54
CA LEU D 378 -20.27 -24.76 2.81
C LEU D 378 -20.80 -25.87 1.93
N PRO D 379 -20.06 -26.20 0.87
CA PRO D 379 -20.50 -27.18 -0.11
C PRO D 379 -20.29 -28.59 0.40
N THR D 380 -21.31 -29.41 0.20
CA THR D 380 -21.28 -30.84 0.60
C THR D 380 -21.23 -31.71 -0.66
N TYR D 381 -21.19 -33.02 -0.46
CA TYR D 381 -21.35 -34.01 -1.47
C TYR D 381 -20.10 -34.14 -2.34
N GLY D 382 -19.03 -33.37 -2.07
CA GLY D 382 -17.90 -33.31 -2.97
C GLY D 382 -17.86 -32.06 -3.83
N TYR D 383 -18.89 -31.22 -3.70
CA TYR D 383 -18.88 -29.95 -4.40
C TYR D 383 -17.84 -28.94 -3.90
N ALA D 384 -17.17 -29.24 -2.79
CA ALA D 384 -15.93 -28.55 -2.44
C ALA D 384 -14.80 -28.64 -3.47
N ARG D 385 -14.87 -29.54 -4.43
CA ARG D 385 -13.94 -29.56 -5.60
C ARG D 385 -14.03 -28.30 -6.45
N MET D 386 -15.19 -27.65 -6.47
CA MET D 386 -15.33 -26.45 -7.31
C MET D 386 -16.12 -25.26 -6.77
N TYR D 387 -16.75 -25.39 -5.63
CA TYR D 387 -17.50 -24.32 -5.02
C TYR D 387 -16.79 -23.86 -3.77
N SER D 388 -16.92 -22.57 -3.46
CA SER D 388 -16.50 -22.02 -2.17
C SER D 388 -17.68 -21.92 -1.22
N GLY D 389 -17.40 -21.85 0.05
CA GLY D 389 -18.42 -21.51 1.01
C GLY D 389 -18.91 -20.06 0.81
N VAL D 390 -19.99 -19.71 1.48
CA VAL D 390 -20.55 -18.37 1.39
C VAL D 390 -19.50 -17.36 1.85
N SER D 391 -19.41 -16.23 1.15
CA SER D 391 -18.51 -15.16 1.54
C SER D 391 -19.15 -13.86 1.12
N LEU D 392 -18.46 -12.74 1.36
CA LEU D 392 -18.96 -11.45 0.89
C LEU D 392 -19.21 -11.43 -0.63
N ASP D 393 -18.30 -11.97 -1.41
CA ASP D 393 -18.45 -11.94 -2.86
C ASP D 393 -19.67 -12.77 -3.36
N SER D 394 -20.17 -13.70 -2.56
CA SER D 394 -21.45 -14.39 -2.92
C SER D 394 -22.64 -13.41 -3.07
N PHE D 395 -22.53 -12.20 -2.50
CA PHE D 395 -23.64 -11.24 -2.45
C PHE D 395 -23.46 -10.05 -3.40
N LEU D 396 -22.42 -10.11 -4.20
CA LEU D 396 -22.03 -9.10 -5.13
C LEU D 396 -21.92 -9.64 -6.54
N LYS D 397 -22.03 -8.76 -7.52
CA LYS D 397 -21.55 -8.96 -8.88
C LYS D 397 -20.43 -7.99 -9.09
N TYR D 398 -19.45 -8.41 -9.84
CA TYR D 398 -18.38 -7.55 -10.24
C TYR D 398 -18.46 -7.21 -11.69
N ILE D 399 -18.83 -5.94 -11.94
CA ILE D 399 -19.02 -5.38 -13.24
C ILE D 399 -17.68 -4.86 -13.70
N THR D 400 -17.31 -5.22 -14.93
CA THR D 400 -16.07 -4.65 -15.49
C THR D 400 -16.46 -3.39 -16.22
N VAL D 401 -15.59 -2.41 -16.19
CA VAL D 401 -15.87 -1.10 -16.76
C VAL D 401 -14.64 -0.69 -17.49
N GLN D 402 -14.80 -0.17 -18.71
CA GLN D 402 -13.68 0.36 -19.43
C GLN D 402 -14.00 1.68 -20.10
N SER D 403 -12.99 2.53 -20.21
CA SER D 403 -13.14 3.83 -20.82
C SER D 403 -11.85 4.15 -21.57
N LEU D 404 -11.94 4.46 -22.85
CA LEU D 404 -10.77 4.85 -23.61
C LEU D 404 -10.81 6.35 -23.91
N THR D 405 -9.65 6.99 -23.77
CA THR D 405 -9.37 8.24 -24.47
C THR D 405 -9.22 7.99 -26.00
N GLU D 406 -9.32 9.06 -26.77
CA GLU D 406 -8.89 9.07 -28.17
C GLU D 406 -7.51 8.45 -28.42
N GLU D 407 -6.50 8.94 -27.67
CA GLU D 407 -5.15 8.37 -27.67
C GLU D 407 -5.26 6.85 -27.42
N GLY D 408 -5.99 6.48 -26.36
CA GLY D 408 -6.20 5.09 -26.02
C GLY D 408 -6.70 4.32 -27.22
N LEU D 409 -7.74 4.81 -27.90
CA LEU D 409 -8.27 4.04 -29.04
C LEU D 409 -7.32 4.02 -30.24
N ARG D 410 -6.57 5.11 -30.47
CA ARG D 410 -5.51 5.13 -31.50
C ARG D 410 -4.45 4.06 -31.27
N LYS D 411 -4.09 3.81 -30.01
CA LYS D 411 -3.06 2.81 -29.72
C LYS D 411 -3.63 1.41 -29.85
N LEU D 412 -4.82 1.18 -29.27
CA LEU D 412 -5.37 -0.18 -29.13
C LEU D 412 -6.24 -0.59 -30.28
N GLY D 413 -6.99 0.37 -30.81
CA GLY D 413 -7.85 0.13 -31.96
C GLY D 413 -7.28 -0.67 -33.13
N PRO D 414 -6.07 -0.32 -33.63
CA PRO D 414 -5.56 -1.08 -34.79
C PRO D 414 -5.43 -2.60 -34.51
N TYR D 415 -5.05 -2.98 -33.30
CA TYR D 415 -4.97 -4.39 -32.93
C TYR D 415 -6.34 -5.10 -32.95
N VAL D 416 -7.34 -4.41 -32.40
CA VAL D 416 -8.71 -4.93 -32.35
C VAL D 416 -9.23 -5.13 -33.77
N GLU D 417 -8.94 -4.15 -34.64
CA GLU D 417 -9.30 -4.26 -36.06
C GLU D 417 -8.77 -5.58 -36.66
N THR D 418 -7.53 -5.91 -36.39
CA THR D 418 -6.87 -7.07 -37.00
C THR D 418 -7.46 -8.37 -36.46
N MET D 419 -7.70 -8.44 -35.15
CA MET D 419 -8.29 -9.63 -34.55
C MET D 419 -9.68 -9.86 -35.06
N ALA D 420 -10.46 -8.80 -35.16
CA ALA D 420 -11.83 -8.94 -35.69
C ALA D 420 -11.85 -9.46 -37.15
N GLU D 421 -10.92 -9.00 -37.97
CA GLU D 421 -10.82 -9.47 -39.35
C GLU D 421 -10.45 -10.94 -39.36
N VAL D 422 -9.45 -11.35 -38.61
CA VAL D 422 -9.14 -12.78 -38.42
C VAL D 422 -10.36 -13.65 -38.05
N GLU D 423 -11.20 -13.16 -37.15
CA GLU D 423 -12.36 -13.92 -36.68
C GLU D 423 -13.51 -13.93 -37.67
N GLY D 424 -13.48 -13.03 -38.66
CA GLY D 424 -14.50 -12.91 -39.65
C GLY D 424 -15.69 -12.16 -39.13
N LEU D 425 -15.43 -11.10 -38.37
CA LEU D 425 -16.49 -10.35 -37.75
C LEU D 425 -16.28 -8.89 -38.11
N GLU D 426 -16.84 -8.54 -39.26
CA GLU D 426 -16.62 -7.24 -39.88
C GLU D 426 -17.28 -6.09 -39.12
N ALA D 427 -18.48 -6.32 -38.62
CA ALA D 427 -19.16 -5.27 -37.84
C ALA D 427 -18.33 -4.93 -36.61
N HIS D 428 -17.66 -5.90 -36.03
CA HIS D 428 -16.80 -5.63 -34.86
C HIS D 428 -15.65 -4.69 -35.22
N LYS D 429 -15.01 -4.99 -36.35
CA LYS D 429 -13.92 -4.14 -36.90
C LYS D 429 -14.41 -2.71 -37.15
N ARG D 430 -15.58 -2.60 -37.78
CA ARG D 430 -16.05 -1.33 -38.25
C ARG D 430 -16.46 -0.39 -37.14
N ALA D 431 -16.89 -0.93 -36.01
CA ALA D 431 -17.14 -0.08 -34.87
C ALA D 431 -15.87 0.68 -34.42
N VAL D 432 -14.70 0.10 -34.64
CA VAL D 432 -13.40 0.75 -34.35
C VAL D 432 -12.97 1.70 -35.49
N THR D 433 -13.02 1.18 -36.72
CA THR D 433 -12.58 1.91 -37.91
C THR D 433 -13.31 3.26 -38.06
N LEU D 434 -14.62 3.18 -38.02
CA LEU D 434 -15.47 4.35 -38.11
C LEU D 434 -15.00 5.43 -37.13
N ARG D 435 -14.62 5.03 -35.92
CA ARG D 435 -14.12 5.99 -34.96
C ARG D 435 -12.71 6.47 -35.29
N LEU D 436 -11.84 5.58 -35.73
CA LEU D 436 -10.47 5.97 -36.09
C LEU D 436 -10.46 6.89 -37.31
N GLN D 437 -11.31 6.60 -38.29
CA GLN D 437 -11.49 7.47 -39.50
C GLN D 437 -12.01 8.85 -39.10
N ASP D 438 -12.97 8.90 -38.18
CA ASP D 438 -13.45 10.17 -37.60
C ASP D 438 -12.29 10.96 -36.99
N ILE D 439 -11.44 10.26 -36.25
CA ILE D 439 -10.24 10.86 -35.67
C ILE D 439 -9.22 11.26 -36.76
N GLU D 440 -9.05 10.40 -37.78
CA GLU D 440 -8.20 10.70 -38.94
C GLU D 440 -8.59 12.05 -39.56
N ALA D 441 -9.87 12.22 -39.90
CA ALA D 441 -10.42 13.49 -40.34
C ALA D 441 -10.54 14.46 -39.16
N PRO E 10 32.74 -44.83 -6.10
CA PRO E 10 31.37 -44.90 -5.61
C PRO E 10 31.20 -44.01 -4.36
N ILE E 11 30.21 -43.10 -4.38
CA ILE E 11 29.96 -42.22 -3.24
C ILE E 11 29.33 -43.02 -2.08
N LYS E 12 29.86 -42.77 -0.88
CA LYS E 12 29.38 -43.41 0.35
C LYS E 12 27.89 -43.21 0.54
N THR E 13 27.19 -44.29 0.88
CA THR E 13 25.73 -44.26 1.04
C THR E 13 25.31 -44.68 2.45
N TYR E 14 24.19 -44.12 2.91
CA TYR E 14 23.57 -44.54 4.14
C TYR E 14 22.08 -44.72 3.93
N HIS E 15 21.47 -45.44 4.87
CA HIS E 15 20.03 -45.50 5.00
C HIS E 15 19.81 -44.90 6.37
N LEU E 16 18.88 -43.95 6.46
CA LEU E 16 18.52 -43.35 7.73
C LEU E 16 17.91 -44.33 8.73
N SER E 17 17.60 -45.56 8.32
CA SER E 17 17.17 -46.67 9.22
C SER E 17 18.30 -47.26 10.05
N ASN E 18 19.47 -47.39 9.43
CA ASN E 18 20.59 -48.12 10.01
C ASN E 18 21.46 -47.34 10.99
N LEU E 19 21.18 -46.04 11.19
CA LEU E 19 22.03 -45.16 12.01
C LEU E 19 21.56 -45.03 13.48
N THR E 20 22.51 -45.04 14.42
CA THR E 20 22.26 -44.47 15.76
C THR E 20 22.17 -42.94 15.69
N GLN E 21 21.69 -42.37 16.80
CA GLN E 21 21.71 -40.92 17.00
C GLN E 21 23.11 -40.34 16.89
N THR E 22 24.13 -41.09 17.30
CA THR E 22 25.54 -40.67 17.17
C THR E 22 26.01 -40.63 15.73
N GLU E 23 25.69 -41.68 14.97
CA GLU E 23 26.07 -41.74 13.54
C GLU E 23 25.31 -40.72 12.72
N LEU E 24 24.06 -40.51 13.08
CA LEU E 24 23.23 -39.55 12.41
C LEU E 24 23.89 -38.19 12.57
N LEU E 25 24.04 -37.78 13.84
CA LEU E 25 24.59 -36.47 14.19
C LEU E 25 25.98 -36.21 13.59
N SER E 26 26.81 -37.23 13.51
CA SER E 26 28.12 -37.11 12.87
C SER E 26 28.06 -36.71 11.37
N LEU E 27 26.96 -37.01 10.69
CA LEU E 27 26.75 -36.58 9.30
C LEU E 27 26.61 -35.05 9.09
N LYS E 28 26.49 -34.29 10.16
CA LYS E 28 26.53 -32.84 9.97
C LYS E 28 27.95 -32.26 9.88
N SER E 29 28.99 -33.01 10.25
CA SER E 29 30.34 -32.49 10.11
C SER E 29 30.72 -32.31 8.64
N ARG E 30 31.52 -31.27 8.41
CA ARG E 30 32.01 -30.88 7.11
C ARG E 30 33.47 -31.27 7.14
N PRO E 31 34.13 -31.38 5.96
CA PRO E 31 35.57 -31.70 5.97
C PRO E 31 36.53 -30.61 6.52
N ARG E 32 36.02 -29.42 6.82
CA ARG E 32 36.83 -28.29 7.33
C ARG E 32 37.53 -28.61 8.66
N ILE E 33 38.66 -27.95 8.88
CA ILE E 33 39.49 -28.16 10.07
C ILE E 33 38.79 -27.45 11.23
N ASP E 34 38.91 -28.03 12.43
CA ASP E 34 38.51 -27.34 13.67
C ASP E 34 39.13 -25.90 13.66
N PHE E 35 38.34 -24.96 14.17
CA PHE E 35 38.67 -23.53 14.07
C PHE E 35 40.05 -23.15 14.62
N SER E 36 40.41 -23.69 15.78
CA SER E 36 41.63 -23.26 16.50
C SER E 36 42.92 -23.65 15.79
N SER E 37 42.87 -24.68 14.94
CA SER E 37 44.05 -25.05 14.16
C SER E 37 44.27 -24.01 13.07
N VAL E 38 43.18 -23.58 12.45
CA VAL E 38 43.27 -22.58 11.38
C VAL E 38 43.61 -21.17 11.96
N PHE E 39 43.03 -20.83 13.13
CA PHE E 39 43.46 -19.63 13.87
C PHE E 39 44.99 -19.63 14.09
N ASP E 40 45.58 -20.77 14.49
CA ASP E 40 47.06 -20.85 14.69
C ASP E 40 47.84 -20.50 13.41
N ILE E 41 47.36 -21.00 12.26
CA ILE E 41 47.99 -20.74 10.95
C ILE E 41 47.82 -19.26 10.61
N VAL E 42 46.62 -18.74 10.83
CA VAL E 42 46.19 -17.41 10.36
C VAL E 42 46.63 -16.22 11.27
N ASN E 43 46.59 -16.43 12.60
CA ASN E 43 46.93 -15.38 13.59
C ASN E 43 48.24 -14.63 13.27
N PRO E 44 49.34 -15.38 13.01
CA PRO E 44 50.61 -14.71 12.63
C PRO E 44 50.54 -13.75 11.44
N ILE E 45 49.77 -14.12 10.41
CA ILE E 45 49.64 -13.32 9.16
C ILE E 45 48.83 -12.05 9.42
N VAL E 46 47.75 -12.20 10.19
CA VAL E 46 46.90 -11.07 10.58
C VAL E 46 47.71 -10.05 11.38
N ASP E 47 48.26 -10.53 12.51
CA ASP E 47 49.13 -9.72 13.41
C ASP E 47 50.29 -9.08 12.69
N ASP E 48 50.83 -9.76 11.69
CA ASP E 48 51.98 -9.24 10.89
C ASP E 48 51.55 -8.01 10.06
N VAL E 49 50.38 -8.12 9.44
CA VAL E 49 49.79 -7.03 8.61
C VAL E 49 49.33 -5.79 9.41
N HIS E 50 48.78 -6.04 10.61
CA HIS E 50 48.45 -5.00 11.58
C HIS E 50 49.71 -4.23 12.00
N ALA E 51 50.74 -4.96 12.47
CA ALA E 51 52.02 -4.32 12.88
C ALA E 51 52.74 -3.56 11.76
N HIS E 52 52.90 -4.20 10.60
CA HIS E 52 53.79 -3.72 9.52
C HIS E 52 53.12 -3.23 8.23
N GLY E 53 51.78 -3.26 8.16
CA GLY E 53 51.07 -2.68 7.01
C GLY E 53 51.36 -3.31 5.65
N ASP E 54 51.45 -2.45 4.62
CA ASP E 54 51.60 -2.88 3.20
C ASP E 54 52.84 -3.76 2.86
N ALA E 55 53.96 -3.48 3.56
CA ALA E 55 55.19 -4.30 3.48
C ALA E 55 54.94 -5.80 3.78
N ALA E 56 54.15 -6.05 4.83
CA ALA E 56 53.76 -7.41 5.19
C ALA E 56 52.81 -7.98 4.12
N VAL E 57 51.90 -7.14 3.62
CA VAL E 57 50.91 -7.53 2.60
C VAL E 57 51.59 -7.92 1.26
N LYS E 58 52.57 -7.12 0.82
CA LYS E 58 53.38 -7.49 -0.37
C LYS E 58 54.19 -8.77 -0.18
N GLN E 59 54.85 -8.92 0.97
CA GLN E 59 55.58 -10.16 1.31
C GLN E 59 54.71 -11.40 1.18
N TYR E 60 53.48 -11.34 1.72
CA TYR E 60 52.55 -12.46 1.62
C TYR E 60 52.02 -12.67 0.21
N THR E 61 51.86 -11.58 -0.55
CA THR E 61 51.50 -11.67 -1.99
C THR E 61 52.62 -12.28 -2.89
N SER E 62 53.86 -11.82 -2.75
CA SER E 62 55.02 -12.48 -3.36
C SER E 62 55.05 -13.97 -3.04
N LYS E 63 55.17 -14.33 -1.75
CA LYS E 63 55.27 -15.74 -1.36
C LYS E 63 54.04 -16.61 -1.72
N PHE E 64 52.81 -16.12 -1.51
CA PHE E 64 51.62 -16.93 -1.82
C PHE E 64 51.11 -16.76 -3.24
N ASP E 65 50.86 -15.53 -3.68
CA ASP E 65 50.32 -15.34 -5.04
C ASP E 65 51.39 -15.39 -6.12
N LYS E 66 52.66 -15.29 -5.73
CA LYS E 66 53.79 -15.30 -6.68
C LYS E 66 53.67 -14.14 -7.67
N VAL E 67 53.49 -12.96 -7.08
CA VAL E 67 53.22 -11.71 -7.78
C VAL E 67 53.88 -10.58 -7.00
N ASP E 68 54.46 -9.64 -7.73
CA ASP E 68 55.04 -8.42 -7.17
C ASP E 68 54.39 -7.22 -7.88
N LEU E 69 53.90 -6.25 -7.10
CA LEU E 69 53.56 -4.92 -7.66
C LEU E 69 53.59 -3.82 -6.58
N GLU E 70 53.79 -2.59 -7.03
CA GLU E 70 53.99 -1.42 -6.16
C GLU E 70 52.71 -0.97 -5.44
N ASN E 71 51.72 -0.53 -6.21
CA ASN E 71 50.49 0.03 -5.65
C ASN E 71 49.39 -1.02 -5.52
N ILE E 72 49.19 -1.51 -4.29
CA ILE E 72 48.20 -2.53 -4.00
C ILE E 72 46.81 -1.93 -4.15
N VAL E 73 46.63 -0.72 -3.62
CA VAL E 73 45.34 -0.05 -3.70
C VAL E 73 45.29 0.83 -4.90
N GLU E 74 44.16 0.79 -5.60
CA GLU E 74 43.83 1.74 -6.65
C GLU E 74 42.47 2.31 -6.35
N LEU E 75 42.23 3.56 -6.75
CA LEU E 75 40.88 4.13 -6.79
C LEU E 75 40.29 3.66 -8.07
N VAL E 76 39.07 3.14 -8.00
CA VAL E 76 38.39 2.56 -9.17
C VAL E 76 38.02 3.66 -10.19
N SER E 77 37.79 4.88 -9.70
CA SER E 77 37.55 6.05 -10.56
C SER E 77 38.71 6.34 -11.53
N ASP E 78 39.95 6.24 -11.02
CA ASP E 78 41.19 6.36 -11.79
C ASP E 78 41.32 5.30 -12.91
N LEU E 79 41.03 4.04 -12.59
CA LEU E 79 41.23 2.93 -13.53
C LEU E 79 40.30 3.05 -14.74
N PRO E 80 40.86 2.82 -15.96
CA PRO E 80 40.03 2.93 -17.14
C PRO E 80 39.08 1.72 -17.27
N ASP E 81 38.03 1.94 -18.05
CA ASP E 81 37.02 0.92 -18.31
C ASP E 81 37.61 -0.30 -19.00
N PRO E 82 37.26 -1.52 -18.53
CA PRO E 82 37.62 -2.70 -19.32
C PRO E 82 36.72 -2.80 -20.53
N VAL E 83 37.25 -3.35 -21.61
CA VAL E 83 36.43 -3.75 -22.75
C VAL E 83 36.19 -5.28 -22.66
N LEU E 84 34.94 -5.69 -22.80
CA LEU E 84 34.54 -7.10 -22.71
C LEU E 84 33.86 -7.42 -24.01
N ASP E 85 33.88 -8.69 -24.40
CA ASP E 85 33.03 -9.20 -25.48
C ASP E 85 31.56 -8.79 -25.19
N PRO E 86 30.78 -8.40 -26.23
CA PRO E 86 29.39 -7.94 -26.02
C PRO E 86 28.44 -8.94 -25.34
N ALA E 87 28.61 -10.23 -25.65
CA ALA E 87 27.80 -11.30 -25.08
C ALA E 87 28.10 -11.47 -23.60
N ILE E 88 29.34 -11.16 -23.22
CA ILE E 88 29.80 -11.26 -21.86
C ILE E 88 29.26 -10.05 -21.10
N LYS E 89 29.52 -8.87 -21.62
CA LYS E 89 28.92 -7.67 -21.07
C LYS E 89 27.41 -7.83 -20.81
N GLU E 90 26.67 -8.23 -21.85
CA GLU E 90 25.20 -8.38 -21.73
C GLU E 90 24.75 -9.37 -20.63
N ALA E 91 25.51 -10.46 -20.48
CA ALA E 91 25.19 -11.49 -19.50
C ALA E 91 25.37 -10.90 -18.07
N PHE E 92 26.54 -10.27 -17.86
CA PHE E 92 26.87 -9.60 -16.62
C PHE E 92 25.93 -8.47 -16.32
N ASP E 93 25.46 -7.76 -17.36
CA ASP E 93 24.43 -6.71 -17.14
C ASP E 93 23.05 -7.26 -16.75
N VAL E 94 22.71 -8.46 -17.22
CA VAL E 94 21.47 -9.12 -16.81
C VAL E 94 21.57 -9.60 -15.33
N ALA E 95 22.75 -10.10 -14.93
CA ALA E 95 23.00 -10.45 -13.53
C ALA E 95 22.82 -9.20 -12.65
N TYR E 96 23.56 -8.15 -12.97
CA TYR E 96 23.41 -6.87 -12.24
C TYR E 96 21.93 -6.48 -12.08
N SER E 97 21.18 -6.48 -13.18
CA SER E 97 19.81 -6.01 -13.18
C SER E 97 18.92 -6.89 -12.28
N ASN E 98 19.07 -8.21 -12.38
CA ASN E 98 18.33 -9.12 -11.50
C ASN E 98 18.73 -9.01 -10.01
N ILE E 99 20.02 -8.96 -9.72
CA ILE E 99 20.52 -8.87 -8.36
C ILE E 99 20.06 -7.51 -7.77
N TYR E 100 20.21 -6.44 -8.53
CA TYR E 100 19.75 -5.09 -8.09
C TYR E 100 18.26 -5.11 -7.71
N ALA E 101 17.43 -5.63 -8.60
CA ALA E 101 15.97 -5.64 -8.38
C ALA E 101 15.56 -6.45 -7.15
N PHE E 102 16.21 -7.60 -6.95
CA PHE E 102 15.91 -8.44 -5.85
C PHE E 102 16.35 -7.74 -4.57
N HIS E 103 17.52 -7.10 -4.57
CA HIS E 103 17.97 -6.47 -3.32
C HIS E 103 17.26 -5.14 -3.05
N ALA E 104 16.93 -4.40 -4.09
CA ALA E 104 16.18 -3.14 -3.94
C ALA E 104 14.79 -3.35 -3.32
N ALA E 105 14.14 -4.48 -3.60
CA ALA E 105 12.82 -4.80 -3.08
C ALA E 105 12.82 -5.06 -1.60
N GLN E 106 14.01 -5.23 -1.01
CA GLN E 106 14.14 -5.37 0.41
C GLN E 106 14.10 -4.10 1.20
N LYS E 107 14.09 -2.92 0.61
CA LYS E 107 13.92 -1.69 1.43
C LYS E 107 12.66 -1.72 2.27
N SER E 108 12.81 -1.52 3.58
CA SER E 108 11.68 -1.54 4.52
C SER E 108 11.19 -0.10 4.69
N PRO E 109 9.87 0.10 4.78
CA PRO E 109 9.39 1.48 4.94
C PRO E 109 9.56 1.80 6.43
N GLU E 110 9.96 3.02 6.76
CA GLU E 110 10.30 3.33 8.17
C GLU E 110 9.12 3.91 8.89
N LYS E 111 8.17 3.04 9.21
CA LYS E 111 6.88 3.42 9.82
C LYS E 111 7.01 3.74 11.33
N SER E 112 6.62 4.95 11.72
CA SER E 112 6.54 5.29 13.14
C SER E 112 5.41 4.53 13.83
N VAL E 113 5.69 4.08 15.06
CA VAL E 113 4.79 3.33 15.92
C VAL E 113 4.49 4.24 17.10
N GLU E 114 3.22 4.30 17.48
CA GLU E 114 2.77 5.16 18.57
C GLU E 114 1.42 4.67 19.06
N ASN E 115 1.42 3.66 19.94
CA ASN E 115 0.17 3.20 20.58
C ASN E 115 -0.25 4.07 21.76
N MET E 116 0.72 4.52 22.54
CA MET E 116 0.50 5.55 23.54
C MET E 116 0.79 6.93 22.95
N LYS E 117 -0.23 7.78 22.97
CA LYS E 117 -0.13 9.17 22.54
C LYS E 117 1.02 9.89 23.23
N GLY E 118 1.75 10.64 22.42
CA GLY E 118 2.93 11.36 22.88
C GLY E 118 4.20 10.50 23.01
N VAL E 119 4.11 9.21 22.68
CA VAL E 119 5.26 8.28 22.78
C VAL E 119 5.55 7.73 21.38
N GLN E 120 6.40 8.45 20.64
CA GLN E 120 6.64 8.16 19.22
C GLN E 120 7.92 7.34 19.12
N CYS E 121 7.85 6.20 18.45
CA CYS E 121 8.98 5.24 18.30
C CYS E 121 9.11 4.69 16.88
N LYS E 122 10.35 4.51 16.47
CA LYS E 122 10.65 4.33 15.08
C LYS E 122 12.00 3.60 14.96
N ARG E 123 12.21 2.90 13.86
CA ARG E 123 13.46 2.18 13.60
C ARG E 123 13.92 2.66 12.25
N VAL E 124 15.09 3.31 12.19
CA VAL E 124 15.61 3.85 10.96
C VAL E 124 16.91 3.22 10.49
N ALA E 125 17.06 3.15 9.17
CA ALA E 125 18.19 2.53 8.50
C ALA E 125 19.31 3.53 8.26
N ARG E 126 20.53 3.13 8.59
CA ARG E 126 21.71 3.87 8.20
C ARG E 126 22.71 2.90 7.59
N SER E 127 23.36 3.30 6.50
CA SER E 127 24.33 2.41 5.90
C SER E 127 25.56 2.32 6.76
N ILE E 128 26.21 1.16 6.71
CA ILE E 128 27.55 1.02 7.26
C ILE E 128 28.43 1.91 6.38
N ASN E 129 29.22 2.77 6.99
CA ASN E 129 29.96 3.82 6.27
C ASN E 129 31.05 3.27 5.32
N SER E 130 31.75 2.25 5.78
CA SER E 130 32.90 1.70 5.09
C SER E 130 32.80 0.17 5.09
N VAL E 131 32.84 -0.44 3.90
CA VAL E 131 32.77 -1.91 3.82
C VAL E 131 33.88 -2.56 2.98
N GLY E 132 34.25 -3.77 3.34
CA GLY E 132 35.29 -4.55 2.64
C GLY E 132 34.67 -5.81 2.06
N LEU E 133 34.90 -6.06 0.77
CA LEU E 133 34.27 -7.13 0.01
C LEU E 133 35.37 -8.05 -0.51
N TYR E 134 35.40 -9.28 -0.02
CA TYR E 134 36.40 -10.24 -0.45
C TYR E 134 35.88 -11.06 -1.61
N VAL E 135 36.59 -10.97 -2.74
CA VAL E 135 36.28 -11.78 -3.91
C VAL E 135 37.50 -12.72 -4.18
N PRO E 136 37.32 -14.06 -4.05
CA PRO E 136 38.44 -15.00 -4.33
C PRO E 136 38.98 -14.86 -5.76
N GLY E 137 40.28 -15.05 -5.92
CA GLY E 137 40.98 -14.84 -7.20
C GLY E 137 42.10 -15.84 -7.40
N ALA E 140 40.36 -20.08 -10.71
CA ALA E 140 39.07 -19.44 -11.04
C ALA E 140 39.02 -17.93 -10.75
N VAL E 141 38.13 -17.28 -11.50
CA VAL E 141 37.88 -15.86 -11.40
C VAL E 141 36.36 -15.72 -11.06
N LEU E 142 36.01 -14.78 -10.19
CA LEU E 142 34.63 -14.69 -9.68
C LEU E 142 34.00 -13.28 -9.76
N PRO E 143 33.77 -12.78 -10.98
CA PRO E 143 32.97 -11.54 -11.11
C PRO E 143 31.51 -11.63 -10.59
N SER E 144 30.95 -12.84 -10.48
CA SER E 144 29.64 -13.03 -9.87
C SER E 144 29.66 -12.57 -8.42
N THR E 145 30.64 -13.04 -7.65
CA THR E 145 30.81 -12.62 -6.27
C THR E 145 30.99 -11.11 -6.16
N ALA E 146 31.72 -10.46 -7.06
CA ALA E 146 31.83 -8.99 -6.99
C ALA E 146 30.43 -8.35 -7.05
N LEU E 147 29.56 -8.84 -7.96
CA LEU E 147 28.18 -8.35 -8.02
C LEU E 147 27.36 -8.63 -6.76
N MET E 148 27.48 -9.82 -6.21
CA MET E 148 26.69 -10.19 -5.04
C MET E 148 26.97 -9.27 -3.83
N LEU E 149 28.21 -8.82 -3.74
CA LEU E 149 28.66 -8.09 -2.61
C LEU E 149 28.48 -6.59 -2.87
N ALA E 150 28.79 -6.13 -4.06
CA ALA E 150 28.83 -4.69 -4.31
C ALA E 150 27.46 -4.10 -4.69
N VAL E 151 26.60 -4.88 -5.31
CA VAL E 151 25.26 -4.38 -5.62
C VAL E 151 24.51 -3.92 -4.34
N PRO E 152 24.31 -4.81 -3.36
CA PRO E 152 23.60 -4.32 -2.13
C PRO E 152 24.36 -3.21 -1.41
N ALA E 153 25.70 -3.19 -1.46
CA ALA E 153 26.45 -2.08 -0.89
C ALA E 153 26.14 -0.79 -1.59
N GLN E 154 25.96 -0.85 -2.92
CA GLN E 154 25.54 0.33 -3.71
C GLN E 154 24.14 0.85 -3.35
N ILE E 155 23.20 -0.06 -3.24
CA ILE E 155 21.83 0.29 -2.88
C ILE E 155 21.75 0.83 -1.43
N ALA E 156 22.51 0.25 -0.50
CA ALA E 156 22.56 0.77 0.88
C ALA E 156 23.15 2.19 0.96
N GLY E 157 24.11 2.52 0.11
CA GLY E 157 24.78 3.81 0.07
C GLY E 157 26.03 3.88 0.91
N CYS E 158 26.67 2.72 1.18
CA CYS E 158 27.98 2.74 1.82
C CYS E 158 28.95 3.73 1.13
N LYS E 159 29.62 4.58 1.89
CA LYS E 159 30.48 5.63 1.28
C LYS E 159 31.82 5.12 0.77
N THR E 160 32.44 4.22 1.51
CA THR E 160 33.66 3.58 1.08
C THR E 160 33.37 2.10 0.87
N ILE E 161 33.69 1.61 -0.33
CA ILE E 161 33.55 0.20 -0.72
C ILE E 161 34.90 -0.31 -1.26
N VAL E 162 35.63 -1.05 -0.42
CA VAL E 162 36.90 -1.64 -0.78
C VAL E 162 36.61 -3.06 -1.27
N LEU E 163 36.95 -3.35 -2.51
CA LEU E 163 36.91 -4.71 -3.02
C LEU E 163 38.32 -5.31 -2.95
N ALA E 164 38.50 -6.41 -2.22
CA ALA E 164 39.76 -7.14 -2.16
C ALA E 164 39.68 -8.31 -3.14
N ASN E 165 40.71 -8.43 -3.97
CA ASN E 165 40.77 -9.46 -4.99
C ASN E 165 42.27 -9.73 -5.34
N PRO E 166 42.73 -10.99 -5.26
CA PRO E 166 44.16 -11.24 -5.62
C PRO E 166 44.53 -10.91 -7.07
N PRO E 167 45.75 -10.40 -7.33
CA PRO E 167 46.17 -10.01 -8.68
C PRO E 167 46.67 -11.18 -9.52
N ASP E 170 50.92 -11.28 -13.85
CA ASP E 170 50.64 -10.01 -14.52
C ASP E 170 50.54 -8.87 -13.49
N GLY E 171 50.06 -9.21 -12.29
CA GLY E 171 49.78 -8.23 -11.25
C GLY E 171 48.51 -7.47 -11.57
N THR E 172 47.57 -8.15 -12.25
CA THR E 172 46.39 -7.50 -12.81
C THR E 172 45.08 -8.16 -12.32
N THR E 173 44.14 -7.29 -11.94
CA THR E 173 42.79 -7.72 -11.56
C THR E 173 42.02 -8.11 -12.84
N CYS E 174 41.30 -9.22 -12.74
CA CYS E 174 40.40 -9.69 -13.78
C CYS E 174 39.53 -8.57 -14.32
N LYS E 175 39.55 -8.39 -15.63
CA LYS E 175 38.74 -7.34 -16.26
C LYS E 175 37.26 -7.46 -15.99
N GLU E 176 36.75 -8.68 -15.87
CA GLU E 176 35.32 -8.86 -15.60
C GLU E 176 34.98 -8.48 -14.14
N VAL E 177 35.87 -8.83 -13.21
CA VAL E 177 35.77 -8.36 -11.83
C VAL E 177 35.84 -6.83 -11.80
N LEU E 178 36.76 -6.22 -12.57
CA LEU E 178 36.82 -4.76 -12.68
C LEU E 178 35.52 -4.12 -13.25
N TYR E 179 34.94 -4.73 -14.29
CA TYR E 179 33.67 -4.21 -14.87
C TYR E 179 32.54 -4.25 -13.88
N CYS E 180 32.42 -5.37 -13.18
CA CYS E 180 31.42 -5.50 -12.13
C CYS E 180 31.62 -4.45 -11.04
N ALA E 181 32.88 -4.24 -10.67
CA ALA E 181 33.22 -3.30 -9.65
C ALA E 181 32.73 -1.91 -10.05
N LYS E 182 33.06 -1.48 -11.26
CA LYS E 182 32.62 -0.17 -11.75
C LYS E 182 31.11 -0.09 -11.83
N LYS E 183 30.46 -1.14 -12.28
CA LYS E 183 29.02 -1.04 -12.43
C LYS E 183 28.34 -0.85 -11.06
N ALA E 184 28.91 -1.47 -10.02
CA ALA E 184 28.32 -1.41 -8.66
C ALA E 184 29.00 -0.38 -7.72
N GLY E 185 29.84 0.51 -8.25
CA GLY E 185 30.28 1.68 -7.49
C GLY E 185 31.37 1.43 -6.48
N VAL E 186 32.11 0.34 -6.64
CA VAL E 186 33.25 0.09 -5.78
C VAL E 186 34.26 1.26 -5.86
N THR E 187 34.68 1.78 -4.73
CA THR E 187 35.51 2.99 -4.68
C THR E 187 37.02 2.67 -4.62
N HIS E 188 37.38 1.55 -4.00
CA HIS E 188 38.77 1.15 -3.88
C HIS E 188 38.92 -0.32 -4.23
N LEU E 189 40.05 -0.66 -4.83
CA LEU E 189 40.38 -2.06 -5.13
C LEU E 189 41.68 -2.42 -4.42
N LEU E 190 41.65 -3.47 -3.59
CA LEU E 190 42.80 -3.99 -2.85
C LEU E 190 43.26 -5.24 -3.59
N LYS E 191 44.37 -5.14 -4.32
CA LYS E 191 44.83 -6.25 -5.15
C LYS E 191 45.63 -7.22 -4.30
N ALA E 192 44.92 -8.00 -3.50
CA ALA E 192 45.53 -8.95 -2.56
C ALA E 192 44.47 -9.92 -2.05
N GLY E 193 44.89 -11.08 -1.58
CA GLY E 193 43.99 -12.13 -1.17
C GLY E 193 44.34 -12.64 0.20
N GLY E 194 43.69 -13.72 0.57
CA GLY E 194 44.01 -14.42 1.81
C GLY E 194 43.82 -13.60 3.08
N ALA E 195 44.32 -14.17 4.18
CA ALA E 195 44.25 -13.57 5.52
C ALA E 195 44.95 -12.21 5.61
N GLN E 196 45.97 -12.00 4.76
CA GLN E 196 46.60 -10.68 4.62
C GLN E 196 45.67 -9.60 4.01
N ALA E 197 44.72 -9.99 3.15
CA ALA E 197 43.70 -9.04 2.61
C ALA E 197 42.65 -8.65 3.66
N ILE E 198 42.16 -9.65 4.38
CA ILE E 198 41.19 -9.46 5.46
C ILE E 198 41.78 -8.53 6.55
N SER E 199 43.03 -8.79 6.96
CA SER E 199 43.70 -7.98 7.97
C SER E 199 43.93 -6.55 7.52
N ALA E 200 44.33 -6.40 6.25
CA ALA E 200 44.53 -5.08 5.67
C ALA E 200 43.27 -4.24 5.76
N MET E 201 42.15 -4.82 5.37
CA MET E 201 40.86 -4.10 5.40
C MET E 201 40.42 -3.88 6.83
N ALA E 202 40.49 -4.90 7.68
CA ALA E 202 40.12 -4.73 9.07
C ALA E 202 40.90 -3.62 9.85
N TRP E 203 42.18 -3.44 9.55
CA TRP E 203 43.07 -2.49 10.26
C TRP E 203 43.30 -1.17 9.53
N GLY E 204 43.11 -1.16 8.22
CA GLY E 204 43.57 -0.09 7.40
C GLY E 204 45.09 -0.33 7.29
N THR E 205 45.68 0.12 6.21
CA THR E 205 47.15 0.17 6.10
C THR E 205 47.48 1.58 5.69
N GLU E 206 48.76 1.86 5.42
CA GLU E 206 49.18 3.13 4.80
C GLU E 206 48.25 3.65 3.68
N THR E 207 47.76 2.73 2.85
CA THR E 207 46.94 3.05 1.66
C THR E 207 45.60 2.25 1.55
N CYS E 208 45.37 1.25 2.41
CA CYS E 208 44.07 0.59 2.41
C CYS E 208 43.18 1.30 3.45
N PRO E 209 42.02 1.86 3.00
CA PRO E 209 40.97 2.30 3.95
C PRO E 209 40.64 1.23 4.98
N LYS E 210 40.43 1.64 6.24
CA LYS E 210 39.92 0.75 7.29
C LYS E 210 38.42 0.63 7.08
N VAL E 211 37.91 -0.60 7.14
CA VAL E 211 36.49 -0.83 6.91
C VAL E 211 35.86 -1.22 8.20
N GLU E 212 34.55 -1.11 8.26
CA GLU E 212 33.85 -1.48 9.49
C GLU E 212 33.24 -2.86 9.47
N LYS E 213 32.95 -3.35 8.28
CA LYS E 213 32.41 -4.68 8.13
C LYS E 213 33.01 -5.35 6.90
N ILE E 214 33.39 -6.62 7.05
CA ILE E 214 33.99 -7.40 5.97
C ILE E 214 33.07 -8.57 5.56
N PHE E 215 32.95 -8.73 4.24
CA PHE E 215 32.03 -9.63 3.56
C PHE E 215 32.83 -10.56 2.62
N GLY E 216 32.27 -11.73 2.40
CA GLY E 216 32.57 -12.46 1.20
C GLY E 216 32.95 -13.89 1.47
N PRO E 217 32.85 -14.73 0.43
CA PRO E 217 33.15 -16.15 0.56
C PRO E 217 34.68 -16.33 0.38
N GLY E 218 35.22 -17.39 0.96
CA GLY E 218 36.64 -17.71 0.79
C GLY E 218 36.94 -19.10 1.26
N ASN E 219 38.21 -19.46 1.14
CA ASN E 219 38.70 -20.73 1.69
C ASN E 219 38.65 -20.70 3.22
N GLN E 220 39.01 -21.81 3.87
CA GLN E 220 38.91 -21.81 5.35
C GLN E 220 39.87 -20.88 6.11
N TYR E 221 40.97 -20.46 5.47
CA TYR E 221 41.91 -19.48 6.07
C TYR E 221 41.37 -18.04 6.03
N VAL E 222 40.72 -17.68 4.92
CA VAL E 222 40.06 -16.37 4.77
C VAL E 222 38.92 -16.33 5.77
N THR E 223 38.14 -17.36 5.78
CA THR E 223 37.05 -17.47 6.71
C THR E 223 37.52 -17.37 8.21
N ALA E 224 38.61 -18.07 8.55
CA ALA E 224 39.18 -18.04 9.90
C ALA E 224 39.67 -16.64 10.28
N ALA E 225 40.31 -15.95 9.35
CA ALA E 225 40.79 -14.59 9.58
C ALA E 225 39.66 -13.58 9.90
N LYS E 226 38.56 -13.69 9.15
CA LYS E 226 37.40 -12.87 9.34
C LYS E 226 36.88 -13.17 10.74
N MET E 227 36.81 -14.45 11.12
CA MET E 227 36.35 -14.79 12.46
C MET E 227 37.30 -14.27 13.54
N ILE E 228 38.59 -14.32 13.30
CA ILE E 228 39.58 -13.77 14.24
C ILE E 228 39.38 -12.28 14.40
N LEU E 229 39.36 -11.58 13.26
CA LEU E 229 39.26 -10.14 13.28
C LEU E 229 38.02 -9.59 13.95
N GLN E 230 36.89 -10.30 13.86
CA GLN E 230 35.64 -9.86 14.48
C GLN E 230 35.72 -9.85 16.00
N ASN E 231 36.63 -10.63 16.61
CA ASN E 231 36.92 -10.55 18.07
C ASN E 231 38.16 -9.73 18.39
N SER E 232 38.74 -9.06 17.38
CA SER E 232 39.93 -8.23 17.54
C SER E 232 39.64 -6.77 17.93
N GLU E 233 40.72 -6.04 18.17
CA GLU E 233 40.64 -4.60 18.51
C GLU E 233 40.50 -3.72 17.28
N ALA E 234 40.66 -4.31 16.08
CA ALA E 234 40.38 -3.56 14.84
C ALA E 234 38.95 -3.02 14.78
N MET E 235 38.05 -3.48 15.63
CA MET E 235 36.65 -3.01 15.65
C MET E 235 36.00 -3.20 14.29
N VAL E 236 35.71 -4.46 13.96
CA VAL E 236 35.14 -4.80 12.63
C VAL E 236 34.09 -5.89 12.85
N SER E 237 33.04 -6.00 12.02
CA SER E 237 32.16 -7.19 12.11
C SER E 237 32.27 -7.88 10.78
N ILE E 238 31.60 -9.03 10.66
CA ILE E 238 31.65 -9.80 9.44
C ILE E 238 30.20 -10.23 9.06
N ASP E 239 30.01 -10.59 7.81
CA ASP E 239 28.73 -11.08 7.34
C ASP E 239 28.45 -12.42 8.04
N MET E 240 29.35 -13.38 7.86
CA MET E 240 29.17 -14.76 8.29
C MET E 240 30.40 -15.59 7.96
N PRO E 241 30.48 -16.79 8.56
CA PRO E 241 31.45 -17.77 8.03
C PRO E 241 30.89 -18.34 6.73
N ALA E 242 31.50 -17.95 5.62
CA ALA E 242 31.09 -18.34 4.26
C ALA E 242 32.25 -19.08 3.65
N GLY E 243 32.39 -20.35 4.04
CA GLY E 243 33.50 -21.19 3.61
C GLY E 243 33.29 -21.95 2.28
N PRO E 244 33.98 -23.10 2.13
CA PRO E 244 33.78 -24.08 1.04
C PRO E 244 32.32 -24.42 0.79
N SER E 245 31.89 -24.19 -0.45
CA SER E 245 30.55 -24.44 -0.93
C SER E 245 30.01 -25.81 -0.67
N GLU E 246 28.69 -25.85 -0.46
CA GLU E 246 27.98 -27.04 -0.15
C GLU E 246 26.68 -27.03 -0.97
N VAL E 247 26.19 -28.20 -1.29
CA VAL E 247 24.87 -28.31 -1.85
C VAL E 247 24.29 -29.60 -1.32
N LEU E 248 23.01 -29.54 -0.99
CA LEU E 248 22.23 -30.71 -0.66
C LEU E 248 21.16 -30.77 -1.69
N VAL E 249 21.04 -31.88 -2.35
CA VAL E 249 19.98 -32.08 -3.34
C VAL E 249 19.03 -33.08 -2.78
N ILE E 250 17.73 -32.76 -2.78
CA ILE E 250 16.67 -33.75 -2.53
C ILE E 250 16.07 -34.18 -3.86
N ALA E 251 15.98 -35.50 -4.04
CA ALA E 251 15.54 -36.11 -5.29
C ALA E 251 14.59 -37.27 -5.09
N ASP E 252 13.51 -37.26 -5.89
CA ASP E 252 12.52 -38.34 -5.92
C ASP E 252 12.59 -39.00 -7.31
N LYS E 253 11.69 -39.96 -7.55
CA LYS E 253 11.68 -40.77 -8.77
C LYS E 253 11.40 -40.04 -10.06
N HIS E 254 10.90 -38.81 -10.00
CA HIS E 254 10.64 -38.01 -11.19
C HIS E 254 11.86 -37.16 -11.57
N ALA E 255 12.90 -37.12 -10.72
CA ALA E 255 14.11 -36.35 -11.04
C ALA E 255 14.98 -37.11 -12.05
N ILE E 256 15.48 -36.39 -13.05
CA ILE E 256 16.35 -36.98 -14.06
C ILE E 256 17.77 -37.18 -13.47
N PRO E 257 18.27 -38.46 -13.47
CA PRO E 257 19.59 -38.78 -12.88
C PRO E 257 20.78 -37.94 -13.34
N SER E 258 20.82 -37.59 -14.62
CA SER E 258 21.95 -36.79 -15.14
C SER E 258 21.92 -35.31 -14.65
N HIS E 259 20.71 -34.77 -14.52
CA HIS E 259 20.45 -33.45 -13.94
C HIS E 259 20.87 -33.46 -12.45
N VAL E 260 20.53 -34.56 -11.76
CA VAL E 260 20.90 -34.75 -10.36
C VAL E 260 22.43 -34.77 -10.21
N ALA E 261 23.08 -35.59 -11.04
CA ALA E 261 24.57 -35.65 -11.06
C ALA E 261 25.22 -34.29 -11.38
N ALA E 262 24.79 -33.64 -12.46
CA ALA E 262 25.27 -32.30 -12.83
C ALA E 262 25.20 -31.26 -11.67
N ASP E 263 24.08 -31.28 -10.95
CA ASP E 263 23.89 -30.38 -9.80
C ASP E 263 24.86 -30.66 -8.67
N LEU E 264 25.14 -31.94 -8.41
CA LEU E 264 26.05 -32.30 -7.34
C LEU E 264 27.47 -31.85 -7.69
N LEU E 265 27.85 -32.08 -8.95
CA LEU E 265 29.13 -31.65 -9.47
C LEU E 265 29.26 -30.13 -9.61
N SER E 266 28.13 -29.42 -9.83
CA SER E 266 28.21 -27.96 -10.06
C SER E 266 28.99 -27.34 -8.92
N GLN E 267 28.69 -27.70 -7.67
CA GLN E 267 29.43 -27.17 -6.50
C GLN E 267 30.64 -27.99 -6.04
N ALA E 268 30.66 -29.29 -6.25
CA ALA E 268 31.86 -30.13 -5.94
C ALA E 268 33.16 -29.60 -6.61
N GLU E 269 33.02 -29.03 -7.81
CA GLU E 269 34.14 -28.38 -8.50
C GLU E 269 34.81 -27.16 -7.81
N HIS E 270 34.11 -26.48 -6.90
CA HIS E 270 34.66 -25.27 -6.25
C HIS E 270 36.03 -25.55 -5.57
N GLY E 271 36.17 -26.72 -4.94
CA GLY E 271 37.41 -27.10 -4.31
C GLY E 271 37.34 -28.46 -3.63
N PRO E 272 38.51 -29.02 -3.23
CA PRO E 272 38.56 -30.36 -2.62
C PRO E 272 37.89 -30.39 -1.22
N ASP E 273 37.81 -29.20 -0.65
CA ASP E 273 37.24 -28.94 0.63
C ASP E 273 35.70 -28.79 0.60
N SER E 274 35.10 -28.80 -0.59
CA SER E 274 33.63 -28.79 -0.74
C SER E 274 33.00 -30.04 -0.13
N GLN E 275 31.67 -30.00 0.02
CA GLN E 275 30.89 -31.16 0.46
C GLN E 275 29.47 -31.11 -0.11
N VAL E 276 29.04 -32.24 -0.61
CA VAL E 276 27.83 -32.34 -1.42
C VAL E 276 27.06 -33.51 -0.80
N VAL E 277 25.74 -33.38 -0.72
CA VAL E 277 24.92 -34.42 -0.14
C VAL E 277 23.76 -34.66 -1.08
N LEU E 278 23.43 -35.91 -1.30
CA LEU E 278 22.17 -36.25 -2.00
C LEU E 278 21.26 -37.00 -1.08
N VAL E 279 20.01 -36.52 -0.96
CA VAL E 279 19.00 -37.17 -0.19
C VAL E 279 17.99 -37.72 -1.20
N ILE E 280 17.85 -39.05 -1.20
CA ILE E 280 16.91 -39.77 -2.05
C ILE E 280 15.65 -39.94 -1.23
N ALA E 281 14.57 -39.37 -1.74
CA ALA E 281 13.31 -39.35 -1.03
C ALA E 281 12.45 -40.42 -1.65
N GLY E 282 12.13 -41.46 -0.86
CA GLY E 282 11.16 -42.48 -1.26
C GLY E 282 11.61 -43.49 -2.29
N ASP E 283 10.63 -44.09 -2.99
CA ASP E 283 10.84 -45.24 -3.91
C ASP E 283 11.17 -44.82 -5.32
N GLY E 284 11.58 -45.77 -6.15
CA GLY E 284 11.78 -45.51 -7.57
C GLY E 284 13.05 -44.79 -8.00
N VAL E 285 13.96 -44.45 -7.08
CA VAL E 285 15.13 -43.67 -7.53
C VAL E 285 16.27 -44.61 -7.92
N ASP E 286 16.73 -44.45 -9.15
CA ASP E 286 17.82 -45.22 -9.70
C ASP E 286 19.18 -44.72 -9.17
N GLN E 287 19.55 -45.13 -7.96
CA GLN E 287 20.84 -44.73 -7.34
C GLN E 287 22.10 -45.04 -8.20
N ASN E 288 22.13 -46.21 -8.85
CA ASN E 288 23.21 -46.58 -9.82
C ASN E 288 23.38 -45.66 -11.04
N ALA E 289 22.26 -45.34 -11.71
CA ALA E 289 22.31 -44.36 -12.80
C ALA E 289 22.91 -43.03 -12.30
N ILE E 290 22.52 -42.62 -11.10
CA ILE E 290 23.08 -41.36 -10.56
C ILE E 290 24.59 -41.48 -10.28
N GLN E 291 25.02 -42.55 -9.60
CA GLN E 291 26.47 -42.85 -9.40
C GLN E 291 27.27 -42.86 -10.72
N GLU E 292 26.73 -43.57 -11.72
CA GLU E 292 27.42 -43.73 -13.01
C GLU E 292 27.52 -42.36 -13.69
N GLU E 293 26.45 -41.61 -13.60
CA GLU E 293 26.40 -40.29 -14.22
C GLU E 293 27.36 -39.30 -13.56
N VAL E 294 27.45 -39.35 -12.23
CA VAL E 294 28.49 -38.63 -11.47
C VAL E 294 29.94 -38.96 -11.91
N SER E 295 30.36 -40.23 -11.92
CA SER E 295 31.74 -40.57 -12.37
C SER E 295 31.94 -40.38 -13.88
N LYS E 296 30.88 -40.60 -14.69
CA LYS E 296 30.91 -40.21 -16.12
C LYS E 296 31.26 -38.75 -16.19
N GLN E 297 30.41 -37.89 -15.61
CA GLN E 297 30.57 -36.44 -15.74
C GLN E 297 31.84 -35.89 -15.06
N CYS E 298 32.20 -36.40 -13.88
CA CYS E 298 33.41 -35.90 -13.17
C CYS E 298 34.68 -35.97 -14.02
N GLN E 299 34.94 -37.14 -14.63
CA GLN E 299 36.21 -37.36 -15.35
C GLN E 299 36.41 -36.44 -16.58
N SER E 300 35.33 -35.96 -17.21
CA SER E 300 35.45 -34.93 -18.29
C SER E 300 35.53 -33.45 -17.82
N LEU E 301 35.37 -33.19 -16.52
CA LEU E 301 35.42 -31.81 -16.01
C LEU E 301 36.85 -31.35 -15.92
N PRO E 302 37.22 -30.24 -16.58
CA PRO E 302 38.51 -29.64 -16.23
C PRO E 302 38.90 -29.70 -14.73
N ARG E 303 37.92 -29.54 -13.83
CA ARG E 303 38.17 -29.50 -12.37
C ARG E 303 37.86 -30.83 -11.63
N GLY E 304 37.93 -31.94 -12.38
CA GLY E 304 37.60 -33.29 -11.93
C GLY E 304 38.35 -33.72 -10.69
N GLU E 305 39.61 -33.29 -10.56
CA GLU E 305 40.46 -33.61 -9.40
C GLU E 305 39.85 -33.05 -8.11
N PHE E 306 39.65 -31.73 -8.09
CA PHE E 306 38.91 -31.01 -7.02
C PHE E 306 37.57 -31.66 -6.70
N ALA E 307 36.76 -31.91 -7.75
CA ALA E 307 35.43 -32.52 -7.58
C ALA E 307 35.49 -33.90 -6.90
N ALA E 308 36.51 -34.68 -7.30
CA ALA E 308 36.62 -36.01 -6.80
C ALA E 308 37.03 -35.94 -5.34
N LYS E 309 37.93 -35.03 -4.95
CA LYS E 309 38.27 -34.84 -3.51
C LYS E 309 37.01 -34.42 -2.68
N ALA E 310 36.26 -33.43 -3.19
CA ALA E 310 34.97 -33.02 -2.57
C ALA E 310 34.03 -34.21 -2.43
N LEU E 311 33.82 -34.94 -3.54
CA LEU E 311 33.09 -36.23 -3.55
C LEU E 311 33.54 -37.29 -2.53
N SER E 312 34.83 -37.33 -2.19
CA SER E 312 35.32 -38.28 -1.16
C SER E 312 34.89 -37.92 0.30
N HIS E 313 34.46 -36.67 0.53
CA HIS E 313 33.86 -36.22 1.79
C HIS E 313 32.32 -36.18 1.72
N SER E 314 31.78 -36.43 0.53
CA SER E 314 30.36 -36.33 0.22
C SER E 314 29.63 -37.64 0.51
N PHE E 315 28.30 -37.61 0.47
CA PHE E 315 27.53 -38.81 0.73
C PHE E 315 26.09 -38.74 0.25
N ILE E 316 25.49 -39.93 0.14
CA ILE E 316 24.08 -40.14 -0.25
C ILE E 316 23.30 -40.75 0.90
N VAL E 317 22.13 -40.18 1.18
CA VAL E 317 21.25 -40.64 2.26
C VAL E 317 19.85 -40.99 1.72
N HIS E 318 19.32 -42.15 2.14
CA HIS E 318 18.00 -42.61 1.76
C HIS E 318 17.02 -42.27 2.84
N ALA E 319 15.95 -41.59 2.46
CA ALA E 319 14.88 -41.27 3.37
C ALA E 319 13.63 -41.92 2.82
N ARG E 320 12.77 -42.40 3.72
CA ARG E 320 11.51 -43.10 3.38
C ARG E 320 10.48 -42.22 2.66
N ASP E 321 10.49 -40.91 2.94
CA ASP E 321 9.56 -39.97 2.34
C ASP E 321 10.11 -38.56 2.44
N MET E 322 9.45 -37.63 1.77
CA MET E 322 9.85 -36.23 1.78
C MET E 322 9.98 -35.67 3.20
N LEU E 323 9.02 -35.95 4.07
CA LEU E 323 9.11 -35.39 5.39
C LEU E 323 10.47 -35.71 6.07
N GLU E 324 10.88 -36.98 5.96
CA GLU E 324 12.17 -37.47 6.44
C GLU E 324 13.38 -36.84 5.73
N ALA E 325 13.33 -36.84 4.40
CA ALA E 325 14.31 -36.15 3.62
C ALA E 325 14.52 -34.69 4.14
N ILE E 326 13.44 -33.95 4.39
CA ILE E 326 13.55 -32.50 4.71
C ILE E 326 14.03 -32.36 6.13
N THR E 327 13.58 -33.28 6.98
CA THR E 327 14.02 -33.30 8.37
C THR E 327 15.53 -33.46 8.40
N PHE E 328 16.04 -34.34 7.56
CA PHE E 328 17.49 -34.56 7.50
C PHE E 328 18.25 -33.32 6.98
N SER E 329 17.77 -32.78 5.87
CA SER E 329 18.27 -31.52 5.35
C SER E 329 18.33 -30.44 6.45
N ASN E 330 17.22 -30.20 7.12
CA ASN E 330 17.24 -29.26 8.23
C ASN E 330 18.36 -29.53 9.26
N MET E 331 18.65 -30.78 9.58
CA MET E 331 19.72 -31.06 10.55
C MET E 331 21.07 -30.71 9.96
N TYR E 332 21.27 -31.01 8.70
CA TYR E 332 22.55 -30.75 8.04
C TYR E 332 22.76 -29.23 7.89
N ALA E 333 21.65 -28.56 7.58
CA ALA E 333 21.58 -27.10 7.38
C ALA E 333 22.48 -26.69 6.21
N PRO E 334 22.11 -27.06 4.99
CA PRO E 334 22.99 -26.80 3.90
C PRO E 334 23.09 -25.35 3.46
N GLU E 335 24.27 -24.92 2.97
CA GLU E 335 24.41 -23.64 2.30
C GLU E 335 23.37 -23.45 1.18
N HIS E 336 23.21 -24.50 0.38
CA HIS E 336 22.25 -24.50 -0.70
C HIS E 336 21.48 -25.75 -0.70
N LEU E 337 20.16 -25.62 -0.95
CA LEU E 337 19.23 -26.76 -1.03
C LEU E 337 18.49 -26.80 -2.35
N ILE E 338 18.52 -27.94 -3.06
CA ILE E 338 17.78 -28.09 -4.33
C ILE E 338 16.76 -29.16 -4.15
N ILE E 339 15.51 -28.82 -4.43
CA ILE E 339 14.42 -29.70 -4.14
C ILE E 339 13.83 -30.08 -5.49
N ASN E 340 14.33 -31.20 -5.99
CA ASN E 340 13.89 -31.78 -7.22
C ASN E 340 12.94 -32.96 -6.94
N VAL E 341 11.73 -32.62 -6.51
CA VAL E 341 10.69 -33.56 -6.23
C VAL E 341 9.39 -32.99 -6.78
N LYS E 342 8.43 -33.88 -6.99
CA LYS E 342 7.12 -33.44 -7.46
C LYS E 342 6.45 -32.52 -6.42
N ASP E 343 5.79 -31.47 -6.89
CA ASP E 343 5.18 -30.45 -6.02
C ASP E 343 6.19 -29.88 -5.02
N ALA E 344 7.39 -29.62 -5.52
CA ALA E 344 8.48 -29.13 -4.68
C ALA E 344 8.03 -27.89 -3.87
N GLU E 345 7.28 -27.04 -4.55
CA GLU E 345 6.78 -25.74 -4.02
C GLU E 345 5.98 -25.94 -2.72
N LYS E 346 5.19 -27.00 -2.64
CA LYS E 346 4.32 -27.22 -1.48
C LYS E 346 5.05 -27.57 -0.18
N TRP E 347 6.30 -28.02 -0.31
CA TRP E 347 7.15 -28.40 0.81
C TRP E 347 7.92 -27.23 1.44
N GLU E 348 7.79 -26.07 0.85
CA GLU E 348 8.43 -24.85 1.34
C GLU E 348 8.30 -24.62 2.86
N SER E 349 7.09 -24.80 3.37
CA SER E 349 6.79 -24.60 4.78
C SER E 349 7.59 -25.47 5.76
N PHE E 350 8.03 -26.66 5.29
CA PHE E 350 8.86 -27.59 6.08
C PHE E 350 10.33 -27.31 6.08
N ILE E 351 10.78 -26.46 5.21
CA ILE E 351 12.19 -26.10 5.15
C ILE E 351 12.52 -25.12 6.26
N GLU E 352 13.51 -25.43 7.09
CA GLU E 352 13.85 -24.61 8.23
C GLU E 352 15.22 -24.03 8.18
N ASN E 353 16.21 -24.82 7.77
CA ASN E 353 17.61 -24.45 7.84
C ASN E 353 18.21 -24.71 6.46
N ALA E 354 18.45 -23.62 5.73
CA ALA E 354 19.03 -23.64 4.39
C ALA E 354 19.32 -22.19 3.97
N GLY E 355 20.46 -21.94 3.34
CA GLY E 355 20.86 -20.60 2.91
C GLY E 355 19.99 -20.09 1.75
N SER E 356 19.92 -20.89 0.70
CA SER E 356 19.15 -20.59 -0.51
C SER E 356 18.56 -21.89 -1.06
N VAL E 357 17.36 -21.80 -1.64
CA VAL E 357 16.56 -22.98 -1.96
C VAL E 357 16.17 -22.87 -3.45
N PHE E 358 16.27 -23.99 -4.15
CA PHE E 358 15.99 -24.06 -5.58
C PHE E 358 14.91 -25.12 -5.72
N LEU E 359 13.74 -24.73 -6.24
CA LEU E 359 12.56 -25.60 -6.30
C LEU E 359 12.26 -26.11 -7.73
N GLY E 360 12.07 -27.42 -7.84
CA GLY E 360 11.55 -28.03 -9.07
C GLY E 360 12.69 -28.53 -9.94
N SER E 361 12.36 -28.80 -11.20
CA SER E 361 13.26 -29.47 -12.11
C SER E 361 14.07 -28.55 -13.00
N TRP E 362 13.64 -27.29 -13.12
CA TRP E 362 14.28 -26.30 -14.01
C TRP E 362 15.06 -25.18 -13.28
N THR E 363 15.51 -25.46 -12.08
CA THR E 363 16.16 -24.50 -11.24
C THR E 363 17.49 -25.11 -10.70
N PRO E 364 18.54 -25.16 -11.53
CA PRO E 364 19.83 -25.55 -10.95
C PRO E 364 20.38 -24.48 -9.99
N GLU E 365 21.14 -24.90 -8.98
CA GLU E 365 21.84 -23.96 -8.14
C GLU E 365 22.56 -22.90 -8.98
N SER E 366 23.10 -23.32 -10.14
CA SER E 366 23.80 -22.39 -11.06
C SER E 366 23.10 -21.06 -11.31
N VAL E 367 21.78 -21.07 -11.41
CA VAL E 367 21.06 -19.82 -11.72
C VAL E 367 21.13 -18.83 -10.55
N GLY E 368 21.11 -19.36 -9.32
CA GLY E 368 21.24 -18.54 -8.15
C GLY E 368 22.66 -18.09 -7.99
N ASP E 369 23.62 -19.00 -8.28
CA ASP E 369 25.07 -18.68 -8.24
C ASP E 369 25.35 -17.40 -9.08
N TYR E 370 24.68 -17.28 -10.23
CA TYR E 370 24.93 -16.21 -11.18
C TYR E 370 23.94 -15.10 -11.44
N ALA E 371 22.69 -15.40 -11.73
CA ALA E 371 21.79 -14.34 -12.13
C ALA E 371 20.31 -14.32 -11.79
N SER E 372 19.79 -15.21 -11.00
CA SER E 372 18.36 -15.13 -10.69
C SER E 372 18.05 -13.85 -9.93
N GLY E 373 18.96 -13.48 -9.06
CA GLY E 373 18.85 -12.25 -8.31
C GLY E 373 19.19 -12.46 -6.85
N THR E 374 19.09 -13.68 -6.39
CA THR E 374 19.31 -14.02 -5.00
C THR E 374 20.80 -13.92 -4.76
N ASN E 375 21.20 -13.95 -3.51
CA ASN E 375 22.59 -13.72 -3.21
C ASN E 375 23.28 -15.03 -2.90
N HIS E 376 24.41 -15.28 -3.58
CA HIS E 376 25.12 -16.53 -3.41
C HIS E 376 26.11 -16.55 -2.22
N VAL E 377 26.32 -15.41 -1.57
CA VAL E 377 27.15 -15.36 -0.41
C VAL E 377 26.32 -15.88 0.77
N LEU E 378 26.51 -17.16 1.11
CA LEU E 378 25.66 -17.89 2.01
C LEU E 378 26.44 -18.61 3.15
N PRO E 379 25.76 -18.91 4.25
CA PRO E 379 26.49 -19.53 5.33
C PRO E 379 26.69 -21.06 5.14
N THR E 380 27.91 -21.51 5.41
CA THR E 380 28.35 -22.89 5.27
C THR E 380 28.59 -23.53 6.65
N TYR E 381 28.95 -24.81 6.65
CA TYR E 381 29.36 -25.52 7.87
C TYR E 381 28.22 -25.79 8.83
N GLY E 382 26.96 -25.54 8.43
CA GLY E 382 25.85 -25.59 9.33
C GLY E 382 25.42 -24.26 9.97
N TYR E 383 26.15 -23.17 9.68
CA TYR E 383 25.75 -21.84 10.11
C TYR E 383 24.44 -21.32 9.48
N ALA E 384 23.88 -22.02 8.51
CA ALA E 384 22.49 -21.79 8.07
C ALA E 384 21.46 -22.05 9.12
N ARG E 385 21.82 -22.70 10.22
CA ARG E 385 20.95 -22.77 11.39
C ARG E 385 20.66 -21.40 12.01
N MET E 386 21.59 -20.43 11.88
CA MET E 386 21.35 -19.14 12.47
C MET E 386 21.73 -17.88 11.69
N TYR E 387 22.47 -17.99 10.60
CA TYR E 387 22.86 -16.89 9.74
C TYR E 387 22.00 -16.93 8.46
N SER E 388 21.75 -15.75 7.93
CA SER E 388 21.15 -15.55 6.59
C SER E 388 22.25 -15.31 5.55
N GLY E 389 21.97 -15.59 4.28
CA GLY E 389 22.80 -15.07 3.23
C GLY E 389 22.94 -13.54 3.31
N VAL E 390 23.94 -13.00 2.62
CA VAL E 390 24.07 -11.55 2.39
C VAL E 390 22.75 -10.98 1.79
N SER E 391 22.32 -9.82 2.29
CA SER E 391 21.11 -9.10 1.81
C SER E 391 21.35 -7.62 1.98
N LEU E 392 20.38 -6.83 1.55
CA LEU E 392 20.46 -5.41 1.76
C LEU E 392 20.75 -5.08 3.24
N ASP E 393 20.04 -5.75 4.15
CA ASP E 393 20.19 -5.43 5.57
C ASP E 393 21.58 -5.68 6.11
N SER E 394 22.37 -6.52 5.44
CA SER E 394 23.79 -6.79 5.82
C SER E 394 24.66 -5.55 5.80
N PHE E 395 24.24 -4.58 5.02
CA PHE E 395 24.94 -3.30 4.80
C PHE E 395 24.37 -2.11 5.55
N LEU E 396 23.41 -2.41 6.42
CA LEU E 396 22.66 -1.43 7.21
C LEU E 396 22.76 -1.68 8.70
N LYS E 397 22.67 -0.61 9.46
CA LYS E 397 22.29 -0.63 10.89
C LYS E 397 20.90 -0.05 11.03
N TYR E 398 20.10 -0.59 11.93
CA TYR E 398 18.80 -0.02 12.23
C TYR E 398 18.90 0.61 13.60
N ILE E 399 18.81 1.93 13.64
CA ILE E 399 18.87 2.69 14.87
C ILE E 399 17.43 2.92 15.33
N THR E 400 17.16 2.60 16.59
CA THR E 400 15.86 3.03 17.18
C THR E 400 15.87 4.47 17.68
N VAL E 401 14.75 5.16 17.48
CA VAL E 401 14.63 6.57 17.76
C VAL E 401 13.31 6.71 18.50
N GLN E 402 13.33 7.39 19.64
CA GLN E 402 12.08 7.79 20.30
C GLN E 402 12.04 9.27 20.69
N SER E 403 10.83 9.80 20.73
CA SER E 403 10.61 11.18 21.15
C SER E 403 9.30 11.24 21.92
N LEU E 404 9.31 11.87 23.09
CA LEU E 404 8.12 12.00 23.91
C LEU E 404 7.75 13.48 23.98
N THR E 405 6.47 13.76 23.76
CA THR E 405 5.88 15.02 24.20
C THR E 405 5.85 15.08 25.74
N GLU E 406 5.55 16.27 26.28
CA GLU E 406 5.33 16.47 27.73
C GLU E 406 4.19 15.58 28.23
N GLU E 407 3.09 15.55 27.49
CA GLU E 407 1.97 14.64 27.70
C GLU E 407 2.43 13.18 27.75
N GLY E 408 3.22 12.82 26.73
CA GLY E 408 3.71 11.48 26.58
C GLY E 408 4.48 11.02 27.78
N LEU E 409 5.36 11.87 28.29
CA LEU E 409 6.14 11.55 29.48
C LEU E 409 5.25 11.43 30.75
N ARG E 410 4.21 12.24 30.84
CA ARG E 410 3.29 12.17 32.00
C ARG E 410 2.57 10.81 32.06
N LYS E 411 2.14 10.26 30.92
CA LYS E 411 1.56 8.89 30.91
C LYS E 411 2.57 7.81 31.28
N LEU E 412 3.73 7.82 30.62
CA LEU E 412 4.67 6.71 30.71
C LEU E 412 5.59 6.81 31.88
N GLY E 413 6.09 8.03 32.10
CA GLY E 413 7.06 8.33 33.14
C GLY E 413 6.85 7.63 34.49
N PRO E 414 5.64 7.76 35.07
CA PRO E 414 5.31 7.07 36.36
C PRO E 414 5.59 5.57 36.36
N TYR E 415 5.14 4.85 35.33
CA TYR E 415 5.44 3.40 35.20
C TYR E 415 6.94 3.10 35.16
N VAL E 416 7.69 4.01 34.56
CA VAL E 416 9.11 3.85 34.44
C VAL E 416 9.74 4.04 35.81
N GLU E 417 9.32 5.10 36.52
CA GLU E 417 9.73 5.32 37.92
C GLU E 417 9.51 4.04 38.75
N THR E 418 8.32 3.46 38.61
CA THR E 418 7.97 2.23 39.30
C THR E 418 9.03 1.16 39.00
N MET E 419 9.20 0.84 37.71
CA MET E 419 10.09 -0.25 37.32
C MET E 419 11.54 0.05 37.68
N ALA E 420 11.94 1.33 37.58
CA ALA E 420 13.25 1.74 38.07
C ALA E 420 13.44 1.55 39.60
N GLU E 421 12.37 1.65 40.40
CA GLU E 421 12.47 1.40 41.87
C GLU E 421 12.74 -0.07 42.09
N VAL E 422 11.87 -0.92 41.54
CA VAL E 422 12.03 -2.39 41.60
C VAL E 422 13.47 -2.82 41.28
N GLU E 423 14.01 -2.25 40.20
CA GLU E 423 15.33 -2.64 39.74
C GLU E 423 16.44 -2.17 40.67
N GLY E 424 16.18 -1.05 41.36
CA GLY E 424 17.10 -0.45 42.36
C GLY E 424 18.01 0.56 41.69
N LEU E 425 17.42 1.31 40.75
CA LEU E 425 18.15 2.21 39.86
C LEU E 425 17.51 3.62 39.96
N GLU E 426 17.98 4.31 40.99
CA GLU E 426 17.45 5.59 41.43
C GLU E 426 17.76 6.72 40.46
N ALA E 427 19.00 6.75 39.96
CA ALA E 427 19.37 7.72 38.93
C ALA E 427 18.50 7.55 37.69
N HIS E 428 18.15 6.31 37.33
CA HIS E 428 17.16 6.03 36.25
C HIS E 428 15.80 6.71 36.57
N LYS E 429 15.32 6.53 37.80
CA LYS E 429 14.03 7.17 38.21
C LYS E 429 14.11 8.71 38.28
N ARG E 430 15.22 9.21 38.84
CA ARG E 430 15.44 10.66 38.96
C ARG E 430 15.35 11.38 37.62
N ALA E 431 16.01 10.81 36.59
CA ALA E 431 15.99 11.35 35.21
C ALA E 431 14.58 11.69 34.77
N VAL E 432 13.63 10.83 35.11
CA VAL E 432 12.21 11.04 34.84
C VAL E 432 11.64 12.07 35.86
N THR E 433 11.83 11.79 37.16
CA THR E 433 11.19 12.57 38.26
C THR E 433 11.45 14.06 38.10
N LEU E 434 12.73 14.47 38.03
CA LEU E 434 13.13 15.86 37.82
C LEU E 434 12.39 16.50 36.66
N ARG E 435 12.16 15.72 35.57
CA ARG E 435 11.44 16.19 34.38
C ARG E 435 9.94 16.40 34.60
N LEU E 436 9.33 15.51 35.36
CA LEU E 436 7.91 15.67 35.75
C LEU E 436 7.72 16.92 36.66
N GLN E 437 8.65 17.12 37.56
CA GLN E 437 8.61 18.24 38.44
C GLN E 437 8.78 19.54 37.66
N ASP E 438 9.69 19.58 36.71
CA ASP E 438 9.84 20.82 35.95
C ASP E 438 8.57 21.15 35.19
N ILE E 439 7.97 20.13 34.59
CA ILE E 439 6.79 20.32 33.82
C ILE E 439 5.69 20.84 34.72
N GLU E 440 5.54 20.23 35.90
CA GLU E 440 4.50 20.66 36.82
C GLU E 440 4.73 22.08 37.32
N ALA E 441 5.98 22.40 37.67
CA ALA E 441 6.32 23.72 38.16
C ALA E 441 5.89 24.77 37.15
N ARG E 442 6.29 24.58 35.90
CA ARG E 442 5.92 25.50 34.85
C ARG E 442 4.43 25.50 34.62
N GLN E 443 3.84 24.31 34.66
CA GLN E 443 2.40 24.14 34.44
C GLN E 443 1.96 22.78 34.96
N PRO F 10 35.95 17.03 39.37
CA PRO F 10 36.02 17.76 38.10
C PRO F 10 35.99 16.75 36.93
N ILE F 11 34.88 16.72 36.17
CA ILE F 11 34.75 15.83 35.00
C ILE F 11 35.71 16.40 33.96
N LYS F 12 36.54 15.54 33.37
CA LYS F 12 37.52 16.00 32.37
C LYS F 12 36.84 16.78 31.25
N THR F 13 37.46 17.85 30.78
CA THR F 13 36.81 18.74 29.83
C THR F 13 37.74 19.03 28.67
N TYR F 14 37.26 18.77 27.43
CA TYR F 14 38.00 19.07 26.23
C TYR F 14 37.24 20.07 25.36
N HIS F 15 37.99 20.69 24.48
CA HIS F 15 37.50 21.56 23.46
C HIS F 15 37.98 20.94 22.17
N LEU F 16 37.04 20.59 21.29
CA LEU F 16 37.39 19.93 20.03
C LEU F 16 38.49 20.62 19.24
N SER F 17 38.37 21.93 19.04
CA SER F 17 39.35 22.70 18.28
C SER F 17 40.77 22.67 18.87
N ASN F 18 40.87 22.26 20.13
CA ASN F 18 42.11 22.25 20.89
C ASN F 18 42.85 20.89 20.93
N LEU F 19 42.47 19.95 20.05
CA LEU F 19 42.93 18.56 20.10
C LEU F 19 43.64 18.24 18.81
N THR F 20 44.67 17.40 18.89
CA THR F 20 45.31 16.82 17.71
C THR F 20 44.39 15.70 17.23
N GLN F 21 44.64 15.21 16.03
CA GLN F 21 43.97 14.02 15.50
C GLN F 21 44.06 12.80 16.43
N THR F 22 45.29 12.52 16.86
CA THR F 22 45.57 11.43 17.79
C THR F 22 44.76 11.54 19.06
N GLU F 23 44.71 12.75 19.61
CA GLU F 23 43.97 13.00 20.85
C GLU F 23 42.47 12.85 20.64
N LEU F 24 41.99 13.29 19.48
CA LEU F 24 40.57 13.16 19.12
C LEU F 24 40.18 11.68 19.00
N LEU F 25 40.95 10.96 18.18
CA LEU F 25 40.74 9.52 17.98
C LEU F 25 40.82 8.74 19.29
N SER F 26 41.64 9.20 20.23
CA SER F 26 41.77 8.49 21.50
C SER F 26 40.51 8.54 22.34
N LEU F 27 39.68 9.57 22.11
CA LEU F 27 38.41 9.73 22.81
C LEU F 27 37.37 8.64 22.53
N LYS F 28 37.59 7.80 21.54
CA LYS F 28 36.64 6.76 21.34
C LYS F 28 36.93 5.51 22.12
N SER F 29 38.04 5.44 22.86
CA SER F 29 38.24 4.20 23.65
C SER F 29 37.42 4.19 24.92
N ARG F 30 36.90 3.02 25.20
CA ARG F 30 36.16 2.75 26.41
C ARG F 30 37.11 2.21 27.48
N PRO F 31 36.75 2.35 28.77
CA PRO F 31 37.61 1.87 29.85
C PRO F 31 37.30 0.39 30.01
N ARG F 32 37.77 -0.40 29.05
CA ARG F 32 37.56 -1.85 29.03
C ARG F 32 38.91 -2.54 28.88
N ILE F 33 38.94 -3.81 29.24
CA ILE F 33 40.11 -4.62 29.03
C ILE F 33 40.11 -4.97 27.54
N ASP F 34 41.30 -5.12 26.94
CA ASP F 34 41.40 -5.59 25.56
C ASP F 34 40.90 -7.02 25.53
N PHE F 35 40.21 -7.36 24.44
CA PHE F 35 39.48 -8.63 24.37
C PHE F 35 40.37 -9.84 24.67
N SER F 36 41.54 -9.90 24.02
CA SER F 36 42.49 -11.03 24.20
C SER F 36 42.77 -11.31 25.67
N SER F 37 42.94 -10.28 26.49
CA SER F 37 43.18 -10.54 27.91
C SER F 37 41.96 -11.11 28.66
N VAL F 38 40.77 -10.53 28.47
CA VAL F 38 39.55 -11.12 29.08
C VAL F 38 39.31 -12.55 28.59
N PHE F 39 39.66 -12.85 27.32
CA PHE F 39 39.50 -14.23 26.77
C PHE F 39 40.30 -15.24 27.56
N ASP F 40 41.53 -14.87 27.95
CA ASP F 40 42.35 -15.79 28.73
C ASP F 40 41.74 -16.11 30.11
N ILE F 41 41.13 -15.12 30.76
CA ILE F 41 40.36 -15.35 32.02
C ILE F 41 39.11 -16.23 31.76
N VAL F 42 38.44 -16.01 30.62
CA VAL F 42 37.16 -16.63 30.33
C VAL F 42 37.24 -18.07 29.75
N ASN F 43 38.15 -18.34 28.81
CA ASN F 43 38.24 -19.72 28.25
C ASN F 43 38.33 -20.88 29.27
N PRO F 44 39.12 -20.72 30.36
CA PRO F 44 39.13 -21.82 31.32
C PRO F 44 37.71 -22.21 31.73
N ILE F 45 36.89 -21.20 32.06
CA ILE F 45 35.50 -21.41 32.53
C ILE F 45 34.66 -22.07 31.44
N VAL F 46 34.87 -21.64 30.19
CA VAL F 46 34.12 -22.16 29.04
C VAL F 46 34.48 -23.63 28.78
N ASP F 47 35.78 -23.95 28.74
CA ASP F 47 36.20 -25.33 28.44
C ASP F 47 35.74 -26.29 29.53
N ASP F 48 35.83 -25.80 30.77
CA ASP F 48 35.38 -26.53 31.96
C ASP F 48 33.88 -26.87 31.95
N VAL F 49 33.04 -25.95 31.45
CA VAL F 49 31.59 -26.23 31.31
C VAL F 49 31.37 -27.16 30.10
N HIS F 50 32.10 -26.93 29.01
CA HIS F 50 32.12 -27.87 27.86
C HIS F 50 32.46 -29.28 28.33
N ALA F 51 33.57 -29.41 29.06
CA ALA F 51 34.04 -30.73 29.52
C ALA F 51 33.12 -31.40 30.54
N HIS F 52 32.58 -30.64 31.51
CA HIS F 52 31.93 -31.22 32.71
C HIS F 52 30.50 -30.77 33.03
N GLY F 53 29.76 -30.22 32.07
CA GLY F 53 28.31 -30.00 32.25
C GLY F 53 27.91 -29.26 33.53
N ASP F 54 26.76 -29.64 34.08
CA ASP F 54 26.13 -28.98 35.25
C ASP F 54 26.96 -28.94 36.53
N ALA F 55 27.76 -29.98 36.77
CA ALA F 55 28.68 -30.03 37.90
C ALA F 55 29.59 -28.80 37.89
N ALA F 56 30.17 -28.48 36.73
CA ALA F 56 31.01 -27.28 36.56
C ALA F 56 30.24 -25.98 36.79
N VAL F 57 29.02 -25.90 36.27
CA VAL F 57 28.16 -24.72 36.47
C VAL F 57 27.81 -24.50 37.97
N LYS F 58 27.50 -25.60 38.67
CA LYS F 58 27.25 -25.58 40.13
C LYS F 58 28.46 -25.08 40.91
N GLN F 59 29.63 -25.64 40.61
CA GLN F 59 30.92 -25.18 41.19
C GLN F 59 31.10 -23.67 41.09
N TYR F 60 31.05 -23.16 39.86
CA TYR F 60 31.24 -21.75 39.61
C TYR F 60 30.12 -20.91 40.24
N THR F 61 28.88 -21.42 40.26
CA THR F 61 27.77 -20.71 40.95
C THR F 61 27.97 -20.61 42.51
N SER F 62 28.47 -21.66 43.17
CA SER F 62 28.92 -21.53 44.58
C SER F 62 30.15 -20.62 44.68
N LYS F 63 31.17 -20.95 43.89
CA LYS F 63 32.41 -20.17 43.82
C LYS F 63 32.19 -18.65 43.61
N PHE F 64 31.30 -18.25 42.69
CA PHE F 64 31.11 -16.81 42.32
C PHE F 64 29.84 -16.11 42.84
N ASP F 65 28.68 -16.73 42.69
CA ASP F 65 27.46 -16.20 43.32
C ASP F 65 27.39 -16.56 44.82
N LYS F 66 28.14 -17.59 45.27
CA LYS F 66 28.01 -18.14 46.64
C LYS F 66 26.56 -18.53 46.94
N VAL F 67 26.04 -19.41 46.09
CA VAL F 67 24.69 -19.93 46.14
C VAL F 67 24.81 -21.39 45.75
N ASP F 68 24.52 -22.28 46.70
CA ASP F 68 24.54 -23.72 46.43
C ASP F 68 23.14 -24.11 45.98
N LEU F 69 23.06 -24.74 44.82
CA LEU F 69 21.79 -24.90 44.11
C LEU F 69 21.68 -26.27 43.42
N GLU F 70 20.61 -26.99 43.75
CA GLU F 70 20.41 -28.35 43.28
C GLU F 70 19.95 -28.33 41.83
N ASN F 71 18.69 -27.93 41.56
CA ASN F 71 18.20 -27.82 40.17
C ASN F 71 18.49 -26.45 39.57
N ILE F 72 19.47 -26.39 38.68
CA ILE F 72 19.84 -25.12 38.00
C ILE F 72 19.01 -24.83 36.74
N VAL F 73 18.30 -25.83 36.22
CA VAL F 73 17.43 -25.66 35.07
C VAL F 73 15.99 -26.06 35.38
N GLU F 74 15.03 -25.22 34.98
CA GLU F 74 13.58 -25.45 35.20
C GLU F 74 12.78 -25.34 33.90
N LEU F 75 11.77 -26.20 33.70
CA LEU F 75 10.68 -25.87 32.79
C LEU F 75 9.91 -24.72 33.44
N VAL F 76 9.71 -23.64 32.69
CA VAL F 76 9.03 -22.45 33.23
C VAL F 76 7.53 -22.79 33.47
N SER F 77 6.94 -23.55 32.54
CA SER F 77 5.55 -24.05 32.64
C SER F 77 5.16 -24.75 33.96
N ASP F 78 6.15 -25.38 34.61
CA ASP F 78 5.94 -25.99 35.94
C ASP F 78 5.72 -24.92 36.99
N LEU F 79 6.66 -23.98 37.07
CA LEU F 79 6.74 -22.99 38.14
C LEU F 79 5.41 -22.29 38.38
N PRO F 80 5.12 -21.95 39.66
CA PRO F 80 3.86 -21.24 39.93
C PRO F 80 4.02 -19.78 39.52
N ASP F 81 2.89 -19.15 39.19
CA ASP F 81 2.89 -17.73 38.79
C ASP F 81 3.15 -16.89 40.03
N PRO F 82 4.19 -16.04 40.02
CA PRO F 82 4.57 -15.32 41.24
C PRO F 82 3.54 -14.27 41.70
N VAL F 83 3.87 -13.61 42.81
CA VAL F 83 2.98 -12.65 43.46
C VAL F 83 3.64 -11.25 43.51
N LEU F 84 2.96 -10.27 42.92
CA LEU F 84 3.48 -8.92 42.69
C LEU F 84 2.50 -7.84 43.16
N ASP F 85 2.99 -6.80 43.83
CA ASP F 85 2.20 -5.59 44.11
C ASP F 85 1.50 -5.13 42.81
N PRO F 86 0.14 -5.00 42.80
CA PRO F 86 -0.57 -4.66 41.56
C PRO F 86 0.00 -3.48 40.73
N ALA F 87 0.57 -2.47 41.38
CA ALA F 87 1.22 -1.35 40.67
C ALA F 87 2.52 -1.77 39.93
N ILE F 88 3.26 -2.71 40.51
CA ILE F 88 4.45 -3.30 39.91
C ILE F 88 4.09 -4.14 38.68
N LYS F 89 3.12 -5.03 38.84
CA LYS F 89 2.61 -5.80 37.72
C LYS F 89 2.11 -4.87 36.63
N GLU F 90 1.43 -3.80 37.03
CA GLU F 90 0.83 -2.87 36.07
C GLU F 90 1.88 -2.25 35.13
N ALA F 91 2.96 -1.72 35.71
CA ALA F 91 4.07 -1.10 34.97
C ALA F 91 4.70 -2.08 33.98
N PHE F 92 5.15 -3.22 34.49
CA PHE F 92 5.65 -4.31 33.63
C PHE F 92 4.66 -4.85 32.57
N ASP F 93 3.36 -4.67 32.77
CA ASP F 93 2.41 -4.93 31.70
C ASP F 93 2.35 -3.78 30.71
N VAL F 94 2.63 -2.56 31.16
CA VAL F 94 2.80 -1.45 30.21
C VAL F 94 4.03 -1.74 29.32
N ALA F 95 5.14 -2.09 29.98
CA ALA F 95 6.41 -2.39 29.28
C ALA F 95 6.18 -3.43 28.23
N TYR F 96 5.70 -4.60 28.65
CA TYR F 96 5.38 -5.71 27.73
C TYR F 96 4.57 -5.27 26.53
N SER F 97 3.51 -4.50 26.81
CA SER F 97 2.63 -4.04 25.74
C SER F 97 3.33 -3.14 24.69
N ASN F 98 4.14 -2.19 25.15
CA ASN F 98 4.84 -1.27 24.25
C ASN F 98 5.96 -2.00 23.46
N ILE F 99 6.65 -2.90 24.16
CA ILE F 99 7.72 -3.74 23.59
C ILE F 99 7.14 -4.67 22.56
N TYR F 100 6.06 -5.39 22.90
CA TYR F 100 5.45 -6.31 21.96
C TYR F 100 5.06 -5.52 20.73
N ALA F 101 4.34 -4.43 20.94
CA ALA F 101 3.85 -3.64 19.81
C ALA F 101 4.98 -3.13 18.94
N PHE F 102 6.06 -2.66 19.56
CA PHE F 102 7.16 -2.14 18.77
C PHE F 102 7.81 -3.26 17.90
N HIS F 103 7.98 -4.44 18.48
CA HIS F 103 8.65 -5.54 17.80
C HIS F 103 7.79 -6.24 16.77
N ALA F 104 6.51 -6.44 17.07
CA ALA F 104 5.60 -7.04 16.09
C ALA F 104 5.36 -6.15 14.89
N ALA F 105 5.46 -4.83 15.06
CA ALA F 105 5.41 -3.91 13.91
C ALA F 105 6.53 -4.12 12.87
N GLN F 106 7.60 -4.85 13.20
CA GLN F 106 8.75 -5.09 12.30
C GLN F 106 8.55 -6.31 11.41
N LYS F 107 7.47 -7.08 11.55
CA LYS F 107 7.22 -8.20 10.62
C LYS F 107 7.04 -7.60 9.26
N SER F 108 7.74 -8.13 8.26
CA SER F 108 7.65 -7.59 6.90
C SER F 108 6.96 -8.60 5.97
N PRO F 109 6.10 -8.12 5.04
CA PRO F 109 5.58 -8.96 3.94
C PRO F 109 6.68 -9.72 3.19
N GLU F 110 6.35 -10.93 2.75
CA GLU F 110 7.23 -11.76 1.90
C GLU F 110 6.64 -11.80 0.49
N LYS F 111 7.01 -10.81 -0.30
CA LYS F 111 6.52 -10.67 -1.66
C LYS F 111 7.47 -11.36 -2.60
N SER F 112 6.97 -12.02 -3.64
CA SER F 112 7.91 -12.47 -4.68
C SER F 112 8.27 -11.34 -5.64
N VAL F 113 9.48 -11.43 -6.15
CA VAL F 113 10.03 -10.56 -7.15
C VAL F 113 10.04 -11.42 -8.40
N GLU F 114 9.55 -10.88 -9.52
CA GLU F 114 9.63 -11.58 -10.79
C GLU F 114 9.93 -10.53 -11.83
N ASN F 115 11.21 -10.17 -11.89
CA ASN F 115 11.76 -9.23 -12.89
C ASN F 115 11.66 -9.83 -14.33
N MET F 116 12.05 -11.10 -14.45
CA MET F 116 11.91 -11.85 -15.67
C MET F 116 10.77 -12.84 -15.53
N LYS F 117 9.86 -12.84 -16.50
CA LYS F 117 8.76 -13.80 -16.53
C LYS F 117 9.36 -15.20 -16.48
N GLY F 118 8.87 -16.01 -15.54
CA GLY F 118 9.38 -17.35 -15.37
C GLY F 118 10.49 -17.51 -14.35
N VAL F 119 10.96 -16.40 -13.79
CA VAL F 119 12.05 -16.41 -12.81
C VAL F 119 11.54 -15.76 -11.54
N GLN F 120 11.09 -16.59 -10.61
CA GLN F 120 10.46 -16.13 -9.39
C GLN F 120 11.38 -16.33 -8.16
N CYS F 121 11.62 -15.23 -7.44
CA CYS F 121 12.48 -15.19 -6.24
C CYS F 121 11.79 -14.52 -5.08
N LYS F 122 12.14 -14.99 -3.91
CA LYS F 122 11.44 -14.67 -2.68
C LYS F 122 12.42 -14.81 -1.54
N ARG F 123 12.18 -14.05 -0.48
CA ARG F 123 12.96 -14.12 0.73
C ARG F 123 12.00 -14.41 1.84
N VAL F 124 12.10 -15.59 2.48
CA VAL F 124 11.15 -16.01 3.55
C VAL F 124 11.82 -16.08 4.91
N ALA F 125 11.06 -15.76 5.97
CA ALA F 125 11.57 -15.78 7.36
C ALA F 125 11.39 -17.15 8.02
N ARG F 126 12.41 -17.60 8.73
CA ARG F 126 12.29 -18.78 9.58
C ARG F 126 12.90 -18.48 10.91
N SER F 127 12.26 -18.94 11.97
CA SER F 127 12.79 -18.59 13.27
C SER F 127 14.03 -19.44 13.59
N ILE F 128 14.96 -18.90 14.36
CA ILE F 128 16.06 -19.68 14.87
C ILE F 128 15.43 -20.64 15.87
N ASN F 129 15.79 -21.90 15.75
CA ASN F 129 15.06 -22.95 16.46
C ASN F 129 15.24 -22.88 17.97
N SER F 130 16.45 -22.55 18.41
CA SER F 130 16.72 -22.44 19.81
C SER F 130 17.60 -21.26 20.19
N VAL F 131 17.19 -20.48 21.20
CA VAL F 131 17.93 -19.27 21.58
C VAL F 131 18.16 -19.23 23.10
N GLY F 132 19.30 -18.64 23.50
CA GLY F 132 19.69 -18.39 24.87
C GLY F 132 19.73 -16.91 25.17
N LEU F 133 19.06 -16.50 26.25
CA LEU F 133 18.87 -15.14 26.63
C LEU F 133 19.55 -14.90 27.96
N TYR F 134 20.52 -14.00 27.98
CA TYR F 134 21.22 -13.64 29.19
C TYR F 134 20.66 -12.38 29.90
N VAL F 135 20.25 -12.55 31.16
CA VAL F 135 19.72 -11.47 31.99
C VAL F 135 20.58 -11.33 33.25
N PRO F 136 21.33 -10.22 33.41
CA PRO F 136 22.15 -10.07 34.64
C PRO F 136 21.36 -10.06 35.95
N GLY F 137 21.93 -10.70 36.98
CA GLY F 137 21.29 -10.89 38.30
C GLY F 137 22.24 -10.66 39.49
N GLY F 138 22.31 -11.65 40.39
CA GLY F 138 22.98 -11.52 41.70
C GLY F 138 21.92 -11.02 42.68
N THR F 139 22.15 -9.83 43.25
CA THR F 139 21.06 -9.01 43.84
C THR F 139 20.81 -7.73 43.00
N ALA F 140 21.39 -7.64 41.80
CA ALA F 140 20.92 -6.71 40.75
C ALA F 140 19.70 -7.32 40.05
N VAL F 141 18.69 -6.50 39.77
CA VAL F 141 17.37 -6.98 39.35
C VAL F 141 17.09 -6.36 37.95
N LEU F 142 16.83 -7.20 36.94
CA LEU F 142 16.63 -6.74 35.54
C LEU F 142 15.53 -7.50 34.77
N PRO F 143 14.26 -7.40 35.23
CA PRO F 143 13.11 -7.78 34.42
C PRO F 143 12.91 -7.02 33.09
N SER F 144 13.38 -5.78 33.02
CA SER F 144 13.34 -5.00 31.79
C SER F 144 14.07 -5.83 30.73
N THR F 145 15.29 -6.27 31.05
CA THR F 145 16.06 -7.08 30.11
C THR F 145 15.36 -8.32 29.65
N ALA F 146 14.67 -8.97 30.56
CA ALA F 146 13.92 -10.18 30.28
C ALA F 146 12.90 -9.96 29.22
N LEU F 147 12.21 -8.83 29.34
CA LEU F 147 11.24 -8.45 28.32
C LEU F 147 11.90 -8.13 26.98
N MET F 148 12.97 -7.32 27.04
CA MET F 148 13.71 -6.92 25.85
C MET F 148 14.16 -8.11 25.00
N LEU F 149 14.59 -9.20 25.63
CA LEU F 149 15.04 -10.38 24.91
C LEU F 149 13.90 -11.34 24.62
N ALA F 150 13.03 -11.60 25.58
CA ALA F 150 12.07 -12.71 25.38
C ALA F 150 10.93 -12.33 24.49
N VAL F 151 10.45 -11.08 24.59
CA VAL F 151 9.33 -10.64 23.74
C VAL F 151 9.57 -10.85 22.25
N PRO F 152 10.72 -10.37 21.69
CA PRO F 152 10.97 -10.71 20.28
C PRO F 152 11.15 -12.19 19.99
N ALA F 153 11.75 -12.94 20.91
CA ALA F 153 11.82 -14.40 20.75
C ALA F 153 10.41 -15.03 20.59
N GLN F 154 9.47 -14.58 21.39
CA GLN F 154 8.07 -15.03 21.38
C GLN F 154 7.43 -14.74 20.04
N ILE F 155 7.55 -13.50 19.57
CA ILE F 155 7.00 -13.10 18.29
C ILE F 155 7.62 -13.92 17.16
N ALA F 156 8.92 -14.19 17.21
CA ALA F 156 9.61 -14.94 16.13
C ALA F 156 9.14 -16.39 16.05
N GLY F 157 8.75 -16.96 17.19
CA GLY F 157 8.30 -18.35 17.26
C GLY F 157 9.37 -19.35 17.62
N CYS F 158 10.52 -18.88 18.14
CA CYS F 158 11.55 -19.78 18.57
C CYS F 158 10.97 -20.87 19.48
N LYS F 159 11.28 -22.13 19.18
CA LYS F 159 10.72 -23.29 19.92
C LYS F 159 11.23 -23.33 21.36
N THR F 160 12.53 -23.16 21.51
CA THR F 160 13.21 -23.27 22.77
C THR F 160 13.85 -21.93 23.05
N ILE F 161 13.48 -21.37 24.19
CA ILE F 161 13.96 -20.11 24.69
C ILE F 161 14.46 -20.38 26.09
N VAL F 162 15.78 -20.28 26.28
CA VAL F 162 16.42 -20.47 27.56
C VAL F 162 16.82 -19.10 28.11
N LEU F 163 16.35 -18.74 29.31
CA LEU F 163 16.78 -17.52 29.99
C LEU F 163 17.79 -17.87 31.03
N ALA F 164 19.00 -17.33 30.95
CA ALA F 164 20.00 -17.45 31.99
C ALA F 164 19.92 -16.21 32.93
N ASN F 165 19.75 -16.49 34.22
CA ASN F 165 19.64 -15.47 35.23
C ASN F 165 20.21 -16.01 36.56
N PRO F 166 21.29 -15.39 37.08
CA PRO F 166 21.85 -15.90 38.36
C PRO F 166 20.93 -15.57 39.52
N PRO F 167 20.74 -16.53 40.43
CA PRO F 167 19.74 -16.40 41.52
C PRO F 167 20.07 -15.35 42.58
N THR F 168 19.07 -15.00 43.39
CA THR F 168 19.30 -14.28 44.64
C THR F 168 20.12 -15.17 45.60
N ARG F 169 20.74 -14.53 46.59
CA ARG F 169 21.63 -15.22 47.53
C ARG F 169 20.99 -16.40 48.27
N ASP F 170 19.68 -16.32 48.50
CA ASP F 170 18.89 -17.45 49.01
C ASP F 170 18.39 -18.44 47.92
N GLY F 171 19.09 -18.51 46.77
CA GLY F 171 18.71 -19.42 45.68
C GLY F 171 17.44 -19.12 44.90
N THR F 172 16.84 -17.94 45.11
CA THR F 172 15.50 -17.60 44.58
C THR F 172 15.63 -16.69 43.34
N THR F 173 15.11 -17.15 42.21
CA THR F 173 14.98 -16.30 41.04
C THR F 173 14.03 -15.16 41.37
N CYS F 174 14.47 -13.95 41.05
CA CYS F 174 13.68 -12.74 41.20
C CYS F 174 12.27 -12.94 40.61
N LYS F 175 11.25 -12.62 41.41
CA LYS F 175 9.85 -12.84 41.01
C LYS F 175 9.35 -11.91 39.91
N GLU F 176 9.98 -10.75 39.73
CA GLU F 176 9.63 -9.85 38.61
C GLU F 176 10.21 -10.36 37.29
N VAL F 177 11.44 -10.89 37.36
CA VAL F 177 12.04 -11.61 36.23
C VAL F 177 11.19 -12.79 35.83
N LEU F 178 10.76 -13.57 36.83
CA LEU F 178 9.95 -14.75 36.59
C LEU F 178 8.64 -14.42 35.90
N TYR F 179 7.93 -13.42 36.40
CA TYR F 179 6.71 -12.98 35.74
C TYR F 179 6.91 -12.64 34.24
N CYS F 180 7.96 -11.85 34.00
CA CYS F 180 8.32 -11.39 32.66
C CYS F 180 8.60 -12.59 31.77
N ALA F 181 9.48 -13.51 32.20
CA ALA F 181 9.73 -14.74 31.41
C ALA F 181 8.47 -15.55 31.07
N LYS F 182 7.66 -15.86 32.07
CA LYS F 182 6.40 -16.56 31.83
C LYS F 182 5.52 -15.83 30.83
N LYS F 183 5.40 -14.53 31.00
CA LYS F 183 4.53 -13.72 30.16
C LYS F 183 4.98 -13.71 28.69
N ALA F 184 6.29 -13.78 28.47
CA ALA F 184 6.90 -13.77 27.13
C ALA F 184 7.24 -15.18 26.58
N GLY F 185 6.73 -16.22 27.25
CA GLY F 185 6.84 -17.58 26.70
C GLY F 185 8.20 -18.24 26.76
N VAL F 186 9.00 -17.84 27.73
CA VAL F 186 10.30 -18.46 27.93
C VAL F 186 10.06 -19.93 28.30
N THR F 187 10.87 -20.84 27.75
CA THR F 187 10.69 -22.28 28.00
C THR F 187 11.49 -22.81 29.19
N HIS F 188 12.73 -22.39 29.32
CA HIS F 188 13.63 -22.91 30.33
C HIS F 188 14.33 -21.78 31.04
N LEU F 189 14.40 -21.89 32.36
CA LEU F 189 15.15 -20.96 33.20
C LEU F 189 16.44 -21.66 33.61
N LEU F 190 17.57 -21.03 33.37
CA LEU F 190 18.86 -21.50 33.84
C LEU F 190 19.23 -20.54 34.99
N LYS F 191 19.23 -21.07 36.21
CA LYS F 191 19.69 -20.35 37.40
C LYS F 191 21.22 -20.30 37.49
N ALA F 192 21.83 -19.58 36.55
CA ALA F 192 23.28 -19.35 36.53
C ALA F 192 23.57 -18.01 35.91
N GLY F 193 24.77 -17.51 36.18
CA GLY F 193 25.29 -16.34 35.53
C GLY F 193 26.68 -16.51 34.95
N GLY F 194 27.28 -15.38 34.58
CA GLY F 194 28.67 -15.31 34.08
C GLY F 194 28.93 -16.16 32.85
N ALA F 195 30.22 -16.41 32.57
CA ALA F 195 30.62 -17.16 31.39
C ALA F 195 30.20 -18.60 31.46
N GLN F 196 29.97 -19.07 32.70
CA GLN F 196 29.55 -20.44 32.89
C GLN F 196 28.13 -20.67 32.38
N ALA F 197 27.27 -19.66 32.51
CA ALA F 197 25.90 -19.72 31.98
C ALA F 197 25.88 -19.63 30.44
N ILE F 198 26.72 -18.74 29.90
CA ILE F 198 26.90 -18.60 28.43
C ILE F 198 27.36 -19.96 27.87
N SER F 199 28.36 -20.52 28.52
CA SER F 199 28.92 -21.77 28.07
C SER F 199 27.91 -22.89 28.08
N ALA F 200 27.10 -22.97 29.14
CA ALA F 200 26.04 -23.99 29.28
C ALA F 200 25.00 -23.93 28.16
N MET F 201 24.62 -22.71 27.80
CA MET F 201 23.69 -22.50 26.70
C MET F 201 24.31 -22.89 25.38
N ALA F 202 25.56 -22.53 25.16
CA ALA F 202 26.22 -22.69 23.84
C ALA F 202 26.44 -24.16 23.52
N TRP F 203 26.99 -24.91 24.49
CA TRP F 203 27.24 -26.36 24.35
C TRP F 203 26.05 -27.24 24.72
N GLY F 204 25.21 -26.73 25.61
CA GLY F 204 24.24 -27.55 26.33
C GLY F 204 24.94 -28.26 27.48
N THR F 205 24.14 -28.81 28.38
CA THR F 205 24.61 -29.71 29.45
C THR F 205 23.51 -30.76 29.69
N GLU F 206 23.64 -31.55 30.77
CA GLU F 206 22.65 -32.59 31.11
C GLU F 206 21.24 -32.02 31.24
N THR F 207 21.13 -30.84 31.86
CA THR F 207 19.80 -30.20 32.03
C THR F 207 19.54 -28.97 31.11
N CYS F 208 20.58 -28.30 30.64
CA CYS F 208 20.39 -27.08 29.84
C CYS F 208 20.36 -27.37 28.34
N PRO F 209 19.22 -27.08 27.64
CA PRO F 209 19.24 -27.22 26.17
C PRO F 209 20.39 -26.45 25.50
N LYS F 210 20.93 -27.03 24.44
CA LYS F 210 21.92 -26.34 23.61
C LYS F 210 21.16 -25.32 22.69
N VAL F 211 21.62 -24.06 22.63
CA VAL F 211 20.97 -23.07 21.79
C VAL F 211 21.81 -22.72 20.56
N GLU F 212 21.20 -22.08 19.56
CA GLU F 212 21.92 -21.76 18.30
C GLU F 212 22.43 -20.33 18.28
N LYS F 213 21.84 -19.50 19.15
CA LYS F 213 22.23 -18.08 19.23
C LYS F 213 22.06 -17.57 20.65
N ILE F 214 23.04 -16.79 21.13
CA ILE F 214 23.01 -16.26 22.47
C ILE F 214 22.95 -14.73 22.42
N PHE F 215 22.14 -14.20 23.34
CA PHE F 215 21.75 -12.82 23.36
C PHE F 215 21.98 -12.25 24.74
N GLY F 216 22.26 -10.96 24.78
CA GLY F 216 21.97 -10.16 25.96
C GLY F 216 23.14 -9.43 26.52
N PRO F 217 22.86 -8.44 27.36
CA PRO F 217 23.91 -7.58 27.89
C PRO F 217 24.55 -8.26 29.07
N GLY F 218 25.75 -7.84 29.42
CA GLY F 218 26.36 -8.37 30.64
C GLY F 218 27.64 -7.63 30.87
N ASN F 219 28.34 -7.97 31.93
CA ASN F 219 29.70 -7.42 32.11
C ASN F 219 30.69 -7.95 31.03
N GLN F 220 31.88 -7.35 31.03
CA GLN F 220 32.92 -7.68 30.04
C GLN F 220 33.35 -9.16 30.00
N TYR F 221 33.02 -9.92 31.04
CA TYR F 221 33.31 -11.36 31.09
C TYR F 221 32.25 -12.14 30.31
N VAL F 222 30.98 -11.85 30.63
CA VAL F 222 29.83 -12.45 29.95
C VAL F 222 30.05 -12.16 28.46
N THR F 223 30.28 -10.89 28.10
CA THR F 223 30.57 -10.48 26.72
C THR F 223 31.72 -11.20 25.97
N ALA F 224 32.80 -11.55 26.65
CA ALA F 224 33.93 -12.17 25.97
C ALA F 224 33.64 -13.69 25.74
N ALA F 225 32.95 -14.28 26.73
CA ALA F 225 32.40 -15.63 26.59
C ALA F 225 31.53 -15.75 25.30
N LYS F 226 30.59 -14.81 25.15
CA LYS F 226 29.74 -14.73 23.94
C LYS F 226 30.65 -14.66 22.72
N MET F 227 31.61 -13.72 22.73
CA MET F 227 32.53 -13.47 21.59
C MET F 227 33.43 -14.68 21.27
N ILE F 228 33.92 -15.31 22.34
CA ILE F 228 34.68 -16.58 22.25
C ILE F 228 33.84 -17.65 21.63
N LEU F 229 32.68 -17.86 22.21
CA LEU F 229 31.87 -18.99 21.78
C LEU F 229 31.38 -18.86 20.31
N GLN F 230 31.27 -17.67 19.74
CA GLN F 230 30.82 -17.52 18.30
C GLN F 230 31.90 -18.00 17.31
N ASN F 231 33.12 -18.10 17.81
CA ASN F 231 34.26 -18.70 17.10
C ASN F 231 34.53 -20.15 17.47
N SER F 232 33.73 -20.72 18.35
CA SER F 232 33.96 -22.06 18.83
C SER F 232 33.31 -23.14 17.98
N GLU F 233 33.66 -24.39 18.30
CA GLU F 233 33.03 -25.54 17.67
C GLU F 233 31.61 -25.72 18.16
N ALA F 234 31.18 -24.93 19.15
CA ALA F 234 29.82 -25.02 19.70
C ALA F 234 28.72 -24.74 18.65
N MET F 235 29.09 -24.10 17.53
CA MET F 235 28.15 -23.70 16.46
C MET F 235 27.03 -22.80 17.00
N VAL F 236 27.39 -21.54 17.25
CA VAL F 236 26.52 -20.61 17.92
C VAL F 236 26.87 -19.25 17.36
N SER F 237 25.87 -18.37 17.20
CA SER F 237 26.12 -16.99 16.89
C SER F 237 25.63 -16.20 18.06
N ILE F 238 25.86 -14.90 17.99
CA ILE F 238 25.44 -14.01 19.04
C ILE F 238 24.86 -12.75 18.45
N ASP F 239 24.13 -12.04 19.27
CA ASP F 239 23.60 -10.78 18.85
C ASP F 239 24.60 -9.63 18.63
N MET F 240 25.47 -9.35 19.58
CA MET F 240 26.45 -8.29 19.50
C MET F 240 27.25 -8.25 20.79
N PRO F 241 28.40 -7.59 20.77
CA PRO F 241 29.01 -7.11 22.02
C PRO F 241 28.19 -6.01 22.77
N ALA F 242 27.55 -6.41 23.88
CA ALA F 242 26.62 -5.53 24.65
C ALA F 242 27.09 -5.42 26.10
N GLY F 243 28.12 -4.59 26.27
CA GLY F 243 28.86 -4.45 27.52
C GLY F 243 28.29 -3.39 28.45
N PRO F 244 29.16 -2.78 29.29
CA PRO F 244 28.72 -1.70 30.21
C PRO F 244 28.06 -0.53 29.49
N SER F 245 26.92 -0.08 30.01
CA SER F 245 26.15 0.95 29.38
C SER F 245 26.91 2.28 29.22
N GLU F 246 26.57 2.98 28.15
CA GLU F 246 27.12 4.26 27.82
C GLU F 246 25.95 5.12 27.42
N VAL F 247 26.14 6.39 27.60
CA VAL F 247 25.25 7.36 27.02
C VAL F 247 26.10 8.53 26.61
N LEU F 248 25.75 9.12 25.48
CA LEU F 248 26.32 10.36 25.08
C LEU F 248 25.14 11.35 25.01
N VAL F 249 25.30 12.51 25.66
CA VAL F 249 24.32 13.59 25.68
C VAL F 249 24.89 14.76 24.92
N ILE F 250 24.09 15.28 24.01
CA ILE F 250 24.36 16.53 23.36
C ILE F 250 23.35 17.53 23.94
N ALA F 251 23.86 18.66 24.46
CA ALA F 251 23.00 19.68 25.10
C ALA F 251 23.39 21.05 24.54
N ASP F 252 22.39 21.87 24.20
CA ASP F 252 22.64 23.29 23.81
C ASP F 252 22.27 24.21 25.00
N LYS F 253 22.31 25.52 24.78
CA LYS F 253 21.85 26.52 25.80
C LYS F 253 20.44 26.33 26.36
N HIS F 254 19.48 25.81 25.57
CA HIS F 254 18.09 25.67 26.03
C HIS F 254 17.86 24.45 26.94
N ALA F 255 18.87 23.62 27.13
CA ALA F 255 18.75 22.42 27.97
C ALA F 255 18.98 22.74 29.41
N ILE F 256 18.28 22.04 30.28
CA ILE F 256 18.24 22.30 31.72
C ILE F 256 19.36 21.53 32.42
N PRO F 257 20.28 22.26 33.08
CA PRO F 257 21.43 21.65 33.76
C PRO F 257 21.16 20.41 34.59
N SER F 258 20.14 20.45 35.44
CA SER F 258 19.85 19.35 36.38
C SER F 258 19.41 18.08 35.63
N HIS F 259 18.66 18.30 34.56
CA HIS F 259 18.22 17.21 33.64
C HIS F 259 19.40 16.60 32.88
N VAL F 260 20.27 17.46 32.35
CA VAL F 260 21.51 17.00 31.69
C VAL F 260 22.32 16.16 32.70
N ALA F 261 22.60 16.76 33.87
CA ALA F 261 23.27 16.07 34.97
C ALA F 261 22.68 14.70 35.28
N ALA F 262 21.35 14.66 35.34
CA ALA F 262 20.58 13.43 35.68
C ALA F 262 20.60 12.33 34.58
N ASP F 263 20.61 12.77 33.33
CA ASP F 263 20.83 11.84 32.24
C ASP F 263 22.22 11.22 32.30
N LEU F 264 23.25 12.04 32.58
CA LEU F 264 24.59 11.49 32.66
C LEU F 264 24.71 10.42 33.75
N LEU F 265 24.15 10.74 34.92
CA LEU F 265 24.16 9.85 36.07
C LEU F 265 23.28 8.63 35.92
N SER F 266 22.15 8.81 35.24
CA SER F 266 21.24 7.67 34.98
C SER F 266 21.96 6.38 34.51
N GLN F 267 22.89 6.45 33.55
CA GLN F 267 23.68 5.23 33.20
C GLN F 267 25.03 5.14 33.83
N ALA F 268 25.61 6.28 34.29
CA ALA F 268 26.78 6.22 35.19
C ALA F 268 26.56 5.21 36.33
N GLU F 269 25.33 5.17 36.87
CA GLU F 269 25.03 4.26 38.01
C GLU F 269 25.04 2.76 37.72
N HIS F 270 25.08 2.36 36.45
CA HIS F 270 25.02 0.93 36.10
C HIS F 270 26.21 0.18 36.67
N GLY F 271 27.38 0.81 36.65
CA GLY F 271 28.59 0.16 37.15
C GLY F 271 29.81 1.04 36.96
N PRO F 272 30.91 0.71 37.65
CA PRO F 272 32.14 1.52 37.52
C PRO F 272 32.82 1.45 36.12
N ASP F 273 32.51 0.38 35.39
CA ASP F 273 32.81 0.13 33.96
C ASP F 273 32.06 0.99 32.87
N SER F 274 30.99 1.69 33.29
CA SER F 274 30.19 2.51 32.40
C SER F 274 31.00 3.76 31.99
N GLN F 275 30.53 4.44 30.96
CA GLN F 275 31.19 5.62 30.49
C GLN F 275 30.10 6.52 29.98
N VAL F 276 30.17 7.81 30.32
CA VAL F 276 29.23 8.80 29.77
C VAL F 276 30.03 9.93 29.13
N VAL F 277 29.41 10.59 28.14
CA VAL F 277 30.02 11.67 27.45
C VAL F 277 29.03 12.82 27.38
N LEU F 278 29.50 14.04 27.66
CA LEU F 278 28.66 15.23 27.45
C LEU F 278 29.29 16.07 26.36
N VAL F 279 28.51 16.34 25.31
CA VAL F 279 28.94 17.20 24.26
C VAL F 279 28.13 18.48 24.39
N ILE F 280 28.80 19.59 24.69
CA ILE F 280 28.14 20.89 24.78
C ILE F 280 28.21 21.52 23.40
N ALA F 281 27.04 21.81 22.84
CA ALA F 281 26.93 22.31 21.48
C ALA F 281 26.64 23.81 21.53
N GLY F 282 27.62 24.62 21.13
CA GLY F 282 27.44 26.05 20.91
C GLY F 282 27.57 26.89 22.17
N ASP F 283 27.24 28.17 22.02
CA ASP F 283 27.37 29.18 23.08
C ASP F 283 26.28 29.03 24.11
N GLY F 284 26.49 29.69 25.25
CA GLY F 284 25.44 29.93 26.24
C GLY F 284 25.03 28.77 27.12
N VAL F 285 25.92 27.79 27.25
CA VAL F 285 25.64 26.65 28.13
C VAL F 285 26.44 26.84 29.39
N ASP F 286 25.81 26.70 30.55
CA ASP F 286 26.48 26.83 31.84
C ASP F 286 27.07 25.49 32.32
N GLN F 287 28.32 25.23 31.99
CA GLN F 287 28.97 23.96 32.36
C GLN F 287 29.17 23.82 33.87
N ASN F 288 29.56 24.93 34.51
CA ASN F 288 29.64 25.00 35.97
C ASN F 288 28.38 24.48 36.68
N ALA F 289 27.24 25.01 36.27
CA ALA F 289 25.94 24.60 36.80
C ALA F 289 25.65 23.09 36.58
N ILE F 290 26.02 22.55 35.41
CA ILE F 290 25.89 21.09 35.17
C ILE F 290 26.85 20.29 36.07
N GLN F 291 28.10 20.74 36.18
CA GLN F 291 29.10 19.98 36.96
C GLN F 291 28.73 20.03 38.44
N GLU F 292 28.19 21.18 38.86
CA GLU F 292 27.55 21.31 40.20
C GLU F 292 26.46 20.28 40.42
N GLU F 293 25.50 20.20 39.51
CA GLU F 293 24.38 19.29 39.73
C GLU F 293 24.83 17.82 39.67
N VAL F 294 25.76 17.48 38.78
CA VAL F 294 26.34 16.12 38.75
C VAL F 294 26.94 15.77 40.13
N SER F 295 27.66 16.73 40.72
CA SER F 295 28.23 16.53 42.06
C SER F 295 27.17 16.31 43.12
N LYS F 296 26.21 17.24 43.18
CA LYS F 296 25.12 17.17 44.17
C LYS F 296 24.38 15.86 44.07
N GLN F 297 23.96 15.56 42.84
CA GLN F 297 23.14 14.36 42.57
C GLN F 297 23.88 13.01 42.77
N CYS F 298 25.20 12.95 42.56
CA CYS F 298 25.93 11.66 42.60
C CYS F 298 26.09 11.15 44.01
N GLN F 299 26.53 12.05 44.92
CA GLN F 299 26.79 11.65 46.31
C GLN F 299 25.49 11.34 47.08
N SER F 300 24.39 11.99 46.68
CA SER F 300 23.06 11.68 47.27
C SER F 300 22.34 10.42 46.71
N LEU F 301 23.01 9.58 45.90
CA LEU F 301 22.42 8.34 45.31
C LEU F 301 23.00 7.10 45.98
N PRO F 302 22.17 6.05 46.19
CA PRO F 302 22.69 4.73 46.67
C PRO F 302 23.88 4.12 45.91
N ARG F 303 23.92 4.29 44.58
CA ARG F 303 25.01 3.72 43.74
C ARG F 303 26.02 4.82 43.32
N GLY F 304 26.17 5.82 44.17
CA GLY F 304 26.98 6.99 43.87
C GLY F 304 28.45 6.68 43.67
N GLU F 305 28.97 5.62 44.28
CA GLU F 305 30.40 5.31 44.16
C GLU F 305 30.72 4.63 42.84
N PHE F 306 29.80 3.80 42.38
CA PHE F 306 29.80 3.25 41.01
C PHE F 306 29.77 4.41 40.03
N ALA F 307 28.74 5.25 40.19
CA ALA F 307 28.58 6.47 39.42
C ALA F 307 29.84 7.36 39.33
N ALA F 308 30.50 7.59 40.48
CA ALA F 308 31.69 8.46 40.53
C ALA F 308 32.88 7.79 39.86
N LYS F 309 32.99 6.47 40.00
CA LYS F 309 34.00 5.72 39.26
C LYS F 309 33.75 5.82 37.72
N ALA F 310 32.47 5.74 37.33
CA ALA F 310 32.09 5.88 35.91
C ALA F 310 32.46 7.27 35.45
N LEU F 311 32.08 8.26 36.24
CA LEU F 311 32.45 9.66 35.94
C LEU F 311 33.94 9.93 35.87
N SER F 312 34.74 9.11 36.55
CA SER F 312 36.21 9.30 36.52
C SER F 312 36.78 9.02 35.12
N HIS F 313 36.15 8.19 34.30
CA HIS F 313 36.65 8.05 32.91
C HIS F 313 35.63 8.47 31.82
N SER F 314 34.85 9.50 32.19
CA SER F 314 33.88 10.15 31.35
C SER F 314 34.44 11.54 31.06
N PHE F 315 33.82 12.25 30.14
CA PHE F 315 34.35 13.54 29.76
C PHE F 315 33.32 14.45 29.14
N ILE F 316 33.63 15.74 29.18
CA ILE F 316 32.84 16.79 28.52
C ILE F 316 33.66 17.20 27.31
N VAL F 317 32.99 17.38 26.17
CA VAL F 317 33.60 17.90 24.95
C VAL F 317 32.83 19.12 24.59
N HIS F 318 33.51 20.20 24.24
CA HIS F 318 32.86 21.39 23.71
C HIS F 318 32.92 21.37 22.19
N ALA F 319 31.77 21.52 21.55
CA ALA F 319 31.70 21.61 20.10
C ALA F 319 31.20 23.00 19.70
N ARG F 320 31.82 23.59 18.70
CA ARG F 320 31.37 24.83 18.07
C ARG F 320 29.85 24.90 17.83
N ASP F 321 29.28 23.84 17.27
CA ASP F 321 27.88 23.82 16.82
C ASP F 321 27.35 22.38 16.79
N MET F 322 26.09 22.25 16.38
CA MET F 322 25.44 20.94 16.31
C MET F 322 26.08 20.02 15.32
N LEU F 323 26.46 20.52 14.15
CA LEU F 323 27.09 19.67 13.15
C LEU F 323 28.35 19.05 13.74
N GLU F 324 29.19 19.86 14.39
CA GLU F 324 30.42 19.35 15.02
C GLU F 324 30.08 18.35 16.14
N ALA F 325 29.07 18.66 16.92
CA ALA F 325 28.64 17.79 18.01
C ALA F 325 28.21 16.39 17.54
N ILE F 326 27.37 16.34 16.50
CA ILE F 326 26.92 15.06 15.91
C ILE F 326 28.08 14.33 15.19
N THR F 327 28.96 15.08 14.52
CA THR F 327 30.17 14.48 13.96
C THR F 327 30.97 13.76 15.04
N PHE F 328 31.25 14.45 16.15
CA PHE F 328 31.92 13.78 17.26
C PHE F 328 31.17 12.54 17.76
N SER F 329 29.87 12.68 17.97
CA SER F 329 29.06 11.59 18.41
C SER F 329 29.16 10.38 17.45
N ASN F 330 29.06 10.64 16.16
CA ASN F 330 29.18 9.58 15.15
C ASN F 330 30.52 8.89 15.22
N MET F 331 31.59 9.62 15.58
CA MET F 331 32.90 9.00 15.75
C MET F 331 32.93 8.13 16.99
N TYR F 332 32.45 8.65 18.12
CA TYR F 332 32.38 7.89 19.34
C TYR F 332 31.49 6.65 19.19
N ALA F 333 30.37 6.81 18.51
CA ALA F 333 29.42 5.69 18.23
C ALA F 333 28.79 5.13 19.51
N PRO F 334 27.97 5.96 20.17
CA PRO F 334 27.50 5.55 21.49
C PRO F 334 26.40 4.53 21.47
N GLU F 335 26.33 3.70 22.52
CA GLU F 335 25.18 2.80 22.71
C GLU F 335 23.88 3.61 22.75
N HIS F 336 23.87 4.73 23.51
CA HIS F 336 22.69 5.63 23.59
C HIS F 336 23.08 7.05 23.38
N LEU F 337 22.21 7.76 22.68
CA LEU F 337 22.39 9.14 22.28
C LEU F 337 21.15 9.98 22.67
N ILE F 338 21.33 10.95 23.57
CA ILE F 338 20.29 11.89 23.94
C ILE F 338 20.58 13.22 23.27
N ILE F 339 19.70 13.69 22.41
CA ILE F 339 19.84 14.97 21.77
C ILE F 339 18.86 15.98 22.39
N ASN F 340 19.35 16.67 23.40
CA ASN F 340 18.62 17.70 24.11
C ASN F 340 19.00 19.05 23.56
N VAL F 341 18.49 19.35 22.37
CA VAL F 341 18.72 20.63 21.70
C VAL F 341 17.46 21.11 20.99
N LYS F 342 17.43 22.41 20.72
CA LYS F 342 16.38 22.99 19.90
C LYS F 342 16.25 22.28 18.54
N ASP F 343 15.02 21.91 18.17
CA ASP F 343 14.73 21.30 16.87
C ASP F 343 15.52 20.00 16.68
N ALA F 344 15.65 19.24 17.78
CA ALA F 344 16.39 17.96 17.80
C ALA F 344 16.09 17.06 16.59
N GLU F 345 14.80 16.95 16.29
CA GLU F 345 14.26 16.01 15.33
C GLU F 345 14.75 16.38 13.93
N LYS F 346 15.01 17.67 13.69
CA LYS F 346 15.60 18.10 12.42
C LYS F 346 17.01 17.53 12.19
N TRP F 347 17.73 17.19 13.25
CA TRP F 347 19.10 16.57 13.21
C TRP F 347 19.19 15.07 12.97
N GLU F 348 18.05 14.40 12.85
CA GLU F 348 17.98 12.96 12.77
C GLU F 348 18.78 12.41 11.60
N SER F 349 18.69 13.07 10.46
CA SER F 349 19.39 12.64 9.29
C SER F 349 20.93 12.66 9.44
N PHE F 350 21.44 13.38 10.44
CA PHE F 350 22.88 13.41 10.68
C PHE F 350 23.39 12.31 11.54
N ILE F 351 22.48 11.60 12.19
CA ILE F 351 22.87 10.54 13.10
C ILE F 351 23.25 9.34 12.27
N GLU F 352 24.50 8.88 12.41
CA GLU F 352 24.99 7.74 11.64
C GLU F 352 25.27 6.52 12.47
N ASN F 353 25.91 6.69 13.63
CA ASN F 353 26.32 5.58 14.51
C ASN F 353 25.80 5.90 15.92
N ALA F 354 24.77 5.17 16.34
CA ALA F 354 24.20 5.25 17.70
C ALA F 354 23.30 4.05 17.84
N GLY F 355 23.28 3.36 18.98
CA GLY F 355 22.37 2.21 19.14
C GLY F 355 20.90 2.62 19.13
N SER F 356 20.60 3.62 19.97
CA SER F 356 19.26 4.12 20.24
C SER F 356 19.33 5.61 20.60
N VAL F 357 18.39 6.37 20.05
CA VAL F 357 18.38 7.81 20.06
C VAL F 357 17.12 8.41 20.75
N PHE F 358 17.36 9.42 21.59
CA PHE F 358 16.33 10.05 22.42
C PHE F 358 16.29 11.53 22.08
N LEU F 359 15.19 11.97 21.55
CA LEU F 359 15.07 13.30 20.93
C LEU F 359 14.26 14.31 21.75
N GLY F 360 14.94 15.41 22.13
CA GLY F 360 14.31 16.57 22.70
C GLY F 360 14.35 16.52 24.20
N SER F 361 13.61 17.42 24.83
CA SER F 361 13.81 17.68 26.26
C SER F 361 13.11 16.70 27.19
N TRP F 362 12.07 16.02 26.71
CA TRP F 362 11.22 15.15 27.58
C TRP F 362 11.39 13.63 27.37
N THR F 363 12.54 13.24 26.80
CA THR F 363 12.81 11.85 26.40
C THR F 363 14.10 11.43 27.08
N PRO F 364 14.03 11.07 28.37
CA PRO F 364 15.24 10.57 29.02
C PRO F 364 15.50 9.19 28.51
N GLU F 365 16.76 8.76 28.56
CA GLU F 365 17.11 7.36 28.22
C GLU F 365 16.23 6.40 29.00
N SER F 366 16.06 6.67 30.29
CA SER F 366 15.22 5.82 31.14
C SER F 366 13.99 5.27 30.45
N VAL F 367 13.25 6.07 29.69
CA VAL F 367 12.02 5.52 29.07
C VAL F 367 12.34 4.42 28.06
N GLY F 368 13.46 4.55 27.32
CA GLY F 368 13.92 3.48 26.42
C GLY F 368 14.44 2.26 27.18
N ASP F 369 15.15 2.48 28.27
CA ASP F 369 15.58 1.38 29.13
C ASP F 369 14.39 0.53 29.63
N TYR F 370 13.25 1.16 29.85
CA TYR F 370 12.13 0.43 30.40
C TYR F 370 10.89 0.14 29.62
N ALA F 371 10.27 1.13 29.02
CA ALA F 371 9.00 0.84 28.39
C ALA F 371 8.57 1.58 27.15
N SER F 372 9.44 2.29 26.49
CA SER F 372 8.99 3.01 25.33
C SER F 372 8.58 2.07 24.23
N GLY F 373 9.09 0.87 24.28
CA GLY F 373 8.93 -0.10 23.21
C GLY F 373 10.26 -0.51 22.55
N THR F 374 11.23 0.40 22.52
CA THR F 374 12.51 0.19 21.82
C THR F 374 13.32 -0.81 22.61
N ASN F 375 14.32 -1.45 21.98
CA ASN F 375 15.05 -2.49 22.66
C ASN F 375 16.29 -1.88 23.29
N HIS F 376 16.52 -2.18 24.57
CA HIS F 376 17.68 -1.61 25.28
C HIS F 376 18.92 -2.47 25.17
N VAL F 377 18.85 -3.63 24.53
CA VAL F 377 20.05 -4.47 24.29
C VAL F 377 20.74 -4.00 22.96
N LEU F 378 21.83 -3.27 23.14
CA LEU F 378 22.40 -2.38 22.18
C LEU F 378 23.93 -2.55 22.19
N PRO F 379 24.57 -2.27 21.05
CA PRO F 379 26.03 -2.42 21.00
C PRO F 379 26.81 -1.32 21.65
N THR F 380 27.81 -1.70 22.45
CA THR F 380 28.68 -0.78 23.15
C THR F 380 30.09 -0.84 22.56
N TYR F 381 30.98 -0.02 23.12
CA TYR F 381 32.40 -0.02 22.76
C TYR F 381 32.74 0.62 21.43
N GLY F 382 31.74 1.17 20.71
CA GLY F 382 31.93 1.52 19.29
C GLY F 382 31.32 0.60 18.24
N TYR F 383 30.79 -0.54 18.67
CA TYR F 383 30.13 -1.50 17.78
C TYR F 383 28.84 -1.01 17.14
N ALA F 384 28.30 0.11 17.59
CA ALA F 384 27.20 0.77 16.92
C ALA F 384 27.60 1.25 15.50
N ARG F 385 28.91 1.30 15.20
CA ARG F 385 29.33 1.55 13.85
C ARG F 385 28.83 0.49 12.88
N MET F 386 28.61 -0.75 13.35
CA MET F 386 28.20 -1.80 12.41
C MET F 386 27.16 -2.78 12.87
N TYR F 387 26.81 -2.80 14.14
CA TYR F 387 25.75 -3.64 14.66
C TYR F 387 24.52 -2.84 15.01
N SER F 388 23.37 -3.51 14.93
CA SER F 388 22.07 -2.98 15.33
C SER F 388 21.75 -3.48 16.73
N GLY F 389 20.95 -2.74 17.51
CA GLY F 389 20.37 -3.39 18.69
C GLY F 389 19.52 -4.61 18.36
N VAL F 390 19.13 -5.34 19.40
CA VAL F 390 18.32 -6.51 19.26
C VAL F 390 17.00 -6.10 18.64
N SER F 391 16.55 -6.91 17.69
CA SER F 391 15.23 -6.68 17.05
C SER F 391 14.57 -8.00 16.71
N LEU F 392 13.41 -7.95 16.08
CA LEU F 392 12.75 -9.18 15.65
C LEU F 392 13.61 -10.02 14.71
N ASP F 393 14.20 -9.37 13.70
CA ASP F 393 15.16 -9.98 12.76
C ASP F 393 16.36 -10.70 13.39
N SER F 394 16.76 -10.27 14.59
CA SER F 394 17.83 -10.99 15.35
C SER F 394 17.45 -12.44 15.65
N PHE F 395 16.14 -12.73 15.69
CA PHE F 395 15.64 -14.08 16.02
C PHE F 395 15.26 -14.93 14.81
N LEU F 396 15.47 -14.39 13.62
CA LEU F 396 15.08 -15.00 12.35
C LEU F 396 16.28 -15.21 11.43
N LYS F 397 16.13 -16.14 10.48
CA LYS F 397 16.97 -16.28 9.27
C LYS F 397 16.07 -15.99 8.12
N TYR F 398 16.61 -15.46 7.04
CA TYR F 398 15.86 -15.25 5.83
C TYR F 398 16.44 -16.14 4.76
N ILE F 399 15.66 -17.14 4.34
CA ILE F 399 16.02 -18.05 3.32
C ILE F 399 15.54 -17.44 1.99
N THR F 400 16.44 -17.35 1.03
CA THR F 400 16.02 -17.03 -0.34
C THR F 400 15.56 -18.31 -1.03
N VAL F 401 14.57 -18.15 -1.90
CA VAL F 401 13.81 -19.24 -2.50
C VAL F 401 13.64 -18.80 -3.94
N GLN F 402 14.00 -19.67 -4.88
CA GLN F 402 13.78 -19.37 -6.28
C GLN F 402 13.18 -20.58 -7.01
N SER F 403 12.35 -20.28 -8.00
CA SER F 403 11.73 -21.27 -8.86
C SER F 403 11.69 -20.72 -10.27
N LEU F 404 12.12 -21.55 -11.22
CA LEU F 404 12.06 -21.22 -12.62
C LEU F 404 11.13 -22.17 -13.31
N THR F 405 10.32 -21.62 -14.19
CA THR F 405 9.57 -22.42 -15.17
C THR F 405 10.51 -22.77 -16.34
N GLU F 406 10.08 -23.71 -17.19
CA GLU F 406 10.79 -23.99 -18.43
C GLU F 406 11.08 -22.72 -19.21
N GLU F 407 10.06 -21.91 -19.46
CA GLU F 407 10.21 -20.58 -20.09
C GLU F 407 11.27 -19.70 -19.42
N GLY F 408 11.26 -19.67 -18.09
CA GLY F 408 12.23 -18.88 -17.31
C GLY F 408 13.66 -19.35 -17.54
N LEU F 409 13.85 -20.66 -17.55
CA LEU F 409 15.19 -21.21 -17.78
C LEU F 409 15.69 -20.96 -19.20
N ARG F 410 14.78 -20.94 -20.18
CA ARG F 410 15.14 -20.64 -21.58
C ARG F 410 15.70 -19.24 -21.71
N LYS F 411 15.07 -18.30 -21.00
CA LYS F 411 15.49 -16.88 -21.00
C LYS F 411 16.83 -16.69 -20.31
N LEU F 412 16.89 -17.14 -19.05
CA LEU F 412 18.01 -16.85 -18.17
C LEU F 412 19.21 -17.79 -18.37
N GLY F 413 18.91 -19.06 -18.64
CA GLY F 413 19.94 -20.08 -18.81
C GLY F 413 21.15 -19.69 -19.65
N PRO F 414 20.93 -19.18 -20.86
CA PRO F 414 22.06 -18.86 -21.75
C PRO F 414 23.01 -17.78 -21.19
N TYR F 415 22.45 -16.84 -20.44
CA TYR F 415 23.28 -15.83 -19.80
C TYR F 415 24.16 -16.51 -18.74
N VAL F 416 23.58 -17.44 -17.99
CA VAL F 416 24.32 -18.14 -16.90
C VAL F 416 25.48 -18.97 -17.49
N GLU F 417 25.18 -19.70 -18.55
CA GLU F 417 26.19 -20.43 -19.36
C GLU F 417 27.40 -19.53 -19.70
N THR F 418 27.12 -18.42 -20.35
CA THR F 418 28.17 -17.45 -20.64
C THR F 418 29.05 -17.11 -19.43
N MET F 419 28.43 -16.81 -18.29
CA MET F 419 29.15 -16.33 -17.11
C MET F 419 30.01 -17.44 -16.49
N ALA F 420 29.42 -18.62 -16.38
CA ALA F 420 30.12 -19.83 -15.91
C ALA F 420 31.30 -20.12 -16.83
N GLU F 421 31.12 -19.94 -18.13
CA GLU F 421 32.24 -19.99 -19.11
C GLU F 421 33.35 -19.05 -18.64
N VAL F 422 33.02 -17.76 -18.53
CA VAL F 422 34.02 -16.74 -18.17
C VAL F 422 34.73 -17.11 -16.85
N GLU F 423 34.00 -17.56 -15.85
CA GLU F 423 34.58 -17.89 -14.57
C GLU F 423 35.46 -19.15 -14.56
N GLY F 424 35.28 -20.03 -15.56
CA GLY F 424 36.09 -21.24 -15.68
C GLY F 424 35.52 -22.35 -14.83
N LEU F 425 34.19 -22.47 -14.84
CA LEU F 425 33.47 -23.37 -13.95
C LEU F 425 32.49 -24.17 -14.79
N GLU F 426 33.01 -25.25 -15.36
CA GLU F 426 32.32 -26.02 -16.36
C GLU F 426 31.12 -26.81 -15.78
N ALA F 427 31.28 -27.33 -14.57
CA ALA F 427 30.20 -28.10 -13.94
C ALA F 427 28.98 -27.19 -13.63
N HIS F 428 29.24 -25.92 -13.32
CA HIS F 428 28.15 -24.92 -13.17
C HIS F 428 27.41 -24.71 -14.51
N LYS F 429 28.16 -24.53 -15.60
CA LYS F 429 27.53 -24.38 -16.92
C LYS F 429 26.68 -25.57 -17.32
N ARG F 430 27.20 -26.78 -17.12
CA ARG F 430 26.54 -27.99 -17.59
C ARG F 430 25.16 -28.20 -16.98
N ALA F 431 25.11 -27.97 -15.66
CA ALA F 431 23.85 -28.06 -14.90
C ALA F 431 22.69 -27.32 -15.59
N VAL F 432 23.02 -26.23 -16.29
CA VAL F 432 22.08 -25.49 -17.17
C VAL F 432 21.92 -26.15 -18.53
N THR F 433 23.05 -26.39 -19.23
CA THR F 433 23.06 -26.86 -20.64
C THR F 433 22.23 -28.14 -20.85
N LEU F 434 22.36 -29.05 -19.91
CA LEU F 434 21.74 -30.38 -20.00
C LEU F 434 20.22 -30.30 -19.76
N ARG F 435 19.78 -29.36 -18.92
CA ARG F 435 18.35 -29.06 -18.76
C ARG F 435 17.80 -28.38 -20.02
N LEU F 436 18.57 -27.46 -20.60
CA LEU F 436 18.13 -26.78 -21.81
C LEU F 436 18.07 -27.72 -23.04
N GLN F 437 18.91 -28.75 -23.07
CA GLN F 437 18.87 -29.75 -24.16
C GLN F 437 17.63 -30.62 -24.03
N ASP F 438 17.41 -31.16 -22.83
CA ASP F 438 16.19 -31.88 -22.46
C ASP F 438 14.91 -31.16 -22.89
N ILE F 439 14.89 -29.86 -22.70
CA ILE F 439 13.79 -28.98 -23.14
C ILE F 439 13.72 -28.87 -24.66
N GLU F 440 14.86 -28.63 -25.30
CA GLU F 440 14.97 -28.66 -26.77
C GLU F 440 14.46 -29.98 -27.37
N ALA F 441 14.87 -31.10 -26.79
CA ALA F 441 14.52 -32.42 -27.29
C ALA F 441 13.03 -32.74 -27.32
N ARG F 442 12.24 -32.09 -26.46
CA ARG F 442 10.79 -32.30 -26.39
C ARG F 442 10.02 -31.21 -27.15
N GLN F 443 10.52 -30.87 -28.33
CA GLN F 443 10.01 -29.75 -29.12
C GLN F 443 9.79 -30.21 -30.54
#